data_8S8O
#
_entry.id   8S8O
#
loop_
_entity.id
_entity.type
_entity.pdbx_description
1 polymer 'cAMP-dependent protein kinase type II-alpha regulatory subunit'
2 polymer 'Isoform 3 of Microtubule-associated protein 2'
#
loop_
_entity_poly.entity_id
_entity_poly.type
_entity_poly.pdbx_seq_one_letter_code
_entity_poly.pdbx_strand_id
1 'polypeptide(L)' GAMGMSHIQIPPGLTELLQGYTVEVLRQQPPDLVEFAVEYFTRLREARAPAS A,B
2 'polypeptide(L)' RETAEEVSARIVQVVTAEAVAVLKGEQE C
#
# COMPACT_ATOMS: atom_id res chain seq x y z
N GLY A 1 12.56 22.99 15.40
CA GLY A 1 13.49 23.64 16.34
C GLY A 1 14.63 22.72 16.65
N ALA A 2 14.84 22.41 17.92
CA ALA A 2 15.87 21.47 18.33
C ALA A 2 15.47 20.10 17.84
N MET A 3 14.18 19.89 17.85
CA MET A 3 13.55 18.75 17.27
C MET A 3 12.40 19.30 16.47
N GLY A 4 11.76 18.50 15.70
CA GLY A 4 10.68 18.99 14.90
C GLY A 4 10.72 18.42 13.52
N MET A 5 11.82 17.76 13.20
CA MET A 5 11.97 17.11 11.95
C MET A 5 11.02 15.93 11.90
N SER A 6 10.16 15.93 10.90
CA SER A 6 9.22 14.87 10.72
C SER A 6 9.96 13.63 10.24
N HIS A 7 10.24 12.77 11.18
CA HIS A 7 11.01 11.61 10.93
C HIS A 7 10.05 10.49 10.86
N ILE A 8 9.44 10.43 9.74
CA ILE A 8 8.46 9.47 9.39
C ILE A 8 9.07 8.08 9.42
N GLN A 9 8.81 7.37 10.47
CA GLN A 9 9.34 6.07 10.67
C GLN A 9 8.31 5.04 10.27
N ILE A 10 8.48 4.47 9.11
CA ILE A 10 7.58 3.45 8.69
C ILE A 10 8.10 2.05 9.03
N PRO A 11 7.35 1.29 9.83
CA PRO A 11 7.71 -0.08 10.19
C PRO A 11 7.76 -1.01 8.97
N PRO A 12 8.92 -1.60 8.69
CA PRO A 12 9.05 -2.54 7.58
C PRO A 12 8.25 -3.79 7.87
N GLY A 13 7.76 -4.42 6.86
CA GLY A 13 6.88 -5.54 7.07
C GLY A 13 5.49 -5.19 6.66
N LEU A 14 5.13 -3.89 6.81
CA LEU A 14 3.86 -3.34 6.36
C LEU A 14 3.69 -3.70 4.90
N THR A 15 4.70 -3.33 4.15
CA THR A 15 4.75 -3.51 2.76
C THR A 15 4.85 -4.98 2.40
N GLU A 16 5.69 -5.70 3.10
CA GLU A 16 5.94 -7.10 2.81
C GLU A 16 4.69 -7.95 2.96
N LEU A 17 3.94 -7.74 4.03
CA LEU A 17 2.78 -8.53 4.30
C LEU A 17 1.65 -8.12 3.39
N LEU A 18 1.43 -6.82 3.24
CA LEU A 18 0.39 -6.37 2.34
C LEU A 18 0.77 -6.67 0.87
N GLN A 19 2.07 -6.91 0.62
CA GLN A 19 2.54 -7.37 -0.69
C GLN A 19 2.09 -8.80 -0.93
N GLY A 20 2.23 -9.64 0.09
CA GLY A 20 1.78 -11.02 -0.05
C GLY A 20 0.30 -11.04 -0.35
N TYR A 21 -0.40 -10.15 0.31
CA TYR A 21 -1.81 -10.05 0.16
C TYR A 21 -2.20 -9.43 -1.18
N THR A 22 -1.42 -8.46 -1.66
CA THR A 22 -1.72 -7.83 -2.93
C THR A 22 -1.59 -8.83 -4.09
N VAL A 23 -0.55 -9.63 -4.07
CA VAL A 23 -0.32 -10.57 -5.14
C VAL A 23 -1.38 -11.67 -5.08
N GLU A 24 -1.76 -12.03 -3.86
CA GLU A 24 -2.74 -13.04 -3.66
C GLU A 24 -4.11 -12.55 -4.08
N VAL A 25 -4.48 -11.35 -3.67
CA VAL A 25 -5.77 -10.81 -3.99
C VAL A 25 -5.88 -10.51 -5.50
N LEU A 26 -4.78 -10.06 -6.11
CA LEU A 26 -4.73 -9.86 -7.56
C LEU A 26 -4.97 -11.16 -8.29
N ARG A 27 -4.46 -12.24 -7.72
CA ARG A 27 -4.67 -13.56 -8.27
C ARG A 27 -6.14 -13.97 -8.07
N GLN A 28 -6.76 -13.44 -7.02
CA GLN A 28 -8.18 -13.67 -6.71
C GLN A 28 -9.07 -12.88 -7.67
N GLN A 29 -8.45 -11.98 -8.45
CA GLN A 29 -9.17 -11.14 -9.42
C GLN A 29 -10.18 -10.19 -8.73
N PRO A 30 -9.67 -9.18 -7.99
CA PRO A 30 -10.52 -8.27 -7.21
C PRO A 30 -11.43 -7.42 -8.11
N PRO A 31 -12.63 -7.05 -7.63
CA PRO A 31 -13.59 -6.28 -8.41
C PRO A 31 -13.22 -4.80 -8.55
N ASP A 32 -13.35 -4.07 -7.47
CA ASP A 32 -13.17 -2.64 -7.46
C ASP A 32 -12.27 -2.27 -6.30
N LEU A 33 -11.66 -1.09 -6.39
CA LEU A 33 -10.74 -0.56 -5.38
C LEU A 33 -11.34 -0.59 -3.99
N VAL A 34 -12.64 -0.34 -3.87
CA VAL A 34 -13.27 -0.31 -2.56
C VAL A 34 -13.11 -1.64 -1.79
N GLU A 35 -13.54 -2.75 -2.40
CA GLU A 35 -13.47 -4.04 -1.74
C GLU A 35 -12.04 -4.55 -1.72
N PHE A 36 -11.31 -4.22 -2.77
CA PHE A 36 -9.92 -4.58 -2.90
C PHE A 36 -9.11 -4.04 -1.73
N ALA A 37 -9.20 -2.74 -1.51
CA ALA A 37 -8.42 -2.10 -0.49
C ALA A 37 -8.90 -2.47 0.91
N VAL A 38 -10.23 -2.56 1.08
CA VAL A 38 -10.77 -2.93 2.38
C VAL A 38 -10.19 -4.25 2.84
N GLU A 39 -10.32 -5.29 2.00
CA GLU A 39 -9.84 -6.60 2.42
C GLU A 39 -8.32 -6.64 2.52
N TYR A 40 -7.66 -5.90 1.66
CA TYR A 40 -6.19 -5.86 1.57
C TYR A 40 -5.55 -5.48 2.94
N PHE A 41 -5.94 -4.33 3.43
CA PHE A 41 -5.34 -3.83 4.64
C PHE A 41 -5.94 -4.58 5.81
N THR A 42 -7.18 -5.03 5.62
CA THR A 42 -7.88 -5.87 6.56
C THR A 42 -7.14 -7.20 6.74
N ARG A 43 -6.50 -7.68 5.70
CA ARG A 43 -5.71 -8.89 5.79
C ARG A 43 -4.52 -8.68 6.68
N LEU A 44 -3.88 -7.49 6.59
CA LEU A 44 -2.77 -7.22 7.55
C LEU A 44 -3.36 -7.20 8.94
N ARG A 45 -4.46 -6.51 9.07
CA ARG A 45 -5.16 -6.33 10.33
C ARG A 45 -5.56 -7.70 10.93
N GLU A 46 -6.01 -8.59 10.09
CA GLU A 46 -6.44 -9.93 10.48
C GLU A 46 -5.25 -10.73 10.97
N ALA A 47 -4.10 -10.50 10.37
CA ALA A 47 -2.87 -11.16 10.74
C ALA A 47 -2.31 -10.59 12.06
N ARG A 48 -2.52 -9.30 12.29
CA ARG A 48 -1.97 -8.66 13.49
C ARG A 48 -2.85 -8.94 14.71
N ALA A 49 -4.16 -9.10 14.45
CA ALA A 49 -5.19 -9.36 15.45
C ALA A 49 -5.45 -8.14 16.34
N PRO A 50 -6.34 -7.22 15.92
CA PRO A 50 -6.72 -6.03 16.71
C PRO A 50 -7.67 -6.40 17.84
N ALA A 51 -8.33 -7.51 17.66
CA ALA A 51 -9.23 -8.06 18.61
C ALA A 51 -8.75 -9.44 18.94
N SER A 52 -9.00 -9.88 20.13
CA SER A 52 -8.59 -11.21 20.57
C SER A 52 -9.53 -11.69 21.66
N GLY B 1 11.02 0.16 -11.66
CA GLY B 1 11.01 -0.97 -12.55
C GLY B 1 12.41 -1.29 -12.98
N ALA B 2 12.54 -2.23 -13.88
CA ALA B 2 13.82 -2.62 -14.41
C ALA B 2 14.08 -1.86 -15.70
N MET B 3 15.32 -1.56 -15.96
CA MET B 3 15.70 -0.85 -17.17
C MET B 3 15.56 -1.78 -18.36
N GLY B 4 15.00 -1.28 -19.43
CA GLY B 4 14.75 -2.11 -20.57
C GLY B 4 13.46 -2.85 -20.36
N MET B 5 12.37 -2.28 -20.83
CA MET B 5 11.05 -2.82 -20.60
C MET B 5 10.76 -4.06 -21.44
N SER B 6 11.55 -5.07 -21.22
CA SER B 6 11.32 -6.38 -21.75
C SER B 6 10.73 -7.17 -20.60
N HIS B 7 11.28 -6.89 -19.41
CA HIS B 7 10.78 -7.42 -18.19
C HIS B 7 9.66 -6.51 -17.75
N ILE B 8 8.51 -6.84 -18.22
CA ILE B 8 7.32 -6.09 -18.02
C ILE B 8 6.91 -5.96 -16.56
N GLN B 9 6.52 -4.78 -16.22
CA GLN B 9 6.02 -4.51 -14.92
C GLN B 9 4.54 -4.33 -15.05
N ILE B 10 3.79 -4.99 -14.21
CA ILE B 10 2.36 -4.92 -14.27
C ILE B 10 1.79 -3.89 -13.30
N PRO B 11 1.28 -2.76 -13.82
CA PRO B 11 0.58 -1.76 -13.05
C PRO B 11 -0.91 -1.65 -13.48
N PRO B 12 -1.79 -2.53 -12.97
CA PRO B 12 -3.20 -2.58 -13.37
C PRO B 12 -4.08 -1.48 -12.71
N GLY B 13 -3.50 -0.32 -12.44
CA GLY B 13 -4.23 0.81 -11.90
C GLY B 13 -4.24 0.83 -10.40
N LEU B 14 -4.48 -0.32 -9.79
CA LEU B 14 -4.51 -0.42 -8.35
C LEU B 14 -3.16 -0.10 -7.77
N THR B 15 -2.13 -0.36 -8.52
CA THR B 15 -0.77 -0.16 -8.12
C THR B 15 -0.43 1.33 -7.89
N GLU B 16 -0.81 2.19 -8.82
CA GLU B 16 -0.55 3.62 -8.67
C GLU B 16 -1.46 4.21 -7.62
N LEU B 17 -2.70 3.72 -7.56
CA LEU B 17 -3.63 4.16 -6.51
C LEU B 17 -3.10 3.73 -5.15
N LEU B 18 -2.61 2.49 -5.09
CA LEU B 18 -2.04 1.90 -3.90
C LEU B 18 -0.91 2.74 -3.39
N GLN B 19 -0.04 3.17 -4.29
CA GLN B 19 1.07 4.03 -3.92
C GLN B 19 0.58 5.34 -3.33
N GLY B 20 -0.40 5.95 -3.97
CA GLY B 20 -0.96 7.20 -3.45
C GLY B 20 -1.51 7.03 -2.05
N TYR B 21 -2.23 5.94 -1.85
CA TYR B 21 -2.81 5.63 -0.56
C TYR B 21 -1.78 5.17 0.47
N THR B 22 -0.74 4.52 0.02
CA THR B 22 0.37 4.17 0.90
C THR B 22 1.09 5.48 1.35
N VAL B 23 1.07 6.49 0.53
CA VAL B 23 1.58 7.77 0.96
C VAL B 23 0.62 8.38 1.98
N GLU B 24 -0.67 8.10 1.81
CA GLU B 24 -1.67 8.57 2.75
C GLU B 24 -1.44 7.96 4.11
N VAL B 25 -1.18 6.66 4.14
CA VAL B 25 -0.91 5.99 5.41
C VAL B 25 0.36 6.58 6.05
N LEU B 26 1.41 6.73 5.25
CA LEU B 26 2.70 7.19 5.68
C LEU B 26 2.70 8.65 6.15
N ARG B 27 2.00 9.48 5.43
CA ARG B 27 1.94 10.90 5.74
C ARG B 27 0.98 11.20 6.88
N GLN B 28 -0.14 10.51 6.92
CA GLN B 28 -1.17 10.85 7.89
C GLN B 28 -0.95 10.15 9.22
N GLN B 29 -0.62 8.86 9.21
CA GLN B 29 -0.44 8.10 10.45
C GLN B 29 0.72 7.11 10.33
N PRO B 30 1.96 7.61 10.48
CA PRO B 30 3.19 6.79 10.34
C PRO B 30 3.31 5.53 11.26
N PRO B 31 2.91 5.56 12.58
CA PRO B 31 3.04 4.37 13.44
C PRO B 31 2.11 3.23 13.02
N ASP B 32 0.91 3.57 12.61
CA ASP B 32 -0.05 2.54 12.24
C ASP B 32 -0.68 2.91 10.95
N LEU B 33 -0.11 2.38 9.91
CA LEU B 33 -0.52 2.66 8.57
C LEU B 33 -1.85 2.00 8.28
N VAL B 34 -1.96 0.77 8.73
CA VAL B 34 -3.08 -0.06 8.41
C VAL B 34 -4.38 0.39 9.08
N GLU B 35 -4.36 0.72 10.37
CA GLU B 35 -5.61 1.16 11.03
C GLU B 35 -6.23 2.37 10.31
N PHE B 36 -5.37 3.26 9.86
CA PHE B 36 -5.78 4.43 9.12
C PHE B 36 -6.37 4.00 7.78
N ALA B 37 -5.65 3.12 7.08
CA ALA B 37 -6.07 2.65 5.77
C ALA B 37 -7.39 1.91 5.86
N VAL B 38 -7.51 1.04 6.84
CA VAL B 38 -8.74 0.29 7.03
C VAL B 38 -9.90 1.23 7.27
N GLU B 39 -9.72 2.23 8.10
CA GLU B 39 -10.79 3.17 8.37
C GLU B 39 -11.10 3.99 7.11
N TYR B 40 -10.06 4.43 6.42
CA TYR B 40 -10.19 5.22 5.21
C TYR B 40 -10.93 4.45 4.12
N PHE B 41 -10.57 3.20 3.93
CA PHE B 41 -11.19 2.39 2.91
C PHE B 41 -12.56 1.86 3.30
N THR B 42 -12.80 1.66 4.57
CA THR B 42 -14.13 1.30 5.01
C THR B 42 -15.05 2.48 4.81
N ARG B 43 -14.50 3.69 5.09
CA ARG B 43 -15.20 4.94 4.87
C ARG B 43 -15.46 5.10 3.37
N LEU B 44 -14.48 4.69 2.56
CA LEU B 44 -14.59 4.74 1.10
C LEU B 44 -15.76 3.88 0.64
N ARG B 45 -15.78 2.63 1.10
CA ARG B 45 -16.86 1.68 0.76
C ARG B 45 -18.21 2.21 1.25
N GLU B 46 -18.20 2.77 2.44
CA GLU B 46 -19.37 3.34 3.09
C GLU B 46 -19.92 4.50 2.28
N ALA B 47 -19.06 5.43 1.95
CA ALA B 47 -19.45 6.61 1.21
C ALA B 47 -19.79 6.28 -0.22
N ARG B 48 -19.00 5.44 -0.85
CA ARG B 48 -19.20 5.11 -2.23
C ARG B 48 -19.02 3.62 -2.53
N ALA B 49 -20.05 2.87 -2.31
CA ALA B 49 -20.08 1.52 -2.80
C ALA B 49 -20.66 1.62 -4.21
N PRO B 50 -19.94 1.13 -5.24
CA PRO B 50 -20.32 1.26 -6.66
C PRO B 50 -21.80 1.01 -6.93
N ALA B 51 -22.48 2.05 -7.34
CA ALA B 51 -23.89 1.98 -7.64
C ALA B 51 -24.11 2.36 -9.08
N SER B 52 -24.68 1.46 -9.83
CA SER B 52 -24.95 1.68 -11.23
C SER B 52 -26.45 1.54 -11.54
N ARG C 1 10.96 -10.81 -18.42
CA ARG C 1 10.13 -11.71 -17.67
C ARG C 1 10.09 -11.24 -16.24
N GLU C 2 8.93 -10.95 -15.74
CA GLU C 2 8.78 -10.44 -14.41
C GLU C 2 7.42 -10.87 -13.86
N THR C 3 7.28 -10.87 -12.56
CA THR C 3 6.12 -11.40 -11.91
C THR C 3 5.44 -10.33 -11.06
N ALA C 4 4.17 -10.56 -10.75
CA ALA C 4 3.37 -9.66 -9.93
C ALA C 4 3.98 -9.54 -8.59
N GLU C 5 4.44 -10.65 -8.07
CA GLU C 5 5.04 -10.74 -6.77
C GLU C 5 6.19 -9.74 -6.60
N GLU C 6 7.11 -9.78 -7.52
CA GLU C 6 8.28 -8.93 -7.42
C GLU C 6 8.01 -7.49 -7.76
N VAL C 7 7.12 -7.23 -8.72
CA VAL C 7 6.81 -5.84 -9.02
C VAL C 7 6.01 -5.21 -7.91
N SER C 8 4.97 -5.92 -7.45
CA SER C 8 4.14 -5.40 -6.37
C SER C 8 5.00 -5.06 -5.15
N ALA C 9 5.98 -5.94 -4.88
CA ALA C 9 6.94 -5.73 -3.82
C ALA C 9 7.75 -4.48 -4.06
N ARG C 10 8.12 -4.25 -5.30
CA ARG C 10 8.95 -3.11 -5.68
C ARG C 10 8.15 -1.83 -5.50
N ILE C 11 6.95 -1.86 -5.98
CA ILE C 11 6.01 -0.75 -5.96
C ILE C 11 5.73 -0.27 -4.54
N VAL C 12 5.43 -1.20 -3.65
CA VAL C 12 5.15 -0.85 -2.26
C VAL C 12 6.42 -0.40 -1.56
N GLN C 13 7.52 -0.97 -2.01
CA GLN C 13 8.82 -0.67 -1.48
C GLN C 13 9.26 0.73 -1.86
N VAL C 14 9.17 1.04 -3.13
CA VAL C 14 9.60 2.32 -3.62
C VAL C 14 8.71 3.41 -3.09
N VAL C 15 7.41 3.16 -2.93
CA VAL C 15 6.55 4.19 -2.40
C VAL C 15 6.87 4.49 -0.96
N THR C 16 7.10 3.46 -0.15
CA THR C 16 7.43 3.73 1.24
C THR C 16 8.80 4.36 1.38
N ALA C 17 9.77 3.84 0.66
CA ALA C 17 11.13 4.35 0.72
C ALA C 17 11.20 5.77 0.16
N GLU C 18 10.62 5.97 -1.00
CA GLU C 18 10.66 7.28 -1.63
C GLU C 18 9.81 8.30 -0.89
N ALA C 19 8.64 7.93 -0.39
CA ALA C 19 7.83 8.86 0.41
C ALA C 19 8.55 9.22 1.71
N VAL C 20 9.34 8.27 2.24
CA VAL C 20 10.21 8.54 3.36
C VAL C 20 11.28 9.54 2.91
N ALA C 21 11.72 9.42 1.70
CA ALA C 21 12.68 10.35 1.18
C ALA C 21 12.02 11.73 0.96
N VAL C 22 10.75 11.71 0.64
CA VAL C 22 9.95 12.92 0.52
C VAL C 22 9.91 13.66 1.87
N LEU C 23 10.01 12.93 3.00
CA LEU C 23 10.00 13.59 4.34
C LEU C 23 11.14 14.60 4.47
N LYS C 24 12.25 14.35 3.77
CA LYS C 24 13.40 15.25 3.83
C LYS C 24 13.32 16.25 2.69
N GLY C 25 12.55 15.91 1.67
CA GLY C 25 12.54 16.65 0.45
C GLY C 25 13.64 16.14 -0.43
N GLU C 26 13.60 14.86 -0.69
CA GLU C 26 14.52 14.23 -1.59
C GLU C 26 14.11 14.51 -3.02
N GLN C 27 12.83 14.83 -3.14
CA GLN C 27 12.13 15.05 -4.41
C GLN C 27 12.53 16.39 -5.10
N GLU C 28 13.70 16.83 -4.85
CA GLU C 28 14.17 18.08 -5.38
C GLU C 28 15.66 18.00 -5.70
N GLY A 1 7.28 7.94 20.68
CA GLY A 1 8.62 8.12 21.20
C GLY A 1 9.20 9.40 20.70
N ALA A 2 10.46 9.62 21.00
CA ALA A 2 11.15 10.81 20.57
C ALA A 2 11.47 10.72 19.10
N MET A 3 11.42 11.84 18.42
CA MET A 3 11.67 11.95 16.99
C MET A 3 10.65 11.19 16.16
N GLY A 4 9.50 11.77 16.07
CA GLY A 4 8.51 11.27 15.15
C GLY A 4 8.50 12.17 13.94
N MET A 5 9.10 13.32 14.14
CA MET A 5 9.25 14.33 13.13
C MET A 5 10.59 14.12 12.47
N SER A 6 10.74 14.63 11.25
CA SER A 6 11.98 14.56 10.47
C SER A 6 12.23 13.13 9.93
N HIS A 7 11.92 12.14 10.70
CA HIS A 7 12.07 10.79 10.30
C HIS A 7 10.79 10.04 10.55
N ILE A 8 10.10 9.84 9.49
CA ILE A 8 8.89 9.08 9.49
C ILE A 8 9.25 7.60 9.49
N GLN A 9 8.86 6.94 10.52
CA GLN A 9 9.19 5.56 10.70
C GLN A 9 8.02 4.70 10.35
N ILE A 10 8.09 4.05 9.22
CA ILE A 10 7.05 3.16 8.83
C ILE A 10 7.36 1.72 9.20
N PRO A 11 6.49 1.08 10.01
CA PRO A 11 6.67 -0.31 10.44
C PRO A 11 6.69 -1.30 9.27
N PRO A 12 7.81 -2.02 9.08
CA PRO A 12 7.91 -3.07 8.07
C PRO A 12 6.93 -4.20 8.41
N GLY A 13 6.54 -4.94 7.45
CA GLY A 13 5.49 -5.90 7.64
C GLY A 13 4.28 -5.45 6.90
N LEU A 14 4.09 -4.12 6.91
CA LEU A 14 3.05 -3.44 6.16
C LEU A 14 3.25 -3.84 4.73
N THR A 15 4.44 -3.60 4.29
CA THR A 15 4.87 -3.87 3.00
C THR A 15 4.85 -5.35 2.68
N GLU A 16 5.53 -6.17 3.48
CA GLU A 16 5.65 -7.61 3.21
C GLU A 16 4.30 -8.37 3.15
N LEU A 17 3.44 -8.14 4.12
CA LEU A 17 2.18 -8.86 4.17
C LEU A 17 1.16 -8.32 3.19
N LEU A 18 1.06 -7.00 3.09
CA LEU A 18 0.15 -6.44 2.15
C LEU A 18 0.69 -6.70 0.72
N GLN A 19 2.04 -6.81 0.57
CA GLN A 19 2.68 -7.25 -0.69
C GLN A 19 2.11 -8.59 -1.12
N GLY A 20 2.13 -9.55 -0.21
CA GLY A 20 1.61 -10.86 -0.51
C GLY A 20 0.15 -10.79 -0.94
N TYR A 21 -0.59 -9.93 -0.29
CA TYR A 21 -1.98 -9.83 -0.58
C TYR A 21 -2.25 -9.08 -1.89
N THR A 22 -1.41 -8.09 -2.25
CA THR A 22 -1.59 -7.42 -3.53
C THR A 22 -1.27 -8.40 -4.66
N VAL A 23 -0.34 -9.31 -4.40
CA VAL A 23 -0.05 -10.40 -5.33
C VAL A 23 -1.33 -11.20 -5.57
N GLU A 24 -2.05 -11.48 -4.48
CA GLU A 24 -3.33 -12.18 -4.55
C GLU A 24 -4.33 -11.37 -5.34
N VAL A 25 -4.21 -10.06 -5.25
CA VAL A 25 -5.08 -9.16 -5.95
C VAL A 25 -4.78 -9.11 -7.45
N LEU A 26 -3.50 -9.15 -7.84
CA LEU A 26 -3.14 -9.23 -9.26
C LEU A 26 -3.67 -10.52 -9.86
N ARG A 27 -3.70 -11.55 -9.04
CA ARG A 27 -4.27 -12.84 -9.42
C ARG A 27 -5.81 -12.77 -9.45
N GLN A 28 -6.37 -11.92 -8.59
CA GLN A 28 -7.82 -11.76 -8.40
C GLN A 28 -8.49 -10.97 -9.53
N GLN A 29 -7.78 -9.97 -10.07
CA GLN A 29 -8.37 -9.03 -11.06
C GLN A 29 -9.55 -8.26 -10.41
N PRO A 30 -9.22 -7.38 -9.41
CA PRO A 30 -10.17 -6.73 -8.47
C PRO A 30 -11.46 -6.16 -9.08
N PRO A 31 -12.59 -6.31 -8.36
CA PRO A 31 -13.90 -5.81 -8.79
C PRO A 31 -14.03 -4.28 -8.69
N ASP A 32 -13.60 -3.74 -7.58
CA ASP A 32 -13.70 -2.32 -7.28
C ASP A 32 -12.59 -2.01 -6.32
N LEU A 33 -12.20 -0.78 -6.24
CA LEU A 33 -11.14 -0.38 -5.35
C LEU A 33 -11.55 -0.52 -3.89
N VAL A 34 -12.85 -0.40 -3.59
CA VAL A 34 -13.32 -0.55 -2.22
C VAL A 34 -13.05 -1.97 -1.69
N GLU A 35 -13.40 -3.00 -2.49
CA GLU A 35 -13.24 -4.40 -2.11
C GLU A 35 -11.77 -4.68 -1.88
N PHE A 36 -10.99 -4.26 -2.87
CA PHE A 36 -9.56 -4.43 -2.87
C PHE A 36 -8.94 -3.82 -1.65
N ALA A 37 -9.18 -2.55 -1.43
CA ALA A 37 -8.53 -1.83 -0.36
C ALA A 37 -8.92 -2.36 1.01
N VAL A 38 -10.23 -2.49 1.26
CA VAL A 38 -10.68 -2.90 2.57
C VAL A 38 -10.15 -4.27 2.96
N GLU A 39 -10.34 -5.28 2.11
CA GLU A 39 -9.95 -6.64 2.44
C GLU A 39 -8.42 -6.79 2.52
N TYR A 40 -7.73 -6.00 1.72
CA TYR A 40 -6.27 -5.98 1.66
C TYR A 40 -5.68 -5.58 3.03
N PHE A 41 -6.10 -4.42 3.48
CA PHE A 41 -5.54 -3.90 4.70
C PHE A 41 -6.07 -4.71 5.87
N THR A 42 -7.30 -5.17 5.70
CA THR A 42 -7.96 -6.06 6.64
C THR A 42 -7.13 -7.34 6.87
N ARG A 43 -6.43 -7.79 5.84
CA ARG A 43 -5.58 -8.94 5.96
C ARG A 43 -4.38 -8.60 6.84
N LEU A 44 -3.76 -7.41 6.63
CA LEU A 44 -2.63 -7.03 7.51
C LEU A 44 -3.14 -6.87 8.92
N ARG A 45 -4.24 -6.20 9.03
CA ARG A 45 -4.88 -5.91 10.30
C ARG A 45 -5.17 -7.20 11.07
N GLU A 46 -5.53 -8.23 10.34
CA GLU A 46 -5.81 -9.55 10.90
C GLU A 46 -4.50 -10.18 11.39
N ALA A 47 -3.44 -9.91 10.66
CA ALA A 47 -2.13 -10.42 11.00
C ALA A 47 -1.54 -9.71 12.22
N ARG A 48 -1.72 -8.39 12.30
CA ARG A 48 -1.19 -7.59 13.40
C ARG A 48 -2.08 -7.69 14.64
N ALA A 49 -3.34 -7.96 14.44
CA ALA A 49 -4.27 -8.11 15.53
C ALA A 49 -5.10 -9.36 15.31
N PRO A 50 -4.63 -10.51 15.80
CA PRO A 50 -5.33 -11.79 15.62
C PRO A 50 -6.59 -11.88 16.48
N ALA A 51 -6.65 -11.06 17.48
CA ALA A 51 -7.81 -10.96 18.30
C ALA A 51 -8.26 -9.53 18.30
N SER A 52 -9.27 -9.26 17.53
CA SER A 52 -9.79 -7.92 17.40
C SER A 52 -11.25 -8.01 17.03
N GLY B 1 13.51 6.11 -24.35
CA GLY B 1 14.62 5.35 -24.90
C GLY B 1 14.64 3.96 -24.34
N ALA B 2 13.60 3.63 -23.58
CA ALA B 2 13.36 2.32 -22.97
C ALA B 2 14.38 1.94 -21.90
N MET B 3 15.22 2.87 -21.50
CA MET B 3 16.16 2.58 -20.44
C MET B 3 15.80 3.42 -19.26
N GLY B 4 15.65 2.80 -18.13
CA GLY B 4 15.22 3.47 -16.94
C GLY B 4 14.54 2.48 -16.08
N MET B 5 13.60 1.79 -16.66
CA MET B 5 12.95 0.70 -16.00
C MET B 5 12.93 -0.50 -16.93
N SER B 6 13.94 -1.33 -16.80
CA SER B 6 14.06 -2.56 -17.55
C SER B 6 13.19 -3.64 -16.90
N HIS B 7 12.77 -3.34 -15.69
CA HIS B 7 11.86 -4.16 -14.97
C HIS B 7 10.43 -3.76 -15.33
N ILE B 8 9.62 -4.74 -15.58
CA ILE B 8 8.29 -4.51 -16.10
C ILE B 8 7.25 -4.55 -15.00
N GLN B 9 6.15 -3.87 -15.23
CA GLN B 9 5.06 -3.87 -14.30
C GLN B 9 3.85 -4.55 -14.93
N ILE B 10 3.33 -5.49 -14.23
CA ILE B 10 2.18 -6.25 -14.66
C ILE B 10 0.90 -5.61 -14.13
N PRO B 11 -0.26 -5.77 -14.87
CA PRO B 11 -1.55 -5.09 -14.67
C PRO B 11 -1.67 -4.16 -13.46
N PRO B 12 -1.35 -2.87 -13.68
CA PRO B 12 -1.34 -1.86 -12.64
C PRO B 12 -2.71 -1.17 -12.48
N GLY B 13 -2.71 -0.09 -11.74
CA GLY B 13 -3.88 0.73 -11.47
C GLY B 13 -4.17 0.66 -10.01
N LEU B 14 -4.13 -0.54 -9.51
CA LEU B 14 -4.21 -0.79 -8.11
C LEU B 14 -2.95 -0.27 -7.46
N THR B 15 -1.88 -0.28 -8.26
CA THR B 15 -0.57 0.21 -7.91
C THR B 15 -0.60 1.72 -7.69
N GLU B 16 -1.40 2.42 -8.47
CA GLU B 16 -1.53 3.86 -8.33
C GLU B 16 -2.34 4.17 -7.10
N LEU B 17 -3.36 3.37 -6.83
CA LEU B 17 -4.09 3.51 -5.60
C LEU B 17 -3.16 3.17 -4.44
N LEU B 18 -2.36 2.14 -4.64
CA LEU B 18 -1.41 1.66 -3.66
C LEU B 18 -0.42 2.75 -3.31
N GLN B 19 0.05 3.46 -4.32
CA GLN B 19 0.98 4.57 -4.10
C GLN B 19 0.29 5.64 -3.26
N GLY B 20 -0.91 6.00 -3.69
CA GLY B 20 -1.70 7.01 -3.02
C GLY B 20 -1.98 6.67 -1.57
N TYR B 21 -2.46 5.46 -1.31
CA TYR B 21 -2.78 5.10 0.05
C TYR B 21 -1.58 4.81 0.91
N THR B 22 -0.53 4.28 0.35
CA THR B 22 0.61 3.96 1.16
C THR B 22 1.35 5.25 1.59
N VAL B 23 1.34 6.26 0.74
CA VAL B 23 1.92 7.51 1.18
C VAL B 23 0.96 8.18 2.18
N GLU B 24 -0.34 7.96 2.00
CA GLU B 24 -1.37 8.50 2.86
C GLU B 24 -1.16 7.94 4.27
N VAL B 25 -1.01 6.61 4.36
CA VAL B 25 -0.79 5.94 5.64
C VAL B 25 0.52 6.45 6.29
N LEU B 26 1.58 6.49 5.48
CA LEU B 26 2.91 6.86 5.91
C LEU B 26 2.99 8.27 6.49
N ARG B 27 2.42 9.22 5.80
CA ARG B 27 2.54 10.59 6.24
C ARG B 27 1.55 10.93 7.36
N GLN B 28 0.38 10.32 7.32
CA GLN B 28 -0.66 10.68 8.26
C GLN B 28 -0.59 9.93 9.59
N GLN B 29 -0.34 8.63 9.59
CA GLN B 29 -0.35 7.91 10.86
C GLN B 29 0.68 6.78 10.90
N PRO B 30 1.94 7.10 11.28
CA PRO B 30 3.03 6.12 11.38
C PRO B 30 2.81 4.88 12.35
N PRO B 31 2.15 5.02 13.58
CA PRO B 31 1.98 3.87 14.52
C PRO B 31 1.32 2.67 13.87
N ASP B 32 0.20 2.89 13.27
CA ASP B 32 -0.51 1.85 12.61
C ASP B 32 -1.05 2.38 11.34
N LEU B 33 -0.39 2.04 10.30
CA LEU B 33 -0.68 2.51 8.99
C LEU B 33 -1.98 1.88 8.50
N VAL B 34 -2.19 0.66 8.92
CA VAL B 34 -3.32 -0.10 8.49
C VAL B 34 -4.61 0.37 9.16
N GLU B 35 -4.54 0.71 10.45
CA GLU B 35 -5.73 1.28 11.13
C GLU B 35 -6.27 2.48 10.37
N PHE B 36 -5.36 3.40 10.02
CA PHE B 36 -5.71 4.59 9.29
C PHE B 36 -6.32 4.19 7.95
N ALA B 37 -5.70 3.24 7.29
CA ALA B 37 -6.12 2.77 5.99
C ALA B 37 -7.49 2.11 6.02
N VAL B 38 -7.72 1.20 6.97
CA VAL B 38 -8.99 0.51 7.05
C VAL B 38 -10.13 1.46 7.35
N GLU B 39 -9.92 2.42 8.23
CA GLU B 39 -10.96 3.39 8.55
C GLU B 39 -11.26 4.26 7.33
N TYR B 40 -10.19 4.68 6.67
CA TYR B 40 -10.25 5.49 5.46
C TYR B 40 -11.02 4.76 4.35
N PHE B 41 -10.63 3.52 4.09
CA PHE B 41 -11.24 2.75 3.03
C PHE B 41 -12.60 2.17 3.34
N THR B 42 -12.87 1.84 4.59
CA THR B 42 -14.21 1.40 4.91
C THR B 42 -15.17 2.54 4.71
N ARG B 43 -14.71 3.75 5.05
CA ARG B 43 -15.47 4.95 4.82
C ARG B 43 -15.65 5.19 3.30
N LEU B 44 -14.61 4.85 2.50
CA LEU B 44 -14.70 4.92 1.03
C LEU B 44 -15.81 4.00 0.55
N ARG B 45 -15.86 2.81 1.13
CA ARG B 45 -16.88 1.82 0.80
C ARG B 45 -18.26 2.37 1.06
N GLU B 46 -18.43 3.01 2.20
CA GLU B 46 -19.72 3.56 2.60
C GLU B 46 -20.07 4.76 1.72
N ALA B 47 -19.03 5.47 1.30
CA ALA B 47 -19.19 6.63 0.44
C ALA B 47 -19.69 6.24 -0.94
N ARG B 48 -19.09 5.23 -1.52
CA ARG B 48 -19.46 4.78 -2.86
C ARG B 48 -20.71 3.90 -2.85
N ALA B 49 -20.80 3.06 -1.81
CA ALA B 49 -21.79 1.98 -1.70
C ALA B 49 -21.41 0.86 -2.66
N PRO B 50 -20.85 -0.23 -2.13
CA PRO B 50 -20.27 -1.29 -2.93
C PRO B 50 -21.30 -2.10 -3.72
N ALA B 51 -21.02 -2.28 -5.00
CA ALA B 51 -21.84 -3.10 -5.87
C ALA B 51 -21.56 -4.57 -5.57
N SER B 52 -20.37 -4.82 -5.08
CA SER B 52 -19.94 -6.13 -4.68
C SER B 52 -20.14 -6.29 -3.17
N ARG C 1 6.46 -10.48 -18.05
CA ARG C 1 7.15 -11.76 -17.92
C ARG C 1 7.72 -11.95 -16.52
N GLU C 2 7.54 -10.95 -15.72
CA GLU C 2 7.94 -10.98 -14.33
C GLU C 2 6.79 -11.43 -13.49
N THR C 3 7.04 -11.74 -12.28
CA THR C 3 6.03 -12.30 -11.46
C THR C 3 5.47 -11.24 -10.50
N ALA C 4 4.22 -11.43 -10.13
CA ALA C 4 3.49 -10.48 -9.29
C ALA C 4 4.16 -10.30 -7.97
N GLU C 5 4.73 -11.36 -7.45
CA GLU C 5 5.41 -11.32 -6.18
C GLU C 5 6.53 -10.28 -6.19
N GLU C 6 7.35 -10.33 -7.23
CA GLU C 6 8.49 -9.46 -7.34
C GLU C 6 8.09 -8.04 -7.77
N VAL C 7 7.18 -7.96 -8.73
CA VAL C 7 6.74 -6.67 -9.24
C VAL C 7 6.00 -5.89 -8.16
N SER C 8 4.99 -6.49 -7.58
CA SER C 8 4.23 -5.87 -6.53
C SER C 8 5.13 -5.55 -5.31
N ALA C 9 6.19 -6.38 -5.11
CA ALA C 9 7.18 -6.14 -4.05
C ALA C 9 7.85 -4.83 -4.29
N ARG C 10 8.22 -4.60 -5.53
CA ARG C 10 8.88 -3.40 -5.96
C ARG C 10 7.99 -2.21 -5.68
N ILE C 11 6.71 -2.39 -5.97
CA ILE C 11 5.74 -1.32 -5.85
C ILE C 11 5.59 -0.88 -4.40
N VAL C 12 5.41 -1.82 -3.49
CA VAL C 12 5.21 -1.48 -2.07
C VAL C 12 6.51 -0.91 -1.49
N GLN C 13 7.61 -1.39 -2.01
CA GLN C 13 8.92 -0.99 -1.60
C GLN C 13 9.22 0.43 -2.04
N VAL C 14 9.02 0.72 -3.31
CA VAL C 14 9.31 2.02 -3.83
C VAL C 14 8.40 3.06 -3.22
N VAL C 15 7.11 2.73 -3.06
CA VAL C 15 6.19 3.69 -2.50
C VAL C 15 6.54 4.02 -1.05
N THR C 16 6.96 3.04 -0.25
CA THR C 16 7.31 3.36 1.12
C THR C 16 8.67 4.04 1.21
N ALA C 17 9.66 3.49 0.54
CA ALA C 17 11.03 4.03 0.59
C ALA C 17 11.08 5.45 0.05
N GLU C 18 10.48 5.62 -1.12
CA GLU C 18 10.45 6.91 -1.75
C GLU C 18 9.60 7.88 -0.96
N ALA C 19 8.48 7.42 -0.38
CA ALA C 19 7.63 8.33 0.42
C ALA C 19 8.33 8.75 1.71
N VAL C 20 9.13 7.84 2.27
CA VAL C 20 9.98 8.19 3.41
C VAL C 20 10.91 9.33 3.01
N ALA C 21 11.38 9.27 1.80
CA ALA C 21 12.23 10.33 1.31
C ALA C 21 11.38 11.58 0.97
N VAL C 22 10.15 11.36 0.53
CA VAL C 22 9.17 12.41 0.21
C VAL C 22 8.87 13.30 1.41
N LEU C 23 8.99 12.77 2.64
CA LEU C 23 8.66 13.53 3.87
C LEU C 23 9.37 14.90 3.93
N LYS C 24 10.61 14.94 3.43
CA LYS C 24 11.43 16.15 3.44
C LYS C 24 11.34 16.84 2.10
N GLY C 25 10.76 16.16 1.16
CA GLY C 25 10.66 16.67 -0.14
C GLY C 25 11.73 16.10 -0.99
N GLU C 26 11.67 14.80 -1.19
CA GLU C 26 12.56 14.14 -2.13
C GLU C 26 12.26 14.72 -3.50
N GLN C 27 10.99 14.94 -3.71
CA GLN C 27 10.52 15.63 -4.85
C GLN C 27 10.43 17.08 -4.41
N GLU C 28 11.35 17.88 -4.84
CA GLU C 28 11.43 19.27 -4.42
C GLU C 28 11.83 20.15 -5.59
N GLY A 1 8.40 12.72 25.41
CA GLY A 1 8.10 13.59 24.29
C GLY A 1 7.66 12.79 23.09
N ALA A 2 6.89 13.39 22.23
CA ALA A 2 6.39 12.74 21.04
C ALA A 2 6.79 13.55 19.82
N MET A 3 7.70 14.46 20.02
CA MET A 3 8.15 15.36 18.98
C MET A 3 9.56 14.97 18.54
N GLY A 4 10.12 15.74 17.64
CA GLY A 4 11.48 15.52 17.20
C GLY A 4 11.56 14.36 16.26
N MET A 5 10.50 14.14 15.51
CA MET A 5 10.49 13.05 14.60
C MET A 5 10.70 13.56 13.20
N SER A 6 11.95 13.65 12.82
CA SER A 6 12.32 14.08 11.50
C SER A 6 12.55 12.84 10.63
N HIS A 7 11.98 11.76 11.07
CA HIS A 7 12.05 10.51 10.43
C HIS A 7 10.70 9.86 10.57
N ILE A 8 10.06 9.69 9.48
CA ILE A 8 8.81 9.02 9.39
C ILE A 8 9.11 7.54 9.42
N GLN A 9 8.74 6.94 10.50
CA GLN A 9 9.12 5.59 10.77
C GLN A 9 8.14 4.63 10.19
N ILE A 10 8.47 4.07 9.08
CA ILE A 10 7.67 3.04 8.52
C ILE A 10 8.29 1.69 8.80
N PRO A 11 7.54 0.78 9.40
CA PRO A 11 8.04 -0.54 9.72
C PRO A 11 7.90 -1.51 8.54
N PRO A 12 9.04 -2.01 8.00
CA PRO A 12 9.03 -3.04 6.98
C PRO A 12 8.26 -4.26 7.49
N GLY A 13 7.66 -4.97 6.61
CA GLY A 13 6.73 -5.99 6.99
C GLY A 13 5.35 -5.56 6.57
N LEU A 14 5.06 -4.25 6.72
CA LEU A 14 3.83 -3.65 6.24
C LEU A 14 3.78 -3.92 4.75
N THR A 15 4.88 -3.64 4.12
CA THR A 15 5.08 -3.79 2.74
C THR A 15 4.93 -5.25 2.30
N GLU A 16 5.66 -6.14 2.94
CA GLU A 16 5.71 -7.55 2.58
C GLU A 16 4.35 -8.24 2.68
N LEU A 17 3.64 -8.03 3.77
CA LEU A 17 2.37 -8.70 3.95
C LEU A 17 1.29 -8.09 3.06
N LEU A 18 1.28 -6.77 2.98
CA LEU A 18 0.29 -6.13 2.16
C LEU A 18 0.55 -6.35 0.67
N GLN A 19 1.83 -6.47 0.26
CA GLN A 19 2.13 -6.76 -1.14
C GLN A 19 1.73 -8.18 -1.48
N GLY A 20 1.99 -9.10 -0.56
CA GLY A 20 1.68 -10.49 -0.80
C GLY A 20 0.22 -10.68 -1.01
N TYR A 21 -0.55 -10.05 -0.17
CA TYR A 21 -1.96 -10.23 -0.24
C TYR A 21 -2.56 -9.42 -1.36
N THR A 22 -1.98 -8.26 -1.69
CA THR A 22 -2.50 -7.49 -2.79
C THR A 22 -2.38 -8.31 -4.09
N VAL A 23 -1.30 -9.12 -4.20
CA VAL A 23 -1.11 -10.01 -5.33
C VAL A 23 -2.17 -11.12 -5.28
N GLU A 24 -2.50 -11.56 -4.07
CA GLU A 24 -3.51 -12.59 -3.88
C GLU A 24 -4.86 -12.07 -4.35
N VAL A 25 -5.10 -10.78 -4.15
CA VAL A 25 -6.33 -10.19 -4.54
C VAL A 25 -6.35 -10.03 -6.06
N LEU A 26 -5.20 -9.70 -6.63
CA LEU A 26 -5.06 -9.54 -8.08
C LEU A 26 -5.33 -10.86 -8.77
N ARG A 27 -4.84 -11.92 -8.18
CA ARG A 27 -5.03 -13.26 -8.68
C ARG A 27 -6.50 -13.68 -8.51
N GLN A 28 -7.16 -13.09 -7.54
CA GLN A 28 -8.56 -13.34 -7.29
C GLN A 28 -9.43 -12.59 -8.33
N GLN A 29 -8.87 -11.51 -8.90
CA GLN A 29 -9.59 -10.66 -9.87
C GLN A 29 -10.86 -10.04 -9.27
N PRO A 30 -10.67 -9.11 -8.30
CA PRO A 30 -11.74 -8.55 -7.48
C PRO A 30 -12.77 -7.72 -8.28
N PRO A 31 -13.95 -7.47 -7.69
CA PRO A 31 -15.02 -6.66 -8.30
C PRO A 31 -14.58 -5.23 -8.63
N ASP A 32 -14.01 -4.58 -7.65
CA ASP A 32 -13.64 -3.18 -7.72
C ASP A 32 -12.51 -2.96 -6.74
N LEU A 33 -11.75 -1.89 -6.95
CA LEU A 33 -10.64 -1.51 -6.09
C LEU A 33 -11.07 -1.30 -4.63
N VAL A 34 -12.32 -0.91 -4.42
CA VAL A 34 -12.83 -0.70 -3.07
C VAL A 34 -12.71 -1.98 -2.20
N GLU A 35 -13.23 -3.09 -2.69
CA GLU A 35 -13.22 -4.37 -1.97
C GLU A 35 -11.77 -4.83 -1.82
N PHE A 36 -11.05 -4.66 -2.91
CA PHE A 36 -9.62 -4.95 -3.00
C PHE A 36 -8.81 -4.24 -1.89
N ALA A 37 -8.94 -2.92 -1.78
CA ALA A 37 -8.20 -2.13 -0.80
C ALA A 37 -8.55 -2.53 0.61
N VAL A 38 -9.88 -2.59 0.85
CA VAL A 38 -10.40 -2.93 2.16
C VAL A 38 -9.80 -4.22 2.63
N GLU A 39 -9.89 -5.23 1.82
CA GLU A 39 -9.50 -6.53 2.21
C GLU A 39 -7.97 -6.69 2.36
N TYR A 40 -7.17 -6.00 1.57
CA TYR A 40 -5.73 -6.23 1.73
C TYR A 40 -5.17 -5.62 3.00
N PHE A 41 -5.58 -4.37 3.33
CA PHE A 41 -5.07 -3.78 4.58
C PHE A 41 -5.65 -4.58 5.76
N THR A 42 -6.89 -5.05 5.54
CA THR A 42 -7.56 -5.96 6.44
C THR A 42 -6.69 -7.18 6.71
N ARG A 43 -6.04 -7.70 5.67
CA ARG A 43 -5.22 -8.88 5.80
C ARG A 43 -4.04 -8.65 6.72
N LEU A 44 -3.42 -7.45 6.65
CA LEU A 44 -2.31 -7.17 7.59
C LEU A 44 -2.87 -7.23 8.99
N ARG A 45 -4.00 -6.58 9.14
CA ARG A 45 -4.65 -6.55 10.42
C ARG A 45 -5.02 -7.96 10.90
N GLU A 46 -5.50 -8.82 10.00
CA GLU A 46 -5.87 -10.21 10.33
C GLU A 46 -4.64 -10.95 10.84
N ALA A 47 -3.54 -10.72 10.17
CA ALA A 47 -2.29 -11.39 10.45
C ALA A 47 -1.70 -10.97 11.79
N ARG A 48 -1.98 -9.76 12.22
CA ARG A 48 -1.45 -9.31 13.48
C ARG A 48 -2.44 -9.63 14.61
N ALA A 49 -3.70 -9.26 14.39
CA ALA A 49 -4.80 -9.36 15.34
C ALA A 49 -6.01 -8.68 14.72
N PRO A 50 -6.97 -9.45 14.23
CA PRO A 50 -8.11 -8.91 13.51
C PRO A 50 -9.05 -8.10 14.39
N ALA A 51 -9.57 -8.74 15.43
CA ALA A 51 -10.55 -8.13 16.32
C ALA A 51 -9.91 -7.66 17.62
N SER A 52 -8.61 -7.55 17.62
CA SER A 52 -7.90 -7.11 18.80
C SER A 52 -6.84 -6.07 18.41
N GLY B 1 18.66 -5.96 -27.64
CA GLY B 1 18.15 -7.17 -28.18
C GLY B 1 17.96 -8.20 -27.11
N ALA B 2 17.98 -9.48 -27.51
CA ALA B 2 17.83 -10.63 -26.62
C ALA B 2 16.50 -10.62 -25.90
N MET B 3 15.52 -11.25 -26.50
CA MET B 3 14.21 -11.30 -25.96
C MET B 3 14.13 -12.38 -24.88
N GLY B 4 14.40 -11.98 -23.66
CA GLY B 4 14.35 -12.87 -22.55
C GLY B 4 13.27 -12.49 -21.60
N MET B 5 13.47 -11.42 -20.88
CA MET B 5 12.48 -10.94 -19.94
C MET B 5 11.48 -10.08 -20.66
N SER B 6 10.46 -10.70 -21.19
CA SER B 6 9.47 -9.99 -21.96
C SER B 6 8.20 -9.74 -21.16
N HIS B 7 8.24 -10.07 -19.90
CA HIS B 7 7.14 -9.76 -19.03
C HIS B 7 7.39 -8.45 -18.36
N ILE B 8 6.55 -7.53 -18.64
CA ILE B 8 6.65 -6.19 -18.16
C ILE B 8 6.07 -6.01 -16.78
N GLN B 9 6.56 -5.02 -16.07
CA GLN B 9 6.05 -4.69 -14.77
C GLN B 9 4.59 -4.29 -14.91
N ILE B 10 3.75 -4.89 -14.13
CA ILE B 10 2.34 -4.65 -14.23
C ILE B 10 1.88 -3.60 -13.22
N PRO B 11 1.50 -2.40 -13.71
CA PRO B 11 0.96 -1.34 -12.89
C PRO B 11 -0.49 -0.88 -13.33
N PRO B 12 -1.48 -1.81 -13.58
CA PRO B 12 -2.79 -1.43 -14.09
C PRO B 12 -3.72 -0.78 -13.03
N GLY B 13 -3.43 0.48 -12.74
CA GLY B 13 -4.23 1.34 -11.87
C GLY B 13 -4.12 1.03 -10.38
N LEU B 14 -4.17 -0.23 -10.00
CA LEU B 14 -4.18 -0.63 -8.60
C LEU B 14 -2.91 -0.22 -7.89
N THR B 15 -1.83 -0.17 -8.61
CA THR B 15 -0.56 0.17 -8.08
C THR B 15 -0.48 1.66 -7.73
N GLU B 16 -1.18 2.49 -8.48
CA GLU B 16 -1.18 3.90 -8.23
C GLU B 16 -2.13 4.21 -7.09
N LEU B 17 -3.22 3.48 -7.02
CA LEU B 17 -4.11 3.62 -5.88
C LEU B 17 -3.40 3.13 -4.63
N LEU B 18 -2.68 2.01 -4.75
CA LEU B 18 -1.85 1.45 -3.68
C LEU B 18 -0.87 2.52 -3.23
N GLN B 19 -0.27 3.21 -4.19
CA GLN B 19 0.64 4.33 -3.93
C GLN B 19 -0.04 5.36 -3.04
N GLY B 20 -1.20 5.83 -3.49
CA GLY B 20 -1.96 6.82 -2.76
C GLY B 20 -2.30 6.39 -1.35
N TYR B 21 -2.82 5.16 -1.21
CA TYR B 21 -3.21 4.64 0.10
C TYR B 21 -1.99 4.54 1.01
N THR B 22 -0.96 3.88 0.52
CA THR B 22 0.22 3.58 1.30
C THR B 22 1.00 4.86 1.68
N VAL B 23 1.01 5.84 0.82
CA VAL B 23 1.65 7.07 1.20
C VAL B 23 0.80 7.78 2.26
N GLU B 24 -0.50 7.75 2.10
CA GLU B 24 -1.37 8.35 3.09
C GLU B 24 -1.32 7.62 4.44
N VAL B 25 -1.11 6.31 4.43
CA VAL B 25 -0.96 5.58 5.69
C VAL B 25 0.32 6.06 6.39
N LEU B 26 1.37 6.25 5.59
CA LEU B 26 2.67 6.69 6.04
C LEU B 26 2.59 8.11 6.59
N ARG B 27 1.87 8.96 5.89
CA ARG B 27 1.72 10.35 6.30
C ARG B 27 0.79 10.50 7.51
N GLN B 28 -0.16 9.60 7.66
CA GLN B 28 -1.14 9.74 8.72
C GLN B 28 -0.68 9.19 10.04
N GLN B 29 -0.07 8.02 10.07
CA GLN B 29 0.34 7.47 11.34
C GLN B 29 1.42 6.40 11.19
N PRO B 30 2.68 6.77 11.45
CA PRO B 30 3.81 5.83 11.46
C PRO B 30 3.64 4.60 12.44
N PRO B 31 3.05 4.75 13.68
CA PRO B 31 2.75 3.59 14.53
C PRO B 31 1.88 2.52 13.84
N ASP B 32 0.71 2.91 13.35
CA ASP B 32 -0.20 1.97 12.74
C ASP B 32 -0.70 2.52 11.43
N LEU B 33 -0.03 2.11 10.40
CA LEU B 33 -0.32 2.50 9.04
C LEU B 33 -1.67 1.92 8.61
N VAL B 34 -1.94 0.72 9.08
CA VAL B 34 -3.09 -0.02 8.63
C VAL B 34 -4.39 0.52 9.22
N GLU B 35 -4.33 1.01 10.43
CA GLU B 35 -5.51 1.62 11.09
C GLU B 35 -6.07 2.78 10.25
N PHE B 36 -5.19 3.68 9.86
CA PHE B 36 -5.60 4.77 9.00
C PHE B 36 -5.96 4.29 7.63
N ALA B 37 -5.31 3.21 7.19
CA ALA B 37 -5.68 2.57 5.96
C ALA B 37 -7.12 2.07 6.07
N VAL B 38 -7.50 1.55 7.24
CA VAL B 38 -8.88 1.12 7.51
C VAL B 38 -9.83 2.27 7.29
N GLU B 39 -9.48 3.39 7.85
CA GLU B 39 -10.25 4.62 7.68
C GLU B 39 -10.41 4.93 6.18
N TYR B 40 -9.28 4.95 5.49
CA TYR B 40 -9.27 5.22 4.06
C TYR B 40 -10.05 4.20 3.25
N PHE B 41 -9.80 2.92 3.46
CA PHE B 41 -10.42 1.90 2.65
C PHE B 41 -11.93 1.80 2.87
N THR B 42 -12.37 2.00 4.10
CA THR B 42 -13.78 1.91 4.36
C THR B 42 -14.49 3.11 3.75
N ARG B 43 -13.86 4.30 3.83
CA ARG B 43 -14.43 5.48 3.24
C ARG B 43 -14.39 5.41 1.74
N LEU B 44 -13.42 4.68 1.22
CA LEU B 44 -13.29 4.45 -0.20
C LEU B 44 -14.49 3.65 -0.70
N ARG B 45 -14.81 2.56 0.01
CA ARG B 45 -15.98 1.73 -0.34
C ARG B 45 -17.28 2.52 -0.12
N GLU B 46 -17.26 3.40 0.85
CA GLU B 46 -18.39 4.26 1.16
C GLU B 46 -18.58 5.30 0.03
N ALA B 47 -17.48 5.83 -0.47
CA ALA B 47 -17.50 6.80 -1.56
C ALA B 47 -17.96 6.11 -2.83
N ARG B 48 -17.34 5.00 -3.12
CA ARG B 48 -17.68 4.23 -4.28
C ARG B 48 -18.25 2.89 -3.89
N ALA B 49 -19.51 2.88 -3.55
CA ALA B 49 -20.19 1.65 -3.21
C ALA B 49 -20.22 0.76 -4.44
N PRO B 50 -19.63 -0.44 -4.35
CA PRO B 50 -19.52 -1.33 -5.49
C PRO B 50 -20.88 -1.69 -6.04
N ALA B 51 -20.99 -1.58 -7.34
CA ALA B 51 -22.21 -1.87 -8.04
C ALA B 51 -22.62 -3.30 -7.84
N SER B 52 -23.72 -3.48 -7.17
CA SER B 52 -24.25 -4.78 -6.87
C SER B 52 -25.44 -5.09 -7.78
N ARG C 1 9.05 -6.20 -13.40
CA ARG C 1 8.98 -7.13 -14.50
C ARG C 1 8.49 -8.49 -13.98
N GLU C 2 8.18 -9.37 -14.90
CA GLU C 2 7.86 -10.79 -14.66
C GLU C 2 6.56 -11.07 -13.92
N THR C 3 6.59 -10.97 -12.63
CA THR C 3 5.50 -11.44 -11.83
C THR C 3 4.91 -10.34 -10.96
N ALA C 4 3.64 -10.52 -10.66
CA ALA C 4 2.89 -9.61 -9.87
C ALA C 4 3.42 -9.55 -8.47
N GLU C 5 3.96 -10.67 -8.00
CA GLU C 5 4.50 -10.75 -6.65
C GLU C 5 5.65 -9.77 -6.46
N GLU C 6 6.58 -9.81 -7.38
CA GLU C 6 7.76 -9.01 -7.23
C GLU C 6 7.52 -7.56 -7.58
N VAL C 7 6.63 -7.30 -8.53
CA VAL C 7 6.37 -5.93 -8.88
C VAL C 7 5.53 -5.25 -7.81
N SER C 8 4.44 -5.90 -7.34
CA SER C 8 3.60 -5.32 -6.28
C SER C 8 4.46 -5.04 -5.04
N ALA C 9 5.45 -5.92 -4.82
CA ALA C 9 6.41 -5.76 -3.74
C ALA C 9 7.22 -4.49 -3.95
N ARG C 10 7.65 -4.25 -5.19
CA ARG C 10 8.42 -3.08 -5.49
C ARG C 10 7.56 -1.85 -5.31
N ILE C 11 6.31 -1.94 -5.74
CA ILE C 11 5.38 -0.80 -5.70
C ILE C 11 5.21 -0.31 -4.27
N VAL C 12 4.89 -1.22 -3.36
CA VAL C 12 4.65 -0.83 -1.98
C VAL C 12 5.97 -0.35 -1.33
N GLN C 13 7.05 -0.94 -1.78
CA GLN C 13 8.37 -0.62 -1.31
C GLN C 13 8.79 0.78 -1.75
N VAL C 14 8.66 1.05 -3.03
CA VAL C 14 9.08 2.33 -3.55
C VAL C 14 8.21 3.43 -3.04
N VAL C 15 6.93 3.18 -2.87
CA VAL C 15 6.07 4.22 -2.38
C VAL C 15 6.36 4.57 -0.93
N THR C 16 6.67 3.56 -0.10
CA THR C 16 7.02 3.85 1.27
C THR C 16 8.40 4.49 1.37
N ALA C 17 9.36 3.91 0.68
CA ALA C 17 10.74 4.39 0.73
C ALA C 17 10.87 5.80 0.17
N GLU C 18 10.28 6.03 -0.99
CA GLU C 18 10.33 7.34 -1.61
C GLU C 18 9.56 8.35 -0.80
N ALA C 19 8.42 7.97 -0.21
CA ALA C 19 7.66 8.90 0.63
C ALA C 19 8.46 9.26 1.88
N VAL C 20 9.23 8.31 2.38
CA VAL C 20 10.17 8.55 3.47
C VAL C 20 11.19 9.60 3.04
N ALA C 21 11.62 9.55 1.82
CA ALA C 21 12.56 10.51 1.33
C ALA C 21 11.86 11.85 1.08
N VAL C 22 10.59 11.78 0.71
CA VAL C 22 9.74 12.94 0.50
C VAL C 22 9.59 13.76 1.77
N LEU C 23 9.68 13.12 2.96
CA LEU C 23 9.51 13.83 4.24
C LEU C 23 10.45 15.04 4.36
N LYS C 24 11.63 14.93 3.77
CA LYS C 24 12.64 15.96 3.87
C LYS C 24 12.66 16.80 2.61
N GLY C 25 11.93 16.35 1.61
CA GLY C 25 11.92 17.04 0.37
C GLY C 25 12.92 16.44 -0.54
N GLU C 26 12.73 15.16 -0.85
CA GLU C 26 13.59 14.46 -1.79
C GLU C 26 13.41 15.07 -3.18
N GLN C 27 12.22 15.57 -3.41
CA GLN C 27 11.91 16.25 -4.62
C GLN C 27 12.31 17.71 -4.43
N GLU C 28 13.52 18.00 -4.80
CA GLU C 28 14.11 19.31 -4.59
C GLU C 28 14.82 19.83 -5.84
N GLY A 1 10.39 16.87 25.38
CA GLY A 1 10.41 15.73 24.46
C GLY A 1 10.65 16.20 23.06
N ALA A 2 11.05 15.29 22.18
CA ALA A 2 11.33 15.66 20.82
C ALA A 2 10.31 15.03 19.90
N MET A 3 9.39 15.84 19.43
CA MET A 3 8.32 15.40 18.55
C MET A 3 7.75 16.62 17.86
N GLY A 4 6.72 16.43 17.07
CA GLY A 4 6.12 17.53 16.38
C GLY A 4 6.93 17.86 15.15
N MET A 5 7.50 16.85 14.55
CA MET A 5 8.32 17.00 13.37
C MET A 5 7.94 15.90 12.40
N SER A 6 8.50 15.92 11.22
CA SER A 6 8.16 14.94 10.24
C SER A 6 9.09 13.73 10.34
N HIS A 7 9.02 13.04 11.45
CA HIS A 7 9.80 11.85 11.66
C HIS A 7 8.93 10.73 11.27
N ILE A 8 8.85 10.58 10.01
CA ILE A 8 7.99 9.62 9.45
C ILE A 8 8.59 8.24 9.58
N GLN A 9 8.09 7.52 10.53
CA GLN A 9 8.53 6.20 10.76
C GLN A 9 7.47 5.26 10.34
N ILE A 10 7.70 4.64 9.24
CA ILE A 10 6.79 3.67 8.74
C ILE A 10 7.22 2.25 9.13
N PRO A 11 6.42 1.59 9.98
CA PRO A 11 6.70 0.22 10.45
C PRO A 11 6.91 -0.77 9.31
N PRO A 12 8.11 -1.35 9.19
CA PRO A 12 8.42 -2.35 8.18
C PRO A 12 7.57 -3.59 8.39
N GLY A 13 7.31 -4.30 7.32
CA GLY A 13 6.43 -5.43 7.37
C GLY A 13 5.17 -5.10 6.65
N LEU A 14 4.81 -3.82 6.73
CA LEU A 14 3.64 -3.23 6.06
C LEU A 14 3.66 -3.64 4.59
N THR A 15 4.77 -3.34 3.98
CA THR A 15 5.02 -3.56 2.61
C THR A 15 4.95 -5.03 2.27
N GLU A 16 5.72 -5.85 2.98
CA GLU A 16 5.81 -7.29 2.74
C GLU A 16 4.48 -8.01 2.88
N LEU A 17 3.74 -7.70 3.93
CA LEU A 17 2.50 -8.39 4.17
C LEU A 17 1.49 -8.04 3.12
N LEU A 18 1.32 -6.77 2.84
CA LEU A 18 0.34 -6.42 1.87
C LEU A 18 0.80 -6.73 0.44
N GLN A 19 2.11 -6.65 0.12
CA GLN A 19 2.51 -7.00 -1.25
C GLN A 19 2.31 -8.49 -1.53
N GLY A 20 2.56 -9.32 -0.54
CA GLY A 20 2.32 -10.75 -0.69
C GLY A 20 0.84 -11.01 -0.86
N TYR A 21 0.04 -10.32 -0.06
CA TYR A 21 -1.38 -10.49 -0.12
C TYR A 21 -1.98 -9.92 -1.37
N THR A 22 -1.46 -8.80 -1.88
CA THR A 22 -2.01 -8.24 -3.10
C THR A 22 -1.75 -9.16 -4.27
N VAL A 23 -0.59 -9.82 -4.28
CA VAL A 23 -0.33 -10.79 -5.35
C VAL A 23 -1.34 -11.95 -5.23
N GLU A 24 -1.61 -12.34 -3.99
CA GLU A 24 -2.54 -13.41 -3.71
C GLU A 24 -3.96 -12.97 -4.09
N VAL A 25 -4.27 -11.71 -3.86
CA VAL A 25 -5.56 -11.18 -4.20
C VAL A 25 -5.68 -11.06 -5.73
N LEU A 26 -4.59 -10.73 -6.42
CA LEU A 26 -4.60 -10.74 -7.90
C LEU A 26 -4.92 -12.13 -8.42
N ARG A 27 -4.43 -13.13 -7.71
CA ARG A 27 -4.76 -14.53 -7.99
C ARG A 27 -6.22 -14.83 -7.67
N GLN A 28 -6.77 -14.09 -6.73
CA GLN A 28 -8.18 -14.23 -6.33
C GLN A 28 -9.08 -13.46 -7.33
N GLN A 29 -8.46 -12.53 -8.08
CA GLN A 29 -9.15 -11.74 -9.10
C GLN A 29 -10.28 -10.84 -8.51
N PRO A 30 -9.90 -9.80 -7.70
CA PRO A 30 -10.85 -8.98 -6.90
C PRO A 30 -12.01 -8.35 -7.72
N PRO A 31 -13.22 -8.31 -7.12
CA PRO A 31 -14.44 -7.82 -7.80
C PRO A 31 -14.39 -6.31 -8.11
N ASP A 32 -14.00 -5.53 -7.13
CA ASP A 32 -13.96 -4.10 -7.24
C ASP A 32 -12.90 -3.61 -6.30
N LEU A 33 -12.36 -2.44 -6.58
CA LEU A 33 -11.33 -1.82 -5.77
C LEU A 33 -11.77 -1.60 -4.31
N VAL A 34 -13.05 -1.29 -4.07
CA VAL A 34 -13.52 -1.11 -2.68
C VAL A 34 -13.42 -2.43 -1.87
N GLU A 35 -13.76 -3.56 -2.51
CA GLU A 35 -13.66 -4.85 -1.85
C GLU A 35 -12.23 -5.20 -1.67
N PHE A 36 -11.44 -4.98 -2.72
CA PHE A 36 -10.03 -5.23 -2.69
C PHE A 36 -9.40 -4.48 -1.56
N ALA A 37 -9.56 -3.16 -1.56
CA ALA A 37 -8.87 -2.30 -0.61
C ALA A 37 -9.20 -2.66 0.81
N VAL A 38 -10.49 -2.75 1.10
CA VAL A 38 -10.92 -3.02 2.45
C VAL A 38 -10.38 -4.34 2.96
N GLU A 39 -10.61 -5.42 2.21
CA GLU A 39 -10.24 -6.74 2.69
C GLU A 39 -8.72 -6.96 2.65
N TYR A 40 -8.06 -6.37 1.70
CA TYR A 40 -6.60 -6.44 1.52
C TYR A 40 -5.86 -5.88 2.74
N PHE A 41 -6.17 -4.64 3.10
CA PHE A 41 -5.47 -4.01 4.22
C PHE A 41 -5.87 -4.79 5.48
N THR A 42 -7.14 -5.13 5.52
CA THR A 42 -7.72 -5.95 6.55
C THR A 42 -6.96 -7.29 6.68
N ARG A 43 -6.44 -7.81 5.59
CA ARG A 43 -5.69 -9.02 5.62
C ARG A 43 -4.32 -8.85 6.25
N LEU A 44 -3.70 -7.66 6.16
CA LEU A 44 -2.48 -7.48 6.99
C LEU A 44 -2.90 -7.47 8.44
N ARG A 45 -3.98 -6.76 8.73
CA ARG A 45 -4.53 -6.74 10.11
C ARG A 45 -4.84 -8.16 10.61
N GLU A 46 -5.39 -8.98 9.75
CA GLU A 46 -5.78 -10.36 10.05
C GLU A 46 -4.52 -11.21 10.24
N ALA A 47 -3.46 -10.85 9.54
CA ALA A 47 -2.21 -11.58 9.64
C ALA A 47 -1.47 -11.23 10.92
N ARG A 48 -1.49 -9.96 11.29
CA ARG A 48 -0.76 -9.53 12.47
C ARG A 48 -1.57 -9.82 13.74
N ALA A 49 -2.88 -9.71 13.61
CA ALA A 49 -3.77 -10.00 14.69
C ALA A 49 -4.95 -10.79 14.16
N PRO A 50 -4.82 -12.14 14.11
CA PRO A 50 -5.89 -13.00 13.61
C PRO A 50 -7.06 -13.04 14.58
N ALA A 51 -6.74 -12.73 15.80
CA ALA A 51 -7.66 -12.66 16.87
C ALA A 51 -7.16 -11.61 17.80
N SER A 52 -8.04 -11.09 18.63
CA SER A 52 -7.72 -10.07 19.62
C SER A 52 -7.21 -8.77 18.96
N GLY B 1 17.71 -8.22 -20.99
CA GLY B 1 18.61 -7.17 -20.56
C GLY B 1 18.94 -6.27 -21.70
N ALA B 2 19.09 -6.88 -22.84
CA ALA B 2 19.31 -6.16 -24.07
C ALA B 2 18.00 -6.09 -24.83
N MET B 3 17.05 -6.86 -24.36
CA MET B 3 15.73 -6.93 -24.94
C MET B 3 14.74 -7.19 -23.82
N GLY B 4 13.88 -6.23 -23.56
CA GLY B 4 12.87 -6.40 -22.53
C GLY B 4 13.41 -6.17 -21.13
N MET B 5 14.16 -5.09 -20.95
CA MET B 5 14.73 -4.77 -19.64
C MET B 5 13.84 -3.78 -18.90
N SER B 6 12.73 -3.46 -19.54
CA SER B 6 11.77 -2.50 -19.07
C SER B 6 11.07 -2.99 -17.80
N HIS B 7 11.19 -2.22 -16.74
CA HIS B 7 10.47 -2.54 -15.52
C HIS B 7 9.24 -1.73 -15.49
N ILE B 8 8.21 -2.34 -15.87
CA ILE B 8 6.94 -1.70 -15.92
C ILE B 8 6.07 -2.13 -14.77
N GLN B 9 5.16 -1.30 -14.39
CA GLN B 9 4.20 -1.65 -13.39
C GLN B 9 3.01 -2.22 -14.10
N ILE B 10 2.54 -3.33 -13.61
CA ILE B 10 1.32 -3.86 -14.08
C ILE B 10 0.23 -3.34 -13.15
N PRO B 11 -0.59 -2.41 -13.62
CA PRO B 11 -1.55 -1.76 -12.80
C PRO B 11 -3.01 -2.18 -13.03
N PRO B 12 -3.59 -2.93 -12.10
CA PRO B 12 -5.01 -3.24 -12.13
C PRO B 12 -5.82 -2.06 -11.57
N GLY B 13 -5.10 -1.02 -11.14
CA GLY B 13 -5.70 0.22 -10.64
C GLY B 13 -5.52 0.31 -9.16
N LEU B 14 -5.50 -0.86 -8.58
CA LEU B 14 -5.30 -1.01 -7.16
C LEU B 14 -3.93 -0.51 -6.75
N THR B 15 -2.97 -0.61 -7.65
CA THR B 15 -1.64 -0.15 -7.41
C THR B 15 -1.60 1.37 -7.30
N GLU B 16 -2.44 2.03 -8.08
CA GLU B 16 -2.55 3.47 -8.02
C GLU B 16 -3.13 3.86 -6.68
N LEU B 17 -4.18 3.17 -6.28
CA LEU B 17 -4.78 3.43 -4.97
C LEU B 17 -3.81 3.07 -3.86
N LEU B 18 -3.04 2.04 -4.11
CA LEU B 18 -2.02 1.55 -3.19
C LEU B 18 -0.97 2.64 -2.94
N GLN B 19 -0.63 3.39 -3.99
CA GLN B 19 0.33 4.48 -3.88
C GLN B 19 -0.26 5.61 -3.06
N GLY B 20 -1.53 5.92 -3.35
CA GLY B 20 -2.25 6.93 -2.61
C GLY B 20 -2.34 6.54 -1.15
N TYR B 21 -2.72 5.30 -0.94
CA TYR B 21 -2.82 4.67 0.37
C TYR B 21 -1.54 4.82 1.17
N THR B 22 -0.43 4.44 0.60
CA THR B 22 0.82 4.42 1.30
C THR B 22 1.29 5.79 1.68
N VAL B 23 1.07 6.77 0.82
CA VAL B 23 1.49 8.08 1.20
C VAL B 23 0.56 8.68 2.29
N GLU B 24 -0.72 8.29 2.27
CA GLU B 24 -1.66 8.73 3.30
C GLU B 24 -1.24 8.21 4.65
N VAL B 25 -0.93 6.91 4.72
CA VAL B 25 -0.52 6.29 5.98
C VAL B 25 0.80 6.93 6.47
N LEU B 26 1.64 7.24 5.53
CA LEU B 26 2.95 7.75 5.79
C LEU B 26 2.89 9.19 6.31
N ARG B 27 2.07 10.01 5.70
CA ARG B 27 1.93 11.40 6.12
C ARG B 27 1.13 11.55 7.40
N GLN B 28 0.19 10.64 7.63
CA GLN B 28 -0.65 10.70 8.81
C GLN B 28 0.13 10.19 10.03
N GLN B 29 1.11 9.33 9.76
CA GLN B 29 2.02 8.72 10.76
C GLN B 29 1.31 8.09 12.00
N PRO B 30 0.49 7.05 11.81
CA PRO B 30 -0.09 6.30 12.92
C PRO B 30 0.77 5.08 13.29
N PRO B 31 0.52 4.47 14.47
CA PRO B 31 1.18 3.21 14.86
C PRO B 31 0.84 2.10 13.86
N ASP B 32 -0.44 1.89 13.64
CA ASP B 32 -0.90 0.91 12.68
C ASP B 32 -1.34 1.66 11.45
N LEU B 33 -0.54 1.58 10.41
CA LEU B 33 -0.78 2.26 9.15
C LEU B 33 -2.03 1.71 8.49
N VAL B 34 -2.21 0.44 8.68
CA VAL B 34 -3.23 -0.30 8.04
C VAL B 34 -4.62 0.04 8.54
N GLU B 35 -4.81 0.08 9.84
CA GLU B 35 -6.12 0.35 10.39
C GLU B 35 -6.66 1.71 9.96
N PHE B 36 -5.78 2.71 9.92
CA PHE B 36 -6.16 4.03 9.44
C PHE B 36 -6.52 3.93 7.96
N ALA B 37 -5.78 3.11 7.24
CA ALA B 37 -6.04 2.90 5.84
C ALA B 37 -7.36 2.16 5.63
N VAL B 38 -7.68 1.25 6.53
CA VAL B 38 -8.94 0.52 6.46
C VAL B 38 -10.10 1.49 6.54
N GLU B 39 -10.09 2.37 7.53
CA GLU B 39 -11.18 3.34 7.67
C GLU B 39 -11.18 4.38 6.53
N TYR B 40 -10.00 4.66 6.00
CA TYR B 40 -9.87 5.57 4.88
C TYR B 40 -10.53 4.94 3.63
N PHE B 41 -10.26 3.67 3.43
CA PHE B 41 -10.83 2.95 2.32
C PHE B 41 -12.28 2.53 2.54
N THR B 42 -12.70 2.38 3.79
CA THR B 42 -14.11 2.21 4.06
C THR B 42 -14.82 3.51 3.68
N ARG B 43 -14.13 4.64 3.87
CA ARG B 43 -14.64 5.94 3.45
C ARG B 43 -14.74 5.98 1.92
N LEU B 44 -13.80 5.28 1.23
CA LEU B 44 -13.88 5.12 -0.24
C LEU B 44 -15.16 4.39 -0.59
N ARG B 45 -15.53 3.45 0.24
CA ARG B 45 -16.75 2.66 0.04
C ARG B 45 -18.00 3.50 0.38
N GLU B 46 -17.83 4.51 1.21
CA GLU B 46 -18.91 5.44 1.51
C GLU B 46 -19.12 6.39 0.33
N ALA B 47 -18.03 6.67 -0.35
CA ALA B 47 -18.05 7.48 -1.55
C ALA B 47 -18.57 6.66 -2.72
N ARG B 48 -18.13 5.43 -2.79
CA ARG B 48 -18.57 4.50 -3.78
C ARG B 48 -19.36 3.39 -3.13
N ALA B 49 -20.56 3.71 -2.75
CA ALA B 49 -21.44 2.76 -2.09
C ALA B 49 -22.30 2.08 -3.14
N PRO B 50 -22.63 0.79 -2.97
CA PRO B 50 -23.50 0.10 -3.91
C PRO B 50 -24.94 0.57 -3.81
N ALA B 51 -25.22 1.65 -4.47
CA ALA B 51 -26.52 2.26 -4.48
C ALA B 51 -27.43 1.50 -5.41
N SER B 52 -28.55 1.05 -4.91
CA SER B 52 -29.49 0.31 -5.73
C SER B 52 -30.61 1.23 -6.22
N ARG C 1 8.63 -9.92 -19.93
CA ARG C 1 7.53 -10.16 -19.07
C ARG C 1 7.79 -9.45 -17.76
N GLU C 2 6.82 -9.40 -16.92
CA GLU C 2 6.96 -8.80 -15.64
C GLU C 2 6.00 -9.51 -14.70
N THR C 3 6.40 -9.67 -13.46
CA THR C 3 5.63 -10.45 -12.54
C THR C 3 5.03 -9.58 -11.44
N ALA C 4 3.90 -10.04 -10.91
CA ALA C 4 3.16 -9.31 -9.91
C ALA C 4 3.89 -9.27 -8.61
N GLU C 5 4.66 -10.30 -8.30
CA GLU C 5 5.42 -10.32 -7.07
C GLU C 5 6.43 -9.19 -7.06
N GLU C 6 7.16 -9.07 -8.16
CA GLU C 6 8.21 -8.09 -8.28
C GLU C 6 7.62 -6.69 -8.34
N VAL C 7 6.58 -6.52 -9.15
CA VAL C 7 5.96 -5.21 -9.28
C VAL C 7 5.32 -4.75 -8.01
N SER C 8 4.41 -5.54 -7.45
CA SER C 8 3.70 -5.14 -6.25
C SER C 8 4.68 -4.84 -5.08
N ALA C 9 5.75 -5.63 -4.98
CA ALA C 9 6.76 -5.43 -3.95
C ALA C 9 7.50 -4.14 -4.19
N ARG C 10 7.80 -3.90 -5.47
CA ARG C 10 8.50 -2.70 -5.90
C ARG C 10 7.67 -1.49 -5.54
N ILE C 11 6.38 -1.58 -5.84
CA ILE C 11 5.42 -0.48 -5.66
C ILE C 11 5.37 -0.07 -4.22
N VAL C 12 5.10 -1.02 -3.34
CA VAL C 12 4.94 -0.71 -1.91
C VAL C 12 6.25 -0.20 -1.32
N GLN C 13 7.32 -0.72 -1.84
CA GLN C 13 8.62 -0.37 -1.41
C GLN C 13 9.00 1.04 -1.83
N VAL C 14 8.86 1.33 -3.12
CA VAL C 14 9.25 2.62 -3.62
C VAL C 14 8.36 3.72 -3.10
N VAL C 15 7.09 3.43 -2.90
CA VAL C 15 6.21 4.45 -2.38
C VAL C 15 6.54 4.77 -0.94
N THR C 16 6.81 3.76 -0.11
CA THR C 16 7.12 4.06 1.25
C THR C 16 8.52 4.66 1.39
N ALA C 17 9.50 4.05 0.74
CA ALA C 17 10.89 4.49 0.85
C ALA C 17 11.08 5.89 0.29
N GLU C 18 10.56 6.13 -0.91
CA GLU C 18 10.70 7.43 -1.53
C GLU C 18 9.91 8.50 -0.79
N ALA C 19 8.69 8.19 -0.33
CA ALA C 19 7.90 9.20 0.41
C ALA C 19 8.57 9.54 1.75
N VAL C 20 9.21 8.52 2.38
CA VAL C 20 10.02 8.74 3.58
C VAL C 20 11.12 9.73 3.24
N ALA C 21 11.73 9.55 2.10
CA ALA C 21 12.81 10.41 1.69
C ALA C 21 12.28 11.81 1.34
N VAL C 22 11.03 11.86 0.92
CA VAL C 22 10.35 13.12 0.62
C VAL C 22 10.22 13.97 1.88
N LEU C 23 10.13 13.32 3.07
CA LEU C 23 9.99 14.06 4.36
C LEU C 23 11.10 15.12 4.54
N LYS C 24 12.31 14.78 4.08
CA LYS C 24 13.47 15.65 4.25
C LYS C 24 13.71 16.48 3.02
N GLY C 25 13.04 16.13 1.94
CA GLY C 25 13.22 16.86 0.72
C GLY C 25 14.17 16.18 -0.22
N GLU C 26 13.97 14.88 -0.43
CA GLU C 26 14.80 14.08 -1.36
C GLU C 26 14.72 14.66 -2.80
N GLN C 27 13.62 15.36 -3.08
CA GLN C 27 13.33 15.92 -4.41
C GLN C 27 14.28 17.06 -4.75
N GLU C 28 14.90 17.60 -3.76
CA GLU C 28 15.73 18.77 -3.93
C GLU C 28 17.18 18.38 -4.05
N GLY A 1 14.00 23.58 12.66
CA GLY A 1 12.66 23.00 12.73
C GLY A 1 12.67 21.82 13.64
N ALA A 2 12.26 22.02 14.88
CA ALA A 2 12.30 20.97 15.86
C ALA A 2 11.13 20.00 15.71
N MET A 3 9.97 20.35 16.25
CA MET A 3 8.83 19.44 16.22
C MET A 3 8.15 19.50 14.86
N GLY A 4 8.44 20.55 14.10
CA GLY A 4 7.86 20.72 12.79
C GLY A 4 8.48 19.82 11.76
N MET A 5 9.55 19.15 12.12
CA MET A 5 10.17 18.22 11.24
C MET A 5 9.48 16.89 11.40
N SER A 6 8.89 16.43 10.36
CA SER A 6 8.17 15.20 10.38
C SER A 6 9.13 14.04 10.17
N HIS A 7 9.00 13.03 10.98
CA HIS A 7 9.85 11.90 10.93
C HIS A 7 9.01 10.67 10.80
N ILE A 8 8.63 10.44 9.59
CA ILE A 8 7.79 9.36 9.21
C ILE A 8 8.47 8.02 9.47
N GLN A 9 7.89 7.26 10.35
CA GLN A 9 8.40 5.97 10.69
C GLN A 9 7.49 4.90 10.22
N ILE A 10 7.84 4.29 9.12
CA ILE A 10 7.09 3.19 8.63
C ILE A 10 7.74 1.86 9.08
N PRO A 11 6.95 0.95 9.62
CA PRO A 11 7.45 -0.33 10.09
C PRO A 11 7.57 -1.38 8.96
N PRO A 12 8.76 -1.99 8.82
CA PRO A 12 8.97 -3.09 7.88
C PRO A 12 7.97 -4.21 8.19
N GLY A 13 7.48 -4.84 7.18
CA GLY A 13 6.42 -5.79 7.36
C GLY A 13 5.13 -5.28 6.77
N LEU A 14 4.91 -3.94 6.83
CA LEU A 14 3.73 -3.31 6.21
C LEU A 14 3.71 -3.69 4.75
N THR A 15 4.80 -3.37 4.12
CA THR A 15 5.00 -3.58 2.75
C THR A 15 5.00 -5.06 2.38
N GLU A 16 5.77 -5.84 3.11
CA GLU A 16 5.95 -7.26 2.82
C GLU A 16 4.67 -8.08 2.97
N LEU A 17 3.94 -7.87 4.04
CA LEU A 17 2.75 -8.63 4.27
C LEU A 17 1.63 -8.14 3.39
N LEU A 18 1.46 -6.84 3.28
CA LEU A 18 0.43 -6.31 2.41
C LEU A 18 0.75 -6.65 0.94
N GLN A 19 2.06 -6.72 0.60
CA GLN A 19 2.55 -7.23 -0.71
C GLN A 19 1.97 -8.61 -0.96
N GLY A 20 2.11 -9.46 0.04
CA GLY A 20 1.58 -10.80 -0.03
C GLY A 20 0.10 -10.82 -0.28
N TYR A 21 -0.59 -9.89 0.35
CA TYR A 21 -2.02 -9.84 0.23
C TYR A 21 -2.49 -9.21 -1.08
N THR A 22 -1.76 -8.23 -1.62
CA THR A 22 -2.15 -7.69 -2.93
C THR A 22 -1.97 -8.73 -4.01
N VAL A 23 -0.90 -9.50 -3.90
CA VAL A 23 -0.67 -10.59 -4.84
C VAL A 23 -1.77 -11.66 -4.69
N GLU A 24 -2.27 -11.80 -3.46
CA GLU A 24 -3.34 -12.71 -3.14
C GLU A 24 -4.63 -12.19 -3.75
N VAL A 25 -4.89 -10.89 -3.59
CA VAL A 25 -6.08 -10.29 -4.15
C VAL A 25 -6.03 -10.38 -5.69
N LEU A 26 -4.84 -10.18 -6.28
CA LEU A 26 -4.67 -10.34 -7.74
C LEU A 26 -4.90 -11.77 -8.16
N ARG A 27 -4.58 -12.70 -7.28
CA ARG A 27 -4.85 -14.12 -7.50
C ARG A 27 -6.38 -14.33 -7.58
N GLN A 28 -7.09 -13.55 -6.79
CA GLN A 28 -8.55 -13.55 -6.75
C GLN A 28 -9.20 -12.72 -7.87
N GLN A 29 -8.40 -11.93 -8.63
CA GLN A 29 -8.94 -11.04 -9.69
C GLN A 29 -9.88 -9.94 -9.11
N PRO A 30 -9.28 -8.93 -8.39
CA PRO A 30 -10.01 -7.90 -7.62
C PRO A 30 -11.25 -7.33 -8.32
N PRO A 31 -12.38 -7.30 -7.60
CA PRO A 31 -13.66 -6.79 -8.12
C PRO A 31 -13.68 -5.27 -8.32
N ASP A 32 -13.11 -4.55 -7.37
CA ASP A 32 -13.09 -3.09 -7.37
C ASP A 32 -12.08 -2.62 -6.35
N LEU A 33 -11.64 -1.37 -6.47
CA LEU A 33 -10.69 -0.74 -5.56
C LEU A 33 -11.11 -0.86 -4.11
N VAL A 34 -12.40 -0.65 -3.83
CA VAL A 34 -12.87 -0.71 -2.46
C VAL A 34 -12.57 -2.04 -1.78
N GLU A 35 -12.95 -3.14 -2.39
CA GLU A 35 -12.71 -4.43 -1.79
C GLU A 35 -11.25 -4.80 -1.88
N PHE A 36 -10.58 -4.34 -2.93
CA PHE A 36 -9.15 -4.55 -3.08
C PHE A 36 -8.41 -3.94 -1.89
N ALA A 37 -8.65 -2.66 -1.66
CA ALA A 37 -7.97 -1.94 -0.61
C ALA A 37 -8.40 -2.38 0.78
N VAL A 38 -9.73 -2.52 0.99
CA VAL A 38 -10.24 -2.94 2.29
C VAL A 38 -9.65 -4.26 2.69
N GLU A 39 -9.77 -5.26 1.84
CA GLU A 39 -9.32 -6.61 2.18
C GLU A 39 -7.80 -6.70 2.29
N TYR A 40 -7.10 -5.90 1.53
CA TYR A 40 -5.64 -5.85 1.56
C TYR A 40 -5.14 -5.41 2.95
N PHE A 41 -5.59 -4.24 3.38
CA PHE A 41 -5.11 -3.66 4.63
C PHE A 41 -5.70 -4.45 5.77
N THR A 42 -6.95 -4.83 5.58
CA THR A 42 -7.66 -5.67 6.51
C THR A 42 -6.92 -6.97 6.75
N ARG A 43 -6.30 -7.51 5.73
CA ARG A 43 -5.65 -8.77 5.93
C ARG A 43 -4.37 -8.59 6.74
N LEU A 44 -3.69 -7.42 6.67
CA LEU A 44 -2.56 -7.27 7.62
C LEU A 44 -3.08 -7.04 9.02
N ARG A 45 -4.13 -6.26 9.08
CA ARG A 45 -4.82 -5.94 10.34
C ARG A 45 -5.29 -7.26 11.01
N GLU A 46 -5.81 -8.16 10.21
CA GLU A 46 -6.33 -9.46 10.64
C GLU A 46 -5.17 -10.37 11.04
N ALA A 47 -4.05 -10.23 10.38
CA ALA A 47 -2.88 -11.04 10.65
C ALA A 47 -2.20 -10.66 11.96
N ARG A 48 -2.13 -9.36 12.21
CA ARG A 48 -1.48 -8.85 13.40
C ARG A 48 -2.41 -8.91 14.62
N ALA A 49 -3.68 -8.63 14.39
CA ALA A 49 -4.66 -8.66 15.44
C ALA A 49 -5.99 -9.21 14.91
N PRO A 50 -6.14 -10.54 14.92
CA PRO A 50 -7.37 -11.17 14.48
C PRO A 50 -8.53 -10.90 15.43
N ALA A 51 -8.27 -11.04 16.73
CA ALA A 51 -9.21 -10.80 17.80
C ALA A 51 -10.48 -11.67 17.72
N SER A 52 -11.44 -11.26 16.93
CA SER A 52 -12.70 -11.98 16.79
C SER A 52 -13.09 -12.08 15.32
N GLY B 1 17.52 -3.27 -13.32
CA GLY B 1 16.92 -1.97 -13.16
C GLY B 1 16.54 -1.38 -14.47
N ALA B 2 17.52 -0.94 -15.20
CA ALA B 2 17.31 -0.33 -16.50
C ALA B 2 17.56 -1.36 -17.59
N MET B 3 18.79 -1.86 -17.67
CA MET B 3 19.15 -2.84 -18.69
C MET B 3 18.53 -4.18 -18.35
N GLY B 4 17.61 -4.61 -19.19
CA GLY B 4 16.90 -5.85 -18.94
C GLY B 4 15.74 -5.63 -17.97
N MET B 5 15.64 -4.40 -17.48
CA MET B 5 14.64 -3.96 -16.52
C MET B 5 14.59 -4.85 -15.27
N SER B 6 13.59 -5.68 -15.23
CA SER B 6 13.26 -6.62 -14.18
C SER B 6 12.08 -7.36 -14.75
N HIS B 7 11.38 -8.14 -13.95
CA HIS B 7 10.14 -8.71 -14.43
C HIS B 7 9.17 -7.57 -14.62
N ILE B 8 8.57 -7.49 -15.80
CA ILE B 8 7.81 -6.33 -16.19
C ILE B 8 6.58 -6.08 -15.36
N GLN B 9 6.32 -4.83 -15.18
CA GLN B 9 5.32 -4.36 -14.28
C GLN B 9 3.95 -4.45 -14.87
N ILE B 10 3.06 -5.01 -14.12
CA ILE B 10 1.69 -4.95 -14.46
C ILE B 10 1.03 -3.82 -13.68
N PRO B 11 0.65 -2.73 -14.36
CA PRO B 11 -0.05 -1.65 -13.75
C PRO B 11 -1.54 -1.65 -14.12
N PRO B 12 -2.40 -2.34 -13.35
CA PRO B 12 -3.83 -2.44 -13.65
C PRO B 12 -4.58 -1.19 -13.22
N GLY B 13 -3.85 -0.28 -12.59
CA GLY B 13 -4.41 0.97 -12.14
C GLY B 13 -4.42 1.01 -10.66
N LEU B 14 -4.71 -0.16 -10.10
CA LEU B 14 -4.72 -0.37 -8.67
C LEU B 14 -3.35 -0.04 -8.08
N THR B 15 -2.33 -0.20 -8.89
CA THR B 15 -0.96 0.10 -8.54
C THR B 15 -0.77 1.60 -8.29
N GLU B 16 -1.44 2.44 -9.08
CA GLU B 16 -1.34 3.88 -8.94
C GLU B 16 -2.14 4.31 -7.73
N LEU B 17 -3.27 3.66 -7.52
CA LEU B 17 -4.06 3.91 -6.34
C LEU B 17 -3.29 3.48 -5.10
N LEU B 18 -2.71 2.30 -5.19
CA LEU B 18 -1.89 1.70 -4.14
C LEU B 18 -0.76 2.65 -3.77
N GLN B 19 -0.15 3.23 -4.79
CA GLN B 19 0.91 4.24 -4.65
C GLN B 19 0.39 5.38 -3.78
N GLY B 20 -0.67 6.02 -4.26
CA GLY B 20 -1.24 7.16 -3.56
C GLY B 20 -1.68 6.86 -2.16
N TYR B 21 -2.33 5.73 -1.97
CA TYR B 21 -2.86 5.38 -0.68
C TYR B 21 -1.80 4.91 0.31
N THR B 22 -0.78 4.20 -0.15
CA THR B 22 0.27 3.76 0.75
C THR B 22 1.09 4.97 1.21
N VAL B 23 1.25 5.93 0.33
CA VAL B 23 1.91 7.13 0.73
C VAL B 23 0.99 7.95 1.65
N GLU B 24 -0.30 7.85 1.44
CA GLU B 24 -1.25 8.58 2.25
C GLU B 24 -1.35 7.98 3.66
N VAL B 25 -1.22 6.63 3.77
CA VAL B 25 -1.16 5.99 5.10
C VAL B 25 0.10 6.52 5.81
N LEU B 26 1.17 6.60 5.03
CA LEU B 26 2.47 7.01 5.49
C LEU B 26 2.49 8.47 5.98
N ARG B 27 1.87 9.36 5.22
CA ARG B 27 1.85 10.77 5.56
C ARG B 27 0.94 11.07 6.75
N GLN B 28 -0.22 10.42 6.79
CA GLN B 28 -1.21 10.77 7.80
C GLN B 28 -1.01 10.04 9.12
N GLN B 29 -0.71 8.76 9.10
CA GLN B 29 -0.64 8.03 10.35
C GLN B 29 0.52 7.03 10.36
N PRO B 30 1.75 7.52 10.58
CA PRO B 30 2.95 6.65 10.65
C PRO B 30 2.89 5.49 11.71
N PRO B 31 2.40 5.72 13.01
CA PRO B 31 2.36 4.65 14.02
C PRO B 31 1.55 3.44 13.57
N ASP B 32 0.44 3.69 12.90
CA ASP B 32 -0.37 2.61 12.43
C ASP B 32 -0.99 3.00 11.13
N LEU B 33 -0.30 2.63 10.12
CA LEU B 33 -0.65 2.91 8.75
C LEU B 33 -1.94 2.18 8.39
N VAL B 34 -2.07 0.97 8.89
CA VAL B 34 -3.16 0.11 8.52
C VAL B 34 -4.49 0.50 9.16
N GLU B 35 -4.50 0.83 10.46
CA GLU B 35 -5.77 1.22 11.14
C GLU B 35 -6.41 2.40 10.42
N PHE B 36 -5.56 3.36 10.06
CA PHE B 36 -5.99 4.51 9.31
C PHE B 36 -6.54 4.07 7.97
N ALA B 37 -5.78 3.25 7.27
CA ALA B 37 -6.13 2.78 5.94
C ALA B 37 -7.42 2.01 5.93
N VAL B 38 -7.54 1.03 6.79
CA VAL B 38 -8.72 0.20 6.80
C VAL B 38 -9.97 1.01 7.14
N GLU B 39 -9.83 2.00 8.03
CA GLU B 39 -10.95 2.86 8.40
C GLU B 39 -11.31 3.73 7.16
N TYR B 40 -10.28 4.25 6.52
CA TYR B 40 -10.37 5.07 5.32
C TYR B 40 -11.10 4.30 4.22
N PHE B 41 -10.68 3.07 4.00
CA PHE B 41 -11.23 2.25 2.95
C PHE B 41 -12.59 1.69 3.23
N THR B 42 -12.92 1.44 4.48
CA THR B 42 -14.26 1.02 4.79
C THR B 42 -15.22 2.16 4.47
N ARG B 43 -14.74 3.38 4.68
CA ARG B 43 -15.48 4.58 4.32
C ARG B 43 -15.49 4.82 2.81
N LEU B 44 -14.45 4.37 2.11
CA LEU B 44 -14.43 4.44 0.64
C LEU B 44 -15.49 3.49 0.11
N ARG B 45 -15.58 2.32 0.73
CA ARG B 45 -16.57 1.30 0.42
C ARG B 45 -17.96 1.90 0.65
N GLU B 46 -18.10 2.58 1.78
CA GLU B 46 -19.34 3.26 2.16
C GLU B 46 -19.77 4.26 1.09
N ALA B 47 -18.82 5.07 0.64
CA ALA B 47 -19.08 6.07 -0.35
C ALA B 47 -19.43 5.45 -1.70
N ARG B 48 -18.65 4.50 -2.13
CA ARG B 48 -18.84 3.92 -3.43
C ARG B 48 -18.68 2.40 -3.43
N ALA B 49 -19.74 1.70 -3.13
CA ALA B 49 -19.73 0.26 -3.17
C ALA B 49 -20.44 -0.22 -4.43
N PRO B 50 -19.75 -0.96 -5.28
CA PRO B 50 -20.35 -1.55 -6.47
C PRO B 50 -20.97 -2.91 -6.13
N ALA B 51 -21.75 -3.44 -7.04
CA ALA B 51 -22.31 -4.76 -6.87
C ALA B 51 -21.26 -5.79 -7.29
N SER B 52 -20.69 -6.45 -6.34
CA SER B 52 -19.65 -7.44 -6.60
C SER B 52 -19.80 -8.64 -5.69
N ARG C 1 8.96 -13.48 -15.84
CA ARG C 1 8.99 -12.45 -16.86
C ARG C 1 7.99 -11.38 -16.51
N GLU C 2 6.94 -11.81 -15.86
CA GLU C 2 5.86 -10.95 -15.47
C GLU C 2 5.15 -11.55 -14.26
N THR C 3 5.61 -11.23 -13.08
CA THR C 3 4.90 -11.68 -11.92
C THR C 3 4.45 -10.51 -11.05
N ALA C 4 3.32 -10.73 -10.42
CA ALA C 4 2.72 -9.79 -9.53
C ALA C 4 3.52 -9.68 -8.29
N GLU C 5 4.12 -10.80 -7.91
CA GLU C 5 4.86 -10.93 -6.69
C GLU C 5 5.96 -9.88 -6.66
N GLU C 6 6.75 -9.87 -7.70
CA GLU C 6 7.89 -8.99 -7.76
C GLU C 6 7.52 -7.58 -8.13
N VAL C 7 6.52 -7.42 -8.98
CA VAL C 7 6.21 -6.06 -9.39
C VAL C 7 5.48 -5.31 -8.28
N SER C 8 4.43 -5.93 -7.70
CA SER C 8 3.72 -5.34 -6.59
C SER C 8 4.69 -5.09 -5.41
N ALA C 9 5.70 -5.98 -5.29
CA ALA C 9 6.75 -5.84 -4.28
C ALA C 9 7.47 -4.53 -4.46
N ARG C 10 7.86 -4.26 -5.70
CA ARG C 10 8.60 -3.06 -5.99
C ARG C 10 7.73 -1.85 -5.73
N ILE C 11 6.46 -1.96 -6.06
CA ILE C 11 5.51 -0.85 -5.92
C ILE C 11 5.44 -0.40 -4.48
N VAL C 12 5.15 -1.33 -3.58
CA VAL C 12 5.00 -1.00 -2.17
C VAL C 12 6.33 -0.52 -1.57
N GLN C 13 7.39 -1.08 -2.10
CA GLN C 13 8.72 -0.78 -1.67
C GLN C 13 9.11 0.64 -2.06
N VAL C 14 8.94 0.98 -3.32
CA VAL C 14 9.34 2.26 -3.81
C VAL C 14 8.49 3.36 -3.25
N VAL C 15 7.22 3.09 -3.05
CA VAL C 15 6.36 4.13 -2.54
C VAL C 15 6.66 4.43 -1.08
N THR C 16 6.99 3.42 -0.28
CA THR C 16 7.29 3.71 1.10
C THR C 16 8.67 4.30 1.24
N ALA C 17 9.63 3.72 0.54
CA ALA C 17 11.01 4.16 0.60
C ALA C 17 11.18 5.57 0.07
N GLU C 18 10.63 5.84 -1.09
CA GLU C 18 10.72 7.17 -1.67
C GLU C 18 9.95 8.19 -0.83
N ALA C 19 8.77 7.81 -0.31
CA ALA C 19 8.01 8.73 0.53
C ALA C 19 8.75 9.02 1.85
N VAL C 20 9.46 8.02 2.35
CA VAL C 20 10.33 8.21 3.51
C VAL C 20 11.43 9.21 3.16
N ALA C 21 11.90 9.16 1.95
CA ALA C 21 12.90 10.10 1.54
C ALA C 21 12.27 11.49 1.40
N VAL C 22 11.02 11.51 0.99
CA VAL C 22 10.25 12.74 0.89
C VAL C 22 10.14 13.43 2.27
N LEU C 23 10.16 12.65 3.37
CA LEU C 23 10.06 13.24 4.73
C LEU C 23 11.20 14.22 4.98
N LYS C 24 12.40 13.89 4.49
CA LYS C 24 13.58 14.72 4.71
C LYS C 24 13.58 15.87 3.70
N GLY C 25 12.77 15.72 2.68
CA GLY C 25 12.76 16.65 1.62
C GLY C 25 13.72 16.22 0.56
N GLU C 26 13.61 14.95 0.14
CA GLU C 26 14.48 14.39 -0.88
C GLU C 26 14.22 15.08 -2.21
N GLN C 27 12.97 15.48 -2.41
CA GLN C 27 12.56 16.20 -3.62
C GLN C 27 13.15 17.58 -3.55
N GLU C 28 12.93 18.16 -2.42
CA GLU C 28 13.38 19.50 -2.04
C GLU C 28 14.90 19.63 -2.05
N GLY A 1 13.63 12.86 19.60
CA GLY A 1 12.88 11.73 19.07
C GLY A 1 13.60 11.10 17.91
N ALA A 2 14.02 9.86 18.08
CA ALA A 2 14.76 9.14 17.05
C ALA A 2 13.87 8.78 15.88
N MET A 3 12.65 8.36 16.17
CA MET A 3 11.71 7.97 15.12
C MET A 3 10.41 8.71 15.26
N GLY A 4 9.88 9.14 14.14
CA GLY A 4 8.65 9.89 14.12
C GLY A 4 8.94 11.35 14.07
N MET A 5 10.05 11.69 14.63
CA MET A 5 10.55 13.01 14.64
C MET A 5 11.73 13.03 13.71
N SER A 6 11.60 13.76 12.61
CA SER A 6 12.65 13.92 11.58
C SER A 6 12.89 12.63 10.76
N HIS A 7 12.85 11.51 11.43
CA HIS A 7 13.12 10.24 10.83
C HIS A 7 11.89 9.41 10.82
N ILE A 8 11.23 9.42 9.73
CA ILE A 8 10.10 8.60 9.55
C ILE A 8 10.57 7.42 8.75
N GLN A 9 10.82 6.38 9.45
CA GLN A 9 11.26 5.17 8.86
C GLN A 9 10.20 4.15 9.07
N ILE A 10 9.86 3.42 8.06
CA ILE A 10 8.86 2.41 8.23
C ILE A 10 9.48 0.99 8.36
N PRO A 11 9.44 0.39 9.58
CA PRO A 11 9.94 -0.95 9.80
C PRO A 11 8.89 -2.01 10.30
N PRO A 12 7.52 -1.89 10.07
CA PRO A 12 6.57 -2.81 10.67
C PRO A 12 6.31 -4.05 9.82
N GLY A 13 7.05 -4.19 8.73
CA GLY A 13 6.81 -5.29 7.81
C GLY A 13 5.55 -5.03 7.01
N LEU A 14 5.20 -3.75 6.96
CA LEU A 14 4.00 -3.23 6.33
C LEU A 14 4.01 -3.65 4.87
N THR A 15 5.15 -3.42 4.27
CA THR A 15 5.40 -3.72 2.90
C THR A 15 5.32 -5.22 2.64
N GLU A 16 6.10 -5.97 3.40
CA GLU A 16 6.26 -7.42 3.24
C GLU A 16 4.92 -8.16 3.36
N LEU A 17 4.15 -7.80 4.36
CA LEU A 17 2.91 -8.46 4.61
C LEU A 17 1.91 -8.10 3.56
N LEU A 18 1.78 -6.81 3.30
CA LEU A 18 0.81 -6.39 2.32
C LEU A 18 1.17 -6.79 0.91
N GLN A 19 2.46 -6.80 0.55
CA GLN A 19 2.84 -7.27 -0.80
C GLN A 19 2.43 -8.73 -0.96
N GLY A 20 2.66 -9.55 0.08
CA GLY A 20 2.25 -10.94 0.02
C GLY A 20 0.74 -11.05 -0.14
N TYR A 21 0.03 -10.24 0.62
CA TYR A 21 -1.42 -10.24 0.58
C TYR A 21 -1.99 -9.72 -0.72
N THR A 22 -1.40 -8.67 -1.29
CA THR A 22 -1.92 -8.15 -2.55
C THR A 22 -1.72 -9.14 -3.66
N VAL A 23 -0.61 -9.88 -3.63
CA VAL A 23 -0.39 -10.93 -4.62
C VAL A 23 -1.50 -11.98 -4.48
N GLU A 24 -1.82 -12.32 -3.24
CA GLU A 24 -2.87 -13.28 -2.96
C GLU A 24 -4.22 -12.75 -3.41
N VAL A 25 -4.43 -11.46 -3.25
CA VAL A 25 -5.67 -10.84 -3.66
C VAL A 25 -5.78 -10.83 -5.20
N LEU A 26 -4.68 -10.56 -5.90
CA LEU A 26 -4.68 -10.62 -7.38
C LEU A 26 -5.01 -12.03 -7.86
N ARG A 27 -4.55 -13.02 -7.12
CA ARG A 27 -4.84 -14.43 -7.41
C ARG A 27 -6.31 -14.70 -7.10
N GLN A 28 -6.83 -13.97 -6.14
CA GLN A 28 -8.19 -14.06 -5.68
C GLN A 28 -9.17 -13.38 -6.65
N GLN A 29 -8.63 -12.57 -7.59
CA GLN A 29 -9.45 -11.88 -8.59
C GLN A 29 -10.45 -10.87 -7.98
N PRO A 30 -9.94 -9.77 -7.39
CA PRO A 30 -10.76 -8.79 -6.67
C PRO A 30 -11.83 -8.13 -7.57
N PRO A 31 -13.04 -7.90 -7.02
CA PRO A 31 -14.16 -7.30 -7.78
C PRO A 31 -13.88 -5.86 -8.23
N ASP A 32 -13.54 -4.99 -7.28
CA ASP A 32 -13.31 -3.57 -7.54
C ASP A 32 -12.25 -3.08 -6.58
N LEU A 33 -11.66 -1.92 -6.87
CA LEU A 33 -10.61 -1.28 -6.07
C LEU A 33 -10.98 -1.16 -4.63
N VAL A 34 -12.22 -0.78 -4.39
CA VAL A 34 -12.69 -0.57 -3.04
C VAL A 34 -12.56 -1.85 -2.19
N GLU A 35 -13.07 -2.96 -2.70
CA GLU A 35 -13.01 -4.21 -1.97
C GLU A 35 -11.61 -4.78 -1.98
N PHE A 36 -10.89 -4.53 -3.08
CA PHE A 36 -9.49 -4.94 -3.20
C PHE A 36 -8.67 -4.34 -2.07
N ALA A 37 -8.73 -3.02 -1.96
CA ALA A 37 -7.97 -2.32 -0.95
C ALA A 37 -8.39 -2.71 0.45
N VAL A 38 -9.70 -2.79 0.68
CA VAL A 38 -10.22 -3.18 1.98
C VAL A 38 -9.67 -4.52 2.41
N GLU A 39 -9.84 -5.54 1.57
CA GLU A 39 -9.43 -6.91 1.87
C GLU A 39 -7.91 -7.01 2.09
N TYR A 40 -7.18 -6.35 1.24
CA TYR A 40 -5.72 -6.35 1.27
C TYR A 40 -5.14 -5.83 2.62
N PHE A 41 -5.55 -4.62 2.98
CA PHE A 41 -5.05 -4.01 4.20
C PHE A 41 -5.60 -4.80 5.39
N THR A 42 -6.85 -5.23 5.22
CA THR A 42 -7.55 -6.08 6.17
C THR A 42 -6.76 -7.34 6.48
N ARG A 43 -6.10 -7.92 5.50
CA ARG A 43 -5.36 -9.10 5.76
C ARG A 43 -4.10 -8.84 6.57
N LEU A 44 -3.45 -7.66 6.43
CA LEU A 44 -2.32 -7.40 7.38
C LEU A 44 -2.89 -7.20 8.77
N ARG A 45 -3.94 -6.43 8.81
CA ARG A 45 -4.67 -6.08 10.04
C ARG A 45 -5.11 -7.37 10.76
N GLU A 46 -5.51 -8.36 10.00
CA GLU A 46 -5.96 -9.63 10.51
C GLU A 46 -4.78 -10.48 10.97
N ALA A 47 -3.64 -10.30 10.33
CA ALA A 47 -2.44 -11.06 10.65
C ALA A 47 -1.90 -10.67 12.01
N ARG A 48 -1.95 -9.39 12.28
CA ARG A 48 -1.47 -8.88 13.55
C ARG A 48 -2.56 -8.89 14.61
N ALA A 49 -3.78 -8.57 14.20
CA ALA A 49 -4.93 -8.42 15.09
C ALA A 49 -4.65 -7.33 16.13
N PRO A 50 -4.87 -6.06 15.76
CA PRO A 50 -4.59 -4.94 16.66
C PRO A 50 -5.61 -4.84 17.77
N ALA A 51 -6.86 -5.23 17.44
CA ALA A 51 -8.01 -5.23 18.33
C ALA A 51 -8.44 -3.84 18.77
N SER A 52 -7.53 -3.07 19.30
CA SER A 52 -7.78 -1.74 19.73
C SER A 52 -6.55 -0.89 19.47
N GLY B 1 19.47 -10.52 -21.03
CA GLY B 1 18.03 -10.64 -20.97
C GLY B 1 17.42 -9.55 -20.15
N ALA B 2 18.13 -8.45 -20.01
CA ALA B 2 17.64 -7.30 -19.29
C ALA B 2 17.33 -6.18 -20.27
N MET B 3 16.07 -6.06 -20.62
CA MET B 3 15.64 -5.07 -21.60
C MET B 3 14.14 -4.83 -21.47
N GLY B 4 13.70 -3.63 -21.72
CA GLY B 4 12.31 -3.31 -21.66
C GLY B 4 12.10 -1.83 -21.78
N MET B 5 10.88 -1.42 -22.04
CA MET B 5 10.56 0.01 -22.15
C MET B 5 10.63 0.58 -20.75
N SER B 6 10.00 -0.12 -19.87
CA SER B 6 9.94 0.11 -18.46
C SER B 6 9.35 -1.16 -17.93
N HIS B 7 9.55 -1.47 -16.67
CA HIS B 7 8.91 -2.64 -16.14
C HIS B 7 7.42 -2.45 -16.05
N ILE B 8 6.70 -3.39 -16.59
CA ILE B 8 5.27 -3.29 -16.69
C ILE B 8 4.62 -3.41 -15.33
N GLN B 9 3.48 -2.81 -15.21
CA GLN B 9 2.73 -2.88 -14.00
C GLN B 9 1.41 -3.55 -14.30
N ILE B 10 1.20 -4.65 -13.67
CA ILE B 10 -0.02 -5.41 -13.79
C ILE B 10 -1.12 -4.73 -12.98
N PRO B 11 -2.43 -4.91 -13.38
CA PRO B 11 -3.57 -4.13 -12.97
C PRO B 11 -3.28 -2.81 -12.27
N PRO B 12 -3.05 -1.76 -13.08
CA PRO B 12 -2.72 -0.45 -12.59
C PRO B 12 -3.94 0.32 -12.15
N GLY B 13 -3.74 1.22 -11.24
CA GLY B 13 -4.81 2.06 -10.75
C GLY B 13 -5.01 1.80 -9.31
N LEU B 14 -5.01 0.52 -8.97
CA LEU B 14 -5.04 0.12 -7.58
C LEU B 14 -3.74 0.57 -6.94
N THR B 15 -2.71 0.59 -7.76
CA THR B 15 -1.40 1.00 -7.41
C THR B 15 -1.33 2.50 -7.16
N GLU B 16 -2.14 3.25 -7.88
CA GLU B 16 -2.19 4.70 -7.74
C GLU B 16 -2.84 5.04 -6.41
N LEU B 17 -3.94 4.36 -6.12
CA LEU B 17 -4.64 4.56 -4.85
C LEU B 17 -3.74 4.10 -3.71
N LEU B 18 -3.12 2.95 -3.93
CA LEU B 18 -2.18 2.37 -3.00
C LEU B 18 -1.02 3.33 -2.74
N GLN B 19 -0.50 3.91 -3.80
CA GLN B 19 0.61 4.85 -3.76
C GLN B 19 0.30 6.00 -2.84
N GLY B 20 -0.72 6.76 -3.19
CA GLY B 20 -1.05 7.97 -2.47
C GLY B 20 -1.41 7.70 -1.03
N TYR B 21 -2.26 6.73 -0.81
CA TYR B 21 -2.75 6.44 0.49
C TYR B 21 -1.79 5.70 1.43
N THR B 22 -0.92 4.85 0.87
CA THR B 22 0.11 4.23 1.70
C THR B 22 1.12 5.33 2.11
N VAL B 23 1.31 6.29 1.23
CA VAL B 23 2.13 7.41 1.60
C VAL B 23 1.40 8.24 2.67
N GLU B 24 0.08 8.26 2.62
CA GLU B 24 -0.71 8.96 3.61
C GLU B 24 -0.57 8.26 4.97
N VAL B 25 -0.53 6.91 4.99
CA VAL B 25 -0.34 6.19 6.27
C VAL B 25 1.01 6.60 6.87
N LEU B 26 2.01 6.70 6.00
CA LEU B 26 3.36 7.06 6.40
C LEU B 26 3.46 8.56 6.75
N ARG B 27 2.69 9.36 6.07
CA ARG B 27 2.65 10.79 6.32
C ARG B 27 1.93 11.09 7.63
N GLN B 28 0.94 10.30 7.94
CA GLN B 28 0.17 10.49 9.15
C GLN B 28 0.87 9.90 10.36
N GLN B 29 1.42 8.70 10.19
CA GLN B 29 2.02 7.91 11.26
C GLN B 29 1.07 7.75 12.46
N PRO B 30 0.05 6.90 12.32
CA PRO B 30 -0.89 6.58 13.39
C PRO B 30 -0.36 5.37 14.18
N PRO B 31 -1.04 4.89 15.25
CA PRO B 31 -0.63 3.67 15.97
C PRO B 31 -0.53 2.50 14.98
N ASP B 32 -1.58 2.30 14.23
CA ASP B 32 -1.60 1.29 13.18
C ASP B 32 -1.77 2.00 11.85
N LEU B 33 -0.85 1.76 10.93
CA LEU B 33 -0.87 2.38 9.60
C LEU B 33 -2.04 1.81 8.80
N VAL B 34 -2.23 0.54 8.99
CA VAL B 34 -3.16 -0.22 8.25
C VAL B 34 -4.60 0.14 8.58
N GLU B 35 -4.93 0.23 9.86
CA GLU B 35 -6.30 0.57 10.24
C GLU B 35 -6.69 1.93 9.70
N PHE B 36 -5.74 2.85 9.62
CA PHE B 36 -5.97 4.16 9.04
C PHE B 36 -6.36 3.99 7.57
N ALA B 37 -5.60 3.16 6.87
CA ALA B 37 -5.86 2.87 5.47
C ALA B 37 -7.20 2.13 5.30
N VAL B 38 -7.45 1.14 6.17
CA VAL B 38 -8.70 0.37 6.15
C VAL B 38 -9.89 1.29 6.32
N GLU B 39 -9.81 2.18 7.30
CA GLU B 39 -10.87 3.14 7.53
C GLU B 39 -11.12 4.01 6.32
N TYR B 40 -10.05 4.45 5.69
CA TYR B 40 -10.20 5.26 4.51
C TYR B 40 -10.77 4.44 3.33
N PHE B 41 -10.25 3.26 3.10
CA PHE B 41 -10.71 2.46 2.00
C PHE B 41 -12.09 1.87 2.20
N THR B 42 -12.48 1.69 3.44
CA THR B 42 -13.84 1.28 3.73
C THR B 42 -14.78 2.45 3.46
N ARG B 43 -14.27 3.66 3.70
CA ARG B 43 -15.00 4.88 3.37
C ARG B 43 -15.14 4.96 1.85
N LEU B 44 -14.05 4.63 1.13
CA LEU B 44 -14.05 4.59 -0.33
C LEU B 44 -15.11 3.59 -0.81
N ARG B 45 -15.17 2.45 -0.13
CA ARG B 45 -16.15 1.43 -0.45
C ARG B 45 -17.56 1.95 -0.24
N GLU B 46 -17.76 2.62 0.86
CA GLU B 46 -19.05 3.19 1.22
C GLU B 46 -19.45 4.28 0.21
N ALA B 47 -18.45 4.96 -0.32
CA ALA B 47 -18.66 5.99 -1.29
C ALA B 47 -19.11 5.42 -2.63
N ARG B 48 -18.54 4.30 -3.02
CA ARG B 48 -18.83 3.69 -4.30
C ARG B 48 -20.03 2.76 -4.25
N ALA B 49 -20.22 2.12 -3.13
CA ALA B 49 -21.35 1.24 -2.95
C ALA B 49 -22.61 2.05 -2.73
N PRO B 50 -23.78 1.54 -3.12
CA PRO B 50 -25.04 2.21 -2.84
C PRO B 50 -25.26 2.29 -1.32
N ALA B 51 -25.03 3.43 -0.77
CA ALA B 51 -25.15 3.63 0.65
C ALA B 51 -26.54 4.12 1.00
N SER B 52 -26.95 3.89 2.21
CA SER B 52 -28.27 4.27 2.64
C SER B 52 -28.30 4.44 4.16
N ARG C 1 8.84 -8.03 -12.23
CA ARG C 1 9.02 -7.43 -13.54
C ARG C 1 7.68 -7.44 -14.22
N GLU C 2 7.20 -8.63 -14.41
CA GLU C 2 5.94 -8.93 -15.02
C GLU C 2 5.13 -9.80 -14.08
N THR C 3 5.75 -10.16 -13.00
CA THR C 3 5.18 -11.08 -12.07
C THR C 3 4.51 -10.29 -10.96
N ALA C 4 3.44 -10.82 -10.37
CA ALA C 4 2.67 -10.07 -9.38
C ALA C 4 3.46 -9.85 -8.15
N GLU C 5 4.14 -10.89 -7.72
CA GLU C 5 4.97 -10.83 -6.54
C GLU C 5 5.99 -9.70 -6.65
N GLU C 6 6.69 -9.65 -7.75
CA GLU C 6 7.74 -8.66 -7.96
C GLU C 6 7.18 -7.27 -8.26
N VAL C 7 6.08 -7.20 -8.98
CA VAL C 7 5.50 -5.91 -9.32
C VAL C 7 4.90 -5.27 -8.09
N SER C 8 4.00 -5.97 -7.43
CA SER C 8 3.39 -5.49 -6.21
C SER C 8 4.44 -5.16 -5.13
N ALA C 9 5.52 -5.96 -5.08
CA ALA C 9 6.62 -5.72 -4.15
C ALA C 9 7.27 -4.40 -4.47
N ARG C 10 7.49 -4.18 -5.76
CA ARG C 10 8.11 -2.98 -6.27
C ARG C 10 7.32 -1.78 -5.82
N ILE C 11 6.01 -1.87 -6.00
CA ILE C 11 5.10 -0.76 -5.72
C ILE C 11 5.14 -0.40 -4.26
N VAL C 12 4.89 -1.38 -3.41
CA VAL C 12 4.79 -1.10 -1.99
C VAL C 12 6.16 -0.63 -1.44
N GLN C 13 7.21 -1.17 -2.04
CA GLN C 13 8.56 -0.84 -1.66
C GLN C 13 8.89 0.58 -2.06
N VAL C 14 8.64 0.93 -3.31
CA VAL C 14 8.98 2.25 -3.78
C VAL C 14 8.15 3.29 -3.11
N VAL C 15 6.85 3.04 -2.93
CA VAL C 15 6.00 4.05 -2.33
C VAL C 15 6.41 4.32 -0.88
N THR C 16 6.82 3.29 -0.14
CA THR C 16 7.22 3.52 1.22
C THR C 16 8.63 4.11 1.31
N ALA C 17 9.56 3.56 0.54
CA ALA C 17 10.95 4.02 0.56
C ALA C 17 11.04 5.46 0.09
N GLU C 18 10.36 5.73 -1.01
CA GLU C 18 10.34 7.06 -1.55
C GLU C 18 9.66 8.02 -0.63
N ALA C 19 8.57 7.61 0.01
CA ALA C 19 7.87 8.49 0.97
C ALA C 19 8.76 8.81 2.17
N VAL C 20 9.50 7.80 2.64
CA VAL C 20 10.48 7.97 3.70
C VAL C 20 11.50 9.03 3.27
N ALA C 21 11.83 9.04 2.00
CA ALA C 21 12.71 10.03 1.46
C ALA C 21 11.99 11.38 1.27
N VAL C 22 10.70 11.32 0.92
CA VAL C 22 9.86 12.51 0.69
C VAL C 22 9.85 13.41 1.91
N LEU C 23 10.01 12.83 3.10
CA LEU C 23 10.07 13.62 4.33
C LEU C 23 11.14 14.74 4.24
N LYS C 24 12.25 14.48 3.52
CA LYS C 24 13.36 15.44 3.42
C LYS C 24 13.10 16.39 2.26
N GLY C 25 12.13 16.04 1.43
CA GLY C 25 11.89 16.76 0.23
C GLY C 25 12.54 16.07 -0.94
N GLU C 26 12.60 14.73 -0.89
CA GLU C 26 13.21 13.96 -1.98
C GLU C 26 12.24 13.92 -3.16
N GLN C 27 10.95 14.14 -2.84
CA GLN C 27 9.82 14.15 -3.78
C GLN C 27 9.82 13.03 -4.82
N GLU C 28 9.96 11.82 -4.33
CA GLU C 28 9.97 10.63 -5.16
C GLU C 28 8.67 9.85 -4.98
N GLY A 1 20.17 16.55 15.04
CA GLY A 1 20.00 16.51 13.58
C GLY A 1 20.85 15.42 12.97
N ALA A 2 20.60 15.13 11.69
CA ALA A 2 21.33 14.14 10.86
C ALA A 2 21.06 12.69 11.28
N MET A 3 21.31 12.39 12.52
CA MET A 3 21.11 11.04 13.05
C MET A 3 19.64 10.71 13.22
N GLY A 4 18.82 11.73 13.29
CA GLY A 4 17.40 11.51 13.40
C GLY A 4 16.70 12.01 12.18
N MET A 5 17.29 11.70 11.04
CA MET A 5 16.79 12.10 9.76
C MET A 5 15.43 11.47 9.50
N SER A 6 15.38 10.16 9.63
CA SER A 6 14.17 9.45 9.41
C SER A 6 13.22 9.57 10.61
N HIS A 7 12.35 10.55 10.53
CA HIS A 7 11.32 10.80 11.51
C HIS A 7 10.19 9.88 11.23
N ILE A 8 9.95 9.74 9.99
CA ILE A 8 8.93 8.89 9.49
C ILE A 8 9.53 7.56 9.17
N GLN A 9 9.30 6.65 10.04
CA GLN A 9 9.76 5.31 9.89
C GLN A 9 8.57 4.40 9.69
N ILE A 10 8.52 3.75 8.56
CA ILE A 10 7.44 2.87 8.29
C ILE A 10 7.74 1.41 8.69
N PRO A 11 6.96 0.88 9.67
CA PRO A 11 7.10 -0.49 10.17
C PRO A 11 7.30 -1.55 9.10
N PRO A 12 8.42 -2.28 9.17
CA PRO A 12 8.68 -3.40 8.28
C PRO A 12 7.57 -4.41 8.42
N GLY A 13 7.17 -4.97 7.33
CA GLY A 13 6.08 -5.89 7.37
C GLY A 13 4.88 -5.29 6.70
N LEU A 14 4.75 -3.95 6.75
CA LEU A 14 3.66 -3.23 6.07
C LEU A 14 3.68 -3.64 4.61
N THR A 15 4.85 -3.54 4.06
CA THR A 15 5.12 -3.86 2.71
C THR A 15 4.88 -5.35 2.45
N GLU A 16 5.55 -6.18 3.22
CA GLU A 16 5.58 -7.63 3.04
C GLU A 16 4.20 -8.28 3.13
N LEU A 17 3.45 -7.90 4.14
CA LEU A 17 2.15 -8.48 4.34
C LEU A 17 1.15 -7.98 3.31
N LEU A 18 1.16 -6.66 3.06
CA LEU A 18 0.20 -6.15 2.12
C LEU A 18 0.57 -6.48 0.68
N GLN A 19 1.87 -6.63 0.37
CA GLN A 19 2.27 -7.05 -0.97
C GLN A 19 1.83 -8.48 -1.21
N GLY A 20 2.11 -9.36 -0.26
CA GLY A 20 1.76 -10.77 -0.42
C GLY A 20 0.29 -10.97 -0.62
N TYR A 21 -0.51 -10.22 0.12
CA TYR A 21 -1.92 -10.39 0.04
C TYR A 21 -2.48 -9.67 -1.19
N THR A 22 -1.90 -8.53 -1.57
CA THR A 22 -2.36 -7.84 -2.73
C THR A 22 -2.04 -8.69 -3.99
N VAL A 23 -0.90 -9.37 -3.96
CA VAL A 23 -0.51 -10.28 -5.03
C VAL A 23 -1.49 -11.44 -5.11
N GLU A 24 -1.97 -11.86 -3.95
CA GLU A 24 -2.87 -12.97 -3.86
C GLU A 24 -4.22 -12.58 -4.45
N VAL A 25 -4.68 -11.38 -4.11
CA VAL A 25 -5.95 -10.91 -4.57
C VAL A 25 -5.87 -10.50 -6.06
N LEU A 26 -4.73 -9.97 -6.51
CA LEU A 26 -4.51 -9.68 -7.95
C LEU A 26 -4.56 -10.95 -8.75
N ARG A 27 -4.14 -12.03 -8.14
CA ARG A 27 -4.19 -13.36 -8.75
C ARG A 27 -5.66 -13.83 -8.77
N GLN A 28 -6.42 -13.35 -7.79
CA GLN A 28 -7.86 -13.63 -7.62
C GLN A 28 -8.73 -12.83 -8.59
N GLN A 29 -8.12 -11.86 -9.32
CA GLN A 29 -8.88 -10.98 -10.24
C GLN A 29 -9.91 -10.10 -9.48
N PRO A 30 -9.40 -9.12 -8.67
CA PRO A 30 -10.25 -8.30 -7.76
C PRO A 30 -11.46 -7.66 -8.46
N PRO A 31 -12.63 -7.71 -7.80
CA PRO A 31 -13.90 -7.22 -8.37
C PRO A 31 -14.01 -5.70 -8.41
N ASP A 32 -13.41 -5.04 -7.45
CA ASP A 32 -13.50 -3.60 -7.29
C ASP A 32 -12.45 -3.16 -6.31
N LEU A 33 -12.07 -1.90 -6.35
CA LEU A 33 -11.09 -1.33 -5.44
C LEU A 33 -11.51 -1.49 -4.00
N VAL A 34 -12.80 -1.34 -3.73
CA VAL A 34 -13.30 -1.44 -2.36
C VAL A 34 -13.03 -2.79 -1.72
N GLU A 35 -13.37 -3.86 -2.41
CA GLU A 35 -13.20 -5.20 -1.88
C GLU A 35 -11.71 -5.50 -1.74
N PHE A 36 -11.00 -5.18 -2.79
CA PHE A 36 -9.57 -5.37 -2.89
C PHE A 36 -8.81 -4.68 -1.76
N ALA A 37 -9.03 -3.38 -1.63
CA ALA A 37 -8.29 -2.59 -0.69
C ALA A 37 -8.61 -2.92 0.72
N VAL A 38 -9.91 -2.97 1.02
CA VAL A 38 -10.34 -3.25 2.37
C VAL A 38 -9.78 -4.56 2.85
N GLU A 39 -9.98 -5.60 2.08
CA GLU A 39 -9.61 -6.91 2.54
C GLU A 39 -8.09 -7.13 2.62
N TYR A 40 -7.28 -6.48 1.76
CA TYR A 40 -5.84 -6.68 1.92
C TYR A 40 -5.28 -5.95 3.14
N PHE A 41 -5.75 -4.71 3.35
CA PHE A 41 -5.29 -3.92 4.51
C PHE A 41 -5.77 -4.62 5.77
N THR A 42 -7.00 -5.11 5.69
CA THR A 42 -7.63 -5.88 6.73
C THR A 42 -6.76 -7.07 7.12
N ARG A 43 -6.17 -7.74 6.13
CA ARG A 43 -5.31 -8.87 6.37
C ARG A 43 -4.11 -8.49 7.23
N LEU A 44 -3.46 -7.34 6.93
CA LEU A 44 -2.30 -6.98 7.77
C LEU A 44 -2.77 -6.64 9.16
N ARG A 45 -3.78 -5.81 9.25
CA ARG A 45 -4.28 -5.37 10.55
C ARG A 45 -4.72 -6.59 11.41
N GLU A 46 -5.24 -7.62 10.74
CA GLU A 46 -5.65 -8.87 11.38
C GLU A 46 -4.41 -9.62 11.88
N ALA A 47 -3.32 -9.51 11.15
CA ALA A 47 -2.10 -10.19 11.49
C ALA A 47 -1.38 -9.50 12.65
N ARG A 48 -1.37 -8.18 12.65
CA ARG A 48 -0.64 -7.43 13.67
C ARG A 48 -1.50 -7.24 14.92
N ALA A 49 -2.79 -7.46 14.79
CA ALA A 49 -3.71 -7.39 15.88
C ALA A 49 -4.83 -8.41 15.69
N PRO A 50 -4.57 -9.69 16.06
CA PRO A 50 -5.58 -10.76 15.94
C PRO A 50 -6.79 -10.51 16.84
N ALA A 51 -6.58 -9.82 17.93
CA ALA A 51 -7.66 -9.42 18.79
C ALA A 51 -7.82 -7.93 18.69
N SER A 52 -8.51 -7.51 17.70
CA SER A 52 -8.73 -6.11 17.40
C SER A 52 -10.16 -5.73 17.71
N GLY B 1 18.39 1.26 -19.36
CA GLY B 1 18.82 0.44 -20.48
C GLY B 1 18.10 -0.87 -20.50
N ALA B 2 17.54 -1.23 -19.38
CA ALA B 2 16.76 -2.42 -19.27
C ALA B 2 15.31 -2.05 -19.49
N MET B 3 14.86 -2.17 -20.72
CA MET B 3 13.50 -1.82 -21.07
C MET B 3 12.61 -3.05 -21.04
N GLY B 4 13.08 -4.12 -21.68
CA GLY B 4 12.33 -5.35 -21.71
C GLY B 4 13.13 -6.50 -21.18
N MET B 5 14.22 -6.17 -20.50
CA MET B 5 15.10 -7.17 -19.90
C MET B 5 14.53 -7.60 -18.57
N SER B 6 13.77 -6.71 -18.02
CA SER B 6 13.05 -6.91 -16.82
C SER B 6 11.59 -7.04 -17.18
N HIS B 7 10.81 -7.69 -16.36
CA HIS B 7 9.41 -7.81 -16.65
C HIS B 7 8.70 -6.52 -16.35
N ILE B 8 7.81 -6.16 -17.22
CA ILE B 8 7.14 -4.90 -17.12
C ILE B 8 6.18 -4.79 -15.94
N GLN B 9 6.13 -3.61 -15.40
CA GLN B 9 5.32 -3.31 -14.26
C GLN B 9 3.87 -3.17 -14.65
N ILE B 10 3.04 -3.95 -14.02
CA ILE B 10 1.62 -3.94 -14.27
C ILE B 10 0.92 -2.95 -13.35
N PRO B 11 0.41 -1.83 -13.90
CA PRO B 11 -0.32 -0.85 -13.14
C PRO B 11 -1.84 -0.88 -13.46
N PRO B 12 -2.63 -1.72 -12.75
CA PRO B 12 -4.08 -1.82 -12.99
C PRO B 12 -4.84 -0.65 -12.36
N GLY B 13 -4.10 0.26 -11.77
CA GLY B 13 -4.66 1.47 -11.22
C GLY B 13 -4.65 1.40 -9.74
N LEU B 14 -4.87 0.20 -9.26
CA LEU B 14 -4.84 -0.10 -7.86
C LEU B 14 -3.48 0.25 -7.25
N THR B 15 -2.43 0.15 -8.07
CA THR B 15 -1.08 0.45 -7.68
C THR B 15 -0.91 1.96 -7.46
N GLU B 16 -1.67 2.73 -8.19
CA GLU B 16 -1.63 4.18 -8.14
C GLU B 16 -2.37 4.63 -6.88
N LEU B 17 -3.49 3.95 -6.60
CA LEU B 17 -4.24 4.17 -5.35
C LEU B 17 -3.38 3.76 -4.17
N LEU B 18 -2.77 2.60 -4.30
CA LEU B 18 -1.90 2.01 -3.30
C LEU B 18 -0.76 2.98 -3.01
N GLN B 19 -0.16 3.54 -4.06
CA GLN B 19 0.92 4.51 -3.91
C GLN B 19 0.45 5.71 -3.10
N GLY B 20 -0.65 6.30 -3.53
CA GLY B 20 -1.18 7.48 -2.88
C GLY B 20 -1.49 7.25 -1.42
N TYR B 21 -2.25 6.21 -1.15
CA TYR B 21 -2.68 5.94 0.20
C TYR B 21 -1.58 5.41 1.10
N THR B 22 -0.64 4.68 0.55
CA THR B 22 0.50 4.26 1.34
C THR B 22 1.35 5.50 1.73
N VAL B 23 1.36 6.53 0.89
CA VAL B 23 2.05 7.74 1.27
C VAL B 23 1.25 8.47 2.34
N GLU B 24 -0.08 8.39 2.27
CA GLU B 24 -0.93 8.98 3.28
C GLU B 24 -0.60 8.39 4.66
N VAL B 25 -0.52 7.05 4.71
CA VAL B 25 -0.20 6.36 5.96
C VAL B 25 1.20 6.76 6.45
N LEU B 26 2.14 6.84 5.52
CA LEU B 26 3.50 7.17 5.82
C LEU B 26 3.63 8.62 6.32
N ARG B 27 3.07 9.54 5.58
CA ARG B 27 3.16 10.97 5.88
C ARG B 27 2.54 11.32 7.23
N GLN B 28 1.39 10.73 7.51
CA GLN B 28 0.68 11.04 8.74
C GLN B 28 1.26 10.28 9.93
N GLN B 29 1.98 9.21 9.63
CA GLN B 29 2.60 8.29 10.61
C GLN B 29 1.73 7.93 11.84
N PRO B 30 0.59 7.26 11.64
CA PRO B 30 -0.22 6.79 12.75
C PRO B 30 0.39 5.50 13.34
N PRO B 31 0.04 5.15 14.60
CA PRO B 31 0.53 3.92 15.27
C PRO B 31 0.09 2.64 14.54
N ASP B 32 -0.86 2.80 13.66
CA ASP B 32 -1.32 1.75 12.81
C ASP B 32 -1.59 2.39 11.46
N LEU B 33 -0.71 2.13 10.51
CA LEU B 33 -0.78 2.71 9.17
C LEU B 33 -2.02 2.19 8.48
N VAL B 34 -2.21 0.92 8.67
CA VAL B 34 -3.27 0.21 8.07
C VAL B 34 -4.61 0.69 8.60
N GLU B 35 -4.65 1.07 9.86
CA GLU B 35 -5.86 1.62 10.48
C GLU B 35 -6.41 2.77 9.68
N PHE B 36 -5.55 3.72 9.36
CA PHE B 36 -5.96 4.89 8.61
C PHE B 36 -6.40 4.47 7.21
N ALA B 37 -5.63 3.60 6.58
CA ALA B 37 -5.94 3.17 5.23
C ALA B 37 -7.24 2.38 5.16
N VAL B 38 -7.39 1.42 6.05
CA VAL B 38 -8.56 0.57 6.07
C VAL B 38 -9.79 1.38 6.44
N GLU B 39 -9.61 2.39 7.29
CA GLU B 39 -10.72 3.28 7.66
C GLU B 39 -11.22 3.99 6.39
N TYR B 40 -10.29 4.53 5.61
CA TYR B 40 -10.66 5.20 4.38
C TYR B 40 -11.31 4.20 3.41
N PHE B 41 -10.70 3.06 3.23
CA PHE B 41 -11.26 2.11 2.32
C PHE B 41 -12.58 1.48 2.78
N THR B 42 -12.79 1.33 4.08
CA THR B 42 -14.05 0.80 4.59
C THR B 42 -15.19 1.78 4.35
N ARG B 43 -14.92 3.06 4.53
CA ARG B 43 -15.92 4.09 4.26
C ARG B 43 -16.16 4.20 2.75
N LEU B 44 -15.10 3.97 1.97
CA LEU B 44 -15.20 3.92 0.50
C LEU B 44 -16.11 2.77 0.11
N ARG B 45 -15.87 1.62 0.75
CA ARG B 45 -16.62 0.40 0.51
C ARG B 45 -18.08 0.60 0.85
N GLU B 46 -18.34 1.23 1.99
CA GLU B 46 -19.70 1.46 2.46
C GLU B 46 -20.45 2.41 1.51
N ALA B 47 -19.71 3.31 0.89
CA ALA B 47 -20.30 4.26 -0.03
C ALA B 47 -20.62 3.59 -1.38
N ARG B 48 -19.62 2.94 -1.96
CA ARG B 48 -19.76 2.29 -3.26
C ARG B 48 -20.62 1.02 -3.19
N ALA B 49 -20.53 0.34 -2.09
CA ALA B 49 -21.35 -0.83 -1.83
C ALA B 49 -22.13 -0.55 -0.56
N PRO B 50 -23.37 -0.03 -0.71
CA PRO B 50 -24.22 0.39 0.41
C PRO B 50 -24.33 -0.65 1.53
N ALA B 51 -23.84 -0.27 2.68
CA ALA B 51 -23.86 -1.08 3.87
C ALA B 51 -24.05 -0.17 5.05
N SER B 52 -24.07 -0.70 6.22
CA SER B 52 -24.23 0.10 7.41
C SER B 52 -22.88 0.33 8.09
N ARG C 1 8.03 -12.87 -18.25
CA ARG C 1 6.73 -12.25 -18.18
C ARG C 1 6.52 -11.63 -16.81
N GLU C 2 5.49 -10.86 -16.67
CA GLU C 2 5.27 -10.10 -15.47
C GLU C 2 4.52 -10.90 -14.42
N THR C 3 4.91 -10.76 -13.21
CA THR C 3 4.19 -11.33 -12.14
C THR C 3 3.76 -10.23 -11.22
N ALA C 4 2.64 -10.42 -10.59
CA ALA C 4 2.13 -9.46 -9.66
C ALA C 4 2.93 -9.48 -8.43
N GLU C 5 3.53 -10.62 -8.18
CA GLU C 5 4.28 -10.84 -7.00
C GLU C 5 5.42 -9.85 -6.90
N GLU C 6 6.19 -9.82 -7.95
CA GLU C 6 7.36 -9.02 -7.96
C GLU C 6 7.00 -7.57 -8.21
N VAL C 7 6.01 -7.35 -9.08
CA VAL C 7 5.60 -6.00 -9.38
C VAL C 7 4.99 -5.31 -8.16
N SER C 8 3.98 -5.91 -7.55
CA SER C 8 3.33 -5.34 -6.37
C SER C 8 4.33 -5.15 -5.23
N ALA C 9 5.30 -6.07 -5.14
CA ALA C 9 6.36 -5.97 -4.15
C ALA C 9 7.15 -4.70 -4.38
N ARG C 10 7.43 -4.41 -5.63
CA ARG C 10 8.20 -3.27 -6.02
C ARG C 10 7.44 -2.01 -5.69
N ILE C 11 6.14 -2.05 -5.91
CA ILE C 11 5.26 -0.89 -5.71
C ILE C 11 5.26 -0.46 -4.27
N VAL C 12 4.96 -1.41 -3.38
CA VAL C 12 4.82 -1.08 -1.96
C VAL C 12 6.19 -0.74 -1.36
N GLN C 13 7.21 -1.38 -1.91
CA GLN C 13 8.55 -1.19 -1.46
C GLN C 13 9.06 0.18 -1.84
N VAL C 14 8.87 0.57 -3.09
CA VAL C 14 9.36 1.84 -3.52
C VAL C 14 8.61 2.95 -2.87
N VAL C 15 7.29 2.82 -2.79
CA VAL C 15 6.49 3.89 -2.21
C VAL C 15 6.88 4.13 -0.76
N THR C 16 7.15 3.09 -0.01
CA THR C 16 7.55 3.30 1.36
C THR C 16 8.98 3.82 1.47
N ALA C 17 9.88 3.32 0.63
CA ALA C 17 11.27 3.71 0.74
C ALA C 17 11.48 5.12 0.20
N GLU C 18 10.98 5.38 -0.97
CA GLU C 18 11.16 6.68 -1.53
C GLU C 18 10.32 7.78 -0.88
N ALA C 19 9.14 7.44 -0.34
CA ALA C 19 8.36 8.44 0.39
C ALA C 19 9.01 8.73 1.76
N VAL C 20 9.71 7.72 2.32
CA VAL C 20 10.53 7.95 3.52
C VAL C 20 11.65 8.91 3.18
N ALA C 21 12.13 8.85 1.97
CA ALA C 21 13.14 9.75 1.55
C ALA C 21 12.52 11.13 1.29
N VAL C 22 11.31 11.14 0.77
CA VAL C 22 10.54 12.36 0.54
C VAL C 22 10.37 13.17 1.84
N LEU C 23 10.34 12.49 3.01
CA LEU C 23 10.16 13.19 4.30
C LEU C 23 11.19 14.31 4.52
N LYS C 24 12.41 14.12 4.02
CA LYS C 24 13.47 15.11 4.19
C LYS C 24 13.43 16.08 3.02
N GLY C 25 12.79 15.65 1.96
CA GLY C 25 12.81 16.36 0.74
C GLY C 25 13.83 15.78 -0.20
N GLU C 26 14.00 14.45 -0.16
CA GLU C 26 14.95 13.79 -1.04
C GLU C 26 14.39 13.86 -2.45
N GLN C 27 13.04 13.72 -2.52
CA GLN C 27 12.23 13.71 -3.75
C GLN C 27 12.79 12.80 -4.83
N GLU C 28 13.40 11.73 -4.38
CA GLU C 28 13.96 10.69 -5.23
C GLU C 28 13.63 9.36 -4.60
N GLY A 1 8.74 22.48 -3.92
CA GLY A 1 9.10 21.07 -3.86
C GLY A 1 8.20 20.34 -2.92
N ALA A 2 8.75 19.45 -2.14
CA ALA A 2 7.96 18.72 -1.18
C ALA A 2 8.39 19.09 0.20
N MET A 3 7.68 20.00 0.78
CA MET A 3 7.98 20.37 2.12
C MET A 3 7.04 19.67 3.05
N GLY A 4 7.50 18.55 3.51
CA GLY A 4 6.79 17.77 4.45
C GLY A 4 7.79 17.17 5.37
N MET A 5 8.61 18.02 5.93
CA MET A 5 9.71 17.61 6.74
C MET A 5 9.24 17.16 8.10
N SER A 6 8.96 15.91 8.20
CA SER A 6 8.55 15.28 9.40
C SER A 6 9.39 14.04 9.56
N HIS A 7 9.57 13.59 10.76
CA HIS A 7 10.37 12.43 11.01
C HIS A 7 9.48 11.23 10.92
N ILE A 8 9.38 10.75 9.75
CA ILE A 8 8.50 9.70 9.41
C ILE A 8 9.23 8.37 9.45
N GLN A 9 8.77 7.52 10.33
CA GLN A 9 9.29 6.19 10.43
C GLN A 9 8.21 5.21 10.00
N ILE A 10 8.44 4.50 8.93
CA ILE A 10 7.51 3.50 8.51
C ILE A 10 7.97 2.10 8.93
N PRO A 11 7.14 1.39 9.70
CA PRO A 11 7.47 0.06 10.20
C PRO A 11 7.31 -1.05 9.14
N PRO A 12 8.08 -2.15 9.29
CA PRO A 12 7.98 -3.33 8.41
C PRO A 12 6.64 -4.04 8.56
N GLY A 13 6.44 -5.09 7.80
CA GLY A 13 5.22 -5.83 7.87
C GLY A 13 4.15 -5.27 6.95
N LEU A 14 3.94 -3.95 7.04
CA LEU A 14 2.91 -3.22 6.27
C LEU A 14 3.00 -3.59 4.79
N THR A 15 4.16 -3.33 4.26
CA THR A 15 4.47 -3.50 2.90
C THR A 15 4.44 -4.97 2.52
N GLU A 16 5.16 -5.74 3.29
CA GLU A 16 5.39 -7.15 3.06
C GLU A 16 4.10 -7.97 3.04
N LEU A 17 3.25 -7.74 4.01
CA LEU A 17 2.01 -8.47 4.07
C LEU A 17 1.07 -8.03 2.99
N LEU A 18 0.85 -6.72 2.84
CA LEU A 18 -0.10 -6.26 1.84
C LEU A 18 0.40 -6.48 0.42
N GLN A 19 1.74 -6.55 0.23
CA GLN A 19 2.29 -6.82 -1.10
C GLN A 19 2.02 -8.30 -1.46
N GLY A 20 2.07 -9.16 -0.46
CA GLY A 20 1.72 -10.55 -0.71
C GLY A 20 0.24 -10.65 -1.06
N TYR A 21 -0.54 -9.84 -0.41
CA TYR A 21 -1.97 -9.83 -0.63
C TYR A 21 -2.31 -9.20 -1.97
N THR A 22 -1.50 -8.25 -2.42
CA THR A 22 -1.75 -7.63 -3.68
C THR A 22 -1.43 -8.59 -4.83
N VAL A 23 -0.40 -9.42 -4.72
CA VAL A 23 -0.18 -10.40 -5.77
C VAL A 23 -1.29 -11.47 -5.77
N GLU A 24 -1.79 -11.79 -4.59
CA GLU A 24 -2.91 -12.71 -4.46
C GLU A 24 -4.15 -12.11 -5.10
N VAL A 25 -4.32 -10.81 -4.94
CA VAL A 25 -5.45 -10.16 -5.48
C VAL A 25 -5.32 -10.02 -7.00
N LEU A 26 -4.10 -9.83 -7.49
CA LEU A 26 -3.85 -9.78 -8.93
C LEU A 26 -4.23 -11.09 -9.57
N ARG A 27 -3.92 -12.18 -8.89
CA ARG A 27 -4.27 -13.51 -9.36
C ARG A 27 -5.80 -13.62 -9.39
N GLN A 28 -6.42 -13.03 -8.39
CA GLN A 28 -7.87 -13.04 -8.21
C GLN A 28 -8.62 -12.15 -9.23
N GLN A 29 -7.99 -11.04 -9.64
CA GLN A 29 -8.64 -10.05 -10.51
C GLN A 29 -9.87 -9.44 -9.81
N PRO A 30 -9.62 -8.62 -8.76
CA PRO A 30 -10.66 -8.15 -7.79
C PRO A 30 -11.84 -7.40 -8.42
N PRO A 31 -13.00 -7.39 -7.72
CA PRO A 31 -14.21 -6.71 -8.20
C PRO A 31 -14.00 -5.20 -8.33
N ASP A 32 -13.50 -4.57 -7.28
CA ASP A 32 -13.29 -3.14 -7.25
C ASP A 32 -12.35 -2.80 -6.09
N LEU A 33 -11.83 -1.59 -6.10
CA LEU A 33 -10.92 -1.06 -5.10
C LEU A 33 -11.46 -1.20 -3.71
N VAL A 34 -12.74 -0.91 -3.55
CA VAL A 34 -13.37 -0.94 -2.23
C VAL A 34 -13.21 -2.29 -1.51
N GLU A 35 -13.44 -3.39 -2.21
CA GLU A 35 -13.38 -4.71 -1.63
C GLU A 35 -11.93 -5.07 -1.35
N PHE A 36 -11.09 -4.81 -2.36
CA PHE A 36 -9.65 -5.05 -2.30
C PHE A 36 -9.01 -4.30 -1.13
N ALA A 37 -9.24 -3.01 -1.08
CA ALA A 37 -8.65 -2.18 -0.08
C ALA A 37 -9.06 -2.63 1.29
N VAL A 38 -10.37 -2.79 1.51
CA VAL A 38 -10.82 -3.13 2.83
C VAL A 38 -10.28 -4.46 3.33
N GLU A 39 -10.47 -5.54 2.58
CA GLU A 39 -10.08 -6.83 3.11
C GLU A 39 -8.58 -7.01 3.16
N TYR A 40 -7.88 -6.59 2.18
CA TYR A 40 -6.46 -6.85 2.18
C TYR A 40 -5.75 -6.05 3.22
N PHE A 41 -6.19 -4.83 3.43
CA PHE A 41 -5.62 -4.04 4.48
C PHE A 41 -6.02 -4.65 5.86
N THR A 42 -7.29 -5.15 6.00
CA THR A 42 -7.71 -5.81 7.23
C THR A 42 -6.81 -6.99 7.49
N ARG A 43 -6.44 -7.67 6.42
CA ARG A 43 -5.57 -8.83 6.51
C ARG A 43 -4.21 -8.47 7.11
N LEU A 44 -3.64 -7.28 6.76
CA LEU A 44 -2.42 -6.81 7.49
C LEU A 44 -2.72 -6.71 8.97
N ARG A 45 -3.82 -6.06 9.29
CA ARG A 45 -4.22 -5.87 10.71
C ARG A 45 -4.36 -7.20 11.41
N GLU A 46 -4.98 -8.14 10.74
CA GLU A 46 -5.25 -9.45 11.30
C GLU A 46 -3.95 -10.21 11.51
N ALA A 47 -3.04 -10.03 10.58
CA ALA A 47 -1.77 -10.72 10.59
C ALA A 47 -0.88 -10.23 11.71
N ARG A 48 -0.88 -8.94 11.94
CA ARG A 48 -0.04 -8.38 12.99
C ARG A 48 -0.74 -8.45 14.34
N ALA A 49 -2.06 -8.24 14.31
CA ALA A 49 -2.94 -8.20 15.49
C ALA A 49 -2.53 -7.06 16.43
N PRO A 50 -2.94 -5.80 16.11
CA PRO A 50 -2.57 -4.65 16.93
C PRO A 50 -3.36 -4.59 18.24
N ALA A 51 -4.66 -4.83 18.16
CA ALA A 51 -5.54 -4.75 19.30
C ALA A 51 -6.03 -6.14 19.68
N SER A 52 -5.39 -7.13 19.12
CA SER A 52 -5.73 -8.50 19.35
C SER A 52 -4.47 -9.29 19.64
N GLY B 1 20.97 -7.34 -7.36
CA GLY B 1 21.63 -8.05 -8.44
C GLY B 1 20.77 -8.09 -9.67
N ALA B 2 19.80 -7.21 -9.73
CA ALA B 2 18.88 -7.15 -10.84
C ALA B 2 19.46 -6.35 -12.00
N MET B 3 20.36 -6.97 -12.70
CA MET B 3 20.92 -6.40 -13.89
C MET B 3 20.90 -7.45 -14.97
N GLY B 4 20.72 -7.02 -16.18
CA GLY B 4 20.57 -7.96 -17.26
C GLY B 4 19.13 -8.30 -17.38
N MET B 5 18.67 -9.11 -16.47
CA MET B 5 17.28 -9.45 -16.37
C MET B 5 16.64 -8.49 -15.39
N SER B 6 15.57 -7.88 -15.78
CA SER B 6 14.88 -6.93 -14.94
C SER B 6 13.40 -7.00 -15.24
N HIS B 7 12.59 -6.95 -14.20
CA HIS B 7 11.16 -7.05 -14.38
C HIS B 7 10.57 -5.81 -15.02
N ILE B 8 9.69 -6.03 -15.94
CA ILE B 8 8.94 -4.96 -16.52
C ILE B 8 7.73 -4.72 -15.64
N GLN B 9 7.22 -3.53 -15.61
CA GLN B 9 6.10 -3.26 -14.75
C GLN B 9 4.79 -3.55 -15.44
N ILE B 10 3.98 -4.28 -14.76
CA ILE B 10 2.64 -4.54 -15.16
C ILE B 10 1.75 -3.65 -14.29
N PRO B 11 1.13 -2.61 -14.87
CA PRO B 11 0.29 -1.69 -14.12
C PRO B 11 -1.20 -2.07 -14.14
N PRO B 12 -1.72 -2.60 -13.04
CA PRO B 12 -3.11 -2.98 -12.94
C PRO B 12 -4.00 -1.90 -12.29
N GLY B 13 -3.41 -0.76 -11.95
CA GLY B 13 -4.17 0.37 -11.42
C GLY B 13 -4.25 0.40 -9.91
N LEU B 14 -4.49 -0.76 -9.30
CA LEU B 14 -4.63 -0.81 -7.85
C LEU B 14 -3.34 -0.46 -7.15
N THR B 15 -2.23 -0.72 -7.83
CA THR B 15 -0.91 -0.41 -7.34
C THR B 15 -0.70 1.10 -7.25
N GLU B 16 -1.32 1.81 -8.15
CA GLU B 16 -1.23 3.24 -8.20
C GLU B 16 -2.09 3.83 -7.07
N LEU B 17 -3.24 3.20 -6.85
CA LEU B 17 -4.08 3.56 -5.69
C LEU B 17 -3.36 3.21 -4.40
N LEU B 18 -2.69 2.06 -4.43
CA LEU B 18 -1.90 1.54 -3.33
C LEU B 18 -0.77 2.53 -3.00
N GLN B 19 -0.19 3.12 -4.05
CA GLN B 19 0.81 4.16 -3.92
C GLN B 19 0.23 5.33 -3.13
N GLY B 20 -0.90 5.86 -3.61
CA GLY B 20 -1.55 6.99 -2.95
C GLY B 20 -1.89 6.66 -1.51
N TYR B 21 -2.44 5.48 -1.33
CA TYR B 21 -2.77 4.95 -0.02
C TYR B 21 -1.56 4.95 0.93
N THR B 22 -0.47 4.35 0.48
CA THR B 22 0.66 4.16 1.34
C THR B 22 1.36 5.48 1.63
N VAL B 23 1.30 6.41 0.72
CA VAL B 23 1.90 7.69 0.98
C VAL B 23 1.07 8.47 1.99
N GLU B 24 -0.24 8.31 1.91
CA GLU B 24 -1.12 8.96 2.85
C GLU B 24 -0.87 8.44 4.26
N VAL B 25 -0.72 7.12 4.40
CA VAL B 25 -0.44 6.53 5.71
C VAL B 25 0.92 7.00 6.22
N LEU B 26 1.86 7.17 5.31
CA LEU B 26 3.19 7.61 5.64
C LEU B 26 3.18 9.07 6.13
N ARG B 27 2.38 9.90 5.46
CA ARG B 27 2.24 11.30 5.85
C ARG B 27 1.54 11.45 7.19
N GLN B 28 0.50 10.68 7.40
CA GLN B 28 -0.26 10.75 8.64
C GLN B 28 0.53 10.13 9.80
N GLN B 29 1.14 9.01 9.50
CA GLN B 29 1.91 8.19 10.43
C GLN B 29 1.12 7.89 11.73
N PRO B 30 0.06 7.07 11.62
CA PRO B 30 -0.68 6.57 12.78
C PRO B 30 -0.01 5.30 13.31
N PRO B 31 -0.35 4.86 14.57
CA PRO B 31 0.22 3.65 15.19
C PRO B 31 0.10 2.46 14.23
N ASP B 32 -1.10 2.20 13.76
CA ASP B 32 -1.29 1.24 12.73
C ASP B 32 -1.74 1.97 11.51
N LEU B 33 -0.81 2.07 10.56
CA LEU B 33 -1.00 2.76 9.30
C LEU B 33 -2.27 2.28 8.63
N VAL B 34 -2.43 0.97 8.64
CA VAL B 34 -3.52 0.33 8.01
C VAL B 34 -4.86 0.67 8.65
N GLU B 35 -4.95 0.63 9.95
CA GLU B 35 -6.18 0.88 10.67
C GLU B 35 -6.86 2.21 10.27
N PHE B 36 -6.08 3.26 10.16
CA PHE B 36 -6.64 4.53 9.73
C PHE B 36 -6.91 4.54 8.24
N ALA B 37 -6.09 3.85 7.50
CA ALA B 37 -6.29 3.75 6.06
C ALA B 37 -7.53 2.94 5.74
N VAL B 38 -7.65 1.80 6.35
CA VAL B 38 -8.76 0.90 6.15
C VAL B 38 -10.03 1.57 6.61
N GLU B 39 -9.95 2.42 7.63
CA GLU B 39 -11.11 3.16 8.05
C GLU B 39 -11.54 4.12 6.94
N TYR B 40 -10.57 4.76 6.33
CA TYR B 40 -10.83 5.66 5.22
C TYR B 40 -11.39 4.85 4.03
N PHE B 41 -10.85 3.66 3.81
CA PHE B 41 -11.32 2.79 2.75
C PHE B 41 -12.65 2.10 3.05
N THR B 42 -12.97 1.86 4.32
CA THR B 42 -14.29 1.35 4.68
C THR B 42 -15.31 2.42 4.40
N ARG B 43 -14.92 3.65 4.66
CA ARG B 43 -15.71 4.83 4.42
C ARG B 43 -15.88 5.00 2.89
N LEU B 44 -14.82 4.67 2.14
CA LEU B 44 -14.87 4.64 0.68
C LEU B 44 -15.89 3.61 0.24
N ARG B 45 -15.71 2.39 0.72
CA ARG B 45 -16.55 1.23 0.39
C ARG B 45 -18.00 1.48 0.75
N GLU B 46 -18.21 2.22 1.80
CA GLU B 46 -19.51 2.59 2.27
C GLU B 46 -20.18 3.56 1.30
N ALA B 47 -19.49 4.64 0.97
CA ALA B 47 -20.03 5.65 0.06
C ALA B 47 -20.13 5.11 -1.36
N ARG B 48 -19.23 4.25 -1.72
CA ARG B 48 -19.17 3.66 -3.04
C ARG B 48 -19.91 2.33 -3.09
N ALA B 49 -20.64 1.99 -2.04
CA ALA B 49 -21.44 0.77 -2.04
C ALA B 49 -22.52 0.80 -3.13
N PRO B 50 -23.32 1.90 -3.29
CA PRO B 50 -24.22 2.05 -4.41
C PRO B 50 -23.45 1.94 -5.72
N ALA B 51 -23.91 1.07 -6.60
CA ALA B 51 -23.26 0.74 -7.86
C ALA B 51 -21.96 -0.03 -7.61
N SER B 52 -20.87 0.70 -7.37
CA SER B 52 -19.56 0.10 -7.10
C SER B 52 -18.53 1.20 -6.82
N ARG C 1 10.97 -12.27 -12.38
CA ARG C 1 10.64 -11.15 -13.26
C ARG C 1 9.22 -11.25 -13.80
N GLU C 2 8.72 -10.10 -14.28
CA GLU C 2 7.38 -9.88 -14.91
C GLU C 2 6.19 -10.52 -14.18
N THR C 3 6.36 -10.79 -12.94
CA THR C 3 5.32 -11.33 -12.12
C THR C 3 4.91 -10.26 -11.15
N ALA C 4 3.66 -10.28 -10.74
CA ALA C 4 3.11 -9.27 -9.85
C ALA C 4 3.75 -9.35 -8.52
N GLU C 5 4.19 -10.53 -8.14
CA GLU C 5 4.80 -10.73 -6.87
C GLU C 5 6.02 -9.84 -6.76
N GLU C 6 6.89 -9.95 -7.74
CA GLU C 6 8.15 -9.27 -7.72
C GLU C 6 7.99 -7.77 -7.99
N VAL C 7 7.24 -7.45 -9.04
CA VAL C 7 7.08 -6.06 -9.42
C VAL C 7 6.23 -5.29 -8.44
N SER C 8 5.01 -5.76 -8.15
CA SER C 8 4.13 -5.07 -7.26
C SER C 8 4.75 -4.93 -5.86
N ALA C 9 5.57 -5.92 -5.46
CA ALA C 9 6.29 -5.82 -4.19
C ALA C 9 7.26 -4.67 -4.24
N ARG C 10 7.94 -4.51 -5.38
CA ARG C 10 8.89 -3.45 -5.54
C ARG C 10 8.16 -2.13 -5.51
N ILE C 11 6.96 -2.14 -6.01
CA ILE C 11 6.11 -0.97 -6.07
C ILE C 11 5.80 -0.48 -4.68
N VAL C 12 5.36 -1.38 -3.81
CA VAL C 12 4.98 -1.01 -2.43
C VAL C 12 6.23 -0.51 -1.69
N GLN C 13 7.32 -1.12 -2.05
CA GLN C 13 8.59 -0.86 -1.49
C GLN C 13 9.11 0.51 -1.91
N VAL C 14 9.10 0.79 -3.20
CA VAL C 14 9.56 2.07 -3.69
C VAL C 14 8.66 3.16 -3.20
N VAL C 15 7.37 2.87 -3.06
CA VAL C 15 6.46 3.84 -2.53
C VAL C 15 6.88 4.27 -1.14
N THR C 16 7.11 3.32 -0.26
CA THR C 16 7.47 3.67 1.09
C THR C 16 8.86 4.28 1.17
N ALA C 17 9.78 3.72 0.44
CA ALA C 17 11.18 4.16 0.51
C ALA C 17 11.35 5.54 -0.11
N GLU C 18 10.79 5.72 -1.28
CA GLU C 18 10.86 6.98 -1.96
C GLU C 18 10.07 8.05 -1.22
N ALA C 19 8.89 7.68 -0.69
CA ALA C 19 8.06 8.63 0.07
C ALA C 19 8.75 9.05 1.36
N VAL C 20 9.48 8.11 1.99
CA VAL C 20 10.31 8.45 3.14
C VAL C 20 11.35 9.49 2.72
N ALA C 21 11.85 9.39 1.51
CA ALA C 21 12.80 10.37 1.06
C ALA C 21 12.06 11.69 0.71
N VAL C 22 10.82 11.56 0.30
CA VAL C 22 9.96 12.70 0.01
C VAL C 22 9.77 13.57 1.28
N LEU C 23 9.83 12.95 2.48
CA LEU C 23 9.71 13.73 3.74
C LEU C 23 10.74 14.88 3.79
N LYS C 24 11.99 14.59 3.40
CA LYS C 24 13.05 15.61 3.46
C LYS C 24 12.88 16.56 2.28
N GLY C 25 12.16 16.08 1.29
CA GLY C 25 12.02 16.78 0.06
C GLY C 25 13.10 16.35 -0.90
N GLU C 26 13.30 15.03 -1.00
CA GLU C 26 14.34 14.45 -1.86
C GLU C 26 13.98 14.70 -3.31
N GLN C 27 12.68 14.75 -3.57
CA GLN C 27 12.16 15.02 -4.88
C GLN C 27 12.38 16.47 -5.27
N GLU C 28 13.50 16.72 -5.89
CA GLU C 28 13.85 18.04 -6.36
C GLU C 28 14.98 17.97 -7.38
N GLY A 1 5.84 19.88 18.61
CA GLY A 1 6.85 19.09 17.93
C GLY A 1 7.23 17.89 18.75
N ALA A 2 7.87 16.93 18.12
CA ALA A 2 8.26 15.69 18.77
C ALA A 2 9.30 14.99 17.94
N MET A 3 10.41 14.63 18.54
CA MET A 3 11.43 13.90 17.82
C MET A 3 10.98 12.47 17.65
N GLY A 4 10.65 12.15 16.44
CA GLY A 4 10.11 10.85 16.13
C GLY A 4 8.96 11.02 15.19
N MET A 5 8.31 12.18 15.29
CA MET A 5 7.22 12.52 14.43
C MET A 5 7.76 12.95 13.09
N SER A 6 8.79 13.79 13.13
CA SER A 6 9.46 14.30 11.92
C SER A 6 10.39 13.22 11.30
N HIS A 7 10.25 12.03 11.77
CA HIS A 7 11.01 10.91 11.33
C HIS A 7 10.00 9.88 10.97
N ILE A 8 9.60 9.91 9.75
CA ILE A 8 8.60 9.00 9.26
C ILE A 8 9.14 7.58 9.30
N GLN A 9 8.61 6.84 10.21
CA GLN A 9 9.02 5.52 10.47
C GLN A 9 7.93 4.58 10.08
N ILE A 10 8.07 4.02 8.94
CA ILE A 10 7.09 3.11 8.45
C ILE A 10 7.46 1.65 8.76
N PRO A 11 6.67 0.99 9.64
CA PRO A 11 6.92 -0.39 10.08
C PRO A 11 7.06 -1.39 8.92
N PRO A 12 8.18 -2.12 8.88
CA PRO A 12 8.41 -3.19 7.92
C PRO A 12 7.34 -4.25 8.11
N GLY A 13 7.00 -4.95 7.07
CA GLY A 13 5.94 -5.89 7.15
C GLY A 13 4.72 -5.36 6.45
N LEU A 14 4.56 -4.02 6.47
CA LEU A 14 3.46 -3.32 5.79
C LEU A 14 3.49 -3.73 4.34
N THR A 15 4.64 -3.50 3.76
CA THR A 15 4.90 -3.78 2.40
C THR A 15 4.75 -5.26 2.10
N GLU A 16 5.41 -6.09 2.88
CA GLU A 16 5.47 -7.54 2.64
C GLU A 16 4.11 -8.21 2.70
N LEU A 17 3.35 -7.89 3.72
CA LEU A 17 2.09 -8.56 3.96
C LEU A 17 1.06 -8.07 2.95
N LEU A 18 0.99 -6.76 2.78
CA LEU A 18 0.02 -6.23 1.88
C LEU A 18 0.39 -6.53 0.41
N GLN A 19 1.70 -6.58 0.07
CA GLN A 19 2.07 -6.96 -1.31
C GLN A 19 1.70 -8.41 -1.56
N GLY A 20 1.82 -9.24 -0.52
CA GLY A 20 1.43 -10.63 -0.66
C GLY A 20 -0.03 -10.74 -0.98
N TYR A 21 -0.81 -9.85 -0.39
CA TYR A 21 -2.22 -9.85 -0.64
C TYR A 21 -2.48 -9.37 -2.06
N THR A 22 -1.81 -8.28 -2.49
CA THR A 22 -2.05 -7.75 -3.82
C THR A 22 -1.72 -8.78 -4.92
N VAL A 23 -0.71 -9.61 -4.67
CA VAL A 23 -0.33 -10.67 -5.60
C VAL A 23 -1.43 -11.73 -5.65
N GLU A 24 -1.85 -12.16 -4.48
CA GLU A 24 -2.82 -13.19 -4.36
C GLU A 24 -4.15 -12.70 -4.94
N VAL A 25 -4.52 -11.50 -4.61
CA VAL A 25 -5.78 -10.96 -5.00
C VAL A 25 -5.83 -10.58 -6.48
N LEU A 26 -4.72 -10.07 -7.07
CA LEU A 26 -4.77 -9.74 -8.49
C LEU A 26 -4.87 -11.01 -9.31
N ARG A 27 -4.30 -12.09 -8.76
CA ARG A 27 -4.46 -13.41 -9.33
C ARG A 27 -5.96 -13.80 -9.24
N GLN A 28 -6.59 -13.46 -8.10
CA GLN A 28 -8.02 -13.71 -7.84
C GLN A 28 -8.94 -12.82 -8.70
N GLN A 29 -8.40 -11.74 -9.26
CA GLN A 29 -9.18 -10.82 -10.11
C GLN A 29 -10.34 -10.15 -9.32
N PRO A 30 -10.00 -9.26 -8.35
CA PRO A 30 -10.97 -8.68 -7.40
C PRO A 30 -12.11 -7.93 -8.07
N PRO A 31 -13.25 -7.78 -7.39
CA PRO A 31 -14.42 -7.12 -7.94
C PRO A 31 -14.25 -5.60 -8.05
N ASP A 32 -13.92 -4.98 -6.95
CA ASP A 32 -13.84 -3.55 -6.85
C ASP A 32 -12.83 -3.21 -5.79
N LEU A 33 -12.30 -2.00 -5.85
CA LEU A 33 -11.33 -1.48 -4.90
C LEU A 33 -11.78 -1.61 -3.47
N VAL A 34 -13.05 -1.35 -3.19
CA VAL A 34 -13.52 -1.40 -1.81
C VAL A 34 -13.39 -2.76 -1.17
N GLU A 35 -13.75 -3.80 -1.91
CA GLU A 35 -13.72 -5.16 -1.41
C GLU A 35 -12.25 -5.53 -1.18
N PHE A 36 -11.49 -5.28 -2.24
CA PHE A 36 -10.08 -5.53 -2.29
C PHE A 36 -9.37 -4.87 -1.14
N ALA A 37 -9.53 -3.58 -1.02
CA ALA A 37 -8.78 -2.79 -0.10
C ALA A 37 -9.14 -3.03 1.33
N VAL A 38 -10.43 -3.12 1.64
CA VAL A 38 -10.78 -3.31 3.02
C VAL A 38 -10.23 -4.61 3.56
N GLU A 39 -10.38 -5.71 2.80
CA GLU A 39 -9.85 -6.96 3.31
C GLU A 39 -8.33 -7.02 3.21
N TYR A 40 -7.77 -6.36 2.22
CA TYR A 40 -6.31 -6.26 1.99
C TYR A 40 -5.61 -5.76 3.26
N PHE A 41 -6.02 -4.60 3.69
CA PHE A 41 -5.38 -3.93 4.78
C PHE A 41 -5.73 -4.67 6.06
N THR A 42 -6.99 -5.02 6.16
CA THR A 42 -7.51 -5.81 7.25
C THR A 42 -6.75 -7.15 7.41
N ARG A 43 -6.27 -7.69 6.29
CA ARG A 43 -5.56 -8.93 6.32
C ARG A 43 -4.22 -8.74 6.99
N LEU A 44 -3.53 -7.59 6.73
CA LEU A 44 -2.29 -7.35 7.48
C LEU A 44 -2.62 -7.25 8.94
N ARG A 45 -3.66 -6.51 9.23
CA ARG A 45 -4.07 -6.27 10.61
C ARG A 45 -4.35 -7.59 11.35
N GLU A 46 -5.00 -8.51 10.68
CA GLU A 46 -5.30 -9.82 11.24
C GLU A 46 -4.00 -10.62 11.42
N ALA A 47 -3.06 -10.42 10.52
CA ALA A 47 -1.80 -11.12 10.53
C ALA A 47 -0.85 -10.57 11.59
N ARG A 48 -1.01 -9.31 11.96
CA ARG A 48 -0.13 -8.72 12.96
C ARG A 48 -0.66 -8.95 14.38
N ALA A 49 -1.96 -8.82 14.57
CA ALA A 49 -2.56 -8.98 15.87
C ALA A 49 -4.05 -9.14 15.69
N PRO A 50 -4.57 -10.33 15.94
CA PRO A 50 -5.99 -10.61 15.77
C PRO A 50 -6.87 -9.83 16.76
N ALA A 51 -6.50 -9.87 18.03
CA ALA A 51 -7.28 -9.21 19.05
C ALA A 51 -6.74 -7.83 19.35
N SER A 52 -5.40 -7.72 19.32
CA SER A 52 -4.69 -6.46 19.61
C SER A 52 -4.88 -6.05 21.07
N GLY B 1 22.77 -0.85 -10.46
CA GLY B 1 24.01 -0.90 -11.18
C GLY B 1 24.38 -2.31 -11.57
N ALA B 2 24.48 -3.16 -10.56
CA ALA B 2 24.79 -4.56 -10.76
C ALA B 2 23.56 -5.28 -11.27
N MET B 3 22.43 -4.72 -10.94
CA MET B 3 21.15 -5.15 -11.43
C MET B 3 20.34 -3.93 -11.67
N GLY B 4 19.41 -4.03 -12.58
CA GLY B 4 18.56 -2.94 -12.86
C GLY B 4 17.24 -3.15 -12.23
N MET B 5 16.47 -2.11 -12.16
CA MET B 5 15.13 -2.12 -11.57
C MET B 5 14.14 -2.65 -12.63
N SER B 6 14.57 -3.68 -13.32
CA SER B 6 13.84 -4.26 -14.40
C SER B 6 12.65 -5.09 -13.91
N HIS B 7 11.50 -4.67 -14.38
CA HIS B 7 10.18 -5.25 -14.21
C HIS B 7 9.23 -4.19 -14.58
N ILE B 8 8.25 -4.50 -15.33
CA ILE B 8 7.26 -3.52 -15.65
C ILE B 8 6.09 -3.72 -14.74
N GLN B 9 5.43 -2.67 -14.36
CA GLN B 9 4.31 -2.82 -13.49
C GLN B 9 3.16 -3.35 -14.27
N ILE B 10 2.92 -4.63 -14.10
CA ILE B 10 1.78 -5.29 -14.65
C ILE B 10 0.52 -4.63 -14.08
N PRO B 11 -0.23 -3.90 -14.95
CA PRO B 11 -1.29 -2.93 -14.54
C PRO B 11 -2.50 -3.51 -13.79
N PRO B 12 -2.58 -3.28 -12.48
CA PRO B 12 -3.73 -3.63 -11.70
C PRO B 12 -4.59 -2.39 -11.28
N GLY B 13 -4.04 -1.18 -11.46
CA GLY B 13 -4.74 0.07 -11.07
C GLY B 13 -4.62 0.37 -9.57
N LEU B 14 -4.79 -0.68 -8.77
CA LEU B 14 -4.69 -0.54 -7.34
C LEU B 14 -3.36 -0.06 -6.88
N THR B 15 -2.31 -0.34 -7.65
CA THR B 15 -0.97 0.12 -7.33
C THR B 15 -0.89 1.64 -7.23
N GLU B 16 -1.62 2.32 -8.08
CA GLU B 16 -1.66 3.77 -8.06
C GLU B 16 -2.49 4.22 -6.89
N LEU B 17 -3.60 3.51 -6.64
CA LEU B 17 -4.42 3.80 -5.44
C LEU B 17 -3.59 3.58 -4.17
N LEU B 18 -2.88 2.48 -4.18
CA LEU B 18 -2.01 2.04 -3.12
C LEU B 18 -0.94 3.08 -2.86
N GLN B 19 -0.36 3.62 -3.94
CA GLN B 19 0.62 4.68 -3.85
C GLN B 19 0.05 5.84 -3.04
N GLY B 20 -1.10 6.35 -3.49
CA GLY B 20 -1.72 7.48 -2.83
C GLY B 20 -2.05 7.22 -1.38
N TYR B 21 -2.79 6.18 -1.13
CA TYR B 21 -3.26 5.85 0.21
C TYR B 21 -2.14 5.43 1.16
N THR B 22 -1.11 4.80 0.66
CA THR B 22 0.01 4.44 1.51
C THR B 22 0.84 5.69 1.86
N VAL B 23 0.86 6.68 0.98
CA VAL B 23 1.51 7.92 1.34
C VAL B 23 0.66 8.62 2.42
N GLU B 24 -0.65 8.42 2.34
CA GLU B 24 -1.56 8.97 3.31
C GLU B 24 -1.22 8.40 4.69
N VAL B 25 -1.09 7.06 4.78
CA VAL B 25 -0.74 6.40 6.07
C VAL B 25 0.61 6.94 6.61
N LEU B 26 1.54 7.08 5.69
CA LEU B 26 2.88 7.50 5.96
C LEU B 26 2.93 8.93 6.51
N ARG B 27 2.16 9.82 5.92
CA ARG B 27 2.10 11.20 6.36
C ARG B 27 1.30 11.36 7.64
N GLN B 28 0.40 10.42 7.89
CA GLN B 28 -0.41 10.45 9.11
C GLN B 28 0.46 10.14 10.31
N GLN B 29 1.48 9.30 10.09
CA GLN B 29 2.43 8.91 11.14
C GLN B 29 1.75 8.31 12.39
N PRO B 30 1.11 7.16 12.24
CA PRO B 30 0.52 6.43 13.33
C PRO B 30 1.36 5.18 13.67
N PRO B 31 1.06 4.49 14.80
CA PRO B 31 1.71 3.21 15.12
C PRO B 31 1.38 2.19 14.04
N ASP B 32 0.10 2.07 13.70
CA ASP B 32 -0.35 1.19 12.64
C ASP B 32 -0.88 2.00 11.50
N LEU B 33 -0.26 1.80 10.37
CA LEU B 33 -0.57 2.50 9.13
C LEU B 33 -1.89 2.01 8.57
N VAL B 34 -2.11 0.74 8.78
CA VAL B 34 -3.22 0.02 8.23
C VAL B 34 -4.56 0.54 8.75
N GLU B 35 -4.59 0.92 10.03
CA GLU B 35 -5.78 1.51 10.67
C GLU B 35 -6.30 2.69 9.84
N PHE B 36 -5.41 3.56 9.46
CA PHE B 36 -5.78 4.72 8.68
C PHE B 36 -6.17 4.34 7.28
N ALA B 37 -5.47 3.38 6.70
CA ALA B 37 -5.77 2.96 5.33
C ALA B 37 -7.12 2.28 5.24
N VAL B 38 -7.40 1.39 6.17
CA VAL B 38 -8.66 0.69 6.18
C VAL B 38 -9.79 1.66 6.49
N GLU B 39 -9.50 2.68 7.30
CA GLU B 39 -10.48 3.71 7.60
C GLU B 39 -10.84 4.47 6.32
N TYR B 40 -9.82 4.77 5.51
CA TYR B 40 -10.04 5.43 4.22
C TYR B 40 -10.92 4.59 3.31
N PHE B 41 -10.55 3.33 3.15
CA PHE B 41 -11.31 2.46 2.27
C PHE B 41 -12.68 2.04 2.80
N THR B 42 -12.84 1.96 4.11
CA THR B 42 -14.15 1.68 4.65
C THR B 42 -15.05 2.88 4.42
N ARG B 43 -14.47 4.06 4.57
CA ARG B 43 -15.20 5.28 4.29
C ARG B 43 -15.56 5.34 2.79
N LEU B 44 -14.66 4.83 1.94
CA LEU B 44 -14.93 4.75 0.49
C LEU B 44 -16.19 3.90 0.21
N ARG B 45 -16.24 2.69 0.76
CA ARG B 45 -17.41 1.82 0.57
C ARG B 45 -18.66 2.41 1.19
N GLU B 46 -18.53 2.97 2.37
CA GLU B 46 -19.67 3.53 3.06
C GLU B 46 -20.13 4.84 2.41
N ALA B 47 -19.27 5.42 1.60
CA ALA B 47 -19.59 6.64 0.88
C ALA B 47 -20.39 6.32 -0.35
N ARG B 48 -19.98 5.29 -1.06
CA ARG B 48 -20.63 4.93 -2.32
C ARG B 48 -21.78 3.96 -2.08
N ALA B 49 -22.00 3.58 -0.85
CA ALA B 49 -23.07 2.66 -0.52
C ALA B 49 -24.39 3.38 -0.52
N PRO B 50 -25.41 2.82 -1.18
CA PRO B 50 -26.74 3.42 -1.21
C PRO B 50 -27.35 3.41 0.19
N ALA B 51 -27.45 4.58 0.77
CA ALA B 51 -27.97 4.72 2.11
C ALA B 51 -29.49 4.63 2.11
N SER B 52 -29.99 3.43 2.09
CA SER B 52 -31.41 3.18 2.11
C SER B 52 -31.67 1.89 2.86
N ARG C 1 10.77 -14.50 -14.59
CA ARG C 1 9.73 -13.95 -15.45
C ARG C 1 9.19 -12.66 -14.86
N GLU C 2 8.23 -12.08 -15.56
CA GLU C 2 7.53 -10.92 -15.09
C GLU C 2 6.58 -11.42 -14.03
N THR C 3 6.89 -11.19 -12.81
CA THR C 3 6.09 -11.72 -11.78
C THR C 3 5.56 -10.65 -10.89
N ALA C 4 4.39 -10.91 -10.35
CA ALA C 4 3.67 -9.99 -9.52
C ALA C 4 4.32 -9.86 -8.21
N GLU C 5 4.86 -10.94 -7.70
CA GLU C 5 5.51 -10.95 -6.40
C GLU C 5 6.64 -9.94 -6.38
N GLU C 6 7.51 -10.04 -7.35
CA GLU C 6 8.72 -9.23 -7.37
C GLU C 6 8.34 -7.77 -7.69
N VAL C 7 7.48 -7.60 -8.69
CA VAL C 7 7.11 -6.25 -9.11
C VAL C 7 6.25 -5.53 -8.07
N SER C 8 5.14 -6.14 -7.63
CA SER C 8 4.25 -5.53 -6.63
C SER C 8 5.01 -5.23 -5.33
N ALA C 9 5.99 -6.10 -5.00
CA ALA C 9 6.83 -5.91 -3.82
C ALA C 9 7.61 -4.63 -3.98
N ARG C 10 8.16 -4.45 -5.16
CA ARG C 10 8.94 -3.29 -5.46
C ARG C 10 8.07 -2.05 -5.45
N ILE C 11 6.85 -2.18 -5.95
CA ILE C 11 5.94 -1.05 -6.05
C ILE C 11 5.60 -0.49 -4.67
N VAL C 12 5.19 -1.37 -3.77
CA VAL C 12 4.79 -0.93 -2.44
C VAL C 12 6.04 -0.43 -1.66
N GLN C 13 7.16 -1.04 -1.99
CA GLN C 13 8.43 -0.70 -1.41
C GLN C 13 8.86 0.67 -1.84
N VAL C 14 8.82 0.94 -3.13
CA VAL C 14 9.26 2.21 -3.63
C VAL C 14 8.32 3.32 -3.24
N VAL C 15 7.02 3.06 -3.18
CA VAL C 15 6.12 4.11 -2.78
C VAL C 15 6.37 4.53 -1.33
N THR C 16 6.65 3.54 -0.46
CA THR C 16 6.92 3.87 0.92
C THR C 16 8.32 4.46 1.08
N ALA C 17 9.31 3.80 0.49
CA ALA C 17 10.71 4.21 0.61
C ALA C 17 10.94 5.59 0.04
N GLU C 18 10.41 5.84 -1.14
CA GLU C 18 10.56 7.12 -1.76
C GLU C 18 9.77 8.19 -1.05
N ALA C 19 8.61 7.84 -0.48
CA ALA C 19 7.86 8.82 0.31
C ALA C 19 8.63 9.15 1.61
N VAL C 20 9.32 8.13 2.15
CA VAL C 20 10.22 8.32 3.29
C VAL C 20 11.30 9.34 2.91
N ALA C 21 11.77 9.26 1.70
CA ALA C 21 12.77 10.16 1.22
C ALA C 21 12.15 11.54 0.93
N VAL C 22 10.90 11.55 0.52
CA VAL C 22 10.15 12.79 0.30
C VAL C 22 10.08 13.62 1.58
N LEU C 23 10.09 12.95 2.75
CA LEU C 23 10.04 13.68 4.03
C LEU C 23 11.25 14.63 4.17
N LYS C 24 12.40 14.23 3.61
CA LYS C 24 13.60 15.06 3.69
C LYS C 24 13.57 16.07 2.55
N GLY C 25 12.76 15.75 1.57
CA GLY C 25 12.68 16.52 0.38
C GLY C 25 13.58 15.97 -0.65
N GLU C 26 13.71 14.64 -0.69
CA GLU C 26 14.56 14.03 -1.65
C GLU C 26 13.87 14.19 -2.98
N GLN C 27 12.60 13.72 -3.01
CA GLN C 27 11.64 13.92 -4.10
C GLN C 27 12.18 13.43 -5.45
N GLU C 28 13.14 12.55 -5.40
CA GLU C 28 13.82 12.05 -6.58
C GLU C 28 13.10 10.83 -7.15
N GLY A 1 1.03 11.89 15.30
CA GLY A 1 2.16 12.19 16.18
C GLY A 1 2.87 13.44 15.75
N ALA A 2 3.70 13.99 16.61
CA ALA A 2 4.39 15.23 16.34
C ALA A 2 5.59 15.02 15.44
N MET A 3 6.51 14.17 15.87
CA MET A 3 7.74 13.95 15.10
C MET A 3 7.49 13.07 13.89
N GLY A 4 6.44 12.27 13.97
CA GLY A 4 6.06 11.40 12.86
C GLY A 4 5.34 12.14 11.75
N MET A 5 5.89 13.26 11.37
CA MET A 5 5.44 14.11 10.27
C MET A 5 6.66 14.79 9.68
N SER A 6 7.58 15.17 10.54
CA SER A 6 8.80 15.78 10.12
C SER A 6 9.85 14.72 9.80
N HIS A 7 9.79 13.61 10.50
CA HIS A 7 10.70 12.53 10.30
C HIS A 7 9.91 11.25 10.31
N ILE A 8 9.49 10.88 9.14
CA ILE A 8 8.66 9.73 8.89
C ILE A 8 9.44 8.42 8.92
N GLN A 9 9.13 7.59 9.87
CA GLN A 9 9.71 6.29 9.93
C GLN A 9 8.63 5.25 9.71
N ILE A 10 8.67 4.57 8.60
CA ILE A 10 7.69 3.53 8.35
C ILE A 10 8.18 2.15 8.77
N PRO A 11 7.42 1.47 9.63
CA PRO A 11 7.78 0.14 10.13
C PRO A 11 7.80 -0.93 9.01
N PRO A 12 8.92 -1.65 8.85
CA PRO A 12 9.03 -2.73 7.88
C PRO A 12 8.08 -3.87 8.24
N GLY A 13 7.64 -4.61 7.24
CA GLY A 13 6.66 -5.63 7.47
C GLY A 13 5.34 -5.25 6.84
N LEU A 14 5.05 -3.94 6.86
CA LEU A 14 3.85 -3.36 6.26
C LEU A 14 3.81 -3.77 4.79
N THR A 15 4.90 -3.49 4.12
CA THR A 15 5.07 -3.76 2.74
C THR A 15 5.03 -5.25 2.45
N GLU A 16 5.83 -6.02 3.16
CA GLU A 16 5.98 -7.47 2.95
C GLU A 16 4.67 -8.24 3.10
N LEU A 17 3.94 -7.94 4.14
CA LEU A 17 2.74 -8.69 4.38
C LEU A 17 1.64 -8.24 3.45
N LEU A 18 1.53 -6.95 3.21
CA LEU A 18 0.54 -6.47 2.31
C LEU A 18 0.84 -6.86 0.86
N GLN A 19 2.11 -6.83 0.46
CA GLN A 19 2.48 -7.25 -0.90
C GLN A 19 2.11 -8.71 -1.12
N GLY A 20 2.26 -9.52 -0.07
CA GLY A 20 1.86 -10.92 -0.16
C GLY A 20 0.36 -11.04 -0.34
N TYR A 21 -0.38 -10.27 0.44
CA TYR A 21 -1.81 -10.31 0.36
C TYR A 21 -2.33 -9.77 -0.96
N THR A 22 -1.75 -8.69 -1.44
CA THR A 22 -2.20 -8.11 -2.69
C THR A 22 -1.96 -9.05 -3.85
N VAL A 23 -0.86 -9.79 -3.84
CA VAL A 23 -0.61 -10.71 -4.93
C VAL A 23 -1.58 -11.88 -4.90
N GLU A 24 -2.02 -12.25 -3.70
CA GLU A 24 -3.01 -13.30 -3.59
C GLU A 24 -4.37 -12.77 -4.00
N VAL A 25 -4.64 -11.50 -3.69
CA VAL A 25 -5.89 -10.86 -4.08
C VAL A 25 -5.92 -10.70 -5.61
N LEU A 26 -4.79 -10.29 -6.20
CA LEU A 26 -4.66 -10.20 -7.68
C LEU A 26 -4.92 -11.55 -8.32
N ARG A 27 -4.40 -12.59 -7.69
CA ARG A 27 -4.60 -13.94 -8.14
C ARG A 27 -6.10 -14.32 -8.07
N GLN A 28 -6.80 -13.68 -7.15
CA GLN A 28 -8.26 -13.88 -6.97
C GLN A 28 -9.09 -12.98 -7.90
N GLN A 29 -8.44 -12.02 -8.57
CA GLN A 29 -9.10 -11.11 -9.54
C GLN A 29 -10.22 -10.24 -8.90
N PRO A 30 -9.83 -9.28 -8.02
CA PRO A 30 -10.77 -8.47 -7.20
C PRO A 30 -11.85 -7.74 -8.03
N PRO A 31 -13.05 -7.56 -7.43
CA PRO A 31 -14.21 -6.93 -8.09
C PRO A 31 -14.00 -5.45 -8.46
N ASP A 32 -13.54 -4.67 -7.51
CA ASP A 32 -13.38 -3.24 -7.70
C ASP A 32 -12.37 -2.74 -6.70
N LEU A 33 -11.83 -1.55 -6.94
CA LEU A 33 -10.86 -0.89 -6.08
C LEU A 33 -11.33 -0.81 -4.66
N VAL A 34 -12.62 -0.51 -4.47
CA VAL A 34 -13.17 -0.34 -3.14
C VAL A 34 -12.95 -1.59 -2.27
N GLU A 35 -13.37 -2.74 -2.78
CA GLU A 35 -13.31 -3.98 -2.06
C GLU A 35 -11.87 -4.47 -2.01
N PHE A 36 -11.13 -4.18 -3.08
CA PHE A 36 -9.73 -4.55 -3.18
C PHE A 36 -8.91 -3.86 -2.11
N ALA A 37 -8.99 -2.55 -2.05
CA ALA A 37 -8.19 -1.76 -1.14
C ALA A 37 -8.54 -2.06 0.29
N VAL A 38 -9.86 -2.05 0.59
CA VAL A 38 -10.29 -2.27 1.94
C VAL A 38 -9.85 -3.65 2.43
N GLU A 39 -10.13 -4.70 1.66
CA GLU A 39 -9.79 -6.05 2.07
C GLU A 39 -8.29 -6.24 2.19
N TYR A 40 -7.54 -5.71 1.25
CA TYR A 40 -6.08 -5.81 1.24
C TYR A 40 -5.43 -5.31 2.56
N PHE A 41 -5.71 -4.07 2.93
CA PHE A 41 -5.11 -3.52 4.14
C PHE A 41 -5.69 -4.26 5.34
N THR A 42 -6.98 -4.54 5.23
CA THR A 42 -7.70 -5.32 6.20
C THR A 42 -6.99 -6.65 6.46
N ARG A 43 -6.50 -7.29 5.40
CA ARG A 43 -5.81 -8.54 5.53
C ARG A 43 -4.60 -8.41 6.40
N LEU A 44 -3.89 -7.27 6.33
CA LEU A 44 -2.76 -7.08 7.29
C LEU A 44 -3.31 -6.99 8.70
N ARG A 45 -4.28 -6.13 8.87
CA ARG A 45 -4.87 -5.85 10.17
C ARG A 45 -5.44 -7.13 10.83
N GLU A 46 -6.15 -7.89 10.05
CA GLU A 46 -6.79 -9.09 10.53
C GLU A 46 -5.78 -10.21 10.68
N ALA A 47 -4.62 -10.04 10.09
CA ALA A 47 -3.57 -11.05 10.22
C ALA A 47 -2.85 -10.87 11.53
N ARG A 48 -2.63 -9.61 11.91
CA ARG A 48 -1.94 -9.33 13.15
C ARG A 48 -2.86 -9.56 14.35
N ALA A 49 -4.14 -9.28 14.14
CA ALA A 49 -5.16 -9.53 15.14
C ALA A 49 -6.44 -10.02 14.45
N PRO A 50 -6.62 -11.35 14.34
CA PRO A 50 -7.77 -11.93 13.63
C PRO A 50 -9.10 -11.86 14.40
N ALA A 51 -9.03 -12.14 15.69
CA ALA A 51 -10.20 -12.17 16.53
C ALA A 51 -9.80 -11.83 17.94
N SER A 52 -10.63 -11.13 18.63
CA SER A 52 -10.36 -10.76 20.00
C SER A 52 -11.43 -11.31 20.92
N GLY B 1 22.39 -9.89 -22.34
CA GLY B 1 21.71 -8.93 -23.18
C GLY B 1 20.38 -9.42 -23.64
N ALA B 2 19.77 -10.26 -22.82
CA ALA B 2 18.48 -10.84 -23.11
C ALA B 2 17.38 -9.85 -22.75
N MET B 3 16.14 -10.20 -23.04
CA MET B 3 15.04 -9.31 -22.76
C MET B 3 14.63 -9.50 -21.32
N GLY B 4 15.19 -8.69 -20.48
CA GLY B 4 14.83 -8.71 -19.11
C GLY B 4 15.10 -7.38 -18.48
N MET B 5 14.91 -6.33 -19.26
CA MET B 5 15.14 -4.98 -18.80
C MET B 5 13.81 -4.34 -18.45
N SER B 6 12.79 -4.75 -19.16
CA SER B 6 11.49 -4.20 -19.00
C SER B 6 10.59 -5.22 -18.35
N HIS B 7 10.45 -5.12 -17.07
CA HIS B 7 9.55 -5.94 -16.35
C HIS B 7 8.27 -5.18 -16.21
N ILE B 8 7.32 -5.57 -17.02
CA ILE B 8 6.05 -4.92 -17.13
C ILE B 8 5.26 -4.90 -15.83
N GLN B 9 4.45 -3.88 -15.66
CA GLN B 9 3.64 -3.80 -14.50
C GLN B 9 2.31 -4.42 -14.83
N ILE B 10 1.98 -5.43 -14.10
CA ILE B 10 0.75 -6.13 -14.24
C ILE B 10 -0.35 -5.36 -13.53
N PRO B 11 -1.64 -5.49 -14.00
CA PRO B 11 -2.77 -4.63 -13.69
C PRO B 11 -2.46 -3.35 -12.91
N PRO B 12 -2.25 -2.25 -13.66
CA PRO B 12 -1.95 -0.96 -13.09
C PRO B 12 -3.20 -0.18 -12.68
N GLY B 13 -3.00 1.04 -12.27
CA GLY B 13 -4.04 1.94 -11.86
C GLY B 13 -4.31 1.82 -10.38
N LEU B 14 -4.43 0.59 -9.91
CA LEU B 14 -4.55 0.38 -8.49
C LEU B 14 -3.23 0.62 -7.86
N THR B 15 -2.17 0.38 -8.61
CA THR B 15 -0.82 0.61 -8.20
C THR B 15 -0.58 2.10 -7.98
N GLU B 16 -1.24 2.91 -8.79
CA GLU B 16 -1.15 4.36 -8.70
C GLU B 16 -1.87 4.82 -7.44
N LEU B 17 -3.07 4.30 -7.24
CA LEU B 17 -3.84 4.67 -6.05
C LEU B 17 -3.18 4.13 -4.80
N LEU B 18 -2.64 2.93 -4.91
CA LEU B 18 -1.91 2.28 -3.85
C LEU B 18 -0.76 3.16 -3.43
N GLN B 19 -0.07 3.71 -4.42
CA GLN B 19 1.03 4.62 -4.20
C GLN B 19 0.58 5.83 -3.38
N GLY B 20 -0.44 6.51 -3.88
CA GLY B 20 -0.93 7.72 -3.22
C GLY B 20 -1.44 7.47 -1.81
N TYR B 21 -2.25 6.44 -1.65
CA TYR B 21 -2.85 6.16 -0.36
C TYR B 21 -1.88 5.55 0.65
N THR B 22 -0.92 4.77 0.17
CA THR B 22 0.10 4.24 1.08
C THR B 22 1.02 5.41 1.54
N VAL B 23 1.17 6.42 0.70
CA VAL B 23 1.89 7.59 1.14
C VAL B 23 1.05 8.33 2.20
N GLU B 24 -0.26 8.26 2.07
CA GLU B 24 -1.14 8.90 3.03
C GLU B 24 -0.99 8.22 4.41
N VAL B 25 -0.91 6.86 4.43
CA VAL B 25 -0.69 6.14 5.70
C VAL B 25 0.65 6.59 6.28
N LEU B 26 1.62 6.77 5.40
CA LEU B 26 2.96 7.17 5.73
C LEU B 26 3.01 8.59 6.31
N ARG B 27 2.22 9.49 5.74
CA ARG B 27 2.15 10.90 6.20
C ARG B 27 1.45 10.99 7.53
N GLN B 28 0.65 10.00 7.83
CA GLN B 28 -0.06 9.99 9.07
C GLN B 28 0.83 9.41 10.16
N GLN B 29 1.53 8.35 9.80
CA GLN B 29 2.44 7.56 10.65
C GLN B 29 1.88 7.29 12.07
N PRO B 30 0.91 6.40 12.20
CA PRO B 30 0.44 5.91 13.47
C PRO B 30 1.14 4.56 13.77
N PRO B 31 0.89 3.92 14.94
CA PRO B 31 1.41 2.58 15.21
C PRO B 31 0.77 1.58 14.23
N ASP B 32 -0.46 1.89 13.86
CA ASP B 32 -1.20 1.13 12.89
C ASP B 32 -1.42 1.95 11.65
N LEU B 33 -0.52 1.82 10.68
CA LEU B 33 -0.67 2.49 9.37
C LEU B 33 -1.94 1.97 8.71
N VAL B 34 -2.12 0.68 8.90
CA VAL B 34 -3.20 -0.05 8.32
C VAL B 34 -4.55 0.30 8.93
N GLU B 35 -4.61 0.62 10.21
CA GLU B 35 -5.88 0.96 10.86
C GLU B 35 -6.43 2.24 10.23
N PHE B 36 -5.53 3.20 10.03
CA PHE B 36 -5.85 4.43 9.34
C PHE B 36 -6.36 4.11 7.93
N ALA B 37 -5.63 3.22 7.26
CA ALA B 37 -5.97 2.81 5.91
C ALA B 37 -7.34 2.13 5.84
N VAL B 38 -7.60 1.18 6.73
CA VAL B 38 -8.86 0.45 6.70
C VAL B 38 -10.04 1.36 7.00
N GLU B 39 -9.86 2.36 7.86
CA GLU B 39 -10.91 3.32 8.12
C GLU B 39 -11.18 4.15 6.85
N TYR B 40 -10.10 4.50 6.19
CA TYR B 40 -10.15 5.28 4.96
C TYR B 40 -10.85 4.47 3.86
N PHE B 41 -10.45 3.22 3.73
CA PHE B 41 -10.99 2.35 2.71
C PHE B 41 -12.38 1.79 3.01
N THR B 42 -12.74 1.67 4.28
CA THR B 42 -14.10 1.29 4.63
C THR B 42 -15.01 2.44 4.27
N ARG B 43 -14.52 3.66 4.48
CA ARG B 43 -15.24 4.85 4.11
C ARG B 43 -15.42 4.85 2.58
N LEU B 44 -14.34 4.49 1.89
CA LEU B 44 -14.34 4.36 0.44
C LEU B 44 -15.42 3.39 -0.02
N ARG B 45 -15.46 2.21 0.57
CA ARG B 45 -16.41 1.19 0.12
C ARG B 45 -17.85 1.55 0.49
N GLU B 46 -18.08 1.97 1.70
CA GLU B 46 -19.44 2.19 2.15
C GLU B 46 -20.06 3.44 1.53
N ALA B 47 -19.25 4.45 1.31
CA ALA B 47 -19.76 5.69 0.80
C ALA B 47 -19.63 5.80 -0.72
N ARG B 48 -18.59 5.20 -1.29
CA ARG B 48 -18.32 5.42 -2.71
C ARG B 48 -18.52 4.17 -3.57
N ALA B 49 -18.78 3.02 -2.97
CA ALA B 49 -19.09 1.84 -3.80
C ALA B 49 -20.51 1.92 -4.39
N PRO B 50 -21.55 2.26 -3.59
CA PRO B 50 -22.86 2.48 -4.12
C PRO B 50 -22.90 3.81 -4.87
N ALA B 51 -22.43 3.79 -6.08
CA ALA B 51 -22.36 4.97 -6.93
C ALA B 51 -22.20 4.59 -8.40
N SER B 52 -22.31 3.32 -8.70
CA SER B 52 -22.15 2.86 -10.09
C SER B 52 -23.28 1.90 -10.45
N ARG C 1 9.83 -11.22 -11.37
CA ARG C 1 10.22 -9.95 -11.97
C ARG C 1 9.05 -9.40 -12.74
N GLU C 2 8.41 -10.29 -13.44
CA GLU C 2 7.22 -9.99 -14.21
C GLU C 2 6.03 -10.66 -13.57
N THR C 3 6.28 -11.18 -12.40
CA THR C 3 5.31 -11.88 -11.63
C THR C 3 4.77 -10.92 -10.59
N ALA C 4 3.55 -11.15 -10.17
CA ALA C 4 2.86 -10.29 -9.22
C ALA C 4 3.64 -10.09 -7.98
N GLU C 5 4.30 -11.16 -7.52
CA GLU C 5 5.11 -11.12 -6.32
C GLU C 5 6.14 -10.01 -6.41
N GLU C 6 6.91 -9.99 -7.47
CA GLU C 6 7.97 -9.01 -7.60
C GLU C 6 7.46 -7.65 -8.01
N VAL C 7 6.47 -7.62 -8.87
CA VAL C 7 5.94 -6.35 -9.34
C VAL C 7 5.26 -5.61 -8.21
N SER C 8 4.29 -6.25 -7.56
CA SER C 8 3.56 -5.62 -6.48
C SER C 8 4.50 -5.27 -5.30
N ALA C 9 5.53 -6.12 -5.09
CA ALA C 9 6.49 -5.87 -4.03
C ALA C 9 7.26 -4.61 -4.30
N ARG C 10 7.65 -4.42 -5.56
CA ARG C 10 8.47 -3.29 -5.92
C ARG C 10 7.65 -2.04 -5.85
N ILE C 11 6.35 -2.17 -6.11
CA ILE C 11 5.46 -1.02 -6.11
C ILE C 11 5.37 -0.48 -4.70
N VAL C 12 5.00 -1.34 -3.77
CA VAL C 12 4.75 -0.91 -2.40
C VAL C 12 6.06 -0.45 -1.75
N GLN C 13 7.13 -1.05 -2.19
CA GLN C 13 8.45 -0.77 -1.71
C GLN C 13 8.92 0.61 -2.16
N VAL C 14 8.83 0.90 -3.46
CA VAL C 14 9.26 2.19 -3.97
C VAL C 14 8.39 3.29 -3.42
N VAL C 15 7.13 2.99 -3.17
CA VAL C 15 6.24 3.98 -2.58
C VAL C 15 6.72 4.35 -1.19
N THR C 16 6.94 3.36 -0.36
CA THR C 16 7.29 3.63 1.01
C THR C 16 8.71 4.14 1.15
N ALA C 17 9.59 3.60 0.35
CA ALA C 17 11.01 3.96 0.43
C ALA C 17 11.24 5.36 -0.10
N GLU C 18 10.69 5.64 -1.25
CA GLU C 18 10.87 6.93 -1.83
C GLU C 18 10.06 7.99 -1.11
N ALA C 19 8.92 7.63 -0.55
CA ALA C 19 8.13 8.60 0.24
C ALA C 19 8.90 8.97 1.51
N VAL C 20 9.63 7.99 2.07
CA VAL C 20 10.53 8.26 3.18
C VAL C 20 11.61 9.24 2.71
N ALA C 21 12.03 9.10 1.49
CA ALA C 21 13.00 9.99 0.97
C ALA C 21 12.36 11.36 0.65
N VAL C 22 11.09 11.35 0.32
CA VAL C 22 10.35 12.57 0.09
C VAL C 22 10.31 13.42 1.37
N LEU C 23 10.33 12.77 2.55
CA LEU C 23 10.30 13.50 3.83
C LEU C 23 11.51 14.47 3.94
N LYS C 24 12.67 14.03 3.43
CA LYS C 24 13.89 14.86 3.51
C LYS C 24 13.88 15.86 2.37
N GLY C 25 13.04 15.61 1.42
CA GLY C 25 12.93 16.45 0.28
C GLY C 25 13.75 15.93 -0.85
N GLU C 26 13.76 14.61 -1.02
CA GLU C 26 14.45 13.98 -2.15
C GLU C 26 13.74 14.39 -3.44
N GLN C 27 12.49 14.80 -3.27
CA GLN C 27 11.62 15.26 -4.35
C GLN C 27 12.12 16.59 -4.92
N GLU C 28 13.02 17.22 -4.22
CA GLU C 28 13.59 18.49 -4.61
C GLU C 28 15.06 18.33 -4.95
N GLY A 1 12.59 18.28 20.06
CA GLY A 1 13.31 17.83 18.88
C GLY A 1 13.33 18.91 17.82
N ALA A 2 13.04 18.53 16.59
CA ALA A 2 13.06 19.47 15.47
C ALA A 2 11.78 20.29 15.41
N MET A 3 10.69 19.69 15.87
CA MET A 3 9.35 20.32 15.98
C MET A 3 8.70 20.66 14.64
N GLY A 4 7.58 20.00 14.36
CA GLY A 4 6.78 20.30 13.17
C GLY A 4 7.51 19.96 11.89
N MET A 5 8.36 18.98 11.98
CA MET A 5 9.16 18.57 10.89
C MET A 5 8.54 17.33 10.22
N SER A 6 7.86 16.53 11.03
CA SER A 6 7.23 15.29 10.60
C SER A 6 8.29 14.24 10.20
N HIS A 7 8.51 13.30 11.09
CA HIS A 7 9.49 12.26 10.91
C HIS A 7 8.76 11.01 10.73
N ILE A 8 8.56 10.70 9.52
CA ILE A 8 7.83 9.57 9.14
C ILE A 8 8.65 8.31 9.32
N GLN A 9 8.27 7.56 10.32
CA GLN A 9 8.87 6.30 10.59
C GLN A 9 7.86 5.22 10.34
N ILE A 10 7.98 4.59 9.22
CA ILE A 10 7.05 3.58 8.84
C ILE A 10 7.44 2.17 9.30
N PRO A 11 6.52 1.45 9.99
CA PRO A 11 6.77 0.11 10.53
C PRO A 11 7.13 -0.92 9.47
N PRO A 12 8.27 -1.60 9.63
CA PRO A 12 8.66 -2.68 8.76
C PRO A 12 7.63 -3.82 8.87
N GLY A 13 7.36 -4.47 7.78
CA GLY A 13 6.37 -5.51 7.77
C GLY A 13 5.15 -5.09 6.99
N LEU A 14 4.89 -3.78 6.97
CA LEU A 14 3.76 -3.20 6.21
C LEU A 14 3.85 -3.68 4.78
N THR A 15 5.00 -3.47 4.20
CA THR A 15 5.27 -3.82 2.85
C THR A 15 5.21 -5.32 2.63
N GLU A 16 5.79 -6.06 3.54
CA GLU A 16 5.97 -7.50 3.39
C GLU A 16 4.63 -8.23 3.39
N LEU A 17 3.80 -7.89 4.35
CA LEU A 17 2.52 -8.55 4.47
C LEU A 17 1.59 -8.09 3.41
N LEU A 18 1.50 -6.78 3.20
CA LEU A 18 0.60 -6.30 2.20
C LEU A 18 1.11 -6.64 0.77
N GLN A 19 2.41 -6.96 0.62
CA GLN A 19 2.94 -7.46 -0.65
C GLN A 19 2.31 -8.82 -0.92
N GLY A 20 2.53 -9.76 0.02
CA GLY A 20 2.00 -11.10 -0.14
C GLY A 20 0.49 -11.09 -0.33
N TYR A 21 -0.14 -10.18 0.37
CA TYR A 21 -1.54 -10.08 0.30
C TYR A 21 -2.03 -9.36 -0.94
N THR A 22 -1.29 -8.36 -1.43
CA THR A 22 -1.71 -7.68 -2.64
C THR A 22 -1.63 -8.62 -3.82
N VAL A 23 -0.55 -9.41 -3.91
CA VAL A 23 -0.45 -10.38 -5.00
C VAL A 23 -1.57 -11.42 -4.89
N GLU A 24 -1.97 -11.73 -3.65
CA GLU A 24 -3.07 -12.64 -3.42
C GLU A 24 -4.37 -12.01 -3.91
N VAL A 25 -4.51 -10.71 -3.69
CA VAL A 25 -5.70 -10.02 -4.09
C VAL A 25 -5.70 -9.83 -5.60
N LEU A 26 -4.53 -9.59 -6.18
CA LEU A 26 -4.38 -9.39 -7.62
C LEU A 26 -4.82 -10.63 -8.36
N ARG A 27 -4.50 -11.78 -7.83
CA ARG A 27 -4.90 -13.03 -8.44
C ARG A 27 -6.35 -13.33 -8.13
N GLN A 28 -6.85 -12.73 -7.08
CA GLN A 28 -8.25 -12.82 -6.70
C GLN A 28 -9.10 -11.86 -7.59
N GLN A 29 -8.39 -10.99 -8.35
CA GLN A 29 -9.00 -10.08 -9.33
C GLN A 29 -10.00 -9.05 -8.72
N PRO A 30 -9.48 -8.05 -7.94
CA PRO A 30 -10.29 -7.07 -7.19
C PRO A 30 -11.47 -6.48 -8.00
N PRO A 31 -12.69 -6.55 -7.43
CA PRO A 31 -13.89 -6.04 -8.10
C PRO A 31 -13.91 -4.51 -8.20
N ASP A 32 -13.73 -3.87 -7.08
CA ASP A 32 -13.76 -2.43 -6.98
C ASP A 32 -12.67 -2.04 -6.02
N LEU A 33 -12.20 -0.82 -6.12
CA LEU A 33 -11.16 -0.29 -5.25
C LEU A 33 -11.58 -0.34 -3.80
N VAL A 34 -12.88 -0.18 -3.55
CA VAL A 34 -13.39 -0.24 -2.20
C VAL A 34 -13.14 -1.62 -1.57
N GLU A 35 -13.45 -2.67 -2.31
CA GLU A 35 -13.32 -4.01 -1.82
C GLU A 35 -11.84 -4.33 -1.72
N PHE A 36 -11.10 -3.94 -2.77
CA PHE A 36 -9.67 -4.14 -2.83
C PHE A 36 -8.97 -3.55 -1.62
N ALA A 37 -9.18 -2.28 -1.39
CA ALA A 37 -8.47 -1.58 -0.35
C ALA A 37 -8.83 -2.08 1.03
N VAL A 38 -10.14 -2.16 1.32
CA VAL A 38 -10.59 -2.58 2.64
C VAL A 38 -10.05 -3.96 2.99
N GLU A 39 -10.30 -4.95 2.11
CA GLU A 39 -9.90 -6.32 2.42
C GLU A 39 -8.41 -6.52 2.45
N TYR A 40 -7.69 -5.81 1.62
CA TYR A 40 -6.23 -5.89 1.52
C TYR A 40 -5.50 -5.42 2.79
N PHE A 41 -5.79 -4.19 3.21
CA PHE A 41 -5.11 -3.65 4.38
C PHE A 41 -5.56 -4.46 5.61
N THR A 42 -6.85 -4.72 5.62
CA THR A 42 -7.49 -5.57 6.61
C THR A 42 -6.85 -6.97 6.63
N ARG A 43 -6.37 -7.43 5.50
CA ARG A 43 -5.75 -8.74 5.38
C ARG A 43 -4.44 -8.77 6.17
N LEU A 44 -3.67 -7.64 6.19
CA LEU A 44 -2.45 -7.63 7.06
C LEU A 44 -2.91 -7.59 8.49
N ARG A 45 -3.87 -6.75 8.74
CA ARG A 45 -4.41 -6.55 10.08
C ARG A 45 -4.95 -7.89 10.66
N GLU A 46 -5.58 -8.66 9.80
CA GLU A 46 -6.13 -9.97 10.11
C GLU A 46 -5.00 -10.96 10.39
N ALA A 47 -3.90 -10.78 9.68
CA ALA A 47 -2.76 -11.66 9.78
C ALA A 47 -2.05 -11.49 11.11
N ARG A 48 -2.15 -10.32 11.67
CA ARG A 48 -1.53 -10.05 12.96
C ARG A 48 -2.52 -10.16 14.12
N ALA A 49 -3.74 -9.66 13.90
CA ALA A 49 -4.81 -9.60 14.91
C ALA A 49 -4.40 -8.68 16.06
N PRO A 50 -4.60 -7.38 15.88
CA PRO A 50 -4.18 -6.38 16.84
C PRO A 50 -5.16 -6.21 18.00
N ALA A 51 -6.45 -6.44 17.71
CA ALA A 51 -7.54 -6.23 18.65
C ALA A 51 -7.52 -4.82 19.19
N SER A 52 -7.86 -3.92 18.34
CA SER A 52 -7.88 -2.51 18.63
C SER A 52 -9.02 -1.83 17.90
N GLY B 1 16.51 7.82 -22.46
CA GLY B 1 15.41 6.90 -22.45
C GLY B 1 15.78 5.57 -21.80
N ALA B 2 14.82 4.64 -21.84
CA ALA B 2 14.96 3.28 -21.30
C ALA B 2 15.22 3.28 -19.79
N MET B 3 14.15 3.27 -19.01
CA MET B 3 14.26 3.25 -17.55
C MET B 3 13.84 1.91 -16.99
N GLY B 4 13.65 0.95 -17.87
CA GLY B 4 13.27 -0.38 -17.44
C GLY B 4 14.45 -1.07 -16.84
N MET B 5 14.50 -1.13 -15.54
CA MET B 5 15.63 -1.74 -14.87
C MET B 5 15.22 -2.98 -14.13
N SER B 6 15.45 -4.11 -14.81
CA SER B 6 15.20 -5.44 -14.30
C SER B 6 13.71 -5.74 -14.13
N HIS B 7 13.10 -5.19 -13.13
CA HIS B 7 11.71 -5.46 -12.87
C HIS B 7 10.88 -4.38 -13.49
N ILE B 8 9.97 -4.78 -14.27
CA ILE B 8 9.04 -3.89 -14.86
C ILE B 8 7.73 -4.01 -14.10
N GLN B 9 6.94 -2.99 -14.06
CA GLN B 9 5.71 -3.10 -13.35
C GLN B 9 4.63 -3.64 -14.24
N ILE B 10 4.01 -4.67 -13.78
CA ILE B 10 2.87 -5.20 -14.41
C ILE B 10 1.67 -4.44 -13.84
N PRO B 11 1.04 -3.58 -14.67
CA PRO B 11 0.06 -2.62 -14.20
C PRO B 11 -1.40 -3.08 -14.26
N PRO B 12 -2.02 -3.25 -13.09
CA PRO B 12 -3.43 -3.47 -12.99
C PRO B 12 -4.20 -2.16 -12.63
N GLY B 13 -3.44 -1.05 -12.51
CA GLY B 13 -4.00 0.27 -12.22
C GLY B 13 -4.13 0.56 -10.73
N LEU B 14 -4.60 -0.44 -10.00
CA LEU B 14 -4.77 -0.29 -8.57
C LEU B 14 -3.47 -0.03 -7.87
N THR B 15 -2.36 -0.50 -8.43
CA THR B 15 -1.05 -0.29 -7.86
C THR B 15 -0.64 1.18 -7.90
N GLU B 16 -1.12 1.90 -8.89
CA GLU B 16 -0.81 3.32 -9.03
C GLU B 16 -1.60 4.04 -7.94
N LEU B 17 -2.86 3.67 -7.84
CA LEU B 17 -3.70 4.27 -6.80
C LEU B 17 -3.23 3.82 -5.42
N LEU B 18 -2.74 2.60 -5.35
CA LEU B 18 -2.18 2.01 -4.16
C LEU B 18 -0.97 2.79 -3.71
N GLN B 19 -0.19 3.29 -4.67
CA GLN B 19 0.92 4.18 -4.38
C GLN B 19 0.40 5.37 -3.61
N GLY B 20 -0.64 6.00 -4.17
CA GLY B 20 -1.25 7.13 -3.51
C GLY B 20 -1.81 6.78 -2.12
N TYR B 21 -2.43 5.63 -2.03
CA TYR B 21 -3.01 5.18 -0.76
C TYR B 21 -1.96 4.78 0.28
N THR B 22 -0.87 4.18 -0.15
CA THR B 22 0.17 3.76 0.76
C THR B 22 0.94 4.98 1.29
N VAL B 23 1.08 5.99 0.47
CA VAL B 23 1.70 7.20 0.98
C VAL B 23 0.73 7.91 1.93
N GLU B 24 -0.57 7.75 1.67
CA GLU B 24 -1.60 8.35 2.50
C GLU B 24 -1.53 7.74 3.92
N VAL B 25 -1.35 6.40 3.99
CA VAL B 25 -1.22 5.73 5.28
C VAL B 25 0.05 6.25 5.99
N LEU B 26 1.14 6.29 5.22
CA LEU B 26 2.46 6.68 5.67
C LEU B 26 2.49 8.08 6.27
N ARG B 27 1.83 9.00 5.62
CA ARG B 27 1.84 10.37 6.04
C ARG B 27 0.89 10.63 7.21
N GLN B 28 -0.23 9.90 7.25
CA GLN B 28 -1.24 10.22 8.24
C GLN B 28 -1.01 9.56 9.59
N GLN B 29 -0.67 8.28 9.61
CA GLN B 29 -0.56 7.61 10.88
C GLN B 29 0.57 6.61 10.92
N PRO B 30 1.80 7.09 11.21
CA PRO B 30 3.01 6.24 11.29
C PRO B 30 2.89 5.00 12.24
N PRO B 31 2.30 5.09 13.50
CA PRO B 31 2.21 3.93 14.40
C PRO B 31 1.49 2.72 13.77
N ASP B 32 0.33 2.97 13.21
CA ASP B 32 -0.44 1.92 12.60
C ASP B 32 -1.04 2.43 11.34
N LEU B 33 -0.32 2.19 10.28
CA LEU B 33 -0.68 2.61 8.94
C LEU B 33 -1.95 1.91 8.48
N VAL B 34 -2.06 0.66 8.86
CA VAL B 34 -3.13 -0.18 8.41
C VAL B 34 -4.46 0.18 9.07
N GLU B 35 -4.44 0.50 10.35
CA GLU B 35 -5.67 0.85 11.06
C GLU B 35 -6.29 2.10 10.45
N PHE B 36 -5.44 3.06 10.11
CA PHE B 36 -5.89 4.26 9.42
C PHE B 36 -6.50 3.87 8.10
N ALA B 37 -5.79 3.00 7.38
CA ALA B 37 -6.24 2.55 6.08
C ALA B 37 -7.60 1.88 6.18
N VAL B 38 -7.76 0.98 7.13
CA VAL B 38 -9.02 0.29 7.32
C VAL B 38 -10.16 1.28 7.54
N GLU B 39 -9.97 2.22 8.49
CA GLU B 39 -11.00 3.24 8.79
C GLU B 39 -11.32 4.07 7.55
N TYR B 40 -10.30 4.47 6.85
CA TYR B 40 -10.41 5.31 5.69
C TYR B 40 -11.14 4.55 4.57
N PHE B 41 -10.76 3.32 4.34
CA PHE B 41 -11.34 2.56 3.27
C PHE B 41 -12.71 2.00 3.56
N THR B 42 -13.00 1.64 4.81
CA THR B 42 -14.36 1.23 5.11
C THR B 42 -15.28 2.43 4.96
N ARG B 43 -14.76 3.62 5.28
CA ARG B 43 -15.46 4.86 5.02
C ARG B 43 -15.74 4.97 3.52
N LEU B 44 -14.71 4.76 2.71
CA LEU B 44 -14.81 4.80 1.26
C LEU B 44 -15.89 3.83 0.77
N ARG B 45 -15.82 2.56 1.20
CA ARG B 45 -16.76 1.56 0.72
C ARG B 45 -18.19 1.90 1.14
N GLU B 46 -18.34 2.51 2.30
CA GLU B 46 -19.64 2.82 2.82
C GLU B 46 -20.17 4.14 2.22
N ALA B 47 -19.32 4.87 1.54
CA ALA B 47 -19.74 6.08 0.84
C ALA B 47 -20.20 5.67 -0.55
N ARG B 48 -19.58 4.64 -1.04
CA ARG B 48 -19.85 4.09 -2.35
C ARG B 48 -21.04 3.11 -2.29
N ALA B 49 -21.18 2.47 -1.16
CA ALA B 49 -22.28 1.58 -0.87
C ALA B 49 -22.55 1.63 0.63
N PRO B 50 -23.50 2.48 1.07
CA PRO B 50 -23.85 2.64 2.47
C PRO B 50 -24.41 1.37 3.08
N ALA B 51 -23.58 0.70 3.84
CA ALA B 51 -23.96 -0.50 4.53
C ALA B 51 -24.67 -0.13 5.81
N SER B 52 -24.04 0.69 6.60
CA SER B 52 -24.64 1.15 7.84
C SER B 52 -24.60 2.66 7.93
N ARG C 1 5.61 -11.89 -17.70
CA ARG C 1 7.02 -12.13 -17.98
C ARG C 1 7.89 -11.62 -16.84
N GLU C 2 7.24 -11.33 -15.77
CA GLU C 2 7.83 -10.95 -14.52
C GLU C 2 7.02 -11.63 -13.48
N THR C 3 7.36 -11.48 -12.24
CA THR C 3 6.59 -12.12 -11.24
C THR C 3 5.79 -11.06 -10.50
N ALA C 4 4.59 -11.39 -10.04
CA ALA C 4 3.78 -10.42 -9.35
C ALA C 4 4.29 -10.12 -7.99
N GLU C 5 4.78 -11.15 -7.30
CA GLU C 5 5.39 -10.99 -5.99
C GLU C 5 6.54 -10.01 -6.04
N GLU C 6 7.46 -10.22 -6.97
CA GLU C 6 8.65 -9.41 -7.03
C GLU C 6 8.32 -7.98 -7.46
N VAL C 7 7.39 -7.85 -8.38
CA VAL C 7 6.99 -6.55 -8.83
C VAL C 7 6.26 -5.80 -7.73
N SER C 8 5.21 -6.41 -7.18
CA SER C 8 4.42 -5.80 -6.11
C SER C 8 5.31 -5.48 -4.90
N ALA C 9 6.35 -6.31 -4.67
CA ALA C 9 7.33 -6.10 -3.62
C ALA C 9 8.05 -4.82 -3.85
N ARG C 10 8.47 -4.60 -5.10
CA ARG C 10 9.14 -3.39 -5.44
C ARG C 10 8.18 -2.24 -5.27
N ILE C 11 6.94 -2.43 -5.67
CA ILE C 11 5.93 -1.38 -5.62
C ILE C 11 5.71 -0.88 -4.19
N VAL C 12 5.49 -1.79 -3.26
CA VAL C 12 5.24 -1.39 -1.87
C VAL C 12 6.51 -0.78 -1.25
N GLN C 13 7.63 -1.30 -1.69
CA GLN C 13 8.91 -0.87 -1.26
C GLN C 13 9.23 0.53 -1.75
N VAL C 14 9.07 0.75 -3.04
CA VAL C 14 9.37 2.02 -3.63
C VAL C 14 8.45 3.10 -3.12
N VAL C 15 7.17 2.77 -2.97
CA VAL C 15 6.24 3.78 -2.50
C VAL C 15 6.55 4.20 -1.08
N THR C 16 6.94 3.24 -0.22
CA THR C 16 7.29 3.61 1.13
C THR C 16 8.63 4.32 1.19
N ALA C 17 9.63 3.77 0.51
CA ALA C 17 10.97 4.34 0.50
C ALA C 17 10.99 5.73 -0.12
N GLU C 18 10.34 5.88 -1.28
CA GLU C 18 10.26 7.17 -1.96
C GLU C 18 9.51 8.18 -1.11
N ALA C 19 8.41 7.77 -0.46
CA ALA C 19 7.67 8.68 0.41
C ALA C 19 8.49 9.06 1.65
N VAL C 20 9.23 8.09 2.18
CA VAL C 20 10.16 8.36 3.28
C VAL C 20 11.19 9.40 2.82
N ALA C 21 11.55 9.33 1.56
CA ALA C 21 12.48 10.26 1.01
C ALA C 21 11.80 11.62 0.79
N VAL C 22 10.52 11.60 0.49
CA VAL C 22 9.72 12.82 0.38
C VAL C 22 9.74 13.59 1.72
N LEU C 23 9.86 12.88 2.85
CA LEU C 23 9.90 13.54 4.16
C LEU C 23 11.13 14.47 4.25
N LYS C 24 12.27 14.04 3.67
CA LYS C 24 13.49 14.86 3.71
C LYS C 24 13.40 15.92 2.61
N GLY C 25 12.51 15.69 1.67
CA GLY C 25 12.39 16.53 0.53
C GLY C 25 13.34 16.07 -0.53
N GLU C 26 13.30 14.77 -0.81
CA GLU C 26 14.19 14.19 -1.80
C GLU C 26 13.78 14.60 -3.21
N GLN C 27 12.54 15.02 -3.33
CA GLN C 27 11.99 15.54 -4.59
C GLN C 27 12.48 16.97 -4.86
N GLU C 28 13.36 17.46 -4.02
CA GLU C 28 13.94 18.78 -4.16
C GLU C 28 15.40 18.65 -4.53
N GLY A 1 18.59 23.06 8.88
CA GLY A 1 17.47 23.74 9.53
C GLY A 1 17.08 23.01 10.78
N ALA A 2 16.17 23.59 11.56
CA ALA A 2 15.72 22.96 12.79
C ALA A 2 14.95 21.70 12.45
N MET A 3 14.18 21.77 11.40
CA MET A 3 13.48 20.64 10.89
C MET A 3 13.34 20.80 9.40
N GLY A 4 13.56 19.76 8.72
CA GLY A 4 13.33 19.74 7.31
C GLY A 4 12.89 18.39 6.93
N MET A 5 12.35 17.72 7.90
CA MET A 5 11.94 16.38 7.77
C MET A 5 10.65 16.18 8.49
N SER A 6 10.27 14.97 8.56
CA SER A 6 9.18 14.49 9.32
C SER A 6 9.64 13.15 9.80
N HIS A 7 9.37 12.82 11.04
CA HIS A 7 9.87 11.59 11.59
C HIS A 7 8.94 10.46 11.29
N ILE A 8 9.00 10.09 10.05
CA ILE A 8 8.20 9.08 9.48
C ILE A 8 8.87 7.74 9.65
N GLN A 9 8.28 6.96 10.48
CA GLN A 9 8.71 5.64 10.76
C GLN A 9 7.70 4.69 10.22
N ILE A 10 7.99 4.10 9.11
CA ILE A 10 7.10 3.14 8.54
C ILE A 10 7.46 1.71 8.95
N PRO A 11 6.59 1.06 9.75
CA PRO A 11 6.81 -0.30 10.25
C PRO A 11 7.03 -1.32 9.14
N PRO A 12 8.19 -2.01 9.16
CA PRO A 12 8.46 -3.10 8.23
C PRO A 12 7.42 -4.19 8.45
N GLY A 13 7.05 -4.86 7.40
CA GLY A 13 6.00 -5.85 7.53
C GLY A 13 4.75 -5.38 6.82
N LEU A 14 4.52 -4.05 6.83
CA LEU A 14 3.40 -3.41 6.13
C LEU A 14 3.40 -3.88 4.69
N THR A 15 4.53 -3.66 4.08
CA THR A 15 4.77 -3.98 2.72
C THR A 15 4.70 -5.48 2.48
N GLU A 16 5.23 -6.24 3.40
CA GLU A 16 5.38 -7.67 3.21
C GLU A 16 4.03 -8.37 3.21
N LEU A 17 3.21 -8.04 4.18
CA LEU A 17 1.94 -8.68 4.36
C LEU A 17 0.99 -8.20 3.27
N LEU A 18 0.85 -6.89 3.17
CA LEU A 18 -0.10 -6.34 2.24
C LEU A 18 0.30 -6.61 0.78
N GLN A 19 1.60 -6.70 0.50
CA GLN A 19 2.04 -7.03 -0.85
C GLN A 19 1.86 -8.49 -1.20
N GLY A 20 2.13 -9.39 -0.27
CA GLY A 20 1.88 -10.80 -0.57
C GLY A 20 0.40 -11.00 -0.89
N TYR A 21 -0.38 -10.21 -0.19
CA TYR A 21 -1.78 -10.25 -0.31
C TYR A 21 -2.16 -9.63 -1.64
N THR A 22 -1.53 -8.53 -2.01
CA THR A 22 -1.83 -7.88 -3.28
C THR A 22 -1.56 -8.82 -4.45
N VAL A 23 -0.50 -9.64 -4.35
CA VAL A 23 -0.17 -10.59 -5.41
C VAL A 23 -1.32 -11.58 -5.59
N GLU A 24 -1.78 -12.16 -4.49
CA GLU A 24 -2.87 -13.11 -4.58
C GLU A 24 -4.19 -12.41 -4.96
N VAL A 25 -4.31 -11.14 -4.57
CA VAL A 25 -5.51 -10.38 -4.84
C VAL A 25 -5.59 -10.00 -6.30
N LEU A 26 -4.50 -9.51 -6.84
CA LEU A 26 -4.45 -9.15 -8.24
C LEU A 26 -4.63 -10.38 -9.13
N ARG A 27 -4.18 -11.54 -8.63
CA ARG A 27 -4.41 -12.78 -9.35
C ARG A 27 -5.88 -13.17 -9.29
N GLN A 28 -6.55 -12.78 -8.22
CA GLN A 28 -7.98 -13.02 -8.08
C GLN A 28 -8.79 -12.00 -8.89
N GLN A 29 -8.15 -10.89 -9.31
CA GLN A 29 -8.80 -9.84 -10.09
C GLN A 29 -9.98 -9.20 -9.30
N PRO A 30 -9.66 -8.44 -8.21
CA PRO A 30 -10.67 -7.92 -7.25
C PRO A 30 -11.83 -7.16 -7.90
N PRO A 31 -13.04 -7.29 -7.32
CA PRO A 31 -14.27 -6.66 -7.84
C PRO A 31 -14.14 -5.15 -8.00
N ASP A 32 -13.84 -4.47 -6.92
CA ASP A 32 -13.71 -3.03 -6.93
C ASP A 32 -12.68 -2.63 -5.88
N LEU A 33 -12.24 -1.38 -5.90
CA LEU A 33 -11.22 -0.90 -4.99
C LEU A 33 -11.69 -0.95 -3.55
N VAL A 34 -12.99 -0.77 -3.34
CA VAL A 34 -13.55 -0.84 -2.02
C VAL A 34 -13.33 -2.22 -1.35
N GLU A 35 -13.67 -3.33 -2.03
CA GLU A 35 -13.43 -4.66 -1.47
C GLU A 35 -11.94 -4.89 -1.34
N PHE A 36 -11.22 -4.47 -2.38
CA PHE A 36 -9.78 -4.61 -2.47
C PHE A 36 -9.12 -4.00 -1.25
N ALA A 37 -9.39 -2.74 -1.00
CA ALA A 37 -8.73 -2.01 0.05
C ALA A 37 -9.15 -2.48 1.43
N VAL A 38 -10.47 -2.66 1.62
CA VAL A 38 -10.98 -3.06 2.91
C VAL A 38 -10.36 -4.37 3.36
N GLU A 39 -10.46 -5.41 2.54
CA GLU A 39 -9.95 -6.72 2.97
C GLU A 39 -8.43 -6.74 3.04
N TYR A 40 -7.80 -5.96 2.18
CA TYR A 40 -6.35 -5.90 2.06
C TYR A 40 -5.70 -5.47 3.38
N PHE A 41 -6.11 -4.30 3.81
CA PHE A 41 -5.49 -3.69 4.96
C PHE A 41 -6.01 -4.40 6.21
N THR A 42 -7.26 -4.82 6.13
CA THR A 42 -7.86 -5.64 7.14
C THR A 42 -7.03 -6.91 7.37
N ARG A 43 -6.55 -7.52 6.28
CA ARG A 43 -5.73 -8.71 6.38
C ARG A 43 -4.45 -8.45 7.16
N LEU A 44 -3.83 -7.26 6.98
CA LEU A 44 -2.66 -6.95 7.86
C LEU A 44 -3.12 -6.93 9.30
N ARG A 45 -4.19 -6.22 9.57
CA ARG A 45 -4.70 -6.14 10.92
C ARG A 45 -5.15 -7.47 11.50
N GLU A 46 -5.63 -8.36 10.67
CA GLU A 46 -6.03 -9.69 11.14
C GLU A 46 -4.81 -10.56 11.40
N ALA A 47 -3.71 -10.23 10.76
CA ALA A 47 -2.50 -10.99 10.90
C ALA A 47 -1.78 -10.61 12.18
N ARG A 48 -1.76 -9.32 12.48
CA ARG A 48 -1.03 -8.88 13.65
C ARG A 48 -1.94 -8.78 14.87
N ALA A 49 -3.18 -8.37 14.62
CA ALA A 49 -4.22 -8.15 15.63
C ALA A 49 -3.81 -7.08 16.65
N PRO A 50 -4.05 -5.79 16.30
CA PRO A 50 -3.68 -4.65 17.16
C PRO A 50 -4.64 -4.47 18.33
N ALA A 51 -5.84 -4.98 18.14
CA ALA A 51 -6.89 -4.89 19.12
C ALA A 51 -7.82 -6.05 18.90
N SER A 52 -8.43 -6.08 17.75
CA SER A 52 -9.34 -7.15 17.41
C SER A 52 -8.64 -8.13 16.48
N GLY B 1 20.52 0.70 -8.34
CA GLY B 1 20.13 -0.26 -9.35
C GLY B 1 18.89 0.20 -10.07
N ALA B 2 18.93 1.42 -10.55
CA ALA B 2 17.78 1.99 -11.23
C ALA B 2 17.68 1.49 -12.66
N MET B 3 18.77 0.97 -13.19
CA MET B 3 18.78 0.45 -14.53
C MET B 3 19.62 -0.81 -14.61
N GLY B 4 19.11 -1.80 -15.30
CA GLY B 4 19.83 -3.02 -15.50
C GLY B 4 19.23 -3.80 -16.63
N MET B 5 18.08 -4.35 -16.39
CA MET B 5 17.35 -5.12 -17.37
C MET B 5 15.91 -4.67 -17.34
N SER B 6 15.37 -4.30 -18.48
CA SER B 6 14.00 -3.87 -18.57
C SER B 6 13.08 -5.07 -18.46
N HIS B 7 12.62 -5.32 -17.27
CA HIS B 7 11.69 -6.37 -17.02
C HIS B 7 10.31 -5.80 -17.09
N ILE B 8 9.38 -6.58 -17.55
CA ILE B 8 8.03 -6.14 -17.62
C ILE B 8 7.42 -6.02 -16.23
N GLN B 9 7.05 -4.82 -15.91
CA GLN B 9 6.48 -4.54 -14.65
C GLN B 9 5.01 -4.50 -14.82
N ILE B 10 4.32 -5.40 -14.19
CA ILE B 10 2.90 -5.53 -14.34
C ILE B 10 2.12 -4.57 -13.43
N PRO B 11 1.47 -3.55 -14.01
CA PRO B 11 0.63 -2.64 -13.28
C PRO B 11 -0.88 -2.93 -13.51
N PRO B 12 -1.54 -3.61 -12.58
CA PRO B 12 -2.97 -3.89 -12.70
C PRO B 12 -3.82 -2.61 -12.51
N GLY B 13 -3.23 -1.61 -11.88
CA GLY B 13 -3.91 -0.33 -11.71
C GLY B 13 -4.13 -0.08 -10.25
N LEU B 14 -4.48 -1.13 -9.56
CA LEU B 14 -4.66 -1.12 -8.13
C LEU B 14 -3.36 -0.68 -7.46
N THR B 15 -2.25 -0.99 -8.12
CA THR B 15 -0.91 -0.63 -7.71
C THR B 15 -0.69 0.89 -7.72
N GLU B 16 -1.32 1.55 -8.66
CA GLU B 16 -1.26 2.99 -8.81
C GLU B 16 -2.01 3.61 -7.65
N LEU B 17 -3.20 3.08 -7.42
CA LEU B 17 -4.03 3.55 -6.30
C LEU B 17 -3.32 3.24 -4.99
N LEU B 18 -2.76 2.05 -4.92
CA LEU B 18 -2.00 1.55 -3.79
C LEU B 18 -0.85 2.48 -3.46
N GLN B 19 -0.17 2.97 -4.50
CA GLN B 19 0.90 3.93 -4.32
C GLN B 19 0.39 5.16 -3.61
N GLY B 20 -0.70 5.72 -4.14
CA GLY B 20 -1.28 6.91 -3.55
C GLY B 20 -1.71 6.67 -2.11
N TYR B 21 -2.37 5.56 -1.89
CA TYR B 21 -2.89 5.19 -0.58
C TYR B 21 -1.79 4.91 0.43
N THR B 22 -0.73 4.24 0.00
CA THR B 22 0.35 3.91 0.90
C THR B 22 1.15 5.18 1.28
N VAL B 23 1.20 6.15 0.40
CA VAL B 23 1.84 7.39 0.78
C VAL B 23 0.94 8.14 1.77
N GLU B 24 -0.37 7.97 1.61
CA GLU B 24 -1.33 8.62 2.46
C GLU B 24 -1.20 8.07 3.90
N VAL B 25 -1.05 6.73 4.01
CA VAL B 25 -0.86 6.08 5.32
C VAL B 25 0.45 6.57 5.96
N LEU B 26 1.47 6.71 5.12
CA LEU B 26 2.79 7.13 5.54
C LEU B 26 2.75 8.57 6.07
N ARG B 27 2.02 9.43 5.38
CA ARG B 27 1.87 10.83 5.77
C ARG B 27 1.20 10.95 7.13
N GLN B 28 0.17 10.14 7.35
CA GLN B 28 -0.61 10.29 8.57
C GLN B 28 0.13 9.71 9.78
N GLN B 29 0.73 8.55 9.57
CA GLN B 29 1.51 7.83 10.57
C GLN B 29 0.75 7.55 11.89
N PRO B 30 -0.10 6.51 11.89
CA PRO B 30 -0.78 6.03 13.09
C PRO B 30 0.09 4.94 13.77
N PRO B 31 -0.41 4.23 14.83
CA PRO B 31 0.31 3.08 15.41
C PRO B 31 0.66 2.09 14.30
N ASP B 32 -0.33 1.75 13.53
CA ASP B 32 -0.15 0.99 12.34
C ASP B 32 -0.78 1.76 11.23
N LEU B 33 -0.03 1.90 10.16
CA LEU B 33 -0.42 2.64 8.94
C LEU B 33 -1.78 2.14 8.43
N VAL B 34 -1.98 0.89 8.69
CA VAL B 34 -3.13 0.18 8.33
C VAL B 34 -4.38 0.69 9.04
N GLU B 35 -4.26 1.19 10.27
CA GLU B 35 -5.40 1.74 11.01
C GLU B 35 -6.06 2.84 10.21
N PHE B 36 -5.24 3.77 9.77
CA PHE B 36 -5.68 4.87 8.95
C PHE B 36 -6.30 4.33 7.69
N ALA B 37 -5.61 3.39 7.06
CA ALA B 37 -6.08 2.85 5.80
C ALA B 37 -7.41 2.13 5.93
N VAL B 38 -7.51 1.20 6.87
CA VAL B 38 -8.69 0.39 7.01
C VAL B 38 -9.90 1.24 7.42
N GLU B 39 -9.67 2.24 8.25
CA GLU B 39 -10.74 3.08 8.70
C GLU B 39 -11.20 3.94 7.51
N TYR B 40 -10.25 4.53 6.84
CA TYR B 40 -10.52 5.39 5.69
C TYR B 40 -11.19 4.60 4.55
N PHE B 41 -10.73 3.39 4.30
CA PHE B 41 -11.28 2.58 3.22
C PHE B 41 -12.62 1.94 3.53
N THR B 42 -12.91 1.72 4.80
CA THR B 42 -14.24 1.26 5.15
C THR B 42 -15.22 2.41 4.98
N ARG B 43 -14.72 3.63 5.23
CA ARG B 43 -15.49 4.83 4.97
C ARG B 43 -15.70 4.96 3.46
N LEU B 44 -14.62 4.73 2.69
CA LEU B 44 -14.64 4.73 1.22
C LEU B 44 -15.75 3.79 0.71
N ARG B 45 -15.75 2.58 1.25
CA ARG B 45 -16.73 1.57 0.89
C ARG B 45 -18.15 2.03 1.18
N GLU B 46 -18.37 2.61 2.34
CA GLU B 46 -19.70 3.07 2.69
C GLU B 46 -20.10 4.27 1.83
N ALA B 47 -19.17 5.18 1.60
CA ALA B 47 -19.43 6.38 0.81
C ALA B 47 -19.77 6.04 -0.64
N ARG B 48 -19.03 5.11 -1.22
CA ARG B 48 -19.25 4.70 -2.61
C ARG B 48 -20.34 3.64 -2.72
N ALA B 49 -20.91 3.32 -1.56
CA ALA B 49 -22.09 2.49 -1.34
C ALA B 49 -22.36 1.35 -2.33
N PRO B 50 -21.74 0.20 -2.16
CA PRO B 50 -22.08 -0.98 -2.91
C PRO B 50 -23.23 -1.68 -2.22
N ALA B 51 -24.41 -1.58 -2.78
CA ALA B 51 -25.57 -2.16 -2.16
C ALA B 51 -25.61 -3.66 -2.38
N SER B 52 -25.07 -4.10 -3.49
CA SER B 52 -24.97 -5.51 -3.82
C SER B 52 -23.82 -5.74 -4.78
N ARG C 1 8.44 -12.41 -18.37
CA ARG C 1 8.23 -13.62 -17.58
C ARG C 1 8.28 -13.24 -16.11
N GLU C 2 8.27 -11.95 -15.86
CA GLU C 2 8.39 -11.41 -14.54
C GLU C 2 7.11 -11.65 -13.72
N THR C 3 7.28 -11.79 -12.43
CA THR C 3 6.22 -12.16 -11.56
C THR C 3 5.70 -10.96 -10.80
N ALA C 4 4.44 -11.06 -10.45
CA ALA C 4 3.75 -10.03 -9.73
C ALA C 4 4.35 -9.88 -8.38
N GLU C 5 4.77 -10.98 -7.80
CA GLU C 5 5.36 -10.98 -6.48
C GLU C 5 6.59 -10.08 -6.43
N GLU C 6 7.43 -10.19 -7.45
CA GLU C 6 8.65 -9.44 -7.52
C GLU C 6 8.35 -7.98 -7.73
N VAL C 7 7.53 -7.67 -8.73
CA VAL C 7 7.27 -6.29 -9.01
C VAL C 7 6.39 -5.64 -7.96
N SER C 8 5.35 -6.33 -7.48
CA SER C 8 4.45 -5.74 -6.46
C SER C 8 5.25 -5.43 -5.18
N ALA C 9 6.25 -6.29 -4.88
CA ALA C 9 7.14 -6.07 -3.74
C ALA C 9 7.94 -4.84 -3.98
N ARG C 10 8.38 -4.68 -5.21
CA ARG C 10 9.17 -3.56 -5.59
C ARG C 10 8.33 -2.31 -5.50
N ILE C 11 7.06 -2.43 -5.91
CA ILE C 11 6.15 -1.29 -5.93
C ILE C 11 5.96 -0.74 -4.54
N VAL C 12 5.56 -1.59 -3.62
CA VAL C 12 5.27 -1.15 -2.24
C VAL C 12 6.56 -0.64 -1.58
N GLN C 13 7.65 -1.22 -2.00
CA GLN C 13 8.93 -0.88 -1.52
C GLN C 13 9.35 0.48 -2.02
N VAL C 14 9.25 0.70 -3.33
CA VAL C 14 9.63 1.96 -3.89
C VAL C 14 8.70 3.05 -3.40
N VAL C 15 7.43 2.72 -3.16
CA VAL C 15 6.50 3.71 -2.64
C VAL C 15 6.93 4.17 -1.26
N THR C 16 7.19 3.24 -0.37
CA THR C 16 7.55 3.61 0.97
C THR C 16 8.94 4.17 1.06
N ALA C 17 9.82 3.68 0.23
CA ALA C 17 11.20 4.14 0.24
C ALA C 17 11.33 5.53 -0.37
N GLU C 18 10.66 5.74 -1.49
CA GLU C 18 10.64 7.06 -2.10
C GLU C 18 9.93 8.05 -1.19
N ALA C 19 8.81 7.64 -0.61
CA ALA C 19 8.06 8.49 0.30
C ALA C 19 8.85 8.79 1.59
N VAL C 20 9.62 7.82 2.07
CA VAL C 20 10.53 8.05 3.18
C VAL C 20 11.60 9.07 2.78
N ALA C 21 11.99 9.08 1.54
CA ALA C 21 12.93 10.06 1.11
C ALA C 21 12.22 11.42 0.97
N VAL C 22 10.96 11.37 0.58
CA VAL C 22 10.09 12.53 0.49
C VAL C 22 10.02 13.28 1.83
N LEU C 23 10.11 12.53 2.95
CA LEU C 23 10.00 13.13 4.30
C LEU C 23 10.99 14.28 4.52
N LYS C 24 12.14 14.21 3.87
CA LYS C 24 13.18 15.20 4.08
C LYS C 24 13.25 16.17 2.92
N GLY C 25 12.46 15.91 1.90
CA GLY C 25 12.51 16.75 0.75
C GLY C 25 13.44 16.22 -0.26
N GLU C 26 13.36 14.92 -0.51
CA GLU C 26 14.11 14.35 -1.59
C GLU C 26 13.57 14.95 -2.86
N GLN C 27 12.24 15.24 -2.82
CA GLN C 27 11.52 15.94 -3.86
C GLN C 27 11.45 15.13 -5.14
N GLU C 28 11.67 13.84 -5.01
CA GLU C 28 11.59 12.89 -6.09
C GLU C 28 10.91 11.64 -5.60
N GLY A 1 18.57 22.59 16.90
CA GLY A 1 17.88 21.67 16.01
C GLY A 1 16.41 21.98 15.95
N ALA A 2 15.63 21.03 15.51
CA ALA A 2 14.21 21.18 15.41
C ALA A 2 13.53 19.84 15.63
N MET A 3 13.80 18.89 14.69
CA MET A 3 13.23 17.51 14.65
C MET A 3 11.70 17.49 14.77
N GLY A 4 11.12 16.31 14.69
CA GLY A 4 9.68 16.18 14.83
C GLY A 4 8.91 16.92 13.74
N MET A 5 9.57 17.16 12.63
CA MET A 5 9.03 17.88 11.53
C MET A 5 8.23 16.91 10.68
N SER A 6 8.89 15.90 10.24
CA SER A 6 8.29 14.85 9.49
C SER A 6 9.02 13.58 9.89
N HIS A 7 8.76 13.19 11.12
CA HIS A 7 9.43 12.09 11.79
C HIS A 7 8.84 10.75 11.39
N ILE A 8 8.75 10.53 10.11
CA ILE A 8 8.12 9.37 9.56
C ILE A 8 9.03 8.16 9.59
N GLN A 9 8.81 7.31 10.53
CA GLN A 9 9.50 6.07 10.61
C GLN A 9 8.53 4.93 10.38
N ILE A 10 8.55 4.37 9.21
CA ILE A 10 7.65 3.31 8.90
C ILE A 10 8.25 1.94 9.19
N PRO A 11 7.47 1.06 9.82
CA PRO A 11 7.91 -0.28 10.13
C PRO A 11 7.72 -1.25 8.95
N PRO A 12 8.75 -2.07 8.64
CA PRO A 12 8.63 -3.10 7.62
C PRO A 12 7.56 -4.12 8.02
N GLY A 13 7.06 -4.84 7.08
CA GLY A 13 5.98 -5.75 7.36
C GLY A 13 4.72 -5.27 6.72
N LEU A 14 4.51 -3.94 6.78
CA LEU A 14 3.40 -3.28 6.10
C LEU A 14 3.48 -3.66 4.65
N THR A 15 4.63 -3.41 4.12
CA THR A 15 4.98 -3.66 2.78
C THR A 15 4.94 -5.15 2.46
N GLU A 16 5.65 -5.94 3.24
CA GLU A 16 5.82 -7.37 2.99
C GLU A 16 4.50 -8.15 3.07
N LEU A 17 3.72 -7.93 4.10
CA LEU A 17 2.50 -8.69 4.27
C LEU A 17 1.40 -8.21 3.37
N LEU A 18 1.30 -6.89 3.20
CA LEU A 18 0.31 -6.39 2.30
C LEU A 18 0.71 -6.74 0.84
N GLN A 19 2.03 -6.80 0.55
CA GLN A 19 2.53 -7.30 -0.77
C GLN A 19 2.01 -8.71 -1.01
N GLY A 20 2.10 -9.53 0.03
CA GLY A 20 1.62 -10.88 -0.05
C GLY A 20 0.16 -10.92 -0.38
N TYR A 21 -0.58 -9.98 0.15
CA TYR A 21 -1.97 -9.98 -0.14
C TYR A 21 -2.26 -9.38 -1.51
N THR A 22 -1.52 -8.38 -1.97
CA THR A 22 -1.80 -7.82 -3.29
C THR A 22 -1.57 -8.87 -4.39
N VAL A 23 -0.54 -9.69 -4.25
CA VAL A 23 -0.35 -10.75 -5.22
C VAL A 23 -1.45 -11.83 -5.06
N GLU A 24 -1.93 -12.00 -3.82
CA GLU A 24 -3.01 -12.94 -3.54
C GLU A 24 -4.30 -12.38 -4.20
N VAL A 25 -4.39 -11.04 -4.21
CA VAL A 25 -5.46 -10.28 -4.84
C VAL A 25 -5.42 -10.42 -6.35
N LEU A 26 -4.24 -10.35 -6.93
CA LEU A 26 -4.10 -10.55 -8.37
C LEU A 26 -4.52 -11.94 -8.76
N ARG A 27 -4.31 -12.88 -7.85
CA ARG A 27 -4.79 -14.24 -8.05
C ARG A 27 -6.32 -14.28 -7.92
N GLN A 28 -6.87 -13.32 -7.18
CA GLN A 28 -8.33 -13.22 -6.98
C GLN A 28 -9.04 -12.53 -8.13
N GLN A 29 -8.42 -11.50 -8.72
CA GLN A 29 -9.08 -10.66 -9.72
C GLN A 29 -10.30 -9.93 -9.11
N PRO A 30 -10.03 -8.96 -8.20
CA PRO A 30 -11.04 -8.29 -7.36
C PRO A 30 -12.15 -7.57 -8.15
N PRO A 31 -13.33 -7.41 -7.51
CA PRO A 31 -14.50 -6.75 -8.13
C PRO A 31 -14.34 -5.23 -8.27
N ASP A 32 -13.82 -4.62 -7.22
CA ASP A 32 -13.67 -3.19 -7.12
C ASP A 32 -12.41 -2.93 -6.37
N LEU A 33 -11.82 -1.78 -6.61
CA LEU A 33 -10.66 -1.34 -5.84
C LEU A 33 -11.08 -1.10 -4.41
N VAL A 34 -12.35 -0.76 -4.28
CA VAL A 34 -12.99 -0.54 -3.02
C VAL A 34 -12.89 -1.81 -2.15
N GLU A 35 -13.33 -2.93 -2.71
CA GLU A 35 -13.31 -4.20 -2.01
C GLU A 35 -11.88 -4.63 -1.78
N PHE A 36 -11.08 -4.45 -2.82
CA PHE A 36 -9.65 -4.73 -2.75
C PHE A 36 -8.99 -4.01 -1.58
N ALA A 37 -9.13 -2.69 -1.52
CA ALA A 37 -8.50 -1.90 -0.47
C ALA A 37 -8.95 -2.34 0.92
N VAL A 38 -10.29 -2.48 1.08
CA VAL A 38 -10.86 -2.88 2.35
C VAL A 38 -10.25 -4.19 2.82
N GLU A 39 -10.31 -5.21 1.98
CA GLU A 39 -9.83 -6.53 2.37
C GLU A 39 -8.32 -6.56 2.50
N TYR A 40 -7.65 -5.75 1.70
CA TYR A 40 -6.19 -5.73 1.65
C TYR A 40 -5.56 -5.32 2.98
N PHE A 41 -5.95 -4.16 3.46
CA PHE A 41 -5.32 -3.67 4.66
C PHE A 41 -5.89 -4.46 5.83
N THR A 42 -7.18 -4.85 5.69
CA THR A 42 -7.85 -5.73 6.65
C THR A 42 -7.04 -7.03 6.82
N ARG A 43 -6.50 -7.53 5.73
CA ARG A 43 -5.76 -8.77 5.74
C ARG A 43 -4.50 -8.62 6.57
N LEU A 44 -3.81 -7.47 6.47
CA LEU A 44 -2.64 -7.32 7.37
C LEU A 44 -3.09 -7.10 8.79
N ARG A 45 -4.15 -6.33 8.93
CA ARG A 45 -4.72 -5.98 10.24
C ARG A 45 -5.06 -7.27 10.99
N GLU A 46 -5.65 -8.21 10.32
CA GLU A 46 -6.04 -9.45 10.93
C GLU A 46 -4.84 -10.38 11.13
N ALA A 47 -3.90 -10.34 10.21
CA ALA A 47 -2.72 -11.19 10.27
C ALA A 47 -1.78 -10.78 11.40
N ARG A 48 -1.63 -9.49 11.61
CA ARG A 48 -0.74 -8.98 12.64
C ARG A 48 -1.48 -8.79 13.95
N ALA A 49 -2.80 -8.62 13.84
CA ALA A 49 -3.72 -8.36 14.96
C ALA A 49 -3.59 -6.91 15.39
N PRO A 50 -4.68 -6.14 15.28
CA PRO A 50 -4.63 -4.70 15.48
C PRO A 50 -4.39 -4.28 16.93
N ALA A 51 -4.89 -5.05 17.88
CA ALA A 51 -4.72 -4.74 19.28
C ALA A 51 -4.55 -6.01 20.08
N SER A 52 -5.44 -6.95 19.85
CA SER A 52 -5.41 -8.25 20.52
C SER A 52 -4.10 -9.00 20.24
N GLY B 1 24.52 1.11 -18.52
CA GLY B 1 25.36 -0.04 -18.27
C GLY B 1 24.83 -1.25 -18.99
N ALA B 2 25.35 -2.42 -18.68
CA ALA B 2 24.91 -3.64 -19.30
C ALA B 2 23.58 -4.09 -18.71
N MET B 3 22.51 -3.69 -19.35
CA MET B 3 21.18 -4.00 -18.90
C MET B 3 20.25 -4.03 -20.09
N GLY B 4 19.11 -4.62 -19.88
CA GLY B 4 18.09 -4.68 -20.89
C GLY B 4 16.89 -5.39 -20.33
N MET B 5 16.67 -5.17 -19.05
CA MET B 5 15.62 -5.84 -18.33
C MET B 5 14.67 -4.79 -17.84
N SER B 6 13.73 -4.46 -18.64
CA SER B 6 12.76 -3.46 -18.28
C SER B 6 11.58 -4.16 -17.60
N HIS B 7 11.38 -3.85 -16.35
CA HIS B 7 10.31 -4.49 -15.61
C HIS B 7 8.98 -3.96 -16.07
N ILE B 8 8.05 -4.83 -16.19
CA ILE B 8 6.74 -4.46 -16.58
C ILE B 8 5.89 -4.39 -15.35
N GLN B 9 4.90 -3.62 -15.39
CA GLN B 9 4.04 -3.52 -14.29
C GLN B 9 2.72 -4.10 -14.71
N ILE B 10 2.27 -5.07 -13.97
CA ILE B 10 1.02 -5.72 -14.26
C ILE B 10 -0.16 -4.76 -14.04
N PRO B 11 -1.28 -4.93 -14.86
CA PRO B 11 -2.44 -4.03 -14.93
C PRO B 11 -2.60 -3.06 -13.78
N PRO B 12 -2.18 -1.79 -13.99
CA PRO B 12 -2.18 -0.76 -12.95
C PRO B 12 -3.58 -0.35 -12.44
N GLY B 13 -3.62 0.72 -11.72
CA GLY B 13 -4.83 1.26 -11.14
C GLY B 13 -4.92 0.88 -9.69
N LEU B 14 -4.66 -0.39 -9.39
CA LEU B 14 -4.64 -0.82 -8.03
C LEU B 14 -3.38 -0.31 -7.40
N THR B 15 -2.37 -0.17 -8.24
CA THR B 15 -1.09 0.32 -7.87
C THR B 15 -1.13 1.81 -7.59
N GLU B 16 -1.88 2.57 -8.39
CA GLU B 16 -2.03 3.99 -8.16
C GLU B 16 -2.77 4.25 -6.86
N LEU B 17 -3.81 3.48 -6.61
CA LEU B 17 -4.51 3.65 -5.34
C LEU B 17 -3.70 3.11 -4.20
N LEU B 18 -2.96 2.05 -4.45
CA LEU B 18 -2.03 1.50 -3.47
C LEU B 18 -1.04 2.56 -3.08
N GLN B 19 -0.52 3.24 -4.08
CA GLN B 19 0.45 4.33 -3.90
C GLN B 19 -0.16 5.42 -3.04
N GLY B 20 -1.37 5.84 -3.42
CA GLY B 20 -2.08 6.86 -2.69
C GLY B 20 -2.35 6.47 -1.25
N TYR B 21 -2.89 5.29 -1.05
CA TYR B 21 -3.21 4.85 0.29
C TYR B 21 -1.98 4.63 1.15
N THR B 22 -0.92 4.09 0.58
CA THR B 22 0.28 3.85 1.34
C THR B 22 0.99 5.15 1.74
N VAL B 23 0.94 6.14 0.88
CA VAL B 23 1.54 7.40 1.27
C VAL B 23 0.67 8.11 2.32
N GLU B 24 -0.65 7.93 2.24
CA GLU B 24 -1.55 8.51 3.21
C GLU B 24 -1.32 7.90 4.58
N VAL B 25 -1.18 6.56 4.61
CA VAL B 25 -0.94 5.85 5.87
C VAL B 25 0.39 6.28 6.48
N LEU B 26 1.40 6.40 5.62
CA LEU B 26 2.74 6.73 6.01
C LEU B 26 2.86 8.15 6.55
N ARG B 27 2.22 9.08 5.87
CA ARG B 27 2.27 10.48 6.27
C ARG B 27 1.51 10.71 7.57
N GLN B 28 0.37 10.06 7.69
CA GLN B 28 -0.50 10.30 8.82
C GLN B 28 -0.14 9.45 10.04
N GLN B 29 0.15 8.19 9.82
CA GLN B 29 0.34 7.24 10.90
C GLN B 29 1.68 6.55 10.89
N PRO B 30 2.67 7.06 11.60
CA PRO B 30 3.93 6.35 11.79
C PRO B 30 3.80 4.99 12.60
N PRO B 31 3.04 4.92 13.76
CA PRO B 31 2.93 3.67 14.53
C PRO B 31 2.07 2.58 13.87
N ASP B 32 0.93 2.96 13.33
CA ASP B 32 -0.01 1.97 12.79
C ASP B 32 -0.65 2.50 11.55
N LEU B 33 -0.04 2.15 10.46
CA LEU B 33 -0.43 2.58 9.14
C LEU B 33 -1.78 1.95 8.75
N VAL B 34 -1.93 0.69 9.09
CA VAL B 34 -3.09 -0.08 8.69
C VAL B 34 -4.38 0.40 9.38
N GLU B 35 -4.28 0.86 10.61
CA GLU B 35 -5.44 1.40 11.36
C GLU B 35 -6.10 2.57 10.59
N PHE B 36 -5.27 3.51 10.17
CA PHE B 36 -5.73 4.64 9.39
C PHE B 36 -6.27 4.14 8.09
N ALA B 37 -5.59 3.14 7.54
CA ALA B 37 -6.02 2.53 6.32
C ALA B 37 -7.40 1.93 6.50
N VAL B 38 -7.68 1.33 7.66
CA VAL B 38 -8.99 0.75 7.99
C VAL B 38 -10.07 1.81 7.84
N GLU B 39 -9.84 2.93 8.46
CA GLU B 39 -10.82 4.00 8.40
C GLU B 39 -10.91 4.53 6.95
N TYR B 40 -9.77 4.69 6.33
CA TYR B 40 -9.69 5.25 5.00
C TYR B 40 -10.29 4.32 3.93
N PHE B 41 -10.13 3.00 4.07
CA PHE B 41 -10.67 2.06 3.09
C PHE B 41 -12.17 1.87 3.26
N THR B 42 -12.65 1.89 4.51
CA THR B 42 -14.07 1.77 4.73
C THR B 42 -14.75 3.02 4.21
N ARG B 43 -14.03 4.14 4.34
CA ARG B 43 -14.42 5.41 3.80
C ARG B 43 -14.51 5.32 2.27
N LEU B 44 -13.58 4.59 1.66
CA LEU B 44 -13.58 4.36 0.21
C LEU B 44 -14.88 3.65 -0.20
N ARG B 45 -15.26 2.65 0.59
CA ARG B 45 -16.51 1.95 0.35
C ARG B 45 -17.70 2.87 0.53
N GLU B 46 -17.65 3.64 1.58
CA GLU B 46 -18.69 4.59 1.93
C GLU B 46 -18.87 5.63 0.81
N ALA B 47 -17.78 6.19 0.36
CA ALA B 47 -17.79 7.25 -0.63
C ALA B 47 -18.13 6.74 -2.02
N ARG B 48 -17.47 5.67 -2.45
CA ARG B 48 -17.60 5.23 -3.85
C ARG B 48 -18.76 4.27 -4.09
N ALA B 49 -19.27 3.64 -3.07
CA ALA B 49 -20.39 2.73 -3.26
C ALA B 49 -21.68 3.39 -2.76
N PRO B 50 -22.69 3.55 -3.64
CA PRO B 50 -23.98 4.17 -3.27
C PRO B 50 -24.73 3.36 -2.21
N ALA B 51 -25.45 4.04 -1.37
CA ALA B 51 -26.19 3.40 -0.30
C ALA B 51 -27.63 3.14 -0.72
N SER B 52 -27.95 1.91 -1.00
CA SER B 52 -29.31 1.52 -1.39
C SER B 52 -29.58 0.06 -1.03
N ARG C 1 9.94 -9.22 -11.98
CA ARG C 1 10.11 -8.01 -12.79
C ARG C 1 9.09 -8.02 -13.90
N GLU C 2 8.45 -9.13 -13.99
CA GLU C 2 7.39 -9.33 -14.90
C GLU C 2 6.35 -10.20 -14.24
N THR C 3 6.56 -10.43 -12.95
CA THR C 3 5.70 -11.26 -12.20
C THR C 3 5.12 -10.42 -11.06
N ALA C 4 3.93 -10.77 -10.63
CA ALA C 4 3.21 -10.02 -9.62
C ALA C 4 3.97 -9.85 -8.35
N GLU C 5 4.58 -10.92 -7.90
CA GLU C 5 5.34 -10.93 -6.66
C GLU C 5 6.41 -9.86 -6.65
N GLU C 6 7.23 -9.84 -7.68
CA GLU C 6 8.41 -8.97 -7.66
C GLU C 6 8.00 -7.55 -7.94
N VAL C 7 7.07 -7.38 -8.86
CA VAL C 7 6.62 -6.05 -9.22
C VAL C 7 5.91 -5.41 -8.04
N SER C 8 4.89 -6.07 -7.51
CA SER C 8 4.14 -5.54 -6.37
C SER C 8 5.06 -5.27 -5.16
N ALA C 9 6.08 -6.13 -4.97
CA ALA C 9 7.05 -5.94 -3.90
C ALA C 9 7.83 -4.67 -4.12
N ARG C 10 8.18 -4.42 -5.37
CA ARG C 10 8.92 -3.27 -5.74
C ARG C 10 8.05 -2.04 -5.55
N ILE C 11 6.77 -2.17 -5.85
CA ILE C 11 5.81 -1.08 -5.77
C ILE C 11 5.66 -0.61 -4.32
N VAL C 12 5.42 -1.57 -3.42
CA VAL C 12 5.22 -1.22 -2.01
C VAL C 12 6.50 -0.66 -1.41
N GLN C 13 7.59 -1.15 -1.95
CA GLN C 13 8.88 -0.75 -1.56
C GLN C 13 9.16 0.68 -1.99
N VAL C 14 8.93 0.97 -3.26
CA VAL C 14 9.20 2.29 -3.77
C VAL C 14 8.27 3.31 -3.18
N VAL C 15 7.00 2.97 -3.02
CA VAL C 15 6.05 3.92 -2.48
C VAL C 15 6.40 4.29 -1.04
N THR C 16 6.82 3.31 -0.23
CA THR C 16 7.18 3.65 1.13
C THR C 16 8.54 4.33 1.20
N ALA C 17 9.52 3.79 0.47
CA ALA C 17 10.87 4.34 0.48
C ALA C 17 10.90 5.76 -0.07
N GLU C 18 10.19 5.98 -1.18
CA GLU C 18 10.12 7.29 -1.78
C GLU C 18 9.32 8.26 -0.92
N ALA C 19 8.29 7.77 -0.23
CA ALA C 19 7.51 8.64 0.65
C ALA C 19 8.32 8.99 1.90
N VAL C 20 9.12 8.04 2.37
CA VAL C 20 10.08 8.31 3.43
C VAL C 20 11.04 9.40 2.96
N ALA C 21 11.37 9.37 1.71
CA ALA C 21 12.23 10.40 1.17
C ALA C 21 11.46 11.72 1.04
N VAL C 22 10.16 11.63 0.88
CA VAL C 22 9.28 12.80 0.87
C VAL C 22 9.32 13.50 2.24
N LEU C 23 9.58 12.74 3.33
CA LEU C 23 9.66 13.36 4.68
C LEU C 23 10.69 14.48 4.72
N LYS C 24 11.81 14.28 4.02
CA LYS C 24 12.87 15.29 3.97
C LYS C 24 12.65 16.21 2.81
N GLY C 25 11.80 15.78 1.91
CA GLY C 25 11.46 16.57 0.78
C GLY C 25 12.30 16.22 -0.38
N GLU C 26 12.33 14.93 -0.72
CA GLU C 26 13.00 14.48 -1.92
C GLU C 26 12.29 15.11 -3.14
N GLN C 27 11.03 15.41 -2.89
CA GLN C 27 10.20 16.15 -3.78
C GLN C 27 9.91 17.46 -3.08
N GLU C 28 10.65 18.48 -3.44
CA GLU C 28 10.46 19.80 -2.83
C GLU C 28 9.99 20.81 -3.86
N GLY A 1 21.04 24.01 7.38
CA GLY A 1 20.21 23.46 6.32
C GLY A 1 19.12 22.61 6.88
N ALA A 2 17.89 23.09 6.80
CA ALA A 2 16.77 22.36 7.32
C ALA A 2 16.31 21.31 6.33
N MET A 3 16.96 20.19 6.39
CA MET A 3 16.71 19.02 5.56
C MET A 3 17.66 17.94 6.00
N GLY A 4 17.21 16.72 6.01
CA GLY A 4 18.05 15.63 6.41
C GLY A 4 17.44 14.89 7.57
N MET A 5 16.47 15.54 8.20
CA MET A 5 15.75 14.95 9.31
C MET A 5 14.71 14.00 8.76
N SER A 6 14.42 12.98 9.49
CA SER A 6 13.44 12.01 9.09
C SER A 6 12.83 11.39 10.32
N HIS A 7 11.65 11.85 10.67
CA HIS A 7 10.98 11.34 11.83
C HIS A 7 10.06 10.24 11.37
N ILE A 8 9.83 10.23 10.08
CA ILE A 8 9.00 9.24 9.47
C ILE A 8 9.82 8.01 9.21
N GLN A 9 9.67 7.09 10.08
CA GLN A 9 10.33 5.84 10.02
C GLN A 9 9.30 4.77 9.81
N ILE A 10 9.17 4.33 8.61
CA ILE A 10 8.21 3.30 8.32
C ILE A 10 8.73 1.91 8.62
N PRO A 11 7.94 1.12 9.35
CA PRO A 11 8.30 -0.23 9.68
C PRO A 11 8.04 -1.20 8.50
N PRO A 12 9.00 -2.07 8.19
CA PRO A 12 8.83 -3.08 7.16
C PRO A 12 7.77 -4.12 7.59
N GLY A 13 7.37 -4.95 6.68
CA GLY A 13 6.34 -5.91 7.01
C GLY A 13 5.01 -5.47 6.48
N LEU A 14 4.74 -4.16 6.67
CA LEU A 14 3.56 -3.48 6.11
C LEU A 14 3.53 -3.80 4.63
N THR A 15 4.64 -3.51 4.01
CA THR A 15 4.87 -3.71 2.64
C THR A 15 4.80 -5.18 2.26
N GLU A 16 5.56 -6.00 2.98
CA GLU A 16 5.72 -7.43 2.68
C GLU A 16 4.43 -8.22 2.80
N LEU A 17 3.70 -8.00 3.85
CA LEU A 17 2.50 -8.74 4.06
C LEU A 17 1.39 -8.24 3.16
N LEU A 18 1.25 -6.93 3.00
CA LEU A 18 0.22 -6.43 2.09
C LEU A 18 0.57 -6.77 0.66
N GLN A 19 1.87 -6.90 0.38
CA GLN A 19 2.38 -7.42 -0.88
C GLN A 19 1.80 -8.81 -1.13
N GLY A 20 2.03 -9.72 -0.18
CA GLY A 20 1.54 -11.07 -0.32
C GLY A 20 0.03 -11.14 -0.40
N TYR A 21 -0.63 -10.28 0.36
CA TYR A 21 -2.06 -10.28 0.40
C TYR A 21 -2.67 -9.63 -0.84
N THR A 22 -2.01 -8.63 -1.42
CA THR A 22 -2.52 -8.03 -2.63
C THR A 22 -2.36 -9.04 -3.78
N VAL A 23 -1.28 -9.84 -3.72
CA VAL A 23 -1.06 -10.92 -4.67
C VAL A 23 -2.19 -11.95 -4.55
N GLU A 24 -2.65 -12.14 -3.34
CA GLU A 24 -3.72 -13.09 -3.05
C GLU A 24 -5.01 -12.57 -3.67
N VAL A 25 -5.19 -11.26 -3.61
CA VAL A 25 -6.41 -10.66 -4.09
C VAL A 25 -6.43 -10.62 -5.60
N LEU A 26 -5.28 -10.40 -6.21
CA LEU A 26 -5.19 -10.43 -7.65
C LEU A 26 -5.37 -11.84 -8.21
N ARG A 27 -4.98 -12.86 -7.42
CA ARG A 27 -5.26 -14.27 -7.76
C ARG A 27 -6.77 -14.45 -7.76
N GLN A 28 -7.39 -13.79 -6.80
CA GLN A 28 -8.84 -13.78 -6.62
C GLN A 28 -9.53 -13.01 -7.79
N GLN A 29 -8.74 -12.20 -8.54
CA GLN A 29 -9.27 -11.39 -9.66
C GLN A 29 -10.33 -10.37 -9.19
N PRO A 30 -9.88 -9.34 -8.42
CA PRO A 30 -10.76 -8.41 -7.67
C PRO A 30 -11.81 -7.68 -8.52
N PRO A 31 -12.99 -7.44 -7.94
CA PRO A 31 -14.11 -6.77 -8.63
C PRO A 31 -13.83 -5.28 -8.89
N ASP A 32 -13.30 -4.61 -7.89
CA ASP A 32 -13.07 -3.19 -7.91
C ASP A 32 -12.04 -2.87 -6.85
N LEU A 33 -11.37 -1.73 -7.00
CA LEU A 33 -10.34 -1.23 -6.09
C LEU A 33 -10.82 -1.16 -4.66
N VAL A 34 -12.06 -0.77 -4.46
CA VAL A 34 -12.59 -0.64 -3.12
C VAL A 34 -12.53 -1.95 -2.31
N GLU A 35 -13.07 -3.03 -2.85
CA GLU A 35 -13.09 -4.30 -2.12
C GLU A 35 -11.69 -4.88 -2.05
N PHE A 36 -10.96 -4.67 -3.13
CA PHE A 36 -9.58 -5.12 -3.28
C PHE A 36 -8.69 -4.52 -2.18
N ALA A 37 -8.69 -3.20 -2.09
CA ALA A 37 -7.84 -2.49 -1.17
C ALA A 37 -8.24 -2.73 0.26
N VAL A 38 -9.54 -2.65 0.53
CA VAL A 38 -10.04 -2.88 1.85
C VAL A 38 -9.62 -4.25 2.33
N GLU A 39 -9.91 -5.26 1.54
CA GLU A 39 -9.66 -6.63 1.95
C GLU A 39 -8.18 -6.94 2.17
N TYR A 40 -7.27 -6.41 1.35
CA TYR A 40 -5.87 -6.75 1.63
C TYR A 40 -5.33 -6.04 2.86
N PHE A 41 -5.72 -4.77 3.06
CA PHE A 41 -5.27 -4.05 4.27
C PHE A 41 -5.90 -4.69 5.49
N THR A 42 -7.16 -5.04 5.32
CA THR A 42 -7.93 -5.78 6.29
C THR A 42 -7.21 -7.08 6.66
N ARG A 43 -6.57 -7.70 5.69
CA ARG A 43 -5.88 -8.92 5.91
C ARG A 43 -4.58 -8.72 6.72
N LEU A 44 -3.88 -7.56 6.56
CA LEU A 44 -2.73 -7.30 7.44
C LEU A 44 -3.24 -7.14 8.85
N ARG A 45 -4.30 -6.38 8.97
CA ARG A 45 -4.94 -6.12 10.25
C ARG A 45 -5.38 -7.44 10.89
N GLU A 46 -5.86 -8.35 10.06
CA GLU A 46 -6.30 -9.67 10.50
C GLU A 46 -5.08 -10.50 10.94
N ALA A 47 -4.01 -10.41 10.16
CA ALA A 47 -2.77 -11.13 10.42
C ALA A 47 -2.14 -10.74 11.76
N ARG A 48 -2.18 -9.47 12.10
CA ARG A 48 -1.63 -9.01 13.37
C ARG A 48 -2.66 -9.14 14.49
N ALA A 49 -3.91 -8.87 14.14
CA ALA A 49 -5.07 -8.95 15.02
C ALA A 49 -4.95 -7.99 16.20
N PRO A 50 -5.19 -6.70 15.96
CA PRO A 50 -5.13 -5.70 17.00
C PRO A 50 -6.44 -5.63 17.79
N ALA A 51 -7.51 -6.01 17.13
CA ALA A 51 -8.82 -6.07 17.73
C ALA A 51 -9.70 -6.95 16.87
N SER A 52 -9.89 -6.49 15.63
CA SER A 52 -10.70 -7.17 14.62
C SER A 52 -12.15 -7.36 15.09
N GLY B 1 18.66 -3.16 -25.57
CA GLY B 1 19.78 -3.38 -26.45
C GLY B 1 19.49 -4.46 -27.46
N ALA B 2 20.25 -5.53 -27.41
CA ALA B 2 20.04 -6.65 -28.30
C ALA B 2 18.84 -7.46 -27.85
N MET B 3 18.67 -7.56 -26.55
CA MET B 3 17.55 -8.26 -25.98
C MET B 3 16.48 -7.24 -25.62
N GLY B 4 15.62 -6.97 -26.55
CA GLY B 4 14.61 -5.97 -26.37
C GLY B 4 13.32 -6.56 -25.88
N MET B 5 13.35 -7.17 -24.73
CA MET B 5 12.16 -7.76 -24.17
C MET B 5 11.73 -6.93 -22.99
N SER B 6 10.60 -6.32 -23.09
CA SER B 6 10.04 -5.60 -22.00
C SER B 6 8.79 -6.32 -21.54
N HIS B 7 8.89 -6.96 -20.41
CA HIS B 7 7.79 -7.71 -19.87
C HIS B 7 6.90 -6.74 -19.14
N ILE B 8 5.64 -7.07 -19.06
CA ILE B 8 4.69 -6.18 -18.49
C ILE B 8 4.58 -6.27 -16.99
N GLN B 9 4.48 -5.14 -16.39
CA GLN B 9 4.28 -5.02 -14.99
C GLN B 9 2.79 -4.85 -14.79
N ILE B 10 2.23 -5.48 -13.79
CA ILE B 10 0.81 -5.36 -13.55
C ILE B 10 0.51 -4.27 -12.51
N PRO B 11 -0.06 -3.12 -12.94
CA PRO B 11 -0.41 -2.04 -12.06
C PRO B 11 -1.93 -1.61 -12.15
N PRO B 12 -2.92 -2.53 -12.02
CA PRO B 12 -4.33 -2.16 -12.16
C PRO B 12 -4.92 -1.42 -10.95
N GLY B 13 -4.70 -0.11 -10.92
CA GLY B 13 -5.30 0.78 -9.93
C GLY B 13 -4.65 0.77 -8.54
N LEU B 14 -4.09 -0.38 -8.15
CA LEU B 14 -3.48 -0.52 -6.83
C LEU B 14 -2.39 0.50 -6.67
N THR B 15 -1.72 0.81 -7.75
CA THR B 15 -0.63 1.71 -7.76
C THR B 15 -1.04 3.11 -7.30
N GLU B 16 -2.10 3.63 -7.88
CA GLU B 16 -2.57 4.97 -7.54
C GLU B 16 -3.06 5.01 -6.11
N LEU B 17 -3.83 3.99 -5.72
CA LEU B 17 -4.36 3.98 -4.37
C LEU B 17 -3.26 3.75 -3.34
N LEU B 18 -2.26 2.95 -3.72
CA LEU B 18 -1.16 2.65 -2.87
C LEU B 18 -0.33 3.91 -2.67
N GLN B 19 -0.12 4.66 -3.73
CA GLN B 19 0.62 5.93 -3.65
C GLN B 19 -0.04 6.87 -2.65
N GLY B 20 -1.30 7.20 -2.91
CA GLY B 20 -2.01 8.17 -2.10
C GLY B 20 -2.26 7.73 -0.65
N TYR B 21 -2.87 6.60 -0.49
CA TYR B 21 -3.26 6.18 0.84
C TYR B 21 -2.08 5.68 1.68
N THR B 22 -1.11 5.04 1.07
CA THR B 22 0.05 4.58 1.81
C THR B 22 0.96 5.75 2.18
N VAL B 23 0.98 6.80 1.38
CA VAL B 23 1.76 7.95 1.81
C VAL B 23 1.01 8.62 2.97
N GLU B 24 -0.32 8.53 2.96
CA GLU B 24 -1.11 9.09 4.02
C GLU B 24 -0.78 8.38 5.35
N VAL B 25 -0.63 7.02 5.29
CA VAL B 25 -0.26 6.26 6.48
C VAL B 25 1.13 6.67 6.97
N LEU B 26 2.05 6.80 6.02
CA LEU B 26 3.43 7.18 6.25
C LEU B 26 3.53 8.59 6.84
N ARG B 27 2.71 9.48 6.33
CA ARG B 27 2.69 10.87 6.75
C ARG B 27 2.20 11.00 8.18
N GLN B 28 1.10 10.34 8.51
CA GLN B 28 0.56 10.46 9.86
C GLN B 28 1.42 9.69 10.84
N GLN B 29 1.80 8.49 10.44
CA GLN B 29 2.62 7.59 11.22
C GLN B 29 2.01 7.26 12.61
N PRO B 30 0.97 6.42 12.65
CA PRO B 30 0.39 5.89 13.88
C PRO B 30 1.03 4.52 14.19
N PRO B 31 0.73 3.88 15.37
CA PRO B 31 1.27 2.55 15.71
C PRO B 31 1.11 1.57 14.56
N ASP B 32 -0.10 1.46 14.08
CA ASP B 32 -0.39 0.66 12.93
C ASP B 32 -0.85 1.58 11.84
N LEU B 33 -0.23 1.44 10.72
CA LEU B 33 -0.52 2.23 9.54
C LEU B 33 -1.84 1.77 8.91
N VAL B 34 -2.06 0.48 9.02
CA VAL B 34 -3.11 -0.21 8.34
C VAL B 34 -4.55 0.15 8.72
N GLU B 35 -4.87 0.21 9.99
CA GLU B 35 -6.26 0.45 10.36
C GLU B 35 -6.71 1.85 9.93
N PHE B 36 -5.78 2.78 9.93
CA PHE B 36 -6.06 4.10 9.44
C PHE B 36 -6.27 4.04 7.93
N ALA B 37 -5.44 3.26 7.25
CA ALA B 37 -5.55 3.06 5.82
C ALA B 37 -6.88 2.41 5.46
N VAL B 38 -7.25 1.36 6.20
CA VAL B 38 -8.49 0.65 5.93
C VAL B 38 -9.69 1.58 6.15
N GLU B 39 -9.57 2.51 7.09
CA GLU B 39 -10.60 3.53 7.28
C GLU B 39 -10.72 4.43 6.06
N TYR B 40 -9.60 4.78 5.47
CA TYR B 40 -9.64 5.56 4.24
C TYR B 40 -10.21 4.73 3.10
N PHE B 41 -9.84 3.46 3.04
CA PHE B 41 -10.36 2.57 2.03
C PHE B 41 -11.84 2.27 2.20
N THR B 42 -12.30 2.14 3.43
CA THR B 42 -13.72 1.91 3.68
C THR B 42 -14.50 3.16 3.35
N ARG B 43 -13.89 4.31 3.59
CA ARG B 43 -14.48 5.60 3.23
C ARG B 43 -14.69 5.64 1.71
N LEU B 44 -13.64 5.24 0.99
CA LEU B 44 -13.67 5.12 -0.47
C LEU B 44 -14.78 4.14 -0.88
N ARG B 45 -14.70 2.98 -0.30
CA ARG B 45 -15.56 1.84 -0.59
C ARG B 45 -17.02 2.14 -0.35
N GLU B 46 -17.32 2.75 0.75
CA GLU B 46 -18.68 2.98 1.12
C GLU B 46 -19.24 4.17 0.33
N ALA B 47 -18.34 5.06 -0.10
CA ALA B 47 -18.72 6.21 -0.92
C ALA B 47 -19.07 5.76 -2.32
N ARG B 48 -18.25 4.86 -2.84
CA ARG B 48 -18.44 4.30 -4.15
C ARG B 48 -19.67 3.42 -4.19
N ALA B 49 -19.83 2.62 -3.12
CA ALA B 49 -20.89 1.62 -3.00
C ALA B 49 -20.72 0.57 -4.10
N PRO B 50 -19.89 -0.46 -3.85
CA PRO B 50 -19.55 -1.44 -4.85
C PRO B 50 -20.72 -2.33 -5.22
N ALA B 51 -21.07 -2.32 -6.48
CA ALA B 51 -22.13 -3.12 -7.01
C ALA B 51 -21.59 -4.52 -7.30
N SER B 52 -20.29 -4.65 -7.25
CA SER B 52 -19.62 -5.90 -7.48
C SER B 52 -18.74 -6.26 -6.28
N ARG C 1 9.24 -8.61 -12.45
CA ARG C 1 8.94 -7.71 -13.56
C ARG C 1 7.58 -7.99 -14.13
N GLU C 2 7.28 -9.25 -14.31
CA GLU C 2 6.04 -9.67 -14.92
C GLU C 2 5.18 -10.48 -13.96
N THR C 3 5.74 -10.88 -12.84
CA THR C 3 5.00 -11.68 -11.93
C THR C 3 4.45 -10.80 -10.84
N ALA C 4 3.33 -11.18 -10.29
CA ALA C 4 2.58 -10.36 -9.38
C ALA C 4 3.30 -10.07 -8.11
N GLU C 5 3.96 -11.06 -7.59
CA GLU C 5 4.69 -10.96 -6.35
C GLU C 5 5.87 -9.99 -6.48
N GLU C 6 6.59 -10.07 -7.58
CA GLU C 6 7.78 -9.23 -7.78
C GLU C 6 7.30 -7.80 -7.97
N VAL C 7 6.26 -7.67 -8.76
CA VAL C 7 5.66 -6.39 -9.07
C VAL C 7 5.07 -5.72 -7.83
N SER C 8 4.18 -6.41 -7.12
CA SER C 8 3.57 -5.86 -5.90
C SER C 8 4.63 -5.37 -4.92
N ALA C 9 5.64 -6.21 -4.72
CA ALA C 9 6.76 -5.92 -3.85
C ALA C 9 7.46 -4.64 -4.27
N ARG C 10 7.61 -4.46 -5.57
CA ARG C 10 8.35 -3.34 -6.09
C ARG C 10 7.61 -2.06 -5.83
N ILE C 11 6.35 -2.10 -6.11
CA ILE C 11 5.48 -0.95 -6.00
C ILE C 11 5.35 -0.52 -4.56
N VAL C 12 5.06 -1.46 -3.65
CA VAL C 12 4.91 -1.13 -2.22
C VAL C 12 6.21 -0.54 -1.70
N GLN C 13 7.29 -1.03 -2.27
CA GLN C 13 8.61 -0.65 -1.91
C GLN C 13 8.94 0.74 -2.39
N VAL C 14 8.73 1.01 -3.67
CA VAL C 14 9.08 2.29 -4.21
C VAL C 14 8.25 3.35 -3.55
N VAL C 15 6.95 3.06 -3.36
CA VAL C 15 6.03 3.98 -2.72
C VAL C 15 6.53 4.37 -1.35
N THR C 16 6.87 3.40 -0.53
CA THR C 16 7.30 3.72 0.81
C THR C 16 8.68 4.36 0.84
N ALA C 17 9.54 3.93 -0.06
CA ALA C 17 10.91 4.42 -0.06
C ALA C 17 10.98 5.84 -0.59
N GLU C 18 10.34 6.07 -1.72
CA GLU C 18 10.36 7.38 -2.27
C GLU C 18 9.49 8.36 -1.50
N ALA C 19 8.41 7.88 -0.86
CA ALA C 19 7.58 8.74 0.00
C ALA C 19 8.36 9.18 1.23
N VAL C 20 9.18 8.26 1.78
CA VAL C 20 10.07 8.61 2.89
C VAL C 20 11.01 9.70 2.42
N ALA C 21 11.42 9.61 1.18
CA ALA C 21 12.28 10.59 0.63
C ALA C 21 11.52 11.92 0.42
N VAL C 22 10.28 11.81 -0.01
CA VAL C 22 9.39 12.97 -0.19
C VAL C 22 9.20 13.78 1.11
N LEU C 23 9.31 13.11 2.29
CA LEU C 23 9.13 13.83 3.58
C LEU C 23 10.10 15.04 3.66
N LYS C 24 11.30 14.88 3.12
CA LYS C 24 12.32 15.92 3.17
C LYS C 24 12.38 16.66 1.84
N GLY C 25 11.51 16.26 0.94
CA GLY C 25 11.43 16.87 -0.34
C GLY C 25 12.51 16.39 -1.25
N GLU C 26 12.86 15.13 -1.09
CA GLU C 26 13.91 14.57 -1.83
C GLU C 26 13.40 14.33 -3.24
N GLN C 27 12.17 13.77 -3.29
CA GLN C 27 11.43 13.37 -4.49
C GLN C 27 12.32 12.89 -5.62
N GLU C 28 12.58 11.63 -5.60
CA GLU C 28 13.48 11.05 -6.53
C GLU C 28 12.79 9.98 -7.37
N GLY A 1 15.60 25.03 13.65
CA GLY A 1 16.32 23.77 13.62
C GLY A 1 15.91 22.92 14.77
N ALA A 2 15.99 21.62 14.61
CA ALA A 2 15.59 20.67 15.62
C ALA A 2 16.19 19.34 15.28
N MET A 3 16.46 18.53 16.28
CA MET A 3 17.00 17.21 16.00
C MET A 3 15.86 16.24 15.79
N GLY A 4 14.69 16.61 16.25
CA GLY A 4 13.51 15.81 16.07
C GLY A 4 12.62 16.42 15.02
N MET A 5 13.21 16.78 13.91
CA MET A 5 12.50 17.40 12.83
C MET A 5 12.01 16.35 11.84
N SER A 6 10.70 16.10 11.88
CA SER A 6 10.00 15.17 10.98
C SER A 6 10.59 13.74 10.99
N HIS A 7 10.02 12.90 11.81
CA HIS A 7 10.51 11.55 11.94
C HIS A 7 9.46 10.58 11.56
N ILE A 8 9.40 10.31 10.29
CA ILE A 8 8.46 9.37 9.75
C ILE A 8 9.14 8.01 9.70
N GLN A 9 8.77 7.17 10.61
CA GLN A 9 9.33 5.85 10.70
C GLN A 9 8.25 4.86 10.36
N ILE A 10 8.31 4.29 9.20
CA ILE A 10 7.29 3.38 8.77
C ILE A 10 7.56 1.93 9.17
N PRO A 11 6.65 1.35 10.00
CA PRO A 11 6.77 -0.02 10.50
C PRO A 11 7.01 -1.05 9.39
N PRO A 12 7.98 -1.96 9.60
CA PRO A 12 8.25 -3.02 8.66
C PRO A 12 7.12 -4.04 8.67
N GLY A 13 7.10 -4.91 7.69
CA GLY A 13 6.02 -5.86 7.60
C GLY A 13 4.84 -5.32 6.81
N LEU A 14 4.61 -4.00 6.90
CA LEU A 14 3.51 -3.32 6.21
C LEU A 14 3.53 -3.68 4.75
N THR A 15 4.64 -3.38 4.14
CA THR A 15 4.84 -3.55 2.75
C THR A 15 4.83 -5.01 2.36
N GLU A 16 5.63 -5.78 3.05
CA GLU A 16 5.86 -7.17 2.74
C GLU A 16 4.61 -8.06 2.93
N LEU A 17 3.92 -7.90 4.04
CA LEU A 17 2.76 -8.73 4.29
C LEU A 17 1.62 -8.32 3.42
N LEU A 18 1.39 -7.00 3.31
CA LEU A 18 0.34 -6.54 2.44
C LEU A 18 0.65 -6.90 0.99
N GLN A 19 1.95 -6.88 0.62
CA GLN A 19 2.37 -7.29 -0.72
C GLN A 19 1.94 -8.73 -1.01
N GLY A 20 2.23 -9.64 -0.09
CA GLY A 20 1.86 -11.04 -0.27
C GLY A 20 0.36 -11.19 -0.40
N TYR A 21 -0.34 -10.39 0.35
CA TYR A 21 -1.76 -10.42 0.30
C TYR A 21 -2.32 -9.81 -0.97
N THR A 22 -1.76 -8.69 -1.45
CA THR A 22 -2.27 -8.08 -2.67
C THR A 22 -2.09 -9.00 -3.85
N VAL A 23 -0.90 -9.62 -3.99
CA VAL A 23 -0.70 -10.54 -5.09
C VAL A 23 -1.67 -11.72 -5.00
N GLU A 24 -2.00 -12.13 -3.78
CA GLU A 24 -2.92 -13.20 -3.58
C GLU A 24 -4.34 -12.75 -3.96
N VAL A 25 -4.68 -11.50 -3.64
CA VAL A 25 -6.01 -10.99 -3.90
C VAL A 25 -6.16 -10.73 -5.39
N LEU A 26 -5.08 -10.29 -6.02
CA LEU A 26 -5.09 -10.06 -7.46
C LEU A 26 -5.34 -11.37 -8.17
N ARG A 27 -4.76 -12.43 -7.64
CA ARG A 27 -4.99 -13.75 -8.16
C ARG A 27 -6.44 -14.17 -7.97
N GLN A 28 -7.05 -13.70 -6.88
CA GLN A 28 -8.47 -13.93 -6.57
C GLN A 28 -9.40 -13.10 -7.47
N GLN A 29 -8.84 -12.14 -8.23
CA GLN A 29 -9.62 -11.27 -9.13
C GLN A 29 -10.65 -10.38 -8.40
N PRO A 30 -10.16 -9.40 -7.61
CA PRO A 30 -11.01 -8.55 -6.78
C PRO A 30 -12.04 -7.73 -7.59
N PRO A 31 -13.25 -7.56 -7.04
CA PRO A 31 -14.36 -6.86 -7.72
C PRO A 31 -14.09 -5.36 -7.93
N ASP A 32 -13.80 -4.67 -6.85
CA ASP A 32 -13.62 -3.23 -6.90
C ASP A 32 -12.64 -2.82 -5.84
N LEU A 33 -12.00 -1.67 -6.03
CA LEU A 33 -11.02 -1.12 -5.10
C LEU A 33 -11.52 -1.06 -3.68
N VAL A 34 -12.81 -0.80 -3.49
CA VAL A 34 -13.36 -0.72 -2.15
C VAL A 34 -13.17 -2.04 -1.37
N GLU A 35 -13.63 -3.16 -1.94
CA GLU A 35 -13.55 -4.44 -1.26
C GLU A 35 -12.12 -4.95 -1.25
N PHE A 36 -11.42 -4.64 -2.34
CA PHE A 36 -10.02 -5.01 -2.49
C PHE A 36 -9.16 -4.39 -1.41
N ALA A 37 -9.23 -3.08 -1.28
CA ALA A 37 -8.37 -2.37 -0.38
C ALA A 37 -8.71 -2.66 1.05
N VAL A 38 -10.02 -2.70 1.38
CA VAL A 38 -10.43 -3.03 2.73
C VAL A 38 -9.84 -4.36 3.14
N GLU A 39 -10.08 -5.40 2.31
CA GLU A 39 -9.61 -6.73 2.64
C GLU A 39 -8.11 -6.82 2.68
N TYR A 40 -7.45 -6.17 1.75
CA TYR A 40 -5.99 -6.13 1.69
C TYR A 40 -5.38 -5.68 3.04
N PHE A 41 -5.82 -4.53 3.48
CA PHE A 41 -5.33 -4.00 4.72
C PHE A 41 -5.82 -4.87 5.93
N THR A 42 -7.06 -5.42 5.86
CA THR A 42 -7.56 -6.30 6.93
C THR A 42 -6.69 -7.53 7.03
N ARG A 43 -6.14 -7.95 5.91
CA ARG A 43 -5.22 -9.08 5.85
C ARG A 43 -4.00 -8.80 6.70
N LEU A 44 -3.46 -7.56 6.64
CA LEU A 44 -2.31 -7.24 7.53
C LEU A 44 -2.77 -7.34 8.97
N ARG A 45 -3.91 -6.75 9.22
CA ARG A 45 -4.51 -6.75 10.56
C ARG A 45 -4.75 -8.18 11.06
N GLU A 46 -5.14 -9.06 10.17
CA GLU A 46 -5.41 -10.45 10.50
C GLU A 46 -4.11 -11.15 10.88
N ALA A 47 -3.05 -10.83 10.16
CA ALA A 47 -1.75 -11.43 10.38
C ALA A 47 -1.18 -11.04 11.74
N ARG A 48 -1.37 -9.79 12.11
CA ARG A 48 -0.86 -9.29 13.38
C ARG A 48 -1.82 -9.61 14.53
N ALA A 49 -3.12 -9.62 14.23
CA ALA A 49 -4.20 -9.79 15.21
C ALA A 49 -4.24 -8.58 16.17
N PRO A 50 -5.07 -7.56 15.85
CA PRO A 50 -5.13 -6.32 16.62
C PRO A 50 -5.96 -6.44 17.89
N ALA A 51 -6.93 -7.36 17.86
CA ALA A 51 -7.85 -7.62 18.97
C ALA A 51 -8.75 -6.42 19.29
N SER A 52 -8.78 -5.47 18.41
CA SER A 52 -9.57 -4.27 18.58
C SER A 52 -10.67 -4.20 17.53
N GLY B 1 4.68 -7.67 -25.22
CA GLY B 1 5.25 -7.11 -26.43
C GLY B 1 6.63 -6.58 -26.18
N ALA B 2 7.04 -6.78 -24.95
CA ALA B 2 8.35 -6.36 -24.50
C ALA B 2 9.09 -7.56 -23.93
N MET B 3 8.67 -8.72 -24.38
CA MET B 3 9.20 -10.01 -23.92
C MET B 3 10.70 -10.12 -24.16
N GLY B 4 11.46 -10.05 -23.06
CA GLY B 4 12.91 -10.13 -23.12
C GLY B 4 13.55 -8.84 -23.60
N MET B 5 12.73 -7.82 -23.78
CA MET B 5 13.19 -6.54 -24.27
C MET B 5 13.30 -5.60 -23.09
N SER B 6 12.26 -5.58 -22.29
CA SER B 6 12.17 -4.77 -21.12
C SER B 6 11.26 -5.50 -20.17
N HIS B 7 11.49 -5.39 -18.89
CA HIS B 7 10.64 -6.09 -17.95
C HIS B 7 9.61 -5.13 -17.47
N ILE B 8 8.38 -5.47 -17.71
CA ILE B 8 7.28 -4.57 -17.50
C ILE B 8 6.61 -4.75 -16.16
N GLN B 9 6.04 -3.68 -15.69
CA GLN B 9 5.29 -3.70 -14.51
C GLN B 9 3.85 -3.61 -14.83
N ILE B 10 3.09 -4.38 -14.15
CA ILE B 10 1.68 -4.43 -14.34
C ILE B 10 0.98 -3.44 -13.42
N PRO B 11 0.43 -2.35 -13.98
CA PRO B 11 -0.26 -1.33 -13.23
C PRO B 11 -1.79 -1.25 -13.52
N PRO B 12 -2.60 -2.28 -13.16
CA PRO B 12 -4.05 -2.30 -13.44
C PRO B 12 -4.86 -1.39 -12.48
N GLY B 13 -4.43 -0.14 -12.39
CA GLY B 13 -5.08 0.91 -11.61
C GLY B 13 -4.88 0.80 -10.10
N LEU B 14 -5.04 -0.41 -9.56
CA LEU B 14 -4.92 -0.61 -8.11
C LEU B 14 -3.57 -0.21 -7.60
N THR B 15 -2.57 -0.37 -8.42
CA THR B 15 -1.22 -0.05 -8.07
C THR B 15 -1.02 1.45 -7.90
N GLU B 16 -1.61 2.24 -8.78
CA GLU B 16 -1.44 3.67 -8.74
C GLU B 16 -2.16 4.24 -7.54
N LEU B 17 -3.36 3.71 -7.28
CA LEU B 17 -4.09 4.15 -6.11
C LEU B 17 -3.37 3.70 -4.85
N LEU B 18 -2.82 2.50 -4.90
CA LEU B 18 -2.04 1.94 -3.81
C LEU B 18 -0.83 2.84 -3.51
N GLN B 19 -0.17 3.30 -4.56
CA GLN B 19 0.97 4.22 -4.43
C GLN B 19 0.55 5.46 -3.63
N GLY B 20 -0.50 6.11 -4.12
CA GLY B 20 -0.99 7.31 -3.49
C GLY B 20 -1.37 7.09 -2.05
N TYR B 21 -2.22 6.11 -1.82
CA TYR B 21 -2.72 5.85 -0.48
C TYR B 21 -1.67 5.30 0.49
N THR B 22 -0.71 4.53 0.01
CA THR B 22 0.35 4.03 0.89
C THR B 22 1.25 5.21 1.33
N VAL B 23 1.45 6.18 0.47
CA VAL B 23 2.18 7.34 0.91
C VAL B 23 1.31 8.12 1.91
N GLU B 24 0.02 8.07 1.72
CA GLU B 24 -0.89 8.73 2.61
C GLU B 24 -0.94 8.05 3.98
N VAL B 25 -0.84 6.70 4.02
CA VAL B 25 -0.78 6.02 5.32
C VAL B 25 0.48 6.50 6.06
N LEU B 26 1.56 6.60 5.29
CA LEU B 26 2.86 7.00 5.78
C LEU B 26 2.85 8.42 6.35
N ARG B 27 2.32 9.36 5.61
CA ARG B 27 2.33 10.74 6.06
C ARG B 27 1.21 11.06 7.07
N GLN B 28 0.08 10.39 6.97
CA GLN B 28 -1.04 10.75 7.82
C GLN B 28 -1.02 10.07 9.18
N GLN B 29 -0.74 8.78 9.23
CA GLN B 29 -0.77 8.09 10.51
C GLN B 29 0.33 7.04 10.62
N PRO B 30 1.57 7.50 10.95
CA PRO B 30 2.74 6.62 11.11
C PRO B 30 2.60 5.47 12.16
N PRO B 31 1.95 5.68 13.38
CA PRO B 31 1.81 4.60 14.38
C PRO B 31 1.17 3.34 13.80
N ASP B 32 0.08 3.52 13.10
CA ASP B 32 -0.62 2.39 12.51
C ASP B 32 -1.12 2.80 11.16
N LEU B 33 -0.31 2.51 10.20
CA LEU B 33 -0.55 2.84 8.80
C LEU B 33 -1.82 2.15 8.31
N VAL B 34 -2.00 0.92 8.74
CA VAL B 34 -3.08 0.12 8.28
C VAL B 34 -4.41 0.53 8.88
N GLU B 35 -4.41 0.89 10.14
CA GLU B 35 -5.64 1.30 10.84
C GLU B 35 -6.29 2.47 10.10
N PHE B 36 -5.45 3.45 9.77
CA PHE B 36 -5.87 4.61 9.00
C PHE B 36 -6.36 4.18 7.62
N ALA B 37 -5.58 3.33 6.97
CA ALA B 37 -5.89 2.88 5.63
C ALA B 37 -7.20 2.14 5.56
N VAL B 38 -7.36 1.15 6.42
CA VAL B 38 -8.54 0.33 6.40
C VAL B 38 -9.77 1.17 6.73
N GLU B 39 -9.62 2.16 7.62
CA GLU B 39 -10.75 3.01 7.94
C GLU B 39 -11.09 3.87 6.74
N TYR B 40 -10.07 4.42 6.10
CA TYR B 40 -10.28 5.25 4.93
C TYR B 40 -10.97 4.44 3.83
N PHE B 41 -10.51 3.23 3.60
CA PHE B 41 -11.07 2.40 2.57
C PHE B 41 -12.46 1.87 2.88
N THR B 42 -12.74 1.59 4.14
CA THR B 42 -14.09 1.19 4.49
C THR B 42 -15.03 2.40 4.33
N ARG B 43 -14.50 3.61 4.58
CA ARG B 43 -15.25 4.84 4.30
C ARG B 43 -15.47 5.01 2.80
N LEU B 44 -14.47 4.60 2.01
CA LEU B 44 -14.56 4.63 0.56
C LEU B 44 -15.68 3.68 0.12
N ARG B 45 -15.74 2.50 0.76
CA ARG B 45 -16.79 1.55 0.46
C ARG B 45 -18.13 2.12 0.87
N GLU B 46 -18.18 2.70 2.06
CA GLU B 46 -19.36 3.34 2.61
C GLU B 46 -19.91 4.38 1.62
N ALA B 47 -19.02 5.23 1.14
CA ALA B 47 -19.37 6.28 0.21
C ALA B 47 -19.90 5.75 -1.13
N ARG B 48 -19.27 4.72 -1.67
CA ARG B 48 -19.64 4.24 -2.99
C ARG B 48 -20.73 3.16 -2.96
N ALA B 49 -20.72 2.31 -1.97
CA ALA B 49 -21.68 1.23 -1.88
C ALA B 49 -22.07 0.97 -0.42
N PRO B 50 -23.22 1.52 0.02
CA PRO B 50 -23.71 1.34 1.39
C PRO B 50 -23.92 -0.14 1.72
N ALA B 51 -23.15 -0.62 2.68
CA ALA B 51 -23.18 -2.02 3.07
C ALA B 51 -24.22 -2.25 4.15
N SER B 52 -24.26 -1.35 5.09
CA SER B 52 -25.17 -1.44 6.20
C SER B 52 -26.45 -0.65 5.93
N ARG C 1 10.25 -9.92 -15.65
CA ARG C 1 9.12 -10.28 -14.83
C ARG C 1 7.87 -9.57 -15.27
N GLU C 2 6.76 -10.22 -15.04
CA GLU C 2 5.44 -9.71 -15.36
C GLU C 2 4.49 -10.15 -14.24
N THR C 3 5.07 -10.58 -13.15
CA THR C 3 4.31 -11.14 -12.08
C THR C 3 3.94 -10.07 -11.10
N ALA C 4 2.82 -10.29 -10.48
CA ALA C 4 2.30 -9.38 -9.53
C ALA C 4 3.11 -9.37 -8.32
N GLU C 5 3.75 -10.48 -8.03
CA GLU C 5 4.54 -10.60 -6.85
C GLU C 5 5.67 -9.56 -6.86
N GLU C 6 6.42 -9.56 -7.93
CA GLU C 6 7.58 -8.69 -7.98
C GLU C 6 7.18 -7.27 -8.28
N VAL C 7 6.13 -7.12 -9.06
CA VAL C 7 5.64 -5.81 -9.38
C VAL C 7 5.05 -5.14 -8.13
N SER C 8 4.09 -5.81 -7.46
CA SER C 8 3.48 -5.24 -6.24
C SER C 8 4.54 -4.87 -5.21
N ALA C 9 5.54 -5.73 -5.10
CA ALA C 9 6.60 -5.56 -4.16
C ALA C 9 7.38 -4.30 -4.43
N ARG C 10 7.71 -4.06 -5.69
CA ARG C 10 8.44 -2.87 -6.06
C ARG C 10 7.60 -1.64 -5.74
N ILE C 11 6.31 -1.75 -6.00
CA ILE C 11 5.38 -0.63 -5.86
C ILE C 11 5.29 -0.15 -4.42
N VAL C 12 5.00 -1.08 -3.51
CA VAL C 12 4.80 -0.73 -2.10
C VAL C 12 6.12 -0.29 -1.49
N GLN C 13 7.18 -0.89 -1.98
CA GLN C 13 8.48 -0.62 -1.51
C GLN C 13 8.95 0.75 -1.93
N VAL C 14 8.84 1.06 -3.22
CA VAL C 14 9.30 2.34 -3.70
C VAL C 14 8.51 3.46 -3.09
N VAL C 15 7.20 3.31 -2.98
CA VAL C 15 6.41 4.40 -2.43
C VAL C 15 6.72 4.66 -0.96
N THR C 16 6.94 3.61 -0.18
CA THR C 16 7.29 3.85 1.21
C THR C 16 8.70 4.41 1.35
N ALA C 17 9.65 3.82 0.63
CA ALA C 17 11.05 4.22 0.71
C ALA C 17 11.24 5.66 0.23
N GLU C 18 10.68 5.95 -0.92
CA GLU C 18 10.79 7.26 -1.51
C GLU C 18 10.10 8.30 -0.65
N ALA C 19 8.90 7.99 -0.13
CA ALA C 19 8.18 8.95 0.72
C ALA C 19 8.93 9.24 2.01
N VAL C 20 9.62 8.23 2.54
CA VAL C 20 10.48 8.40 3.71
C VAL C 20 11.60 9.40 3.38
N ALA C 21 12.09 9.35 2.17
CA ALA C 21 13.12 10.28 1.77
C ALA C 21 12.51 11.68 1.51
N VAL C 22 11.27 11.68 1.03
CA VAL C 22 10.48 12.89 0.78
C VAL C 22 10.29 13.72 2.06
N LEU C 23 10.27 13.06 3.25
CA LEU C 23 10.01 13.77 4.53
C LEU C 23 11.00 14.94 4.75
N LYS C 24 12.20 14.81 4.23
CA LYS C 24 13.19 15.84 4.40
C LYS C 24 13.43 16.58 3.11
N GLY C 25 12.91 16.04 2.04
CA GLY C 25 13.10 16.65 0.77
C GLY C 25 14.33 16.12 0.13
N GLU C 26 14.33 14.81 -0.10
CA GLU C 26 15.41 14.17 -0.76
C GLU C 26 15.49 14.76 -2.17
N GLN C 27 14.34 14.69 -2.87
CA GLN C 27 14.13 15.31 -4.19
C GLN C 27 15.27 15.01 -5.15
N GLU C 28 15.77 13.82 -5.06
CA GLU C 28 16.89 13.41 -5.84
C GLU C 28 16.45 12.86 -7.19
N GLY A 1 10.18 12.52 17.74
CA GLY A 1 9.34 12.15 18.87
C GLY A 1 8.14 11.41 18.40
N ALA A 2 7.21 11.14 19.30
CA ALA A 2 5.99 10.44 18.96
C ALA A 2 5.02 11.36 18.24
N MET A 3 4.57 12.39 18.93
CA MET A 3 3.66 13.36 18.31
C MET A 3 4.44 14.30 17.44
N GLY A 4 5.67 14.54 17.83
CA GLY A 4 6.57 15.32 17.06
C GLY A 4 7.30 14.41 16.12
N MET A 5 6.59 13.93 15.14
CA MET A 5 7.14 13.02 14.19
C MET A 5 7.93 13.75 13.11
N SER A 6 9.18 13.97 13.38
CA SER A 6 10.06 14.67 12.49
C SER A 6 10.75 13.66 11.56
N HIS A 7 10.59 12.39 11.88
CA HIS A 7 11.17 11.29 11.17
C HIS A 7 10.14 10.23 11.10
N ILE A 8 9.89 9.78 9.95
CA ILE A 8 8.85 8.85 9.69
C ILE A 8 9.46 7.50 9.38
N GLN A 9 9.36 6.61 10.32
CA GLN A 9 9.83 5.25 10.13
C GLN A 9 8.63 4.35 10.10
N ILE A 10 8.44 3.65 9.03
CA ILE A 10 7.28 2.79 8.93
C ILE A 10 7.61 1.30 9.21
N PRO A 11 7.14 0.73 10.36
CA PRO A 11 7.42 -0.66 10.72
C PRO A 11 6.20 -1.63 10.93
N PRO A 12 5.03 -1.53 10.24
CA PRO A 12 3.89 -2.40 10.53
C PRO A 12 3.83 -3.66 9.65
N GLY A 13 4.94 -4.01 8.98
CA GLY A 13 4.95 -5.19 8.08
C GLY A 13 4.14 -4.93 6.82
N LEU A 14 3.90 -3.62 6.61
CA LEU A 14 3.05 -3.06 5.56
C LEU A 14 3.42 -3.65 4.21
N THR A 15 4.68 -3.54 3.87
CA THR A 15 5.16 -3.92 2.59
C THR A 15 5.03 -5.41 2.33
N GLU A 16 5.57 -6.22 3.22
CA GLU A 16 5.69 -7.65 2.98
C GLU A 16 4.33 -8.33 2.93
N LEU A 17 3.51 -8.02 3.92
CA LEU A 17 2.24 -8.67 4.02
C LEU A 17 1.28 -8.18 2.97
N LEU A 18 1.18 -6.88 2.80
CA LEU A 18 0.24 -6.42 1.82
C LEU A 18 0.78 -6.66 0.40
N GLN A 19 2.11 -6.90 0.25
CA GLN A 19 2.67 -7.34 -1.05
C GLN A 19 2.05 -8.67 -1.40
N GLY A 20 2.12 -9.61 -0.45
CA GLY A 20 1.53 -10.92 -0.66
C GLY A 20 0.04 -10.83 -0.96
N TYR A 21 -0.60 -9.89 -0.32
CA TYR A 21 -2.00 -9.69 -0.50
C TYR A 21 -2.36 -8.95 -1.79
N THR A 22 -1.55 -7.99 -2.20
CA THR A 22 -1.83 -7.25 -3.42
C THR A 22 -1.67 -8.16 -4.63
N VAL A 23 -0.71 -9.07 -4.57
CA VAL A 23 -0.53 -10.00 -5.65
C VAL A 23 -1.63 -11.04 -5.65
N GLU A 24 -2.10 -11.38 -4.45
CA GLU A 24 -3.14 -12.37 -4.29
C GLU A 24 -4.40 -11.83 -4.91
N VAL A 25 -4.65 -10.55 -4.71
CA VAL A 25 -5.88 -9.95 -5.15
C VAL A 25 -5.88 -9.76 -6.64
N LEU A 26 -4.76 -9.31 -7.19
CA LEU A 26 -4.70 -9.11 -8.62
C LEU A 26 -4.87 -10.42 -9.36
N ARG A 27 -4.40 -11.51 -8.76
CA ARG A 27 -4.59 -12.82 -9.36
C ARG A 27 -6.04 -13.27 -9.24
N GLN A 28 -6.71 -12.83 -8.17
CA GLN A 28 -8.11 -13.18 -7.93
C GLN A 28 -9.08 -12.33 -8.76
N GLN A 29 -8.58 -11.23 -9.37
CA GLN A 29 -9.43 -10.34 -10.18
C GLN A 29 -10.57 -9.71 -9.36
N PRO A 30 -10.21 -8.80 -8.42
CA PRO A 30 -11.11 -8.24 -7.38
C PRO A 30 -12.48 -7.75 -7.88
N PRO A 31 -13.50 -7.77 -6.99
CA PRO A 31 -14.83 -7.28 -7.32
C PRO A 31 -14.82 -5.76 -7.49
N ASP A 32 -14.04 -5.09 -6.66
CA ASP A 32 -13.98 -3.65 -6.66
C ASP A 32 -12.81 -3.25 -5.82
N LEU A 33 -12.40 -2.02 -5.95
CA LEU A 33 -11.30 -1.47 -5.22
C LEU A 33 -11.66 -1.28 -3.77
N VAL A 34 -12.93 -0.96 -3.50
CA VAL A 34 -13.37 -0.81 -2.12
C VAL A 34 -13.20 -2.11 -1.33
N GLU A 35 -13.57 -3.24 -1.95
CA GLU A 35 -13.49 -4.53 -1.31
C GLU A 35 -12.01 -4.89 -1.15
N PHE A 36 -11.25 -4.66 -2.23
CA PHE A 36 -9.81 -4.90 -2.23
C PHE A 36 -9.11 -4.15 -1.12
N ALA A 37 -9.30 -2.85 -1.08
CA ALA A 37 -8.64 -2.02 -0.12
C ALA A 37 -8.96 -2.43 1.31
N VAL A 38 -10.27 -2.53 1.61
CA VAL A 38 -10.68 -2.84 2.96
C VAL A 38 -10.16 -4.19 3.41
N GLU A 39 -10.40 -5.22 2.60
CA GLU A 39 -10.08 -6.60 2.95
C GLU A 39 -8.59 -6.84 3.09
N TYR A 40 -7.81 -6.44 2.12
CA TYR A 40 -6.40 -6.76 2.13
C TYR A 40 -5.61 -6.01 3.17
N PHE A 41 -5.96 -4.75 3.40
CA PHE A 41 -5.29 -4.03 4.49
C PHE A 41 -5.75 -4.67 5.81
N THR A 42 -7.03 -5.00 5.87
CA THR A 42 -7.64 -5.75 6.96
C THR A 42 -6.89 -7.09 7.20
N ARG A 43 -6.35 -7.66 6.14
CA ARG A 43 -5.61 -8.89 6.22
C ARG A 43 -4.25 -8.71 6.90
N LEU A 44 -3.50 -7.60 6.63
CA LEU A 44 -2.26 -7.35 7.46
C LEU A 44 -2.66 -7.17 8.90
N ARG A 45 -3.67 -6.36 9.08
CA ARG A 45 -4.15 -6.00 10.40
C ARG A 45 -4.53 -7.26 11.16
N GLU A 46 -5.22 -8.15 10.51
CA GLU A 46 -5.66 -9.40 11.10
C GLU A 46 -4.48 -10.32 11.35
N ALA A 47 -3.48 -10.20 10.51
CA ALA A 47 -2.31 -11.04 10.59
C ALA A 47 -1.44 -10.68 11.76
N ARG A 48 -1.65 -9.52 12.33
CA ARG A 48 -0.88 -9.17 13.49
C ARG A 48 -1.77 -8.96 14.72
N ALA A 49 -2.88 -8.28 14.52
CA ALA A 49 -3.83 -7.93 15.59
C ALA A 49 -5.11 -7.30 15.00
N PRO A 50 -6.15 -8.11 14.73
CA PRO A 50 -7.39 -7.64 14.07
C PRO A 50 -8.18 -6.61 14.89
N ALA A 51 -7.98 -6.61 16.19
CA ALA A 51 -8.72 -5.68 17.03
C ALA A 51 -7.87 -4.47 17.38
N SER A 52 -6.72 -4.36 16.74
CA SER A 52 -5.82 -3.24 16.99
C SER A 52 -5.36 -2.64 15.66
N GLY B 1 18.81 -0.72 -29.64
CA GLY B 1 18.00 -1.22 -30.73
C GLY B 1 17.32 -2.53 -30.36
N ALA B 2 16.93 -2.62 -29.11
CA ALA B 2 16.29 -3.79 -28.58
C ALA B 2 15.36 -3.38 -27.46
N MET B 3 14.35 -4.16 -27.20
CA MET B 3 13.38 -3.85 -26.16
C MET B 3 12.97 -5.09 -25.37
N GLY B 4 13.56 -6.22 -25.69
CA GLY B 4 13.20 -7.47 -25.03
C GLY B 4 13.78 -7.61 -23.64
N MET B 5 14.68 -6.72 -23.29
CA MET B 5 15.32 -6.74 -21.99
C MET B 5 14.43 -6.05 -20.99
N SER B 6 13.63 -5.14 -21.49
CA SER B 6 12.77 -4.33 -20.70
C SER B 6 11.65 -5.17 -20.09
N HIS B 7 11.70 -5.38 -18.81
CA HIS B 7 10.67 -6.12 -18.14
C HIS B 7 9.54 -5.20 -17.77
N ILE B 8 8.40 -5.47 -18.32
CA ILE B 8 7.23 -4.68 -18.10
C ILE B 8 6.72 -4.73 -16.66
N GLN B 9 6.09 -3.68 -16.27
CA GLN B 9 5.48 -3.58 -14.99
C GLN B 9 4.02 -3.86 -15.19
N ILE B 10 3.46 -4.64 -14.35
CA ILE B 10 2.07 -4.99 -14.48
C ILE B 10 1.21 -4.09 -13.61
N PRO B 11 0.43 -3.17 -14.24
CA PRO B 11 -0.43 -2.25 -13.56
C PRO B 11 -1.93 -2.60 -13.69
N PRO B 12 -2.51 -3.23 -12.67
CA PRO B 12 -3.94 -3.49 -12.65
C PRO B 12 -4.72 -2.20 -12.32
N GLY B 13 -4.03 -1.23 -11.75
CA GLY B 13 -4.66 0.02 -11.37
C GLY B 13 -4.59 0.18 -9.88
N LEU B 14 -4.69 -0.96 -9.22
CA LEU B 14 -4.57 -1.01 -7.79
C LEU B 14 -3.18 -0.55 -7.38
N THR B 15 -2.21 -0.77 -8.25
CA THR B 15 -0.85 -0.32 -8.09
C THR B 15 -0.76 1.21 -8.04
N GLU B 16 -1.58 1.87 -8.84
CA GLU B 16 -1.62 3.32 -8.90
C GLU B 16 -2.16 3.83 -7.57
N LEU B 17 -3.23 3.19 -7.14
CA LEU B 17 -3.84 3.57 -5.88
C LEU B 17 -3.00 3.16 -4.70
N LEU B 18 -2.31 2.04 -4.85
CA LEU B 18 -1.41 1.52 -3.84
C LEU B 18 -0.32 2.53 -3.58
N GLN B 19 0.17 3.16 -4.63
CA GLN B 19 1.18 4.20 -4.50
C GLN B 19 0.58 5.35 -3.72
N GLY B 20 -0.53 5.88 -4.23
CA GLY B 20 -1.18 7.02 -3.61
C GLY B 20 -1.55 6.78 -2.16
N TYR B 21 -2.24 5.71 -1.91
CA TYR B 21 -2.72 5.38 -0.59
C TYR B 21 -1.64 4.96 0.37
N THR B 22 -0.60 4.30 -0.09
CA THR B 22 0.47 3.96 0.82
C THR B 22 1.22 5.23 1.25
N VAL B 23 1.26 6.22 0.38
CA VAL B 23 1.85 7.47 0.80
C VAL B 23 0.86 8.18 1.77
N GLU B 24 -0.44 7.98 1.52
CA GLU B 24 -1.48 8.52 2.39
C GLU B 24 -1.33 7.96 3.79
N VAL B 25 -1.20 6.63 3.88
CA VAL B 25 -1.05 5.96 5.15
C VAL B 25 0.19 6.46 5.89
N LEU B 26 1.31 6.52 5.17
CA LEU B 26 2.60 6.91 5.71
C LEU B 26 2.61 8.37 6.16
N ARG B 27 2.03 9.22 5.36
CA ARG B 27 2.01 10.64 5.64
C ARG B 27 1.07 10.95 6.81
N GLN B 28 0.00 10.21 6.92
CA GLN B 28 -0.99 10.49 7.94
C GLN B 28 -0.72 9.83 9.29
N GLN B 29 -0.34 8.56 9.31
CA GLN B 29 -0.15 7.88 10.59
C GLN B 29 0.86 6.71 10.48
N PRO B 30 2.15 7.02 10.66
CA PRO B 30 3.28 6.05 10.56
C PRO B 30 3.22 4.76 11.48
N PRO B 31 2.86 4.86 12.82
CA PRO B 31 2.81 3.66 13.70
C PRO B 31 1.94 2.53 13.15
N ASP B 32 0.76 2.85 12.69
CA ASP B 32 -0.10 1.85 12.12
C ASP B 32 -0.72 2.43 10.90
N LEU B 33 -0.12 2.12 9.80
CA LEU B 33 -0.54 2.59 8.52
C LEU B 33 -1.85 1.94 8.13
N VAL B 34 -2.01 0.72 8.56
CA VAL B 34 -3.11 -0.09 8.16
C VAL B 34 -4.41 0.26 8.86
N GLU B 35 -4.35 0.53 10.14
CA GLU B 35 -5.55 0.89 10.92
C GLU B 35 -6.19 2.14 10.29
N PHE B 36 -5.37 3.15 10.04
CA PHE B 36 -5.83 4.37 9.39
C PHE B 36 -6.33 4.05 7.98
N ALA B 37 -5.63 3.16 7.31
CA ALA B 37 -5.99 2.75 5.96
C ALA B 37 -7.35 2.12 5.95
N VAL B 38 -7.57 1.14 6.83
CA VAL B 38 -8.85 0.44 6.93
C VAL B 38 -9.97 1.42 7.15
N GLU B 39 -9.77 2.37 8.06
CA GLU B 39 -10.77 3.38 8.34
C GLU B 39 -11.04 4.24 7.09
N TYR B 40 -9.98 4.64 6.43
CA TYR B 40 -10.08 5.46 5.25
C TYR B 40 -10.77 4.69 4.12
N PHE B 41 -10.45 3.42 4.01
CA PHE B 41 -11.01 2.58 2.98
C PHE B 41 -12.46 2.22 3.25
N THR B 42 -12.83 2.07 4.53
CA THR B 42 -14.22 1.85 4.83
C THR B 42 -15.02 3.08 4.50
N ARG B 43 -14.37 4.24 4.67
CA ARG B 43 -14.93 5.52 4.30
C ARG B 43 -15.09 5.59 2.77
N LEU B 44 -14.09 5.08 2.02
CA LEU B 44 -14.17 4.97 0.56
C LEU B 44 -15.39 4.12 0.18
N ARG B 45 -15.50 3.02 0.88
CA ARG B 45 -16.61 2.07 0.73
C ARG B 45 -17.96 2.74 1.07
N GLU B 46 -17.94 3.68 2.01
CA GLU B 46 -19.12 4.41 2.44
C GLU B 46 -19.32 5.70 1.63
N ALA B 47 -18.38 5.98 0.75
CA ALA B 47 -18.53 7.03 -0.25
C ALA B 47 -19.25 6.40 -1.41
N ARG B 48 -19.01 5.12 -1.52
CA ARG B 48 -19.71 4.24 -2.40
C ARG B 48 -20.84 3.63 -1.55
N ALA B 49 -21.13 2.39 -1.81
CA ALA B 49 -22.11 1.61 -1.06
C ALA B 49 -22.05 0.13 -1.47
N PRO B 50 -22.14 -0.19 -2.78
CA PRO B 50 -21.95 -1.53 -3.27
C PRO B 50 -20.52 -1.70 -3.82
N ALA B 51 -20.28 -2.82 -4.42
CA ALA B 51 -19.04 -3.07 -5.09
C ALA B 51 -19.35 -3.41 -6.53
N SER B 52 -18.40 -3.17 -7.42
CA SER B 52 -18.52 -3.48 -8.85
C SER B 52 -19.50 -2.52 -9.54
N ARG C 1 10.43 -11.28 -12.92
CA ARG C 1 10.57 -9.87 -13.27
C ARG C 1 9.31 -9.45 -13.97
N GLU C 2 8.60 -10.47 -14.37
CA GLU C 2 7.34 -10.38 -15.07
C GLU C 2 6.25 -10.95 -14.17
N THR C 3 6.58 -11.08 -12.92
CA THR C 3 5.70 -11.66 -11.95
C THR C 3 5.27 -10.59 -10.99
N ALA C 4 4.10 -10.77 -10.44
CA ALA C 4 3.50 -9.81 -9.58
C ALA C 4 4.25 -9.72 -8.29
N GLU C 5 4.81 -10.83 -7.85
CA GLU C 5 5.63 -10.88 -6.64
C GLU C 5 6.75 -9.86 -6.71
N GLU C 6 7.51 -9.92 -7.79
CA GLU C 6 8.69 -9.09 -7.95
C GLU C 6 8.28 -7.63 -8.21
N VAL C 7 7.33 -7.44 -9.13
CA VAL C 7 6.92 -6.11 -9.51
C VAL C 7 6.26 -5.38 -8.34
N SER C 8 5.23 -5.98 -7.76
CA SER C 8 4.49 -5.37 -6.68
C SER C 8 5.37 -5.18 -5.43
N ALA C 9 6.37 -6.07 -5.24
CA ALA C 9 7.30 -5.93 -4.12
C ALA C 9 8.08 -4.67 -4.26
N ARG C 10 8.56 -4.41 -5.48
CA ARG C 10 9.33 -3.22 -5.71
C ARG C 10 8.43 -2.00 -5.56
N ILE C 11 7.19 -2.13 -6.00
CA ILE C 11 6.21 -1.03 -5.94
C ILE C 11 5.96 -0.62 -4.49
N VAL C 12 5.59 -1.58 -3.65
CA VAL C 12 5.24 -1.27 -2.27
C VAL C 12 6.48 -0.78 -1.50
N GLN C 13 7.62 -1.29 -1.92
CA GLN C 13 8.87 -0.95 -1.34
C GLN C 13 9.25 0.49 -1.69
N VAL C 14 9.20 0.84 -2.96
CA VAL C 14 9.56 2.17 -3.35
C VAL C 14 8.57 3.18 -2.89
N VAL C 15 7.30 2.83 -2.83
CA VAL C 15 6.33 3.79 -2.38
C VAL C 15 6.54 4.11 -0.90
N THR C 16 6.88 3.11 -0.09
CA THR C 16 7.17 3.39 1.29
C THR C 16 8.53 4.08 1.44
N ALA C 17 9.55 3.52 0.79
CA ALA C 17 10.91 4.03 0.88
C ALA C 17 11.01 5.46 0.38
N GLU C 18 10.44 5.69 -0.79
CA GLU C 18 10.46 7.01 -1.36
C GLU C 18 9.62 7.98 -0.57
N ALA C 19 8.48 7.55 -0.03
CA ALA C 19 7.64 8.45 0.77
C ALA C 19 8.35 8.80 2.09
N VAL C 20 9.06 7.83 2.66
CA VAL C 20 9.89 8.06 3.83
C VAL C 20 10.92 9.14 3.48
N ALA C 21 11.44 9.07 2.27
CA ALA C 21 12.38 10.04 1.81
C ALA C 21 11.67 11.38 1.46
N VAL C 22 10.41 11.28 1.07
CA VAL C 22 9.57 12.44 0.77
C VAL C 22 9.49 13.36 1.96
N LEU C 23 9.53 12.80 3.19
CA LEU C 23 9.46 13.63 4.40
C LEU C 23 10.58 14.71 4.41
N LYS C 24 11.75 14.37 3.86
CA LYS C 24 12.89 15.29 3.86
C LYS C 24 12.80 16.21 2.64
N GLY C 25 11.99 15.80 1.68
CA GLY C 25 11.93 16.48 0.42
C GLY C 25 12.94 15.89 -0.54
N GLU C 26 13.00 14.56 -0.57
CA GLU C 26 13.97 13.85 -1.43
C GLU C 26 13.68 14.11 -2.90
N GLN C 27 12.45 14.49 -3.16
CA GLN C 27 11.93 14.74 -4.50
C GLN C 27 12.46 16.05 -5.05
N GLU C 28 13.10 16.81 -4.19
CA GLU C 28 13.60 18.12 -4.52
C GLU C 28 15.10 18.07 -4.73
N GLY A 1 11.06 15.39 15.23
CA GLY A 1 11.36 16.24 16.39
C GLY A 1 11.67 17.64 15.94
N ALA A 2 12.76 17.79 15.22
CA ALA A 2 13.11 19.06 14.65
C ALA A 2 12.40 19.12 13.33
N MET A 3 12.17 20.29 12.82
CA MET A 3 11.43 20.38 11.58
C MET A 3 12.30 19.99 10.42
N GLY A 4 11.76 19.13 9.60
CA GLY A 4 12.50 18.55 8.52
C GLY A 4 12.90 17.16 8.90
N MET A 5 13.20 17.01 10.17
CA MET A 5 13.61 15.76 10.73
C MET A 5 12.42 15.01 11.28
N SER A 6 11.76 14.34 10.40
CA SER A 6 10.65 13.53 10.78
C SER A 6 11.11 12.09 10.75
N HIS A 7 10.70 11.33 11.72
CA HIS A 7 11.08 9.96 11.78
C HIS A 7 9.91 9.13 11.46
N ILE A 8 9.62 9.13 10.20
CA ILE A 8 8.54 8.41 9.65
C ILE A 8 8.87 6.94 9.68
N GLN A 9 8.28 6.26 10.60
CA GLN A 9 8.57 4.89 10.84
C GLN A 9 7.64 3.99 10.12
N ILE A 10 8.09 3.52 9.00
CA ILE A 10 7.38 2.53 8.29
C ILE A 10 7.99 1.15 8.58
N PRO A 11 7.22 0.29 9.26
CA PRO A 11 7.70 -1.02 9.66
C PRO A 11 7.75 -1.99 8.47
N PRO A 12 8.91 -2.61 8.26
CA PRO A 12 9.05 -3.63 7.25
C PRO A 12 8.06 -4.75 7.54
N GLY A 13 7.43 -5.25 6.55
CA GLY A 13 6.38 -6.19 6.77
C GLY A 13 5.05 -5.62 6.38
N LEU A 14 4.84 -4.29 6.57
CA LEU A 14 3.62 -3.62 6.11
C LEU A 14 3.54 -3.88 4.62
N THR A 15 4.61 -3.51 3.99
CA THR A 15 4.80 -3.63 2.60
C THR A 15 4.69 -5.09 2.14
N GLU A 16 5.47 -5.92 2.79
CA GLU A 16 5.62 -7.32 2.46
C GLU A 16 4.34 -8.16 2.60
N LEU A 17 3.63 -7.99 3.71
CA LEU A 17 2.44 -8.78 3.93
C LEU A 17 1.28 -8.28 3.11
N LEU A 18 1.21 -6.96 2.92
CA LEU A 18 0.20 -6.44 2.04
C LEU A 18 0.54 -6.83 0.59
N GLN A 19 1.84 -6.79 0.22
CA GLN A 19 2.30 -7.24 -1.10
C GLN A 19 1.87 -8.68 -1.34
N GLY A 20 2.09 -9.53 -0.35
CA GLY A 20 1.71 -10.92 -0.45
C GLY A 20 0.22 -11.06 -0.66
N TYR A 21 -0.54 -10.21 -0.02
CA TYR A 21 -1.95 -10.29 -0.15
C TYR A 21 -2.43 -9.72 -1.49
N THR A 22 -1.77 -8.68 -2.01
CA THR A 22 -2.19 -8.13 -3.29
C THR A 22 -1.95 -9.13 -4.41
N VAL A 23 -0.83 -9.84 -4.36
CA VAL A 23 -0.59 -10.85 -5.37
C VAL A 23 -1.56 -12.03 -5.22
N GLU A 24 -1.98 -12.26 -3.96
CA GLU A 24 -2.96 -13.27 -3.63
C GLU A 24 -4.30 -12.84 -4.25
N VAL A 25 -4.58 -11.55 -4.13
CA VAL A 25 -5.80 -11.00 -4.67
C VAL A 25 -5.77 -11.02 -6.20
N LEU A 26 -4.61 -10.79 -6.79
CA LEU A 26 -4.50 -10.91 -8.25
C LEU A 26 -4.88 -12.32 -8.70
N ARG A 27 -4.48 -13.32 -7.91
CA ARG A 27 -4.89 -14.72 -8.17
C ARG A 27 -6.42 -14.83 -8.00
N GLN A 28 -6.92 -14.13 -7.01
CA GLN A 28 -8.34 -14.10 -6.64
C GLN A 28 -9.22 -13.38 -7.69
N GLN A 29 -8.60 -12.61 -8.60
CA GLN A 29 -9.33 -11.82 -9.60
C GLN A 29 -10.27 -10.77 -8.92
N PRO A 30 -9.64 -9.73 -8.31
CA PRO A 30 -10.31 -8.76 -7.42
C PRO A 30 -11.63 -8.20 -7.93
N PRO A 31 -12.59 -7.97 -7.01
CA PRO A 31 -13.88 -7.40 -7.34
C PRO A 31 -13.77 -5.96 -7.87
N ASP A 32 -13.19 -5.11 -7.05
CA ASP A 32 -12.98 -3.69 -7.34
C ASP A 32 -12.08 -3.18 -6.25
N LEU A 33 -11.42 -2.04 -6.50
CA LEU A 33 -10.49 -1.44 -5.55
C LEU A 33 -11.09 -1.23 -4.17
N VAL A 34 -12.38 -0.88 -4.10
CA VAL A 34 -13.01 -0.63 -2.82
C VAL A 34 -12.97 -1.86 -1.87
N GLU A 35 -13.45 -2.99 -2.35
CA GLU A 35 -13.48 -4.20 -1.54
C GLU A 35 -12.11 -4.79 -1.40
N PHE A 36 -11.31 -4.61 -2.45
CA PHE A 36 -9.93 -5.05 -2.44
C PHE A 36 -9.19 -4.35 -1.32
N ALA A 37 -9.24 -3.02 -1.30
CA ALA A 37 -8.57 -2.23 -0.30
C ALA A 37 -9.03 -2.61 1.10
N VAL A 38 -10.37 -2.76 1.26
CA VAL A 38 -10.94 -3.13 2.55
C VAL A 38 -10.29 -4.43 3.07
N GLU A 39 -10.33 -5.47 2.29
CA GLU A 39 -9.81 -6.77 2.73
C GLU A 39 -8.30 -6.81 2.78
N TYR A 40 -7.67 -6.11 1.87
CA TYR A 40 -6.21 -6.10 1.74
C TYR A 40 -5.54 -5.55 2.99
N PHE A 41 -5.92 -4.37 3.33
CA PHE A 41 -5.30 -3.70 4.43
C PHE A 41 -5.75 -4.38 5.71
N THR A 42 -7.04 -4.76 5.75
CA THR A 42 -7.63 -5.49 6.86
C THR A 42 -6.82 -6.77 7.15
N ARG A 43 -6.37 -7.43 6.09
CA ARG A 43 -5.59 -8.63 6.22
C ARG A 43 -4.30 -8.35 6.95
N LEU A 44 -3.61 -7.24 6.64
CA LEU A 44 -2.36 -6.94 7.40
C LEU A 44 -2.67 -6.69 8.86
N ARG A 45 -3.57 -5.75 9.10
CA ARG A 45 -3.89 -5.30 10.45
C ARG A 45 -4.35 -6.44 11.32
N GLU A 46 -5.23 -7.25 10.81
CA GLU A 46 -5.77 -8.32 11.58
C GLU A 46 -4.86 -9.53 11.67
N ALA A 47 -3.86 -9.57 10.81
CA ALA A 47 -2.85 -10.61 10.88
C ALA A 47 -1.92 -10.33 12.05
N ARG A 48 -1.57 -9.06 12.22
CA ARG A 48 -0.68 -8.65 13.31
C ARG A 48 -1.42 -8.46 14.64
N ALA A 49 -2.65 -7.94 14.54
CA ALA A 49 -3.49 -7.60 15.70
C ALA A 49 -2.85 -6.51 16.57
N PRO A 50 -3.00 -5.23 16.16
CA PRO A 50 -2.41 -4.10 16.90
C PRO A 50 -3.29 -3.69 18.08
N ALA A 51 -4.48 -4.17 18.03
CA ALA A 51 -5.50 -3.94 19.03
C ALA A 51 -6.53 -5.04 18.81
N SER A 52 -7.70 -4.89 19.41
CA SER A 52 -8.82 -5.84 19.31
C SER A 52 -8.42 -7.26 19.70
N GLY B 1 17.19 4.62 -26.00
CA GLY B 1 17.74 3.30 -26.15
C GLY B 1 17.33 2.43 -24.99
N ALA B 2 17.58 1.16 -25.08
CA ALA B 2 17.20 0.25 -24.05
C ALA B 2 18.29 0.09 -23.01
N MET B 3 18.29 0.96 -22.03
CA MET B 3 19.22 0.81 -20.91
C MET B 3 18.49 0.15 -19.77
N GLY B 4 17.18 0.22 -19.87
CA GLY B 4 16.32 -0.45 -18.96
C GLY B 4 15.84 -1.71 -19.59
N MET B 5 15.92 -2.79 -18.87
CA MET B 5 15.55 -4.08 -19.38
C MET B 5 14.07 -4.13 -19.70
N SER B 6 13.74 -4.70 -20.83
CA SER B 6 12.38 -4.84 -21.28
C SER B 6 11.63 -5.75 -20.32
N HIS B 7 10.71 -5.18 -19.58
CA HIS B 7 9.97 -5.91 -18.58
C HIS B 7 8.59 -5.32 -18.48
N ILE B 8 7.64 -6.14 -18.18
CA ILE B 8 6.28 -5.69 -18.04
C ILE B 8 5.96 -5.38 -16.60
N GLN B 9 5.05 -4.49 -16.41
CA GLN B 9 4.54 -4.20 -15.11
C GLN B 9 3.08 -4.51 -15.13
N ILE B 10 2.60 -5.24 -14.16
CA ILE B 10 1.18 -5.43 -14.08
C ILE B 10 0.62 -4.43 -13.07
N PRO B 11 -0.12 -3.41 -13.54
CA PRO B 11 -0.66 -2.38 -12.68
C PRO B 11 -2.23 -2.32 -12.64
N PRO B 12 -2.97 -3.44 -12.42
CA PRO B 12 -4.42 -3.38 -12.38
C PRO B 12 -4.96 -2.74 -11.09
N GLY B 13 -4.97 -1.43 -11.08
CA GLY B 13 -5.57 -0.67 -9.99
C GLY B 13 -4.71 -0.53 -8.73
N LEU B 14 -4.05 -1.62 -8.32
CA LEU B 14 -3.28 -1.65 -7.07
C LEU B 14 -2.22 -0.57 -7.03
N THR B 15 -1.70 -0.22 -8.15
CA THR B 15 -0.66 0.76 -8.25
C THR B 15 -1.13 2.12 -7.78
N GLU B 16 -2.26 2.55 -8.30
CA GLU B 16 -2.79 3.84 -7.96
C GLU B 16 -3.26 3.82 -6.51
N LEU B 17 -3.86 2.70 -6.12
CA LEU B 17 -4.35 2.48 -4.78
C LEU B 17 -3.19 2.55 -3.78
N LEU B 18 -2.15 1.76 -4.02
CA LEU B 18 -1.00 1.67 -3.14
C LEU B 18 -0.25 2.96 -3.02
N GLN B 19 -0.23 3.76 -4.07
CA GLN B 19 0.45 5.04 -3.97
C GLN B 19 -0.31 5.96 -3.04
N GLY B 20 -1.59 6.16 -3.35
CA GLY B 20 -2.41 7.06 -2.55
C GLY B 20 -2.51 6.64 -1.10
N TYR B 21 -2.86 5.38 -0.89
CA TYR B 21 -3.05 4.85 0.44
C TYR B 21 -1.78 4.74 1.23
N THR B 22 -0.76 4.14 0.68
CA THR B 22 0.44 3.90 1.45
C THR B 22 1.16 5.22 1.78
N VAL B 23 1.08 6.21 0.91
CA VAL B 23 1.67 7.48 1.27
C VAL B 23 0.82 8.17 2.33
N GLU B 24 -0.48 8.00 2.24
CA GLU B 24 -1.38 8.63 3.19
C GLU B 24 -1.15 8.03 4.59
N VAL B 25 -0.94 6.70 4.64
CA VAL B 25 -0.66 6.03 5.91
C VAL B 25 0.67 6.51 6.49
N LEU B 26 1.67 6.65 5.60
CA LEU B 26 3.00 7.08 5.96
C LEU B 26 2.99 8.55 6.40
N ARG B 27 2.14 9.31 5.75
CA ARG B 27 1.97 10.72 6.03
C ARG B 27 1.40 10.94 7.43
N GLN B 28 0.44 10.12 7.81
CA GLN B 28 -0.18 10.26 9.11
C GLN B 28 0.65 9.57 10.20
N GLN B 29 1.13 8.38 9.88
CA GLN B 29 1.88 7.51 10.79
C GLN B 29 1.18 7.29 12.14
N PRO B 30 0.19 6.41 12.20
CA PRO B 30 -0.44 6.02 13.44
C PRO B 30 0.32 4.81 14.02
N PRO B 31 -0.10 4.24 15.19
CA PRO B 31 0.51 3.00 15.71
C PRO B 31 0.42 1.91 14.66
N ASP B 32 -0.71 1.86 14.02
CA ASP B 32 -0.95 0.96 12.94
C ASP B 32 -1.31 1.77 11.72
N LEU B 33 -0.42 1.74 10.73
CA LEU B 33 -0.59 2.43 9.43
C LEU B 33 -1.91 2.00 8.79
N VAL B 34 -2.16 0.74 8.91
CA VAL B 34 -3.24 0.12 8.29
C VAL B 34 -4.57 0.55 8.90
N GLU B 35 -4.61 0.78 10.18
CA GLU B 35 -5.81 1.29 10.87
C GLU B 35 -6.33 2.59 10.19
N PHE B 36 -5.39 3.50 9.89
CA PHE B 36 -5.77 4.71 9.18
C PHE B 36 -6.27 4.34 7.81
N ALA B 37 -5.58 3.40 7.17
CA ALA B 37 -5.99 2.91 5.87
C ALA B 37 -7.39 2.31 5.95
N VAL B 38 -7.72 1.69 7.09
CA VAL B 38 -9.04 1.11 7.35
C VAL B 38 -10.12 2.15 7.22
N GLU B 39 -9.93 3.28 7.85
CA GLU B 39 -10.95 4.29 7.78
C GLU B 39 -10.99 4.90 6.36
N TYR B 40 -9.84 4.97 5.75
CA TYR B 40 -9.72 5.56 4.44
C TYR B 40 -10.33 4.62 3.36
N PHE B 41 -10.16 3.31 3.51
CA PHE B 41 -10.71 2.37 2.54
C PHE B 41 -12.20 2.17 2.70
N THR B 42 -12.69 2.25 3.93
CA THR B 42 -14.10 2.10 4.14
C THR B 42 -14.84 3.33 3.61
N ARG B 43 -14.24 4.51 3.83
CA ARG B 43 -14.79 5.73 3.25
C ARG B 43 -14.73 5.68 1.73
N LEU B 44 -13.73 5.02 1.16
CA LEU B 44 -13.66 4.85 -0.28
C LEU B 44 -14.82 3.97 -0.74
N ARG B 45 -14.98 2.83 -0.06
CA ARG B 45 -16.03 1.88 -0.41
C ARG B 45 -17.41 2.51 -0.28
N GLU B 46 -17.64 3.23 0.78
CA GLU B 46 -18.93 3.86 0.99
C GLU B 46 -19.20 5.03 0.04
N ALA B 47 -18.16 5.68 -0.44
CA ALA B 47 -18.34 6.78 -1.38
C ALA B 47 -18.47 6.25 -2.81
N ARG B 48 -17.64 5.29 -3.17
CA ARG B 48 -17.62 4.75 -4.51
C ARG B 48 -18.69 3.68 -4.74
N ALA B 49 -18.89 2.85 -3.77
CA ALA B 49 -19.86 1.78 -3.89
C ALA B 49 -21.08 2.15 -3.07
N PRO B 50 -22.28 1.84 -3.56
CA PRO B 50 -23.52 2.14 -2.86
C PRO B 50 -23.56 1.53 -1.46
N ALA B 51 -24.19 2.24 -0.56
CA ALA B 51 -24.35 1.79 0.80
C ALA B 51 -25.70 2.27 1.25
N SER B 52 -26.59 1.33 1.53
CA SER B 52 -27.96 1.63 1.96
C SER B 52 -28.74 2.37 0.86
N ARG C 1 8.86 -7.20 -12.32
CA ARG C 1 9.64 -7.10 -13.54
C ARG C 1 9.11 -8.09 -14.58
N GLU C 2 8.03 -8.73 -14.22
CA GLU C 2 7.32 -9.70 -15.05
C GLU C 2 6.20 -10.29 -14.24
N THR C 3 6.53 -10.65 -13.03
CA THR C 3 5.62 -11.33 -12.17
C THR C 3 5.06 -10.35 -11.15
N ALA C 4 3.89 -10.67 -10.64
CA ALA C 4 3.17 -9.83 -9.74
C ALA C 4 3.95 -9.53 -8.49
N GLU C 5 4.60 -10.56 -7.93
CA GLU C 5 5.42 -10.39 -6.71
C GLU C 5 6.45 -9.31 -6.92
N GLU C 6 7.17 -9.37 -8.03
CA GLU C 6 8.22 -8.41 -8.29
C GLU C 6 7.69 -7.02 -8.47
N VAL C 7 6.61 -6.88 -9.23
CA VAL C 7 6.10 -5.54 -9.45
C VAL C 7 5.39 -4.99 -8.22
N SER C 8 4.50 -5.80 -7.61
CA SER C 8 3.72 -5.35 -6.45
C SER C 8 4.65 -4.92 -5.31
N ALA C 9 5.74 -5.69 -5.15
CA ALA C 9 6.74 -5.38 -4.14
C ALA C 9 7.46 -4.13 -4.50
N ARG C 10 7.73 -3.93 -5.79
CA ARG C 10 8.40 -2.74 -6.25
C ARG C 10 7.52 -1.54 -5.96
N ILE C 11 6.24 -1.66 -6.27
CA ILE C 11 5.27 -0.56 -6.10
C ILE C 11 5.21 -0.13 -4.64
N VAL C 12 4.98 -1.08 -3.75
CA VAL C 12 4.82 -0.78 -2.35
C VAL C 12 6.16 -0.28 -1.73
N GLN C 13 7.25 -0.78 -2.27
CA GLN C 13 8.57 -0.41 -1.85
C GLN C 13 8.90 1.01 -2.29
N VAL C 14 8.66 1.33 -3.55
CA VAL C 14 8.97 2.64 -4.06
C VAL C 14 8.07 3.69 -3.44
N VAL C 15 6.84 3.35 -3.13
CA VAL C 15 5.98 4.31 -2.48
C VAL C 15 6.44 4.57 -1.06
N THR C 16 6.82 3.53 -0.31
CA THR C 16 7.28 3.76 1.05
C THR C 16 8.64 4.43 1.07
N ALA C 17 9.58 3.91 0.30
CA ALA C 17 10.94 4.42 0.29
C ALA C 17 10.98 5.86 -0.22
N GLU C 18 10.33 6.12 -1.34
CA GLU C 18 10.35 7.47 -1.88
C GLU C 18 9.59 8.43 -1.01
N ALA C 19 8.50 7.99 -0.36
CA ALA C 19 7.75 8.89 0.53
C ALA C 19 8.52 9.14 1.84
N VAL C 20 9.28 8.13 2.30
CA VAL C 20 10.18 8.33 3.43
C VAL C 20 11.18 9.42 3.04
N ALA C 21 11.61 9.39 1.81
CA ALA C 21 12.49 10.38 1.31
C ALA C 21 11.76 11.74 1.15
N VAL C 22 10.50 11.69 0.78
CA VAL C 22 9.65 12.88 0.68
C VAL C 22 9.56 13.65 2.01
N LEU C 23 9.69 12.93 3.15
CA LEU C 23 9.63 13.60 4.47
C LEU C 23 10.66 14.73 4.58
N LYS C 24 11.84 14.53 3.97
CA LYS C 24 12.93 15.51 4.03
C LYS C 24 12.90 16.37 2.77
N GLY C 25 12.03 16.01 1.86
CA GLY C 25 11.93 16.69 0.61
C GLY C 25 13.01 16.25 -0.31
N GLU C 26 13.21 14.94 -0.37
CA GLU C 26 14.27 14.38 -1.18
C GLU C 26 13.96 14.53 -2.67
N GLN C 27 12.66 14.64 -2.96
CA GLN C 27 12.13 14.77 -4.31
C GLN C 27 12.31 16.20 -4.86
N GLU C 28 13.27 16.93 -4.32
CA GLU C 28 13.64 18.27 -4.78
C GLU C 28 14.03 18.27 -6.27
N GLY A 1 20.12 19.61 20.49
CA GLY A 1 20.30 18.83 19.28
C GLY A 1 19.06 18.02 19.00
N ALA A 2 19.01 17.40 17.82
CA ALA A 2 17.90 16.55 17.36
C ALA A 2 16.61 17.35 17.19
N MET A 3 16.75 18.65 17.05
CA MET A 3 15.64 19.53 16.83
C MET A 3 15.33 19.58 15.36
N GLY A 4 14.17 19.15 15.00
CA GLY A 4 13.79 19.08 13.63
C GLY A 4 13.73 17.66 13.16
N MET A 5 13.75 16.74 14.10
CA MET A 5 13.70 15.33 13.79
C MET A 5 12.29 14.86 13.52
N SER A 6 11.73 15.41 12.50
CA SER A 6 10.49 14.98 12.01
C SER A 6 10.83 14.00 10.92
N HIS A 7 10.69 12.75 11.23
CA HIS A 7 11.15 11.73 10.39
C HIS A 7 10.16 10.60 10.48
N ILE A 8 9.35 10.54 9.48
CA ILE A 8 8.39 9.49 9.31
C ILE A 8 9.13 8.17 9.13
N GLN A 9 8.99 7.33 10.09
CA GLN A 9 9.58 6.03 10.07
C GLN A 9 8.47 5.01 9.97
N ILE A 10 8.40 4.34 8.85
CA ILE A 10 7.37 3.38 8.65
C ILE A 10 7.77 1.96 9.10
N PRO A 11 6.97 1.39 10.03
CA PRO A 11 7.18 0.03 10.58
C PRO A 11 7.46 -1.05 9.52
N PRO A 12 8.58 -1.78 9.67
CA PRO A 12 8.93 -2.91 8.80
C PRO A 12 7.89 -4.02 8.89
N GLY A 13 7.63 -4.66 7.79
CA GLY A 13 6.67 -5.72 7.76
C GLY A 13 5.42 -5.32 7.03
N LEU A 14 5.16 -4.02 6.99
CA LEU A 14 3.99 -3.46 6.33
C LEU A 14 4.06 -3.84 4.86
N THR A 15 5.18 -3.51 4.25
CA THR A 15 5.38 -3.76 2.85
C THR A 15 5.40 -5.23 2.54
N GLU A 16 6.05 -6.01 3.40
CA GLU A 16 6.26 -7.42 3.17
C GLU A 16 4.96 -8.23 3.31
N LEU A 17 4.22 -8.00 4.36
CA LEU A 17 3.06 -8.80 4.59
C LEU A 17 1.96 -8.39 3.66
N LEU A 18 1.80 -7.09 3.47
CA LEU A 18 0.79 -6.64 2.56
C LEU A 18 1.16 -6.92 1.11
N GLN A 19 2.46 -6.96 0.75
CA GLN A 19 2.83 -7.30 -0.63
C GLN A 19 2.41 -8.73 -0.92
N GLY A 20 2.63 -9.62 0.07
CA GLY A 20 2.19 -10.99 -0.10
C GLY A 20 0.68 -11.06 -0.28
N TYR A 21 -0.02 -10.23 0.45
CA TYR A 21 -1.46 -10.20 0.38
C TYR A 21 -1.97 -9.58 -0.92
N THR A 22 -1.34 -8.52 -1.42
CA THR A 22 -1.80 -7.92 -2.68
C THR A 22 -1.58 -8.89 -3.83
N VAL A 23 -0.50 -9.67 -3.75
CA VAL A 23 -0.24 -10.71 -4.72
C VAL A 23 -1.37 -11.73 -4.68
N GLU A 24 -1.81 -12.02 -3.48
CA GLU A 24 -2.87 -12.97 -3.27
C GLU A 24 -4.21 -12.39 -3.73
N VAL A 25 -4.43 -11.11 -3.47
CA VAL A 25 -5.66 -10.46 -3.88
C VAL A 25 -5.76 -10.39 -5.41
N LEU A 26 -4.65 -10.05 -6.08
CA LEU A 26 -4.63 -10.04 -7.56
C LEU A 26 -4.84 -11.44 -8.12
N ARG A 27 -4.39 -12.43 -7.37
CA ARG A 27 -4.56 -13.82 -7.72
C ARG A 27 -6.06 -14.16 -7.56
N GLN A 28 -6.66 -13.58 -6.55
CA GLN A 28 -8.08 -13.74 -6.22
C GLN A 28 -8.99 -12.97 -7.22
N GLN A 29 -8.40 -12.10 -8.06
CA GLN A 29 -9.15 -11.33 -9.08
C GLN A 29 -10.19 -10.35 -8.47
N PRO A 30 -9.73 -9.27 -7.80
CA PRO A 30 -10.60 -8.32 -7.09
C PRO A 30 -11.56 -7.56 -8.04
N PRO A 31 -12.77 -7.23 -7.57
CA PRO A 31 -13.80 -6.55 -8.39
C PRO A 31 -13.56 -5.05 -8.56
N ASP A 32 -13.00 -4.42 -7.55
CA ASP A 32 -12.93 -2.97 -7.50
C ASP A 32 -11.94 -2.56 -6.43
N LEU A 33 -11.46 -1.31 -6.52
CA LEU A 33 -10.49 -0.74 -5.56
C LEU A 33 -10.96 -0.84 -4.15
N VAL A 34 -12.22 -0.51 -3.89
CA VAL A 34 -12.74 -0.50 -2.53
C VAL A 34 -12.57 -1.87 -1.85
N GLU A 35 -12.98 -2.93 -2.55
CA GLU A 35 -12.91 -4.26 -1.98
C GLU A 35 -11.47 -4.73 -1.97
N PHE A 36 -10.75 -4.44 -3.04
CA PHE A 36 -9.32 -4.75 -3.17
C PHE A 36 -8.51 -4.19 -2.01
N ALA A 37 -8.68 -2.91 -1.78
CA ALA A 37 -7.94 -2.22 -0.76
C ALA A 37 -8.28 -2.71 0.61
N VAL A 38 -9.58 -2.82 0.93
CA VAL A 38 -9.93 -3.28 2.24
C VAL A 38 -9.47 -4.72 2.46
N GLU A 39 -9.62 -5.58 1.44
CA GLU A 39 -9.23 -7.01 1.49
C GLU A 39 -7.75 -7.12 1.88
N TYR A 40 -6.94 -6.40 1.15
CA TYR A 40 -5.49 -6.37 1.30
C TYR A 40 -5.05 -5.90 2.70
N PHE A 41 -5.48 -4.70 3.06
CA PHE A 41 -5.07 -4.13 4.32
C PHE A 41 -5.69 -4.91 5.48
N THR A 42 -6.97 -5.27 5.36
CA THR A 42 -7.68 -5.97 6.41
C THR A 42 -7.02 -7.33 6.65
N ARG A 43 -6.44 -7.91 5.58
CA ARG A 43 -5.78 -9.18 5.68
C ARG A 43 -4.60 -9.05 6.62
N LEU A 44 -3.80 -7.94 6.50
CA LEU A 44 -2.71 -7.78 7.47
C LEU A 44 -3.25 -7.47 8.84
N ARG A 45 -4.29 -6.68 8.87
CA ARG A 45 -4.91 -6.27 10.13
C ARG A 45 -5.35 -7.48 10.94
N GLU A 46 -5.98 -8.46 10.32
CA GLU A 46 -6.41 -9.66 11.04
C GLU A 46 -5.25 -10.61 11.32
N ALA A 47 -4.19 -10.46 10.54
CA ALA A 47 -3.00 -11.29 10.71
C ALA A 47 -2.19 -10.82 11.92
N ARG A 48 -2.35 -9.56 12.28
CA ARG A 48 -1.64 -9.01 13.41
C ARG A 48 -2.53 -8.77 14.63
N ALA A 49 -3.78 -8.36 14.36
CA ALA A 49 -4.73 -7.95 15.41
C ALA A 49 -4.17 -6.75 16.19
N PRO A 50 -4.31 -5.53 15.64
CA PRO A 50 -3.73 -4.32 16.24
C PRO A 50 -4.39 -3.92 17.55
N ALA A 51 -5.64 -4.27 17.72
CA ALA A 51 -6.38 -3.89 18.91
C ALA A 51 -6.23 -4.92 20.02
N SER A 52 -5.38 -5.89 19.79
CA SER A 52 -5.15 -6.93 20.74
C SER A 52 -3.67 -7.34 20.70
N GLY B 1 5.42 0.20 -19.64
CA GLY B 1 6.08 0.46 -20.89
C GLY B 1 7.14 1.50 -20.74
N ALA B 2 6.89 2.47 -19.90
CA ALA B 2 7.85 3.52 -19.65
C ALA B 2 8.94 3.01 -18.74
N MET B 3 8.55 2.32 -17.70
CA MET B 3 9.49 1.73 -16.78
C MET B 3 9.12 0.29 -16.57
N GLY B 4 10.07 -0.55 -16.77
CA GLY B 4 9.87 -1.97 -16.65
C GLY B 4 11.03 -2.69 -17.27
N MET B 5 11.40 -2.25 -18.46
CA MET B 5 12.51 -2.75 -19.26
C MET B 5 12.27 -4.19 -19.73
N SER B 6 12.37 -5.12 -18.81
CA SER B 6 12.14 -6.50 -19.09
C SER B 6 11.07 -7.06 -18.15
N HIS B 7 10.60 -6.20 -17.27
CA HIS B 7 9.61 -6.58 -16.30
C HIS B 7 8.30 -5.93 -16.67
N ILE B 8 7.28 -6.71 -16.78
CA ILE B 8 5.97 -6.21 -17.11
C ILE B 8 5.15 -6.11 -15.87
N GLN B 9 4.21 -5.22 -15.85
CA GLN B 9 3.46 -4.99 -14.66
C GLN B 9 2.02 -5.36 -14.88
N ILE B 10 1.50 -6.06 -13.93
CA ILE B 10 0.12 -6.46 -13.92
C ILE B 10 -0.75 -5.31 -13.40
N PRO B 11 -2.06 -5.24 -13.85
CA PRO B 11 -2.99 -4.13 -13.69
C PRO B 11 -2.49 -2.87 -12.98
N PRO B 12 -1.85 -1.97 -13.74
CA PRO B 12 -1.35 -0.72 -13.22
C PRO B 12 -2.47 0.30 -13.06
N GLY B 13 -2.28 1.20 -12.15
CA GLY B 13 -3.20 2.28 -11.93
C GLY B 13 -3.79 2.17 -10.58
N LEU B 14 -4.18 0.95 -10.24
CA LEU B 14 -4.61 0.65 -8.89
C LEU B 14 -3.43 0.87 -7.98
N THR B 15 -2.26 0.65 -8.54
CA THR B 15 -0.99 0.82 -7.93
C THR B 15 -0.73 2.28 -7.59
N GLU B 16 -1.18 3.19 -8.43
CA GLU B 16 -0.97 4.61 -8.24
C GLU B 16 -1.91 5.13 -7.17
N LEU B 17 -3.13 4.61 -7.17
CA LEU B 17 -4.08 4.96 -6.12
C LEU B 17 -3.59 4.36 -4.80
N LEU B 18 -3.14 3.11 -4.88
CA LEU B 18 -2.60 2.39 -3.75
C LEU B 18 -1.40 3.16 -3.20
N GLN B 19 -0.57 3.65 -4.12
CA GLN B 19 0.59 4.49 -3.79
C GLN B 19 0.18 5.65 -2.93
N GLY B 20 -0.70 6.49 -3.46
CA GLY B 20 -1.12 7.69 -2.77
C GLY B 20 -1.68 7.42 -1.40
N TYR B 21 -2.50 6.41 -1.30
CA TYR B 21 -3.13 6.07 -0.05
C TYR B 21 -2.18 5.38 0.95
N THR B 22 -1.23 4.61 0.44
CA THR B 22 -0.20 4.04 1.30
C THR B 22 0.71 5.19 1.80
N VAL B 23 0.83 6.22 1.00
CA VAL B 23 1.54 7.38 1.42
C VAL B 23 0.73 8.10 2.51
N GLU B 24 -0.59 8.01 2.44
CA GLU B 24 -1.47 8.58 3.47
C GLU B 24 -1.22 7.88 4.81
N VAL B 25 -1.05 6.54 4.79
CA VAL B 25 -0.75 5.82 6.04
C VAL B 25 0.60 6.33 6.58
N LEU B 26 1.53 6.54 5.66
CA LEU B 26 2.87 6.98 5.96
C LEU B 26 2.87 8.42 6.52
N ARG B 27 2.09 9.30 5.90
CA ARG B 27 1.94 10.70 6.31
C ARG B 27 1.32 10.81 7.69
N GLN B 28 0.51 9.85 8.03
CA GLN B 28 -0.12 9.84 9.33
C GLN B 28 0.81 9.31 10.39
N GLN B 29 1.51 8.24 10.04
CA GLN B 29 2.47 7.55 10.91
C GLN B 29 1.91 7.27 12.32
N PRO B 30 0.94 6.36 12.44
CA PRO B 30 0.46 5.89 13.71
C PRO B 30 1.12 4.53 14.03
N PRO B 31 0.91 3.97 15.25
CA PRO B 31 1.46 2.64 15.61
C PRO B 31 1.00 1.55 14.62
N ASP B 32 -0.22 1.68 14.13
CA ASP B 32 -0.75 0.76 13.15
C ASP B 32 -1.17 1.55 11.93
N LEU B 33 -0.46 1.34 10.85
CA LEU B 33 -0.70 2.01 9.57
C LEU B 33 -1.97 1.46 8.93
N VAL B 34 -2.26 0.22 9.21
CA VAL B 34 -3.30 -0.51 8.56
C VAL B 34 -4.69 -0.09 9.03
N GLU B 35 -4.87 0.08 10.31
CA GLU B 35 -6.15 0.54 10.87
C GLU B 35 -6.57 1.87 10.25
N PHE B 36 -5.60 2.73 10.00
CA PHE B 36 -5.86 3.99 9.34
C PHE B 36 -6.28 3.72 7.91
N ALA B 37 -5.53 2.85 7.24
CA ALA B 37 -5.80 2.50 5.84
C ALA B 37 -7.17 1.86 5.68
N VAL B 38 -7.48 0.89 6.51
CA VAL B 38 -8.76 0.19 6.45
C VAL B 38 -9.90 1.17 6.68
N GLU B 39 -9.77 2.03 7.67
CA GLU B 39 -10.80 3.01 7.96
C GLU B 39 -10.92 4.01 6.80
N TYR B 40 -9.79 4.31 6.18
CA TYR B 40 -9.77 5.22 5.06
C TYR B 40 -10.48 4.58 3.86
N PHE B 41 -10.16 3.33 3.59
CA PHE B 41 -10.75 2.61 2.48
C PHE B 41 -12.18 2.19 2.71
N THR B 42 -12.57 1.99 3.95
CA THR B 42 -13.95 1.72 4.22
C THR B 42 -14.73 2.99 3.96
N ARG B 43 -14.18 4.14 4.39
CA ARG B 43 -14.78 5.44 4.10
C ARG B 43 -14.92 5.66 2.61
N LEU B 44 -13.90 5.21 1.85
CA LEU B 44 -13.92 5.26 0.40
C LEU B 44 -15.14 4.47 -0.09
N ARG B 45 -15.25 3.24 0.36
CA ARG B 45 -16.32 2.34 -0.05
C ARG B 45 -17.71 2.90 0.31
N GLU B 46 -17.85 3.39 1.52
CA GLU B 46 -19.16 3.83 2.01
C GLU B 46 -19.62 5.08 1.30
N ALA B 47 -18.69 5.96 1.00
CA ALA B 47 -19.02 7.20 0.33
C ALA B 47 -19.10 7.03 -1.18
N ARG B 48 -18.25 6.18 -1.73
CA ARG B 48 -18.17 6.00 -3.17
C ARG B 48 -17.73 4.56 -3.52
N ALA B 49 -18.69 3.67 -3.55
CA ALA B 49 -18.42 2.26 -3.84
C ALA B 49 -18.38 1.90 -5.36
N PRO B 50 -19.43 2.22 -6.16
CA PRO B 50 -19.50 1.81 -7.56
C PRO B 50 -18.48 2.52 -8.45
N ALA B 51 -17.39 1.81 -8.73
CA ALA B 51 -16.29 2.24 -9.59
C ALA B 51 -15.58 3.48 -9.07
N SER B 52 -16.13 4.65 -9.39
CA SER B 52 -15.59 5.93 -8.95
C SER B 52 -14.12 6.10 -9.40
N ARG C 1 9.22 -12.18 -11.48
CA ARG C 1 9.95 -11.01 -11.96
C ARG C 1 9.12 -10.29 -12.97
N GLU C 2 8.25 -11.04 -13.55
CA GLU C 2 7.23 -10.55 -14.47
C GLU C 2 5.89 -10.94 -13.87
N THR C 3 5.95 -11.22 -12.59
CA THR C 3 4.86 -11.74 -11.88
C THR C 3 4.50 -10.79 -10.75
N ALA C 4 3.32 -11.00 -10.19
CA ALA C 4 2.75 -10.13 -9.20
C ALA C 4 3.67 -9.91 -8.02
N GLU C 5 4.29 -10.98 -7.51
CA GLU C 5 5.21 -10.85 -6.37
C GLU C 5 6.28 -9.84 -6.61
N GLU C 6 6.90 -9.87 -7.76
CA GLU C 6 8.02 -8.99 -7.97
C GLU C 6 7.58 -7.58 -8.25
N VAL C 7 6.57 -7.41 -9.05
CA VAL C 7 6.16 -6.06 -9.36
C VAL C 7 5.45 -5.41 -8.18
N SER C 8 4.50 -6.11 -7.56
CA SER C 8 3.75 -5.57 -6.46
C SER C 8 4.69 -5.24 -5.27
N ALA C 9 5.71 -6.09 -5.07
CA ALA C 9 6.69 -5.82 -4.03
C ALA C 9 7.49 -4.59 -4.35
N ARG C 10 7.81 -4.41 -5.62
CA ARG C 10 8.65 -3.32 -6.08
C ARG C 10 7.90 -2.02 -5.84
N ILE C 11 6.65 -2.01 -6.22
CA ILE C 11 5.78 -0.86 -6.10
C ILE C 11 5.57 -0.45 -4.65
N VAL C 12 5.14 -1.38 -3.80
CA VAL C 12 4.84 -1.05 -2.41
C VAL C 12 6.12 -0.57 -1.71
N GLN C 13 7.22 -1.12 -2.15
CA GLN C 13 8.51 -0.79 -1.62
C GLN C 13 8.93 0.62 -2.03
N VAL C 14 8.84 0.92 -3.32
CA VAL C 14 9.26 2.21 -3.79
C VAL C 14 8.31 3.29 -3.31
N VAL C 15 7.03 2.99 -3.20
CA VAL C 15 6.11 4.00 -2.74
C VAL C 15 6.39 4.37 -1.29
N THR C 16 6.67 3.38 -0.43
CA THR C 16 6.96 3.68 0.95
C THR C 16 8.35 4.31 1.12
N ALA C 17 9.36 3.71 0.49
CA ALA C 17 10.73 4.20 0.61
C ALA C 17 10.89 5.61 0.05
N GLU C 18 10.35 5.82 -1.14
CA GLU C 18 10.42 7.12 -1.76
C GLU C 18 9.59 8.15 -1.01
N ALA C 19 8.45 7.74 -0.47
CA ALA C 19 7.63 8.66 0.32
C ALA C 19 8.34 9.04 1.63
N VAL C 20 9.11 8.08 2.18
CA VAL C 20 9.97 8.36 3.32
C VAL C 20 10.98 9.45 2.92
N ALA C 21 11.43 9.40 1.70
CA ALA C 21 12.35 10.41 1.24
C ALA C 21 11.61 11.74 0.97
N VAL C 22 10.35 11.63 0.63
CA VAL C 22 9.47 12.77 0.42
C VAL C 22 9.27 13.57 1.72
N LEU C 23 9.36 12.89 2.89
CA LEU C 23 9.13 13.56 4.19
C LEU C 23 10.02 14.79 4.34
N LYS C 24 11.26 14.68 3.91
CA LYS C 24 12.20 15.79 3.98
C LYS C 24 11.98 16.69 2.78
N GLY C 25 11.87 16.07 1.64
CA GLY C 25 11.66 16.80 0.43
C GLY C 25 12.58 16.29 -0.62
N GLU C 26 12.45 15.04 -0.94
CA GLU C 26 13.34 14.45 -1.91
C GLU C 26 13.01 14.97 -3.33
N GLN C 27 11.80 15.48 -3.47
CA GLN C 27 11.28 15.97 -4.74
C GLN C 27 11.88 17.34 -5.15
N GLU C 28 12.91 17.78 -4.45
CA GLU C 28 13.60 19.04 -4.79
C GLU C 28 14.38 18.89 -6.10
N GLY A 1 22.86 15.23 15.45
CA GLY A 1 22.18 16.53 15.51
C GLY A 1 20.69 16.34 15.38
N ALA A 2 19.99 17.43 15.19
CA ALA A 2 18.54 17.41 15.07
C ALA A 2 18.12 17.13 13.62
N MET A 3 19.03 17.28 12.71
CA MET A 3 18.76 17.03 11.32
C MET A 3 19.28 15.67 10.94
N GLY A 4 18.85 15.16 9.81
CA GLY A 4 19.31 13.90 9.34
C GLY A 4 18.74 12.75 10.14
N MET A 5 17.66 13.02 10.84
CA MET A 5 17.02 12.03 11.67
C MET A 5 15.85 11.42 10.92
N SER A 6 15.17 10.50 11.53
CA SER A 6 14.07 9.88 10.89
C SER A 6 12.77 10.36 11.54
N HIS A 7 12.07 11.20 10.83
CA HIS A 7 10.82 11.75 11.29
C HIS A 7 9.75 10.73 11.06
N ILE A 8 9.78 10.23 9.90
CA ILE A 8 8.88 9.25 9.45
C ILE A 8 9.53 7.88 9.46
N GLN A 9 9.11 7.09 10.38
CA GLN A 9 9.60 5.77 10.50
C GLN A 9 8.50 4.79 10.17
N ILE A 10 8.50 4.32 8.95
CA ILE A 10 7.53 3.35 8.55
C ILE A 10 7.97 1.94 8.92
N PRO A 11 7.13 1.18 9.65
CA PRO A 11 7.45 -0.20 10.05
C PRO A 11 7.45 -1.17 8.88
N PRO A 12 8.61 -1.83 8.62
CA PRO A 12 8.71 -2.86 7.61
C PRO A 12 7.76 -4.01 7.93
N GLY A 13 7.27 -4.66 6.91
CA GLY A 13 6.28 -5.67 7.10
C GLY A 13 4.95 -5.22 6.56
N LEU A 14 4.68 -3.91 6.69
CA LEU A 14 3.48 -3.27 6.13
C LEU A 14 3.43 -3.63 4.65
N THR A 15 4.52 -3.32 4.01
CA THR A 15 4.73 -3.55 2.63
C THR A 15 4.61 -5.03 2.28
N GLU A 16 5.38 -5.83 2.98
CA GLU A 16 5.51 -7.26 2.75
C GLU A 16 4.18 -8.00 2.87
N LEU A 17 3.45 -7.72 3.92
CA LEU A 17 2.24 -8.46 4.21
C LEU A 17 1.11 -8.04 3.30
N LEU A 18 0.92 -6.74 3.16
CA LEU A 18 -0.13 -6.28 2.28
C LEU A 18 0.19 -6.64 0.83
N GLN A 19 1.46 -6.55 0.44
CA GLN A 19 1.82 -6.85 -0.94
C GLN A 19 1.69 -8.33 -1.27
N GLY A 20 1.92 -9.17 -0.28
CA GLY A 20 1.71 -10.58 -0.47
C GLY A 20 0.24 -10.86 -0.69
N TYR A 21 -0.57 -10.07 -0.04
CA TYR A 21 -1.98 -10.23 -0.16
C TYR A 21 -2.46 -9.69 -1.51
N THR A 22 -1.88 -8.57 -1.99
CA THR A 22 -2.30 -8.03 -3.28
C THR A 22 -1.99 -9.00 -4.42
N VAL A 23 -0.82 -9.66 -4.37
CA VAL A 23 -0.53 -10.65 -5.39
C VAL A 23 -1.48 -11.84 -5.28
N GLU A 24 -1.92 -12.13 -4.07
CA GLU A 24 -2.87 -13.17 -3.82
C GLU A 24 -4.24 -12.76 -4.41
N VAL A 25 -4.57 -11.48 -4.32
CA VAL A 25 -5.83 -10.99 -4.82
C VAL A 25 -5.81 -10.93 -6.33
N LEU A 26 -4.67 -10.58 -6.91
CA LEU A 26 -4.55 -10.53 -8.38
C LEU A 26 -4.69 -11.93 -8.94
N ARG A 27 -4.25 -12.88 -8.15
CA ARG A 27 -4.36 -14.30 -8.43
C ARG A 27 -5.85 -14.71 -8.33
N GLN A 28 -6.59 -13.96 -7.51
CA GLN A 28 -8.04 -14.12 -7.30
C GLN A 28 -8.88 -13.35 -8.35
N GLN A 29 -8.24 -12.50 -9.19
CA GLN A 29 -8.98 -11.64 -10.16
C GLN A 29 -9.91 -10.62 -9.45
N PRO A 30 -9.31 -9.59 -8.77
CA PRO A 30 -10.02 -8.62 -7.88
C PRO A 30 -11.35 -8.09 -8.44
N PRO A 31 -12.39 -8.04 -7.58
CA PRO A 31 -13.71 -7.58 -7.99
C PRO A 31 -13.76 -6.06 -8.18
N ASP A 32 -13.37 -5.32 -7.15
CA ASP A 32 -13.43 -3.88 -7.14
C ASP A 32 -12.46 -3.40 -6.10
N LEU A 33 -12.04 -2.14 -6.18
CA LEU A 33 -11.11 -1.56 -5.23
C LEU A 33 -11.63 -1.64 -3.82
N VAL A 34 -12.91 -1.38 -3.63
CA VAL A 34 -13.49 -1.35 -2.29
C VAL A 34 -13.30 -2.67 -1.51
N GLU A 35 -13.67 -3.82 -2.10
CA GLU A 35 -13.55 -5.08 -1.39
C GLU A 35 -12.11 -5.51 -1.32
N PHE A 36 -11.36 -5.20 -2.38
CA PHE A 36 -9.94 -5.48 -2.40
C PHE A 36 -9.25 -4.79 -1.25
N ALA A 37 -9.44 -3.49 -1.17
CA ALA A 37 -8.78 -2.66 -0.19
C ALA A 37 -9.13 -3.09 1.20
N VAL A 38 -10.42 -3.24 1.49
CA VAL A 38 -10.82 -3.58 2.83
C VAL A 38 -10.24 -4.93 3.28
N GLU A 39 -10.28 -5.96 2.42
CA GLU A 39 -9.74 -7.28 2.81
C GLU A 39 -8.21 -7.28 2.86
N TYR A 40 -7.61 -6.49 2.00
CA TYR A 40 -6.16 -6.31 1.89
C TYR A 40 -5.57 -5.79 3.22
N PHE A 41 -6.11 -4.69 3.66
CA PHE A 41 -5.62 -4.03 4.83
C PHE A 41 -5.98 -4.89 6.03
N THR A 42 -7.13 -5.54 5.93
CA THR A 42 -7.58 -6.49 6.88
C THR A 42 -6.55 -7.63 7.05
N ARG A 43 -5.90 -8.02 5.97
CA ARG A 43 -4.85 -9.03 6.05
C ARG A 43 -3.71 -8.53 6.91
N LEU A 44 -3.34 -7.24 6.81
CA LEU A 44 -2.27 -6.73 7.73
C LEU A 44 -2.76 -6.81 9.17
N ARG A 45 -3.96 -6.35 9.37
CA ARG A 45 -4.61 -6.38 10.69
C ARG A 45 -4.70 -7.82 11.22
N GLU A 46 -4.96 -8.74 10.32
CA GLU A 46 -5.07 -10.16 10.63
C GLU A 46 -3.68 -10.75 10.91
N ALA A 47 -2.68 -10.19 10.28
CA ALA A 47 -1.33 -10.62 10.48
C ALA A 47 -0.86 -10.28 11.89
N ARG A 48 -1.24 -9.10 12.37
CA ARG A 48 -0.89 -8.69 13.72
C ARG A 48 -1.86 -9.30 14.75
N ALA A 49 -3.12 -9.35 14.39
CA ALA A 49 -4.16 -9.92 15.23
C ALA A 49 -5.06 -10.78 14.36
N PRO A 50 -4.87 -12.09 14.40
CA PRO A 50 -5.52 -13.01 13.46
C PRO A 50 -7.02 -13.15 13.65
N ALA A 51 -7.47 -13.08 14.87
CA ALA A 51 -8.85 -13.29 15.18
C ALA A 51 -9.15 -12.64 16.50
N SER A 52 -10.34 -12.84 16.98
CA SER A 52 -10.76 -12.34 18.26
C SER A 52 -10.91 -13.51 19.21
N GLY B 1 11.63 -12.08 -22.60
CA GLY B 1 10.22 -12.30 -22.88
C GLY B 1 9.46 -11.00 -22.99
N ALA B 2 9.08 -10.46 -21.85
CA ALA B 2 8.33 -9.23 -21.80
C ALA B 2 9.23 -8.04 -21.49
N MET B 3 10.47 -8.32 -21.17
CA MET B 3 11.40 -7.26 -20.84
C MET B 3 12.10 -6.75 -22.09
N GLY B 4 11.66 -5.62 -22.57
CA GLY B 4 12.29 -5.01 -23.71
C GLY B 4 13.57 -4.33 -23.29
N MET B 5 13.51 -3.63 -22.18
CA MET B 5 14.66 -2.96 -21.60
C MET B 5 14.41 -2.64 -20.13
N SER B 6 13.21 -2.26 -19.83
CA SER B 6 12.84 -1.96 -18.47
C SER B 6 12.27 -3.20 -17.85
N HIS B 7 12.37 -3.31 -16.54
CA HIS B 7 11.69 -4.39 -15.86
C HIS B 7 10.24 -3.99 -15.83
N ILE B 8 9.42 -4.74 -16.52
CA ILE B 8 8.04 -4.36 -16.71
C ILE B 8 7.21 -4.33 -15.44
N GLN B 9 6.32 -3.39 -15.42
CA GLN B 9 5.36 -3.24 -14.39
C GLN B 9 4.02 -3.61 -14.94
N ILE B 10 3.34 -4.45 -14.25
CA ILE B 10 2.00 -4.80 -14.56
C ILE B 10 1.09 -3.95 -13.67
N PRO B 11 0.39 -2.96 -14.26
CA PRO B 11 -0.45 -2.06 -13.50
C PRO B 11 -1.94 -2.41 -13.53
N PRO B 12 -2.50 -2.88 -12.41
CA PRO B 12 -3.92 -3.16 -12.30
C PRO B 12 -4.73 -1.87 -12.01
N GLY B 13 -4.05 -0.84 -11.49
CA GLY B 13 -4.70 0.44 -11.19
C GLY B 13 -4.67 0.71 -9.70
N LEU B 14 -4.96 -0.34 -8.98
CA LEU B 14 -4.89 -0.36 -7.53
C LEU B 14 -3.51 0.06 -7.06
N THR B 15 -2.52 -0.19 -7.88
CA THR B 15 -1.14 0.18 -7.65
C THR B 15 -0.95 1.72 -7.59
N GLU B 16 -1.74 2.44 -8.36
CA GLU B 16 -1.70 3.89 -8.38
C GLU B 16 -2.37 4.35 -7.09
N LEU B 17 -3.50 3.72 -6.78
CA LEU B 17 -4.21 4.01 -5.51
C LEU B 17 -3.33 3.65 -4.31
N LEU B 18 -2.54 2.61 -4.50
CA LEU B 18 -1.59 2.12 -3.54
C LEU B 18 -0.54 3.17 -3.26
N GLN B 19 -0.03 3.80 -4.31
CA GLN B 19 0.92 4.90 -4.15
C GLN B 19 0.29 5.98 -3.29
N GLY B 20 -0.94 6.31 -3.62
CA GLY B 20 -1.66 7.34 -2.90
C GLY B 20 -1.80 7.05 -1.43
N TYR B 21 -2.46 5.92 -1.08
CA TYR B 21 -2.72 5.63 0.33
C TYR B 21 -1.43 5.45 1.10
N THR B 22 -0.43 4.81 0.48
CA THR B 22 0.78 4.48 1.20
C THR B 22 1.56 5.73 1.55
N VAL B 23 1.54 6.71 0.67
CA VAL B 23 2.20 7.92 1.01
C VAL B 23 1.40 8.66 2.07
N GLU B 24 0.09 8.55 2.01
CA GLU B 24 -0.74 9.18 3.00
C GLU B 24 -0.58 8.54 4.37
N VAL B 25 -0.49 7.21 4.42
CA VAL B 25 -0.26 6.52 5.70
C VAL B 25 1.08 6.99 6.29
N LEU B 26 2.07 7.07 5.42
CA LEU B 26 3.40 7.48 5.77
C LEU B 26 3.43 8.91 6.30
N ARG B 27 2.73 9.81 5.63
CA ARG B 27 2.67 11.21 6.05
C ARG B 27 1.77 11.43 7.26
N GLN B 28 0.78 10.58 7.45
CA GLN B 28 -0.14 10.71 8.59
C GLN B 28 0.46 10.21 9.89
N GLN B 29 1.46 9.34 9.77
CA GLN B 29 2.28 8.86 10.92
C GLN B 29 1.44 8.28 12.10
N PRO B 30 0.57 7.29 11.87
CA PRO B 30 -0.25 6.70 12.92
C PRO B 30 0.44 5.48 13.56
N PRO B 31 -0.08 4.97 14.71
CA PRO B 31 0.46 3.77 15.37
C PRO B 31 0.17 2.51 14.55
N ASP B 32 -0.72 2.67 13.60
CA ASP B 32 -1.08 1.66 12.65
C ASP B 32 -1.45 2.38 11.37
N LEU B 33 -0.63 2.21 10.36
CA LEU B 33 -0.79 2.84 9.05
C LEU B 33 -2.11 2.37 8.42
N VAL B 34 -2.33 1.11 8.61
CA VAL B 34 -3.42 0.42 8.05
C VAL B 34 -4.76 0.86 8.65
N GLU B 35 -4.78 1.17 9.93
CA GLU B 35 -6.02 1.63 10.58
C GLU B 35 -6.65 2.83 9.86
N PHE B 36 -5.84 3.79 9.53
CA PHE B 36 -6.33 4.93 8.83
C PHE B 36 -6.61 4.62 7.38
N ALA B 37 -5.83 3.72 6.80
CA ALA B 37 -6.11 3.26 5.44
C ALA B 37 -7.47 2.51 5.38
N VAL B 38 -7.72 1.65 6.36
CA VAL B 38 -8.99 0.91 6.48
C VAL B 38 -10.13 1.87 6.59
N GLU B 39 -9.99 2.85 7.47
CA GLU B 39 -11.03 3.81 7.69
C GLU B 39 -11.35 4.56 6.40
N TYR B 40 -10.31 4.97 5.70
CA TYR B 40 -10.48 5.67 4.45
C TYR B 40 -11.17 4.78 3.39
N PHE B 41 -10.67 3.58 3.19
CA PHE B 41 -11.24 2.70 2.17
C PHE B 41 -12.62 2.14 2.53
N THR B 42 -12.93 2.01 3.81
CA THR B 42 -14.27 1.63 4.20
C THR B 42 -15.22 2.79 3.88
N ARG B 43 -14.73 4.01 4.11
CA ARG B 43 -15.47 5.20 3.75
C ARG B 43 -15.59 5.31 2.23
N LEU B 44 -14.59 4.81 1.52
CA LEU B 44 -14.62 4.78 0.06
C LEU B 44 -15.78 3.94 -0.39
N ARG B 45 -15.94 2.78 0.23
CA ARG B 45 -17.04 1.89 -0.11
C ARG B 45 -18.38 2.52 0.24
N GLU B 46 -18.39 3.27 1.32
CA GLU B 46 -19.58 3.95 1.78
C GLU B 46 -19.97 5.06 0.79
N ALA B 47 -18.96 5.77 0.31
CA ALA B 47 -19.15 6.87 -0.64
C ALA B 47 -19.56 6.35 -2.02
N ARG B 48 -18.90 5.30 -2.46
CA ARG B 48 -19.17 4.69 -3.75
C ARG B 48 -20.52 3.97 -3.74
N ALA B 49 -20.82 3.33 -2.61
CA ALA B 49 -22.06 2.58 -2.37
C ALA B 49 -22.14 1.33 -3.30
N PRO B 50 -23.07 0.37 -3.04
CA PRO B 50 -23.25 -0.78 -3.92
C PRO B 50 -23.70 -0.35 -5.31
N ALA B 51 -22.75 -0.32 -6.24
CA ALA B 51 -22.92 0.10 -7.65
C ALA B 51 -23.16 1.62 -7.78
N SER B 52 -24.13 2.13 -7.05
CA SER B 52 -24.47 3.53 -7.07
C SER B 52 -24.98 3.92 -5.69
N ARG C 1 11.75 -8.06 -13.66
CA ARG C 1 10.93 -9.08 -13.04
C ARG C 1 9.58 -9.05 -13.74
N GLU C 2 8.68 -9.98 -13.47
CA GLU C 2 7.48 -10.03 -14.31
C GLU C 2 6.19 -10.47 -13.60
N THR C 3 6.26 -10.85 -12.36
CA THR C 3 5.07 -11.31 -11.73
C THR C 3 4.62 -10.29 -10.70
N ALA C 4 3.35 -10.34 -10.35
CA ALA C 4 2.73 -9.39 -9.46
C ALA C 4 3.42 -9.31 -8.14
N GLU C 5 3.92 -10.43 -7.67
CA GLU C 5 4.63 -10.49 -6.41
C GLU C 5 5.79 -9.50 -6.44
N GLU C 6 6.56 -9.58 -7.50
CA GLU C 6 7.77 -8.80 -7.68
C GLU C 6 7.41 -7.36 -7.99
N VAL C 7 6.48 -7.19 -8.92
CA VAL C 7 6.10 -5.88 -9.37
C VAL C 7 5.39 -5.07 -8.29
N SER C 8 4.34 -5.64 -7.70
CA SER C 8 3.63 -4.98 -6.62
C SER C 8 4.61 -4.66 -5.46
N ALA C 9 5.57 -5.59 -5.21
CA ALA C 9 6.59 -5.38 -4.20
C ALA C 9 7.44 -4.17 -4.52
N ARG C 10 7.72 -3.97 -5.80
CA ARG C 10 8.55 -2.86 -6.27
C ARG C 10 7.85 -1.56 -5.98
N ILE C 11 6.59 -1.53 -6.34
CA ILE C 11 5.75 -0.35 -6.22
C ILE C 11 5.60 0.07 -4.77
N VAL C 12 5.26 -0.86 -3.90
CA VAL C 12 5.07 -0.52 -2.50
C VAL C 12 6.42 -0.11 -1.88
N GLN C 13 7.47 -0.69 -2.41
CA GLN C 13 8.81 -0.42 -1.97
C GLN C 13 9.22 0.98 -2.35
N VAL C 14 9.05 1.33 -3.62
CA VAL C 14 9.46 2.61 -4.09
C VAL C 14 8.63 3.71 -3.47
N VAL C 15 7.34 3.47 -3.27
CA VAL C 15 6.52 4.50 -2.68
C VAL C 15 6.91 4.74 -1.22
N THR C 16 7.20 3.67 -0.45
CA THR C 16 7.62 3.90 0.91
C THR C 16 9.02 4.51 0.96
N ALA C 17 9.94 3.96 0.19
CA ALA C 17 11.33 4.43 0.19
C ALA C 17 11.45 5.86 -0.30
N GLU C 18 10.80 6.18 -1.41
CA GLU C 18 10.86 7.53 -1.94
C GLU C 18 10.16 8.52 -1.02
N ALA C 19 9.02 8.14 -0.46
CA ALA C 19 8.31 9.03 0.47
C ALA C 19 9.08 9.21 1.78
N VAL C 20 9.81 8.16 2.19
CA VAL C 20 10.73 8.27 3.31
C VAL C 20 11.81 9.31 2.98
N ALA C 21 12.23 9.36 1.75
CA ALA C 21 13.20 10.32 1.34
C ALA C 21 12.57 11.72 1.36
N VAL C 22 11.30 11.79 1.04
CA VAL C 22 10.55 13.02 1.08
C VAL C 22 10.50 13.59 2.52
N LEU C 23 10.55 12.70 3.55
CA LEU C 23 10.49 13.14 4.98
C LEU C 23 11.58 14.16 5.30
N LYS C 24 12.75 13.96 4.72
CA LYS C 24 13.88 14.83 4.99
C LYS C 24 13.98 15.91 3.95
N GLY C 25 13.28 15.75 2.87
CA GLY C 25 13.30 16.72 1.84
C GLY C 25 14.24 16.35 0.75
N GLU C 26 14.09 15.16 0.26
CA GLU C 26 14.89 14.68 -0.83
C GLU C 26 14.43 15.23 -2.16
N GLN C 27 13.19 15.64 -2.18
CA GLN C 27 12.57 16.20 -3.37
C GLN C 27 12.96 17.64 -3.53
N GLU C 28 12.61 18.41 -2.53
CA GLU C 28 12.83 19.86 -2.49
C GLU C 28 12.16 20.56 -3.67
N GLY A 1 11.28 20.65 7.05
CA GLY A 1 10.84 21.73 7.94
C GLY A 1 10.70 21.22 9.33
N ALA A 2 10.17 22.05 10.22
CA ALA A 2 10.03 21.68 11.61
C ALA A 2 8.81 20.80 11.82
N MET A 3 7.77 21.05 11.04
CA MET A 3 6.56 20.26 11.14
C MET A 3 6.82 18.92 10.49
N GLY A 4 6.49 17.88 11.19
CA GLY A 4 6.72 16.58 10.63
C GLY A 4 8.06 16.02 11.05
N MET A 5 8.83 16.81 11.79
CA MET A 5 10.13 16.39 12.23
C MET A 5 10.00 15.56 13.51
N SER A 6 9.29 14.50 13.39
CA SER A 6 9.13 13.51 14.41
C SER A 6 9.72 12.20 13.92
N HIS A 7 10.17 12.25 12.65
CA HIS A 7 10.76 11.15 11.90
C HIS A 7 9.70 10.15 11.53
N ILE A 8 9.33 10.19 10.27
CA ILE A 8 8.36 9.29 9.76
C ILE A 8 8.96 7.90 9.69
N GLN A 9 8.53 7.08 10.59
CA GLN A 9 9.01 5.74 10.72
C GLN A 9 7.97 4.79 10.18
N ILE A 10 8.23 4.22 9.05
CA ILE A 10 7.41 3.19 8.53
C ILE A 10 8.10 1.83 8.80
N PRO A 11 7.39 0.86 9.36
CA PRO A 11 7.97 -0.43 9.68
C PRO A 11 7.89 -1.44 8.54
N PRO A 12 8.94 -2.28 8.37
CA PRO A 12 8.92 -3.35 7.39
C PRO A 12 7.84 -4.37 7.77
N GLY A 13 7.30 -5.03 6.82
CA GLY A 13 6.22 -5.95 7.11
C GLY A 13 4.92 -5.44 6.59
N LEU A 14 4.71 -4.11 6.69
CA LEU A 14 3.54 -3.44 6.13
C LEU A 14 3.49 -3.80 4.66
N THR A 15 4.58 -3.48 4.03
CA THR A 15 4.78 -3.68 2.64
C THR A 15 4.71 -5.15 2.28
N GLU A 16 5.50 -5.95 2.95
CA GLU A 16 5.67 -7.35 2.67
C GLU A 16 4.39 -8.18 2.84
N LEU A 17 3.66 -7.97 3.93
CA LEU A 17 2.47 -8.75 4.18
C LEU A 17 1.33 -8.30 3.28
N LEU A 18 1.16 -6.99 3.12
CA LEU A 18 0.14 -6.52 2.22
C LEU A 18 0.53 -6.90 0.77
N GLN A 19 1.86 -7.00 0.49
CA GLN A 19 2.37 -7.53 -0.78
C GLN A 19 1.91 -8.98 -1.00
N GLY A 20 1.93 -9.78 0.05
CA GLY A 20 1.46 -11.15 -0.05
C GLY A 20 0.01 -11.18 -0.46
N TYR A 21 -0.74 -10.24 0.08
CA TYR A 21 -2.12 -10.22 -0.24
C TYR A 21 -2.33 -9.62 -1.63
N THR A 22 -1.50 -8.65 -2.01
CA THR A 22 -1.63 -8.03 -3.32
C THR A 22 -1.34 -9.05 -4.43
N VAL A 23 -0.37 -9.95 -4.25
CA VAL A 23 -0.16 -10.98 -5.25
C VAL A 23 -1.34 -11.94 -5.28
N GLU A 24 -1.93 -12.20 -4.11
CA GLU A 24 -3.11 -13.04 -4.07
C GLU A 24 -4.25 -12.32 -4.80
N VAL A 25 -4.29 -11.00 -4.65
CA VAL A 25 -5.23 -10.13 -5.30
C VAL A 25 -5.08 -10.21 -6.82
N LEU A 26 -3.87 -10.01 -7.31
CA LEU A 26 -3.59 -10.06 -8.74
C LEU A 26 -3.92 -11.41 -9.33
N ARG A 27 -3.68 -12.44 -8.55
CA ARG A 27 -3.95 -13.79 -8.98
C ARG A 27 -5.47 -14.03 -9.01
N GLN A 28 -6.20 -13.34 -8.13
CA GLN A 28 -7.63 -13.52 -7.99
C GLN A 28 -8.45 -12.58 -8.91
N GLN A 29 -7.84 -11.48 -9.37
CA GLN A 29 -8.55 -10.50 -10.22
C GLN A 29 -9.77 -9.85 -9.49
N PRO A 30 -9.46 -9.00 -8.46
CA PRO A 30 -10.45 -8.47 -7.46
C PRO A 30 -11.75 -7.93 -8.07
N PRO A 31 -12.84 -7.97 -7.29
CA PRO A 31 -14.16 -7.52 -7.77
C PRO A 31 -14.27 -5.99 -7.85
N ASP A 32 -13.81 -5.32 -6.82
CA ASP A 32 -14.02 -3.91 -6.65
C ASP A 32 -12.86 -3.36 -5.87
N LEU A 33 -12.55 -2.07 -6.04
CA LEU A 33 -11.46 -1.44 -5.30
C LEU A 33 -11.79 -1.37 -3.82
N VAL A 34 -13.07 -1.25 -3.54
CA VAL A 34 -13.57 -1.26 -2.19
C VAL A 34 -13.24 -2.57 -1.50
N GLU A 35 -13.61 -3.69 -2.11
CA GLU A 35 -13.35 -4.98 -1.49
C GLU A 35 -11.87 -5.26 -1.47
N PHE A 36 -11.20 -4.86 -2.54
CA PHE A 36 -9.76 -4.99 -2.65
C PHE A 36 -9.06 -4.32 -1.49
N ALA A 37 -9.32 -3.04 -1.30
CA ALA A 37 -8.61 -2.27 -0.31
C ALA A 37 -8.98 -2.65 1.12
N VAL A 38 -10.29 -2.76 1.39
CA VAL A 38 -10.76 -3.08 2.72
C VAL A 38 -10.18 -4.41 3.18
N GLU A 39 -10.35 -5.46 2.37
CA GLU A 39 -9.86 -6.78 2.75
C GLU A 39 -8.33 -6.87 2.76
N TYR A 40 -7.69 -6.08 1.92
CA TYR A 40 -6.22 -6.04 1.81
C TYR A 40 -5.58 -5.64 3.15
N PHE A 41 -6.00 -4.50 3.62
CA PHE A 41 -5.39 -3.95 4.81
C PHE A 41 -5.92 -4.70 6.03
N THR A 42 -7.11 -5.23 5.88
CA THR A 42 -7.72 -6.10 6.85
C THR A 42 -6.91 -7.39 6.98
N ARG A 43 -6.31 -7.83 5.88
CA ARG A 43 -5.48 -9.00 5.90
C ARG A 43 -4.29 -8.73 6.78
N LEU A 44 -3.72 -7.49 6.72
CA LEU A 44 -2.62 -7.17 7.64
C LEU A 44 -3.13 -7.22 9.07
N ARG A 45 -4.29 -6.63 9.29
CA ARG A 45 -4.89 -6.61 10.62
C ARG A 45 -5.11 -8.00 11.20
N GLU A 46 -5.62 -8.94 10.42
CA GLU A 46 -5.83 -10.28 10.94
C GLU A 46 -4.54 -11.10 10.97
N ALA A 47 -3.55 -10.66 10.21
CA ALA A 47 -2.25 -11.30 10.22
C ALA A 47 -1.46 -10.88 11.45
N ARG A 48 -1.68 -9.65 11.90
CA ARG A 48 -1.00 -9.17 13.09
C ARG A 48 -1.74 -9.61 14.35
N ALA A 49 -3.07 -9.43 14.34
CA ALA A 49 -3.88 -9.72 15.50
C ALA A 49 -5.35 -9.74 15.12
N PRO A 50 -5.91 -10.92 14.86
CA PRO A 50 -7.33 -11.05 14.53
C PRO A 50 -8.23 -10.85 15.76
N ALA A 51 -7.83 -11.40 16.90
CA ALA A 51 -8.61 -11.29 18.10
C ALA A 51 -7.94 -10.36 19.11
N SER A 52 -6.62 -10.34 19.12
CA SER A 52 -5.88 -9.46 20.00
C SER A 52 -5.98 -8.00 19.54
N GLY B 1 19.44 -10.57 -31.65
CA GLY B 1 20.00 -11.79 -31.08
C GLY B 1 19.98 -11.72 -29.58
N ALA B 2 19.13 -10.88 -29.06
CA ALA B 2 18.99 -10.68 -27.65
C ALA B 2 17.55 -10.45 -27.29
N MET B 3 17.11 -11.09 -26.23
CA MET B 3 15.74 -10.98 -25.76
C MET B 3 15.48 -9.61 -25.14
N GLY B 4 16.53 -9.00 -24.62
CA GLY B 4 16.43 -7.66 -24.04
C GLY B 4 15.95 -7.67 -22.60
N MET B 5 15.45 -8.82 -22.16
CA MET B 5 14.95 -9.06 -20.81
C MET B 5 13.82 -8.05 -20.47
N SER B 6 12.94 -7.85 -21.42
CA SER B 6 11.81 -6.99 -21.23
C SER B 6 10.79 -7.65 -20.30
N HIS B 7 10.86 -7.31 -19.04
CA HIS B 7 9.98 -7.86 -18.05
C HIS B 7 8.72 -6.99 -17.98
N ILE B 8 7.59 -7.58 -17.69
CA ILE B 8 6.37 -6.83 -17.64
C ILE B 8 5.92 -6.49 -16.22
N GLN B 9 5.77 -5.24 -15.99
CA GLN B 9 5.36 -4.74 -14.73
C GLN B 9 3.86 -4.51 -14.79
N ILE B 10 3.14 -5.03 -13.85
CA ILE B 10 1.70 -4.86 -13.84
C ILE B 10 1.26 -3.68 -12.96
N PRO B 11 0.76 -2.59 -13.57
CA PRO B 11 0.15 -1.49 -12.86
C PRO B 11 -1.38 -1.45 -13.14
N PRO B 12 -2.18 -2.27 -12.42
CA PRO B 12 -3.62 -2.41 -12.69
C PRO B 12 -4.43 -1.21 -12.22
N GLY B 13 -3.79 -0.34 -11.48
CA GLY B 13 -4.45 0.85 -10.99
C GLY B 13 -4.50 0.81 -9.50
N LEU B 14 -4.63 -0.40 -8.99
CA LEU B 14 -4.60 -0.65 -7.57
C LEU B 14 -3.26 -0.21 -7.00
N THR B 15 -2.23 -0.28 -7.83
CA THR B 15 -0.90 0.13 -7.52
C THR B 15 -0.80 1.64 -7.36
N GLU B 16 -1.63 2.35 -8.11
CA GLU B 16 -1.66 3.80 -8.08
C GLU B 16 -2.34 4.22 -6.79
N LEU B 17 -3.38 3.50 -6.43
CA LEU B 17 -4.05 3.73 -5.17
C LEU B 17 -3.13 3.36 -4.03
N LEU B 18 -2.49 2.21 -4.16
CA LEU B 18 -1.55 1.69 -3.19
C LEU B 18 -0.44 2.73 -2.93
N GLN B 19 0.03 3.33 -3.99
CA GLN B 19 1.05 4.37 -3.94
C GLN B 19 0.53 5.57 -3.12
N GLY B 20 -0.62 6.08 -3.53
CA GLY B 20 -1.21 7.23 -2.86
C GLY B 20 -1.57 6.96 -1.42
N TYR B 21 -2.12 5.82 -1.15
CA TYR B 21 -2.52 5.49 0.19
C TYR B 21 -1.37 5.15 1.12
N THR B 22 -0.31 4.53 0.58
CA THR B 22 0.85 4.28 1.40
C THR B 22 1.53 5.60 1.79
N VAL B 23 1.49 6.57 0.91
CA VAL B 23 2.02 7.85 1.29
C VAL B 23 1.11 8.57 2.30
N GLU B 24 -0.21 8.34 2.21
CA GLU B 24 -1.13 8.92 3.19
C GLU B 24 -0.85 8.36 4.58
N VAL B 25 -0.71 7.03 4.66
CA VAL B 25 -0.42 6.38 5.94
C VAL B 25 0.91 6.90 6.51
N LEU B 26 1.86 7.11 5.61
CA LEU B 26 3.18 7.54 5.95
C LEU B 26 3.18 9.01 6.40
N ARG B 27 2.45 9.84 5.70
CA ARG B 27 2.32 11.26 6.01
C ARG B 27 1.65 11.48 7.35
N GLN B 28 0.62 10.71 7.63
CA GLN B 28 -0.10 10.83 8.89
C GLN B 28 0.72 10.34 10.05
N GLN B 29 1.49 9.28 9.79
CA GLN B 29 2.37 8.64 10.76
C GLN B 29 1.62 8.26 12.07
N PRO B 30 0.74 7.26 12.00
CA PRO B 30 0.05 6.75 13.15
C PRO B 30 0.86 5.59 13.75
N PRO B 31 0.41 4.96 14.87
CA PRO B 31 1.09 3.80 15.43
C PRO B 31 1.15 2.68 14.41
N ASP B 32 0.04 2.50 13.71
CA ASP B 32 -0.07 1.55 12.65
C ASP B 32 -0.67 2.27 11.47
N LEU B 33 -0.07 2.04 10.36
CA LEU B 33 -0.41 2.68 9.10
C LEU B 33 -1.73 2.14 8.58
N VAL B 34 -1.87 0.85 8.76
CA VAL B 34 -2.97 0.09 8.27
C VAL B 34 -4.35 0.56 8.76
N GLU B 35 -4.50 0.73 10.06
CA GLU B 35 -5.80 1.10 10.65
C GLU B 35 -6.30 2.41 10.07
N PHE B 36 -5.39 3.33 9.79
CA PHE B 36 -5.75 4.59 9.17
C PHE B 36 -6.24 4.34 7.75
N ALA B 37 -5.49 3.52 7.01
CA ALA B 37 -5.83 3.26 5.63
C ALA B 37 -7.13 2.50 5.51
N VAL B 38 -7.28 1.44 6.26
CA VAL B 38 -8.47 0.62 6.19
C VAL B 38 -9.69 1.39 6.68
N GLU B 39 -9.51 2.31 7.64
CA GLU B 39 -10.61 3.15 8.11
C GLU B 39 -11.03 4.09 6.98
N TYR B 40 -10.07 4.49 6.18
CA TYR B 40 -10.36 5.33 5.04
C TYR B 40 -11.06 4.49 3.98
N PHE B 41 -10.64 3.26 3.82
CA PHE B 41 -11.27 2.38 2.84
C PHE B 41 -12.67 1.93 3.25
N THR B 42 -12.91 1.79 4.52
CA THR B 42 -14.25 1.51 4.98
C THR B 42 -15.11 2.75 4.78
N ARG B 43 -14.47 3.91 4.93
CA ARG B 43 -15.11 5.19 4.66
C ARG B 43 -15.40 5.31 3.17
N LEU B 44 -14.47 4.82 2.34
CA LEU B 44 -14.63 4.76 0.89
C LEU B 44 -15.91 4.01 0.58
N ARG B 45 -16.04 2.82 1.17
CA ARG B 45 -17.21 1.97 1.01
C ARG B 45 -18.47 2.66 1.55
N GLU B 46 -18.33 3.32 2.66
CA GLU B 46 -19.43 4.00 3.32
C GLU B 46 -19.96 5.14 2.45
N ALA B 47 -19.07 5.86 1.82
CA ALA B 47 -19.43 6.95 0.95
C ALA B 47 -19.91 6.43 -0.40
N ARG B 48 -19.13 5.53 -0.96
CA ARG B 48 -19.41 4.93 -2.25
C ARG B 48 -19.02 3.47 -2.24
N ALA B 49 -20.01 2.62 -2.06
CA ALA B 49 -19.78 1.17 -2.03
C ALA B 49 -19.20 0.57 -3.33
N PRO B 50 -19.71 0.93 -4.53
CA PRO B 50 -19.14 0.44 -5.77
C PRO B 50 -17.96 1.31 -6.28
N ALA B 51 -16.85 0.67 -6.50
CA ALA B 51 -15.64 1.24 -7.08
C ALA B 51 -15.09 0.20 -8.05
N SER B 52 -16.00 -0.35 -8.81
CA SER B 52 -15.72 -1.41 -9.76
C SER B 52 -15.11 -0.84 -11.04
N ARG C 1 9.83 -9.17 -11.61
CA ARG C 1 10.10 -9.18 -13.03
C ARG C 1 8.80 -9.17 -13.82
N GLU C 2 8.08 -10.25 -13.71
CA GLU C 2 6.86 -10.41 -14.46
C GLU C 2 5.74 -10.94 -13.57
N THR C 3 6.00 -10.99 -12.30
CA THR C 3 5.04 -11.53 -11.40
C THR C 3 4.67 -10.48 -10.38
N ALA C 4 3.46 -10.59 -9.89
CA ALA C 4 2.92 -9.64 -8.96
C ALA C 4 3.68 -9.62 -7.65
N GLU C 5 4.32 -10.73 -7.30
CA GLU C 5 5.11 -10.77 -6.07
C GLU C 5 6.24 -9.78 -6.16
N GLU C 6 6.99 -9.89 -7.24
CA GLU C 6 8.19 -9.12 -7.41
C GLU C 6 7.86 -7.69 -7.78
N VAL C 7 6.94 -7.53 -8.68
CA VAL C 7 6.51 -6.24 -9.13
C VAL C 7 5.91 -5.39 -8.01
N SER C 8 4.91 -5.93 -7.33
CA SER C 8 4.25 -5.20 -6.27
C SER C 8 5.21 -4.93 -5.12
N ALA C 9 6.14 -5.87 -4.86
CA ALA C 9 7.12 -5.70 -3.81
C ALA C 9 7.98 -4.50 -4.11
N ARG C 10 8.32 -4.31 -5.39
CA ARG C 10 9.17 -3.21 -5.81
C ARG C 10 8.43 -1.92 -5.57
N ILE C 11 7.22 -1.88 -6.08
CA ILE C 11 6.35 -0.71 -6.02
C ILE C 11 6.07 -0.29 -4.60
N VAL C 12 5.58 -1.22 -3.78
CA VAL C 12 5.18 -0.87 -2.42
C VAL C 12 6.41 -0.45 -1.60
N GLN C 13 7.54 -1.04 -1.95
CA GLN C 13 8.78 -0.73 -1.30
C GLN C 13 9.26 0.67 -1.69
N VAL C 14 9.32 0.94 -2.98
CA VAL C 14 9.82 2.20 -3.45
C VAL C 14 8.88 3.34 -3.09
N VAL C 15 7.58 3.07 -3.06
CA VAL C 15 6.65 4.12 -2.70
C VAL C 15 6.79 4.49 -1.23
N THR C 16 6.97 3.50 -0.35
CA THR C 16 7.13 3.84 1.06
C THR C 16 8.50 4.44 1.34
N ALA C 17 9.55 3.81 0.84
CA ALA C 17 10.92 4.25 1.10
C ALA C 17 11.18 5.63 0.50
N GLU C 18 10.80 5.81 -0.75
CA GLU C 18 11.00 7.09 -1.39
C GLU C 18 10.10 8.16 -0.79
N ALA C 19 8.90 7.79 -0.30
CA ALA C 19 8.04 8.75 0.38
C ALA C 19 8.66 9.18 1.71
N VAL C 20 9.40 8.26 2.34
CA VAL C 20 10.18 8.58 3.53
C VAL C 20 11.20 9.65 3.14
N ALA C 21 11.72 9.56 1.96
CA ALA C 21 12.65 10.54 1.50
C ALA C 21 11.90 11.84 1.09
N VAL C 22 10.69 11.69 0.62
CA VAL C 22 9.82 12.81 0.27
C VAL C 22 9.53 13.70 1.49
N LEU C 23 9.54 13.12 2.71
CA LEU C 23 9.27 13.90 3.94
C LEU C 23 10.24 15.10 4.07
N LYS C 24 11.48 14.89 3.65
CA LYS C 24 12.50 15.93 3.75
C LYS C 24 12.62 16.67 2.44
N GLY C 25 11.94 16.17 1.44
CA GLY C 25 11.95 16.81 0.18
C GLY C 25 13.06 16.33 -0.67
N GLU C 26 13.25 15.02 -0.70
CA GLU C 26 14.31 14.44 -1.50
C GLU C 26 14.06 14.68 -3.00
N GLN C 27 12.80 14.97 -3.34
CA GLN C 27 12.40 15.32 -4.72
C GLN C 27 12.95 16.70 -5.14
N GLU C 28 13.62 17.37 -4.24
CA GLU C 28 14.25 18.65 -4.51
C GLU C 28 15.75 18.50 -4.51
#